data_7XDB
#
_entry.id   7XDB
#
_cell.length_a   1.00
_cell.length_b   1.00
_cell.length_c   1.00
_cell.angle_alpha   90.00
_cell.angle_beta   90.00
_cell.angle_gamma   90.00
#
_symmetry.space_group_name_H-M   'P 1'
#
loop_
_entity.id
_entity.type
_entity.pdbx_description
1 polymer 'BA7208 fab'
2 polymer 'Spike glycoprotein'
3 polymer 'BA7208 fab'
4 branched 2-acetamido-2-deoxy-beta-D-glucopyranose-(1-4)-2-acetamido-2-deoxy-beta-D-glucopyranose
5 non-polymer 2-acetamido-2-deoxy-beta-D-glucopyranose
#
loop_
_entity_poly.entity_id
_entity_poly.type
_entity_poly.pdbx_seq_one_letter_code
_entity_poly.pdbx_strand_id
1 'polypeptide(L)'
;DIQMTQSPSTLSASVGDRVTITCRASQSISSWLAWYQQKPGKAPKLLIYKASSLESGVPSRFSGSGSGTEFTLTITSLQP
DDFATYYCQQYDSFSWTFGQGTKLEI
;
E,F,H
2 'polypeptide(L)'
;PAYTNSFTRGVYYPDKVFRSSVLHSTQDLFLPFFSNVTWFHVISGTNGTKRFDNPVLPFNDGVYFASIEKSNIIRGWIFG
TTLDSKTQSLLIVNNATNVVIKVCEFQFCNDPFLDHKNNKSWMESEFRVYSSANNCTFEYVSQPFLMDLEGKQGNFKNLR
EFVFKNIDGYFKIYSKHTPIIVREPEDLPQGFSALEPLVDLPIGINITRFQTLLALHRSYLTPGDSSSGWTAGAAAYYVG
YLQPRTFLLKYNENGTITDAVDCALDPLSETKCTLKSFTVEKGIYQTSNFRVQPTESIVRFPNITNLCPFDEVFNATRFA
SVYAWNRKRISNCVADYSVLYNLAPFFTFKCYGVSPTKLNDLCFTNVYADSFVIRGDEVRQIAPGQTGNIADYNYKLPDD
FTGCVIAWNSNKLDSKVSGNYNYLYRLFRKSNLKPFERDISTEIYQAGNKPCNGVAGFNCYFPLRSYSFRPTYGVGHQPY
RVVVLSFELLHAPATVCGPKKSTNLVKNKCVNFNFNGLKGTGVLTESNKKFLPFQQFGRDIADTTDAVRDPQTLEILDIT
PCSFGGVSVITPGTNTSNQVAVLYQGVNCTEVPVAIHADQLTPTWRVYSTGSNVFQTRAGCLIGAEYVNNSYECDIPIGA
GICASYQTQTNSPRRARSVASQSIIAYTMSLGAENSVAYSNNSIAIPTNFTISVTTEILPVSMTKTSVDCTMYICGDSTE
CSNLLLQYGSFCTQLKRALTGIAVEQDKNTQEVFAQVKQIYKTPPIKYFGGFNFSQILPDPSKPSKRSPIEDLLFNKVTL
ADAGFIKQYGDCLGDIAARDLICAQKFKGLTVLPPLLTDEMIAQYTSALLAGTITSGWTFGAGPALQIPFPMQMAYRFNG
IGVTQNVLYENQKLIANQFNSAIGKIQDSLSSTPSALGKLQDVVNHNAQALNTLVKQLSSKFGAISSVLNDIFSRLDPPE
AEVQIDRLITGRLQSLQTYVTQQLIRAAEIRASANLAATKMSECVLGQSKRVDFCGKGYHLMSFPQSAPHGVVFLHVTYV
PAQEKNFTTAPAICHDGKAHFPREGVFVSNGTHWFVTQRNFYEPQIITTDNTFVSGNCDVVIGIVNNTVYDPLQPE
;
A,C,B
3 'polypeptide(L)'
;VQLVQSGAEVKKPGESLKISCKGSGYSFTSYYWIGWVRQMPGKGLEWMGIVYPDDSDTRYSPSFQGQVTISADKSISTAY
LQWSSLKASDTAMYYCVRHPGGGDWYFDLWGRGTLVTV
;
D,G,I
#
loop_
_chem_comp.id
_chem_comp.type
_chem_comp.name
_chem_comp.formula
NAG D-saccharide, beta linking 2-acetamido-2-deoxy-beta-D-glucopyranose 'C8 H15 N O6'
#
# COMPACT_ATOMS: atom_id res chain seq x y z
N ASP A 1 -26.31 -9.19 -53.11
CA ASP A 1 -26.41 -10.62 -53.38
C ASP A 1 -25.59 -11.00 -54.62
N ILE A 2 -24.94 -12.16 -54.55
CA ILE A 2 -24.20 -12.67 -55.69
C ILE A 2 -25.19 -13.06 -56.79
N GLN A 3 -24.94 -12.58 -58.00
CA GLN A 3 -25.86 -12.74 -59.12
C GLN A 3 -25.33 -13.80 -60.07
N MET A 4 -26.16 -14.79 -60.37
CA MET A 4 -25.81 -15.88 -61.28
C MET A 4 -26.51 -15.66 -62.62
N THR A 5 -25.73 -15.54 -63.68
CA THR A 5 -26.24 -15.44 -65.04
C THR A 5 -25.92 -16.75 -65.76
N GLN A 6 -26.94 -17.39 -66.30
CA GLN A 6 -26.81 -18.73 -66.87
C GLN A 6 -27.09 -18.66 -68.37
N SER A 7 -26.17 -19.20 -69.17
CA SER A 7 -26.26 -19.14 -70.62
C SER A 7 -26.12 -20.53 -71.22
N PRO A 8 -26.85 -20.84 -72.31
CA PRO A 8 -27.83 -19.95 -72.91
C PRO A 8 -29.23 -20.16 -72.35
N SER A 9 -30.15 -19.22 -72.59
CA SER A 9 -31.50 -19.35 -72.02
C SER A 9 -32.20 -20.58 -72.55
N THR A 10 -32.11 -20.84 -73.85
CA THR A 10 -32.66 -22.05 -74.45
C THR A 10 -31.61 -22.66 -75.38
N LEU A 11 -31.44 -23.97 -75.29
CA LEU A 11 -30.52 -24.70 -76.15
C LEU A 11 -31.22 -25.93 -76.70
N SER A 12 -31.10 -26.14 -78.02
CA SER A 12 -31.70 -27.27 -78.69
C SER A 12 -30.62 -28.15 -79.29
N ALA A 13 -30.66 -29.44 -78.96
CA ALA A 13 -29.69 -30.40 -79.46
C ALA A 13 -30.33 -31.78 -79.53
N SER A 14 -29.75 -32.64 -80.36
CA SER A 14 -30.29 -33.98 -80.56
C SER A 14 -29.77 -34.94 -79.50
N VAL A 15 -30.40 -36.12 -79.44
CA VAL A 15 -29.97 -37.16 -78.52
C VAL A 15 -28.58 -37.64 -78.89
N GLY A 16 -27.73 -37.80 -77.88
CA GLY A 16 -26.36 -38.20 -78.09
C GLY A 16 -25.38 -37.08 -78.31
N ASP A 17 -25.84 -35.83 -78.32
CA ASP A 17 -24.96 -34.69 -78.51
C ASP A 17 -24.25 -34.34 -77.20
N ARG A 18 -23.24 -33.49 -77.30
CA ARG A 18 -22.50 -32.99 -76.15
C ARG A 18 -22.78 -31.50 -75.99
N VAL A 19 -23.18 -31.10 -74.79
CA VAL A 19 -23.57 -29.72 -74.52
C VAL A 19 -22.73 -29.18 -73.36
N THR A 20 -22.50 -27.87 -73.39
CA THR A 20 -21.69 -27.17 -72.38
C THR A 20 -22.44 -25.91 -71.91
N ILE A 21 -23.28 -26.09 -70.90
CA ILE A 21 -23.96 -24.97 -70.27
C ILE A 21 -22.94 -24.16 -69.47
N THR A 22 -23.09 -22.84 -69.47
CA THR A 22 -22.18 -21.98 -68.73
C THR A 22 -22.96 -21.17 -67.70
N CYS A 23 -22.34 -20.96 -66.53
CA CYS A 23 -22.89 -20.12 -65.49
C CYS A 23 -21.80 -19.18 -64.98
N ARG A 24 -22.15 -17.91 -64.81
CA ARG A 24 -21.19 -16.89 -64.42
C ARG A 24 -21.72 -16.16 -63.19
N ALA A 25 -20.83 -15.82 -62.27
CA ALA A 25 -21.20 -15.17 -61.03
C ALA A 25 -20.67 -13.74 -61.00
N SER A 26 -21.48 -12.84 -60.44
CA SER A 26 -21.05 -11.44 -60.33
C SER A 26 -19.80 -11.31 -59.47
N GLN A 27 -19.71 -12.10 -58.40
CA GLN A 27 -18.56 -12.12 -57.53
C GLN A 27 -17.93 -13.51 -57.56
N SER A 28 -16.65 -13.58 -57.23
CA SER A 28 -15.98 -14.87 -57.15
C SER A 28 -16.57 -15.69 -56.01
N ILE A 29 -16.95 -16.93 -56.32
CA ILE A 29 -17.62 -17.79 -55.37
C ILE A 29 -16.83 -19.07 -55.12
N SER A 30 -15.53 -19.06 -55.43
CA SER A 30 -14.64 -20.22 -55.26
C SER A 30 -15.25 -21.37 -56.06
N SER A 31 -15.40 -22.57 -55.49
CA SER A 31 -16.01 -23.70 -56.17
C SER A 31 -17.37 -24.05 -55.58
N TRP A 32 -18.02 -23.11 -54.90
CA TRP A 32 -19.28 -23.38 -54.22
C TRP A 32 -20.45 -23.13 -55.18
N LEU A 33 -20.59 -24.04 -56.14
CA LEU A 33 -21.69 -24.00 -57.09
C LEU A 33 -22.40 -25.35 -57.10
N ALA A 34 -23.72 -25.32 -57.21
CA ALA A 34 -24.53 -26.52 -57.34
C ALA A 34 -25.32 -26.45 -58.64
N TRP A 35 -25.28 -27.55 -59.40
CA TRP A 35 -26.05 -27.69 -60.62
C TRP A 35 -27.26 -28.58 -60.36
N TYR A 36 -28.44 -28.07 -60.71
CA TYR A 36 -29.72 -28.75 -60.51
C TYR A 36 -30.41 -28.95 -61.85
N GLN A 37 -31.21 -30.01 -61.94
CA GLN A 37 -32.02 -30.30 -63.11
C GLN A 37 -33.47 -30.46 -62.69
N GLN A 38 -34.37 -29.75 -63.38
CA GLN A 38 -35.80 -29.82 -63.11
C GLN A 38 -36.53 -30.19 -64.40
N LYS A 39 -37.25 -31.31 -64.37
CA LYS A 39 -38.15 -31.63 -65.46
C LYS A 39 -39.45 -30.87 -65.30
N PRO A 40 -40.16 -30.56 -66.39
CA PRO A 40 -41.41 -29.82 -66.27
C PRO A 40 -42.43 -30.57 -65.43
N GLY A 41 -42.99 -29.87 -64.45
CA GLY A 41 -43.93 -30.49 -63.53
C GLY A 41 -43.30 -31.35 -62.45
N LYS A 42 -41.97 -31.35 -62.34
CA LYS A 42 -41.27 -32.18 -61.38
C LYS A 42 -40.34 -31.33 -60.55
N ALA A 43 -40.04 -31.80 -59.33
CA ALA A 43 -39.11 -31.11 -58.47
C ALA A 43 -37.71 -31.16 -59.05
N PRO A 44 -36.92 -30.10 -58.88
CA PRO A 44 -35.52 -30.13 -59.36
C PRO A 44 -34.72 -31.19 -58.63
N LYS A 45 -33.75 -31.75 -59.34
CA LYS A 45 -32.88 -32.78 -58.80
C LYS A 45 -31.45 -32.24 -58.73
N LEU A 46 -30.81 -32.39 -57.58
CA LEU A 46 -29.43 -31.96 -57.45
C LEU A 46 -28.54 -32.88 -58.27
N LEU A 47 -27.70 -32.28 -59.12
CA LEU A 47 -26.77 -33.03 -59.95
C LEU A 47 -25.33 -32.85 -59.49
N ILE A 48 -24.88 -31.61 -59.38
CA ILE A 48 -23.46 -31.32 -59.14
C ILE A 48 -23.34 -30.48 -57.87
N TYR A 49 -22.45 -30.87 -56.99
CA TYR A 49 -22.08 -30.05 -55.84
C TYR A 49 -20.56 -29.89 -55.79
N LYS A 50 -20.12 -28.78 -55.18
CA LYS A 50 -18.71 -28.38 -55.18
C LYS A 50 -18.22 -28.15 -56.62
N ALA A 51 -19.19 -27.96 -57.52
CA ALA A 51 -18.97 -27.53 -58.91
C ALA A 51 -18.34 -28.63 -59.77
N SER A 52 -17.91 -29.73 -59.14
CA SER A 52 -17.39 -30.87 -59.89
C SER A 52 -17.89 -32.22 -59.40
N SER A 53 -18.35 -32.33 -58.16
CA SER A 53 -18.69 -33.62 -57.57
C SER A 53 -20.16 -33.93 -57.86
N LEU A 54 -20.40 -35.02 -58.56
CA LEU A 54 -21.75 -35.43 -58.89
C LEU A 54 -22.48 -35.97 -57.67
N GLU A 55 -23.79 -35.69 -57.61
CA GLU A 55 -24.62 -36.29 -56.59
C GLU A 55 -24.83 -37.77 -56.88
N SER A 56 -24.88 -38.58 -55.81
CA SER A 56 -25.09 -40.00 -55.97
C SER A 56 -26.46 -40.27 -56.57
N GLY A 57 -26.54 -41.29 -57.42
CA GLY A 57 -27.75 -41.59 -58.14
C GLY A 57 -27.96 -40.78 -59.40
N VAL A 58 -26.97 -40.03 -59.83
CA VAL A 58 -27.05 -39.20 -61.04
C VAL A 58 -26.14 -39.83 -62.09
N PRO A 59 -26.54 -39.84 -63.36
CA PRO A 59 -25.68 -40.44 -64.40
C PRO A 59 -24.30 -39.81 -64.44
N SER A 60 -23.30 -40.66 -64.66
CA SER A 60 -21.91 -40.22 -64.60
C SER A 60 -21.55 -39.30 -65.76
N ARG A 61 -22.34 -39.31 -66.83
CA ARG A 61 -22.03 -38.49 -68.00
C ARG A 61 -22.00 -37.00 -67.65
N PHE A 62 -22.81 -36.59 -66.69
CA PHE A 62 -22.74 -35.21 -66.20
C PHE A 62 -21.36 -34.91 -65.66
N SER A 63 -20.84 -33.73 -65.97
CA SER A 63 -19.59 -33.28 -65.38
C SER A 63 -19.63 -31.79 -65.15
N GLY A 64 -18.89 -31.32 -64.15
CA GLY A 64 -18.79 -29.91 -63.87
C GLY A 64 -17.34 -29.50 -63.69
N SER A 65 -17.07 -28.25 -64.05
CA SER A 65 -15.72 -27.73 -63.93
C SER A 65 -15.77 -26.21 -63.83
N GLY A 66 -14.62 -25.63 -63.50
CA GLY A 66 -14.49 -24.19 -63.38
C GLY A 66 -14.49 -23.72 -61.94
N SER A 67 -13.99 -22.50 -61.75
CA SER A 67 -13.95 -21.86 -60.44
C SER A 67 -14.06 -20.36 -60.63
N GLY A 68 -14.35 -19.66 -59.54
CA GLY A 68 -14.48 -18.21 -59.62
C GLY A 68 -15.71 -17.82 -60.42
N THR A 69 -15.49 -16.98 -61.44
CA THR A 69 -16.61 -16.49 -62.24
C THR A 69 -17.16 -17.56 -63.17
N GLU A 70 -16.30 -18.31 -63.84
CA GLU A 70 -16.71 -19.22 -64.90
C GLU A 70 -17.06 -20.59 -64.33
N PHE A 71 -18.17 -21.17 -64.78
CA PHE A 71 -18.52 -22.54 -64.44
C PHE A 71 -19.12 -23.22 -65.65
N THR A 72 -18.68 -24.44 -65.93
CA THR A 72 -19.13 -25.20 -67.10
C THR A 72 -19.74 -26.52 -66.65
N LEU A 73 -20.96 -26.78 -67.12
CA LEU A 73 -21.64 -28.07 -66.95
C LEU A 73 -21.68 -28.76 -68.30
N THR A 74 -21.03 -29.92 -68.41
CA THR A 74 -20.86 -30.59 -69.68
C THR A 74 -21.56 -31.96 -69.64
N ILE A 75 -22.33 -32.23 -70.69
CA ILE A 75 -22.96 -33.53 -70.89
C ILE A 75 -22.42 -34.11 -72.19
N THR A 76 -21.74 -35.25 -72.09
CA THR A 76 -21.12 -35.87 -73.26
C THR A 76 -22.16 -36.42 -74.23
N SER A 77 -23.14 -37.17 -73.72
CA SER A 77 -24.17 -37.79 -74.52
C SER A 77 -25.54 -37.42 -73.98
N LEU A 78 -26.40 -36.89 -74.84
CA LEU A 78 -27.74 -36.51 -74.43
C LEU A 78 -28.71 -37.68 -74.57
N GLN A 79 -29.71 -37.71 -73.69
CA GLN A 79 -30.78 -38.69 -73.68
C GLN A 79 -32.07 -37.98 -73.30
N PRO A 80 -33.25 -38.58 -73.52
CA PRO A 80 -34.50 -37.94 -73.08
C PRO A 80 -34.54 -37.64 -71.60
N ASP A 81 -33.78 -38.39 -70.79
CA ASP A 81 -33.64 -38.05 -69.38
C ASP A 81 -32.94 -36.70 -69.21
N ASP A 82 -31.98 -36.39 -70.08
CA ASP A 82 -31.22 -35.15 -69.96
C ASP A 82 -32.00 -33.91 -70.33
N PHE A 83 -33.15 -34.05 -70.99
CA PHE A 83 -33.89 -32.90 -71.52
C PHE A 83 -34.76 -32.32 -70.42
N ALA A 84 -34.24 -31.31 -69.74
CA ALA A 84 -34.95 -30.61 -68.67
C ALA A 84 -34.22 -29.30 -68.43
N THR A 85 -34.83 -28.42 -67.64
CA THR A 85 -34.21 -27.14 -67.36
C THR A 85 -33.07 -27.33 -66.36
N TYR A 86 -32.00 -26.55 -66.54
CA TYR A 86 -30.81 -26.65 -65.70
C TYR A 86 -30.58 -25.32 -64.99
N TYR A 87 -30.28 -25.39 -63.69
CA TYR A 87 -30.08 -24.21 -62.86
C TYR A 87 -28.74 -24.30 -62.16
N CYS A 88 -28.14 -23.14 -61.91
CA CYS A 88 -26.91 -23.02 -61.14
C CYS A 88 -27.18 -22.17 -59.91
N GLN A 89 -26.78 -22.70 -58.74
CA GLN A 89 -27.05 -22.08 -57.45
C GLN A 89 -25.73 -21.90 -56.70
N GLN A 90 -25.41 -20.65 -56.37
CA GLN A 90 -24.22 -20.39 -55.56
C GLN A 90 -24.55 -20.54 -54.09
N TYR A 91 -23.67 -21.21 -53.35
CA TYR A 91 -23.79 -21.31 -51.90
C TYR A 91 -22.51 -20.87 -51.21
N ASP A 92 -21.71 -20.01 -51.86
CA ASP A 92 -20.55 -19.43 -51.21
C ASP A 92 -20.95 -18.51 -50.06
N SER A 93 -21.99 -17.70 -50.26
CA SER A 93 -22.44 -16.73 -49.28
C SER A 93 -23.95 -16.82 -49.12
N PHE A 94 -24.44 -16.30 -47.99
CA PHE A 94 -25.87 -16.29 -47.74
C PHE A 94 -26.61 -15.41 -48.74
N SER A 95 -27.93 -15.37 -48.58
CA SER A 95 -28.82 -14.81 -49.60
C SER A 95 -28.61 -15.53 -50.93
N TRP A 96 -28.76 -16.86 -50.89
CA TRP A 96 -28.46 -17.69 -52.03
C TRP A 96 -29.34 -17.34 -53.22
N THR A 97 -28.75 -17.40 -54.41
CA THR A 97 -29.42 -17.04 -55.65
C THR A 97 -29.31 -18.18 -56.65
N PHE A 98 -30.32 -18.30 -57.50
CA PHE A 98 -30.36 -19.31 -58.55
C PHE A 98 -30.21 -18.64 -59.91
N GLY A 99 -29.60 -19.36 -60.85
CA GLY A 99 -29.54 -18.87 -62.21
C GLY A 99 -30.90 -18.85 -62.88
N GLN A 100 -31.01 -18.05 -63.94
CA GLN A 100 -32.27 -17.97 -64.68
C GLN A 100 -32.67 -19.33 -65.24
N GLY A 101 -31.71 -20.08 -65.76
CA GLY A 101 -31.97 -21.43 -66.20
C GLY A 101 -31.76 -21.60 -67.70
N THR A 102 -31.45 -22.83 -68.08
CA THR A 102 -31.26 -23.21 -69.47
C THR A 102 -32.26 -24.29 -69.83
N LYS A 103 -33.03 -24.07 -70.91
CA LYS A 103 -34.04 -25.03 -71.33
C LYS A 103 -33.43 -25.93 -72.41
N LEU A 104 -32.80 -27.02 -71.95
CA LEU A 104 -32.29 -28.01 -72.89
C LEU A 104 -33.45 -28.71 -73.59
N GLU A 105 -33.38 -28.77 -74.92
CA GLU A 105 -34.50 -29.24 -75.71
C GLU A 105 -33.99 -30.16 -76.81
N ILE A 106 -34.87 -31.07 -77.24
CA ILE A 106 -34.56 -31.98 -78.34
C ILE A 106 -34.44 -31.21 -79.66
N PRO B 1 -41.12 35.34 -7.54
CA PRO B 1 -40.17 34.85 -6.52
C PRO B 1 -39.28 35.97 -5.98
N ALA B 2 -38.91 35.87 -4.70
CA ALA B 2 -38.05 36.83 -4.05
C ALA B 2 -36.90 36.10 -3.36
N TYR B 3 -35.87 36.86 -3.00
CA TYR B 3 -34.68 36.30 -2.37
C TYR B 3 -34.44 36.96 -1.02
N THR B 4 -33.93 36.16 -0.08
CA THR B 4 -33.55 36.66 1.23
C THR B 4 -32.16 36.15 1.57
N ASN B 5 -31.58 36.71 2.62
CA ASN B 5 -30.22 36.38 3.03
C ASN B 5 -30.26 35.28 4.07
N SER B 6 -29.57 34.17 3.81
CA SER B 6 -29.56 33.05 4.75
C SER B 6 -28.70 33.34 5.98
N PHE B 7 -27.74 34.25 5.84
CA PHE B 7 -26.77 34.57 6.90
C PHE B 7 -26.03 33.28 7.24
N THR B 8 -25.92 32.89 8.51
CA THR B 8 -25.24 31.67 8.90
C THR B 8 -26.22 30.55 9.26
N ARG B 9 -27.49 30.69 8.88
CA ARG B 9 -28.50 29.69 9.17
C ARG B 9 -28.35 28.48 8.25
N GLY B 10 -28.90 27.36 8.69
CA GLY B 10 -28.92 26.15 7.90
C GLY B 10 -27.91 25.09 8.27
N VAL B 11 -27.26 25.21 9.41
CA VAL B 11 -26.24 24.25 9.84
C VAL B 11 -26.88 23.19 10.70
N TYR B 12 -26.58 21.93 10.39
CA TYR B 12 -27.12 20.78 11.11
C TYR B 12 -25.99 19.87 11.56
N TYR B 13 -26.27 19.05 12.56
CA TYR B 13 -25.30 18.05 12.99
C TYR B 13 -25.13 17.00 11.89
N PRO B 14 -23.91 16.79 11.38
CA PRO B 14 -23.73 15.85 10.27
C PRO B 14 -23.67 14.39 10.67
N ASP B 15 -23.58 14.09 11.95
CA ASP B 15 -23.52 12.70 12.41
C ASP B 15 -23.93 12.67 13.88
N LYS B 16 -24.04 11.45 14.41
CA LYS B 16 -24.42 11.24 15.80
C LYS B 16 -23.23 11.22 16.74
N VAL B 17 -22.02 11.47 16.24
CA VAL B 17 -20.83 11.46 17.07
C VAL B 17 -20.83 12.67 18.00
N PHE B 18 -20.56 12.42 19.28
CA PHE B 18 -20.41 13.49 20.24
C PHE B 18 -18.98 14.01 20.23
N ARG B 19 -18.82 15.32 20.19
CA ARG B 19 -17.51 15.96 20.19
C ARG B 19 -17.54 17.16 21.11
N SER B 20 -16.49 17.33 21.92
CA SER B 20 -16.47 18.36 22.94
C SER B 20 -15.24 19.25 22.76
N SER B 21 -15.46 20.56 22.74
CA SER B 21 -14.38 21.56 22.72
C SER B 21 -13.39 21.30 21.59
N VAL B 22 -13.91 21.02 20.40
CA VAL B 22 -13.08 20.64 19.26
C VAL B 22 -13.56 21.41 18.03
N LEU B 23 -12.67 21.48 17.03
CA LEU B 23 -13.00 22.00 15.72
C LEU B 23 -12.91 20.87 14.72
N HIS B 24 -14.01 20.58 14.04
CA HIS B 24 -14.08 19.44 13.14
C HIS B 24 -14.47 19.89 11.75
N SER B 25 -13.77 19.36 10.73
CA SER B 25 -14.02 19.72 9.35
C SER B 25 -14.82 18.61 8.68
N THR B 26 -15.97 18.96 8.12
CA THR B 26 -16.88 17.99 7.52
C THR B 26 -17.22 18.39 6.09
N GLN B 27 -17.14 17.41 5.19
CA GLN B 27 -17.56 17.57 3.80
C GLN B 27 -18.96 16.98 3.68
N ASP B 28 -19.97 17.83 3.49
CA ASP B 28 -21.34 17.36 3.49
C ASP B 28 -22.22 18.35 2.75
N LEU B 29 -23.50 17.98 2.61
CA LEU B 29 -24.47 18.84 1.94
C LEU B 29 -24.94 19.91 2.91
N PHE B 30 -24.45 21.13 2.71
CA PHE B 30 -24.79 22.25 3.57
C PHE B 30 -25.37 23.39 2.74
N LEU B 31 -26.17 24.21 3.39
CA LEU B 31 -26.63 25.45 2.78
C LEU B 31 -25.53 26.50 2.88
N PRO B 32 -25.00 27.01 1.77
CA PRO B 32 -23.89 27.95 1.85
C PRO B 32 -24.24 29.19 2.65
N PHE B 33 -23.26 29.70 3.39
CA PHE B 33 -23.47 30.89 4.18
C PHE B 33 -23.72 32.09 3.28
N PHE B 34 -24.64 32.96 3.72
CA PHE B 34 -24.98 34.19 3.01
C PHE B 34 -25.40 33.91 1.57
N SER B 35 -26.15 32.82 1.38
CA SER B 35 -26.66 32.43 0.08
C SER B 35 -28.12 32.84 -0.05
N ASN B 36 -28.52 33.24 -1.26
CA ASN B 36 -29.89 33.66 -1.48
C ASN B 36 -30.85 32.50 -1.27
N VAL B 37 -31.88 32.74 -0.47
CA VAL B 37 -32.88 31.75 -0.12
C VAL B 37 -34.22 32.20 -0.69
N THR B 38 -34.89 31.30 -1.41
CA THR B 38 -36.16 31.64 -2.03
C THR B 38 -37.21 31.97 -0.97
N TRP B 39 -38.01 32.99 -1.26
CA TRP B 39 -38.94 33.63 -0.34
C TRP B 39 -40.37 33.29 -0.75
N PHE B 40 -41.24 33.05 0.23
CA PHE B 40 -42.64 32.82 -0.05
C PHE B 40 -43.54 33.48 0.99
N HIS B 41 -44.44 34.34 0.52
CA HIS B 41 -45.60 34.80 1.26
C HIS B 41 -46.76 33.83 1.04
N VAL B 42 -47.68 33.80 2.00
CA VAL B 42 -48.93 33.05 1.87
C VAL B 42 -50.08 33.93 2.31
N ASP B 53 -48.71 31.15 -2.12
CA ASP B 53 -48.16 30.46 -3.28
C ASP B 53 -47.48 29.16 -2.86
N ASN B 54 -47.89 28.06 -3.50
CA ASN B 54 -47.38 26.72 -3.19
C ASN B 54 -46.90 26.05 -4.48
N PRO B 55 -45.74 26.47 -5.00
CA PRO B 55 -45.22 25.84 -6.21
C PRO B 55 -44.63 24.46 -5.94
N VAL B 56 -44.39 23.73 -7.02
CA VAL B 56 -43.75 22.42 -6.93
C VAL B 56 -42.24 22.62 -7.05
N LEU B 57 -41.59 22.87 -5.91
CA LEU B 57 -40.17 23.20 -5.92
C LEU B 57 -39.34 21.93 -6.13
N PRO B 58 -38.25 22.01 -6.90
CA PRO B 58 -37.40 20.83 -7.09
C PRO B 58 -36.64 20.47 -5.82
N PHE B 59 -36.32 19.18 -5.69
CA PHE B 59 -35.56 18.68 -4.54
C PHE B 59 -34.10 18.47 -4.96
N ASN B 60 -33.41 19.59 -5.19
CA ASN B 60 -32.01 19.54 -5.59
C ASN B 60 -31.15 19.23 -4.36
N ASP B 61 -30.59 18.02 -4.34
CA ASP B 61 -29.82 17.49 -3.20
C ASP B 61 -30.72 17.60 -1.97
N GLY B 62 -30.24 18.11 -0.84
CA GLY B 62 -31.10 18.37 0.29
C GLY B 62 -31.80 19.71 0.18
N VAL B 63 -32.74 19.94 1.09
CA VAL B 63 -33.48 21.18 1.15
C VAL B 63 -33.53 21.66 2.60
N TYR B 64 -33.18 22.93 2.79
CA TYR B 64 -33.38 23.63 4.06
C TYR B 64 -34.69 24.42 3.96
N PHE B 65 -35.55 24.25 4.95
CA PHE B 65 -36.86 24.90 4.96
C PHE B 65 -36.97 25.67 6.26
N ALA B 66 -37.55 26.87 6.20
CA ALA B 66 -37.77 27.66 7.40
C ALA B 66 -39.15 28.30 7.33
N SER B 67 -39.73 28.55 8.50
CA SER B 67 -41.05 29.19 8.58
C SER B 67 -41.09 30.09 9.79
N ILE B 68 -41.41 31.36 9.58
CA ILE B 68 -41.61 32.31 10.68
C ILE B 68 -43.13 32.47 10.81
N GLU B 69 -43.75 31.59 11.60
CA GLU B 69 -45.17 31.64 11.90
C GLU B 69 -45.46 31.01 13.25
N LYS B 70 -46.30 31.67 14.04
CA LYS B 70 -46.88 31.11 15.25
C LYS B 70 -48.27 30.52 15.01
N SER B 71 -48.89 30.83 13.87
CA SER B 71 -50.25 30.36 13.60
C SER B 71 -50.29 28.89 13.25
N ASN B 72 -49.12 28.28 12.97
CA ASN B 72 -49.02 26.87 12.61
C ASN B 72 -49.79 26.55 11.34
N ILE B 73 -49.82 27.49 10.40
CA ILE B 73 -50.50 27.26 9.13
C ILE B 73 -49.80 26.17 8.34
N ILE B 74 -48.47 26.19 8.32
CA ILE B 74 -47.68 25.17 7.63
C ILE B 74 -47.64 23.94 8.51
N ARG B 75 -48.02 22.79 7.97
CA ARG B 75 -48.05 21.60 8.82
C ARG B 75 -47.32 20.41 8.22
N GLY B 76 -47.17 20.36 6.90
CA GLY B 76 -46.59 19.15 6.34
C GLY B 76 -46.00 19.36 4.97
N TRP B 77 -45.43 18.29 4.44
CA TRP B 77 -44.82 18.29 3.12
C TRP B 77 -45.02 16.93 2.45
N ILE B 78 -45.08 16.95 1.13
CA ILE B 78 -45.16 15.74 0.31
C ILE B 78 -43.93 15.72 -0.59
N PHE B 79 -43.25 14.58 -0.62
CA PHE B 79 -41.98 14.42 -1.33
C PHE B 79 -42.12 13.34 -2.38
N GLY B 80 -41.84 13.68 -3.63
CA GLY B 80 -41.93 12.69 -4.68
C GLY B 80 -41.20 13.10 -5.94
N THR B 81 -40.76 12.09 -6.69
CA THR B 81 -40.13 12.35 -7.98
C THR B 81 -41.17 12.80 -9.01
N THR B 82 -42.35 12.19 -9.00
CA THR B 82 -43.45 12.61 -9.85
C THR B 82 -44.63 13.21 -9.08
N LEU B 83 -44.71 12.95 -7.77
CA LEU B 83 -45.80 13.44 -6.93
C LEU B 83 -47.16 13.04 -7.51
N ASP B 84 -47.24 11.80 -7.98
CA ASP B 84 -48.42 11.29 -8.66
C ASP B 84 -48.61 9.82 -8.27
N SER B 85 -49.79 9.29 -8.61
CA SER B 85 -50.10 7.90 -8.29
C SER B 85 -49.16 6.93 -9.02
N LYS B 86 -48.51 7.39 -10.09
CA LYS B 86 -47.64 6.50 -10.85
C LYS B 86 -46.46 6.00 -10.01
N THR B 87 -45.87 6.88 -9.21
CA THR B 87 -44.66 6.55 -8.46
C THR B 87 -44.87 6.78 -6.97
N GLN B 88 -43.88 6.35 -6.19
CA GLN B 88 -43.95 6.41 -4.74
C GLN B 88 -43.81 7.85 -4.26
N SER B 89 -44.45 8.15 -3.13
CA SER B 89 -44.40 9.50 -2.55
C SER B 89 -44.49 9.43 -1.03
N LEU B 90 -44.05 10.51 -0.39
CA LEU B 90 -44.08 10.66 1.07
C LEU B 90 -45.07 11.74 1.45
N LEU B 91 -45.88 11.47 2.46
CA LEU B 91 -46.77 12.44 3.09
C LEU B 91 -46.37 12.60 4.54
N ILE B 92 -46.02 13.81 4.95
CA ILE B 92 -45.71 14.13 6.33
C ILE B 92 -46.66 15.23 6.78
N VAL B 93 -47.39 14.97 7.86
CA VAL B 93 -48.40 15.92 8.33
C VAL B 93 -48.31 16.01 9.85
N ASN B 94 -48.47 17.21 10.38
CA ASN B 94 -48.43 17.43 11.82
C ASN B 94 -49.78 17.08 12.45
N VAL B 99 -47.62 14.21 14.64
CA VAL B 99 -46.69 14.11 13.53
C VAL B 99 -46.76 12.69 12.95
N VAL B 100 -47.51 12.54 11.86
CA VAL B 100 -47.73 11.24 11.21
C VAL B 100 -47.16 11.29 9.79
N ILE B 101 -46.36 10.28 9.45
CA ILE B 101 -45.66 10.15 8.18
C ILE B 101 -46.08 8.84 7.52
N LYS B 102 -46.37 8.90 6.22
CA LYS B 102 -46.68 7.74 5.39
C LYS B 102 -45.83 7.80 4.14
N VAL B 103 -45.44 6.64 3.62
CA VAL B 103 -44.94 6.56 2.24
C VAL B 103 -45.89 5.65 1.46
N CYS B 104 -46.56 6.22 0.46
CA CYS B 104 -47.49 5.47 -0.38
C CYS B 104 -47.49 6.07 -1.78
N GLU B 105 -48.13 5.38 -2.71
CA GLU B 105 -48.31 5.88 -4.08
C GLU B 105 -49.59 6.71 -4.14
N PHE B 106 -49.55 7.86 -3.49
CA PHE B 106 -50.71 8.74 -3.44
C PHE B 106 -50.99 9.36 -4.80
N GLN B 107 -52.27 9.62 -5.07
CA GLN B 107 -52.69 10.46 -6.17
C GLN B 107 -53.01 11.84 -5.62
N PHE B 108 -52.32 12.86 -6.12
CA PHE B 108 -52.38 14.18 -5.52
C PHE B 108 -53.19 15.13 -6.40
N CYS B 109 -53.71 16.17 -5.76
CA CYS B 109 -54.38 17.25 -6.49
C CYS B 109 -53.34 18.16 -7.14
N ASN B 110 -53.84 19.05 -8.01
CA ASN B 110 -52.95 20.04 -8.62
C ASN B 110 -52.39 20.99 -7.57
N ASP B 111 -53.21 21.35 -6.59
CA ASP B 111 -52.78 22.20 -5.46
C ASP B 111 -53.18 21.51 -4.16
N PRO B 112 -52.38 20.56 -3.70
CA PRO B 112 -52.71 19.86 -2.46
C PRO B 112 -52.76 20.83 -1.28
N PHE B 113 -53.70 20.56 -0.37
CA PHE B 113 -53.95 21.46 0.75
C PHE B 113 -54.49 20.65 1.92
N LEU B 114 -54.47 21.26 3.10
CA LEU B 114 -55.04 20.68 4.31
C LEU B 114 -56.26 21.50 4.72
N ASP B 115 -57.41 20.83 4.82
CA ASP B 115 -58.66 21.46 5.20
C ASP B 115 -59.13 20.86 6.52
N HIS B 116 -59.37 21.72 7.51
CA HIS B 116 -59.85 21.30 8.81
C HIS B 116 -60.90 22.27 9.30
N LYS B 117 -62.00 21.75 9.86
CA LYS B 117 -63.05 22.56 10.44
C LYS B 117 -62.95 22.45 11.97
N ASN B 118 -62.77 23.58 12.62
CA ASN B 118 -62.60 23.61 14.07
C ASN B 118 -63.89 23.24 14.79
N GLU B 126 -59.83 13.99 6.79
CA GLU B 126 -59.79 15.29 6.12
C GLU B 126 -58.50 15.45 5.34
N PHE B 127 -57.96 14.35 4.84
CA PHE B 127 -56.72 14.36 4.07
C PHE B 127 -57.04 14.68 2.61
N ARG B 128 -57.28 15.96 2.35
CA ARG B 128 -57.55 16.41 0.99
C ARG B 128 -56.33 16.29 0.09
N VAL B 129 -55.15 16.06 0.67
CA VAL B 129 -53.91 16.04 -0.12
C VAL B 129 -53.93 14.92 -1.14
N TYR B 130 -54.27 13.71 -0.70
CA TYR B 130 -54.22 12.53 -1.55
C TYR B 130 -55.61 11.93 -1.70
N SER B 131 -56.00 11.64 -2.94
CA SER B 131 -57.29 11.03 -3.19
C SER B 131 -57.28 9.54 -2.85
N SER B 132 -56.17 8.85 -3.15
CA SER B 132 -56.07 7.42 -2.94
C SER B 132 -54.71 7.07 -2.37
N ALA B 133 -54.66 5.98 -1.60
CA ALA B 133 -53.42 5.46 -1.05
C ALA B 133 -53.13 4.11 -1.69
N ASN B 134 -51.96 3.98 -2.30
CA ASN B 134 -51.57 2.78 -3.03
C ASN B 134 -50.23 2.28 -2.52
N ASN B 135 -50.19 0.99 -2.14
CA ASN B 135 -48.95 0.32 -1.75
C ASN B 135 -48.22 1.07 -0.65
N CYS B 136 -48.94 1.38 0.43
CA CYS B 136 -48.32 2.01 1.58
C CYS B 136 -47.26 1.07 2.17
N THR B 137 -46.09 1.63 2.45
CA THR B 137 -44.95 0.83 2.89
C THR B 137 -44.53 1.15 4.32
N PHE B 138 -44.29 2.41 4.64
CA PHE B 138 -43.81 2.83 5.94
C PHE B 138 -44.76 3.84 6.55
N GLU B 139 -45.05 3.66 7.84
CA GLU B 139 -45.92 4.55 8.60
C GLU B 139 -45.29 4.80 9.97
N TYR B 140 -45.23 6.06 10.37
CA TYR B 140 -44.62 6.44 11.64
C TYR B 140 -45.45 7.52 12.33
N VAL B 141 -45.52 7.45 13.65
CA VAL B 141 -46.13 8.51 14.46
C VAL B 141 -45.14 8.99 15.51
N PHE B 156 -45.44 34.60 13.70
CA PHE B 156 -44.20 35.34 13.51
C PHE B 156 -43.28 35.22 14.72
N LYS B 157 -43.83 34.75 15.83
CA LYS B 157 -43.04 34.62 17.06
C LYS B 157 -42.30 33.29 17.16
N ASN B 158 -42.50 32.38 16.20
CA ASN B 158 -41.81 31.09 16.20
C ASN B 158 -41.13 30.88 14.85
N LEU B 159 -39.85 30.55 14.89
CA LEU B 159 -39.11 30.07 13.72
C LEU B 159 -38.98 28.56 13.82
N ARG B 160 -39.46 27.86 12.80
CA ARG B 160 -39.28 26.42 12.68
C ARG B 160 -38.38 26.15 11.47
N GLU B 161 -37.21 25.55 11.73
CA GLU B 161 -36.22 25.27 10.71
C GLU B 161 -36.08 23.76 10.57
N PHE B 162 -35.96 23.30 9.33
CA PHE B 162 -35.86 21.88 9.03
C PHE B 162 -34.85 21.68 7.91
N VAL B 163 -34.21 20.51 7.93
CA VAL B 163 -33.35 20.07 6.83
C VAL B 163 -33.81 18.67 6.43
N PHE B 164 -34.13 18.50 5.15
CA PHE B 164 -34.55 17.22 4.60
C PHE B 164 -33.53 16.79 3.56
N LYS B 165 -33.05 15.56 3.67
CA LYS B 165 -32.19 15.05 2.61
C LYS B 165 -32.30 13.54 2.50
N ASN B 166 -32.33 13.04 1.27
CA ASN B 166 -32.46 11.61 1.00
C ASN B 166 -31.14 11.10 0.44
N ILE B 167 -30.41 10.34 1.26
CA ILE B 167 -29.14 9.75 0.88
C ILE B 167 -29.14 8.28 1.28
N ASP B 168 -28.68 7.42 0.38
CA ASP B 168 -28.63 5.97 0.59
C ASP B 168 -30.01 5.39 0.88
N GLY B 169 -31.04 5.94 0.24
CA GLY B 169 -32.40 5.51 0.50
C GLY B 169 -32.85 5.81 1.92
N TYR B 170 -32.22 6.78 2.58
CA TYR B 170 -32.54 7.17 3.93
C TYR B 170 -32.89 8.65 3.93
N PHE B 171 -34.06 8.99 4.47
CA PHE B 171 -34.55 10.36 4.48
C PHE B 171 -34.34 10.94 5.87
N LYS B 172 -33.45 11.92 5.96
CA LYS B 172 -33.06 12.52 7.23
C LYS B 172 -33.76 13.86 7.38
N ILE B 173 -34.41 14.06 8.53
CA ILE B 173 -35.04 15.32 8.90
C ILE B 173 -34.37 15.82 10.17
N TYR B 174 -33.79 17.01 10.09
CA TYR B 174 -33.21 17.73 11.22
C TYR B 174 -34.09 18.95 11.49
N SER B 175 -34.16 19.37 12.76
CA SER B 175 -35.11 20.42 13.12
C SER B 175 -34.54 21.34 14.19
N LYS B 176 -35.11 22.55 14.24
CA LYS B 176 -34.83 23.54 15.27
C LYS B 176 -36.04 24.46 15.43
N HIS B 177 -36.26 24.89 16.67
CA HIS B 177 -37.35 25.82 17.00
C HIS B 177 -36.79 26.96 17.81
N THR B 178 -37.08 28.19 17.40
CA THR B 178 -36.57 29.37 18.11
C THR B 178 -37.66 30.39 18.33
N PRO B 179 -37.83 30.90 19.56
CA PRO B 179 -38.77 32.01 19.79
C PRO B 179 -38.12 33.36 19.50
N ILE B 180 -38.61 34.05 18.47
CA ILE B 180 -38.03 35.31 18.02
C ILE B 180 -39.13 36.31 17.73
N ILE B 181 -38.77 37.59 17.73
CA ILE B 181 -39.65 38.66 17.29
C ILE B 181 -39.00 39.31 16.08
N VAL B 182 -39.69 39.28 14.95
CA VAL B 182 -39.15 39.80 13.69
C VAL B 182 -39.71 41.20 13.48
N ARG B 183 -38.88 42.21 13.77
CA ARG B 183 -39.26 43.58 13.43
C ARG B 183 -39.36 43.76 11.92
N GLU B 184 -38.40 43.19 11.18
CA GLU B 184 -38.51 43.11 9.73
C GLU B 184 -38.94 41.71 9.36
N PRO B 185 -40.16 41.50 8.88
CA PRO B 185 -40.62 40.13 8.58
C PRO B 185 -39.77 39.41 7.54
N GLU B 186 -39.21 40.14 6.59
CA GLU B 186 -38.49 39.51 5.49
C GLU B 186 -37.17 38.89 5.97
N ASP B 187 -36.44 39.61 6.83
CA ASP B 187 -35.11 39.17 7.21
C ASP B 187 -35.14 37.91 8.05
N LEU B 188 -34.20 37.01 7.78
CA LEU B 188 -33.95 35.85 8.63
C LEU B 188 -33.20 36.27 9.88
N PRO B 189 -33.29 35.48 10.94
CA PRO B 189 -32.52 35.78 12.16
C PRO B 189 -31.02 35.80 11.88
N GLN B 190 -30.33 36.77 12.47
CA GLN B 190 -28.88 36.87 12.33
C GLN B 190 -28.23 36.19 13.53
N GLY B 191 -28.22 34.86 13.48
CA GLY B 191 -27.65 34.06 14.55
C GLY B 191 -27.35 32.67 14.05
N PHE B 192 -26.66 31.91 14.90
CA PHE B 192 -26.24 30.56 14.57
C PHE B 192 -26.91 29.58 15.52
N SER B 193 -27.67 28.63 14.97
CA SER B 193 -28.30 27.57 15.74
C SER B 193 -28.23 26.28 14.94
N ALA B 194 -27.54 25.28 15.49
CA ALA B 194 -27.43 23.99 14.82
C ALA B 194 -28.74 23.23 14.89
N LEU B 195 -29.07 22.53 13.80
CA LEU B 195 -30.34 21.80 13.69
C LEU B 195 -30.09 20.35 14.09
N GLU B 196 -30.61 19.95 15.25
CA GLU B 196 -30.45 18.59 15.71
C GLU B 196 -31.29 17.64 14.85
N PRO B 197 -30.83 16.40 14.66
CA PRO B 197 -31.64 15.44 13.89
C PRO B 197 -32.97 15.17 14.56
N LEU B 198 -34.03 15.14 13.77
CA LEU B 198 -35.35 14.80 14.27
C LEU B 198 -35.69 13.34 14.01
N VAL B 199 -35.62 12.90 12.76
CA VAL B 199 -35.84 11.49 12.42
C VAL B 199 -34.95 11.08 11.26
N ASP B 200 -34.72 9.77 11.16
CA ASP B 200 -34.12 9.13 9.99
C ASP B 200 -35.06 8.03 9.54
N LEU B 201 -35.50 8.09 8.29
CA LEU B 201 -36.57 7.23 7.82
C LEU B 201 -36.10 6.34 6.69
N PRO B 202 -36.23 5.02 6.81
CA PRO B 202 -35.82 4.11 5.72
C PRO B 202 -36.84 4.04 4.59
N ILE B 203 -37.10 5.18 3.95
CA ILE B 203 -38.10 5.21 2.88
C ILE B 203 -37.59 4.49 1.63
N GLY B 204 -36.34 4.73 1.25
CA GLY B 204 -35.75 4.05 0.11
C GLY B 204 -36.35 4.33 -1.25
N ILE B 205 -36.82 5.56 -1.50
CA ILE B 205 -37.36 5.93 -2.80
C ILE B 205 -36.69 7.20 -3.29
N ASN B 206 -36.69 7.41 -4.60
CA ASN B 206 -36.14 8.61 -5.20
C ASN B 206 -37.07 9.80 -5.02
N ILE B 207 -36.48 10.98 -4.82
CA ILE B 207 -37.21 12.24 -4.70
C ILE B 207 -36.53 13.28 -5.58
N THR B 208 -37.32 14.03 -6.35
CA THR B 208 -36.80 15.13 -7.16
C THR B 208 -37.55 16.43 -6.96
N ARG B 209 -38.73 16.42 -6.33
CA ARG B 209 -39.51 17.62 -6.13
C ARG B 209 -40.21 17.50 -4.78
N PHE B 210 -40.66 18.64 -4.24
CA PHE B 210 -41.36 18.62 -2.97
C PHE B 210 -42.40 19.73 -2.94
N GLN B 211 -43.45 19.52 -2.15
CA GLN B 211 -44.58 20.44 -2.02
C GLN B 211 -44.89 20.65 -0.55
N THR B 212 -45.10 21.89 -0.16
CA THR B 212 -45.45 22.20 1.22
C THR B 212 -46.96 22.16 1.41
N LEU B 213 -47.39 21.83 2.64
CA LEU B 213 -48.80 21.68 2.97
C LEU B 213 -49.19 22.74 4.00
N LEU B 214 -50.26 23.47 3.69
CA LEU B 214 -50.74 24.57 4.51
C LEU B 214 -52.13 24.22 5.04
N ALA B 215 -52.34 24.39 6.33
CA ALA B 215 -53.65 24.16 6.92
C ALA B 215 -54.51 25.40 6.81
N LEU B 216 -55.69 25.25 6.21
CA LEU B 216 -56.62 26.35 6.04
C LEU B 216 -57.55 26.38 7.24
N HIS B 217 -57.32 27.36 8.12
CA HIS B 217 -58.01 27.40 9.40
C HIS B 217 -59.44 27.94 9.23
N ARG B 218 -60.16 28.00 10.34
CA ARG B 218 -61.52 28.51 10.35
C ARG B 218 -61.54 30.02 10.53
N TRP B 230 -60.85 28.73 0.90
CA TRP B 230 -60.88 28.77 2.36
C TRP B 230 -60.06 29.94 2.89
N THR B 231 -60.02 30.11 4.20
CA THR B 231 -59.39 31.26 4.84
C THR B 231 -58.16 30.81 5.62
N ALA B 232 -57.07 31.55 5.47
CA ALA B 232 -55.83 31.32 6.22
C ALA B 232 -55.08 32.63 6.35
N GLY B 233 -54.35 32.77 7.46
CA GLY B 233 -53.57 33.97 7.66
C GLY B 233 -52.33 34.00 6.81
N ALA B 234 -51.66 35.15 6.81
CA ALA B 234 -50.42 35.30 6.07
C ALA B 234 -49.33 34.43 6.68
N ALA B 235 -48.48 33.86 5.82
CA ALA B 235 -47.38 33.02 6.26
C ALA B 235 -46.11 33.43 5.52
N ALA B 236 -44.97 33.19 6.15
CA ALA B 236 -43.68 33.52 5.58
C ALA B 236 -42.77 32.31 5.71
N TYR B 237 -42.32 31.77 4.56
CA TYR B 237 -41.41 30.63 4.61
C TYR B 237 -40.29 30.74 3.58
N TYR B 238 -39.23 29.98 3.83
CA TYR B 238 -37.92 30.11 3.20
C TYR B 238 -37.48 28.75 2.68
N VAL B 239 -36.96 28.72 1.46
CA VAL B 239 -36.48 27.48 0.85
C VAL B 239 -35.06 27.70 0.33
N GLY B 240 -34.12 26.91 0.85
CA GLY B 240 -32.77 26.90 0.34
C GLY B 240 -32.35 25.51 -0.03
N TYR B 241 -31.32 25.41 -0.86
CA TYR B 241 -30.88 24.15 -1.43
C TYR B 241 -29.47 23.82 -0.95
N LEU B 242 -29.30 22.62 -0.40
CA LEU B 242 -28.00 22.19 0.08
C LEU B 242 -27.08 21.83 -1.08
N GLN B 243 -25.81 22.16 -0.93
CA GLN B 243 -24.75 21.89 -1.90
C GLN B 243 -23.60 21.22 -1.18
N PRO B 244 -22.79 20.43 -1.90
CA PRO B 244 -21.68 19.75 -1.22
C PRO B 244 -20.55 20.72 -0.92
N ARG B 245 -20.32 20.95 0.38
CA ARG B 245 -19.45 22.01 0.85
C ARG B 245 -18.68 21.50 2.07
N THR B 246 -17.52 22.12 2.31
CA THR B 246 -16.70 21.84 3.47
C THR B 246 -16.95 22.88 4.54
N PHE B 247 -17.28 22.44 5.74
CA PHE B 247 -17.56 23.32 6.86
C PHE B 247 -16.64 22.99 8.02
N LEU B 248 -16.29 24.02 8.79
CA LEU B 248 -15.56 23.86 10.03
C LEU B 248 -16.49 24.17 11.19
N LEU B 249 -16.68 23.20 12.08
CA LEU B 249 -17.70 23.27 13.12
C LEU B 249 -17.02 23.30 14.48
N LYS B 250 -17.44 24.23 15.34
CA LYS B 250 -16.92 24.35 16.70
C LYS B 250 -17.87 23.66 17.65
N TYR B 251 -17.49 22.49 18.14
CA TYR B 251 -18.23 21.82 19.20
C TYR B 251 -17.73 22.29 20.55
N ASN B 252 -18.67 22.75 21.39
CA ASN B 252 -18.33 23.30 22.69
C ASN B 252 -18.18 22.16 23.70
N GLU B 253 -18.11 22.50 24.99
CA GLU B 253 -17.88 21.48 26.01
C GLU B 253 -19.04 20.49 26.08
N ASN B 254 -20.25 20.94 25.76
CA ASN B 254 -21.44 20.11 25.86
C ASN B 254 -21.80 19.41 24.56
N GLY B 255 -20.96 19.53 23.53
CA GLY B 255 -21.25 18.93 22.25
C GLY B 255 -22.08 19.75 21.31
N THR B 256 -22.47 20.95 21.72
CA THR B 256 -23.31 21.81 20.88
C THR B 256 -22.44 22.55 19.87
N ILE B 257 -22.84 22.48 18.60
CA ILE B 257 -22.17 23.26 17.55
C ILE B 257 -22.54 24.74 17.78
N THR B 258 -21.57 25.53 18.22
CA THR B 258 -21.82 26.93 18.56
C THR B 258 -21.42 27.87 17.44
N ASP B 259 -20.61 27.43 16.49
CA ASP B 259 -20.22 28.29 15.37
C ASP B 259 -19.74 27.42 14.22
N ALA B 260 -19.80 27.98 13.02
CA ALA B 260 -19.36 27.31 11.82
C ALA B 260 -18.66 28.30 10.89
N VAL B 261 -17.75 27.76 10.08
CA VAL B 261 -17.03 28.52 9.07
C VAL B 261 -17.23 27.82 7.73
N ASP B 262 -17.71 28.57 6.75
CA ASP B 262 -17.87 28.08 5.39
C ASP B 262 -16.56 28.29 4.65
N CYS B 263 -15.85 27.20 4.35
CA CYS B 263 -14.49 27.31 3.85
C CYS B 263 -14.41 28.03 2.51
N ALA B 264 -15.47 27.95 1.71
CA ALA B 264 -15.47 28.55 0.37
C ALA B 264 -16.14 29.92 0.33
N LEU B 265 -16.53 30.48 1.48
CA LEU B 265 -17.26 31.74 1.48
C LEU B 265 -16.38 32.89 1.00
N ASP B 266 -15.19 33.03 1.59
CA ASP B 266 -14.31 34.15 1.29
C ASP B 266 -12.90 33.75 1.68
N PRO B 267 -11.89 34.53 1.28
CA PRO B 267 -10.51 34.16 1.62
C PRO B 267 -10.24 34.00 3.10
N LEU B 268 -10.87 34.83 3.94
CA LEU B 268 -10.64 34.71 5.38
C LEU B 268 -11.13 33.38 5.92
N SER B 269 -12.30 32.93 5.48
CA SER B 269 -12.80 31.63 5.93
C SER B 269 -11.96 30.49 5.39
N GLU B 270 -11.45 30.63 4.17
CA GLU B 270 -10.54 29.62 3.62
C GLU B 270 -9.26 29.53 4.46
N THR B 271 -8.73 30.69 4.88
CA THR B 271 -7.59 30.69 5.77
C THR B 271 -7.93 30.05 7.11
N LYS B 272 -9.12 30.33 7.63
CA LYS B 272 -9.55 29.72 8.88
C LYS B 272 -9.60 28.19 8.76
N CYS B 273 -10.15 27.70 7.65
CA CYS B 273 -10.26 26.26 7.46
C CYS B 273 -8.88 25.62 7.27
N THR B 274 -8.01 26.27 6.49
CA THR B 274 -6.66 25.75 6.30
C THR B 274 -5.89 25.73 7.61
N LEU B 275 -6.07 26.76 8.44
CA LEU B 275 -5.44 26.81 9.75
C LEU B 275 -6.17 26.00 10.80
N LYS B 276 -7.37 25.49 10.48
CA LYS B 276 -8.18 24.72 11.42
C LYS B 276 -8.43 25.50 12.71
N SER B 277 -8.71 26.80 12.57
CA SER B 277 -8.99 27.65 13.71
C SER B 277 -9.93 28.76 13.31
N PHE B 278 -10.68 29.28 14.27
CA PHE B 278 -11.55 30.41 14.05
C PHE B 278 -10.85 31.75 14.24
N THR B 279 -9.59 31.74 14.67
CA THR B 279 -8.78 32.94 14.82
C THR B 279 -7.54 32.81 13.95
N VAL B 280 -7.19 33.89 13.25
CA VAL B 280 -6.05 33.92 12.36
C VAL B 280 -5.09 35.01 12.84
N GLU B 281 -3.83 34.64 13.01
CA GLU B 281 -2.80 35.61 13.37
C GLU B 281 -2.32 36.37 12.14
N LYS B 282 -1.67 37.50 12.39
CA LYS B 282 -1.14 38.31 11.31
C LYS B 282 -0.11 37.52 10.50
N GLY B 283 -0.24 37.59 9.18
CA GLY B 283 0.69 36.88 8.32
C GLY B 283 0.08 36.63 6.96
N ILE B 284 0.85 35.91 6.14
CA ILE B 284 0.43 35.50 4.81
C ILE B 284 0.40 33.98 4.78
N TYR B 285 -0.73 33.42 4.36
CA TYR B 285 -0.99 31.99 4.44
C TYR B 285 -1.32 31.43 3.06
N GLN B 286 -0.67 30.35 2.69
CA GLN B 286 -1.02 29.62 1.48
C GLN B 286 -2.27 28.79 1.76
N THR B 287 -3.37 29.09 1.06
CA THR B 287 -4.65 28.46 1.33
C THR B 287 -5.06 27.45 0.27
N SER B 288 -5.10 27.85 -1.00
CA SER B 288 -5.58 26.97 -2.05
C SER B 288 -4.84 27.28 -3.34
N ASN B 289 -5.32 26.71 -4.44
CA ASN B 289 -4.71 26.90 -5.75
C ASN B 289 -5.73 27.47 -6.72
N PHE B 290 -5.38 28.60 -7.32
CA PHE B 290 -6.13 29.17 -8.43
C PHE B 290 -5.90 28.33 -9.68
N ARG B 291 -6.98 28.14 -10.44
CA ARG B 291 -6.92 27.36 -11.68
C ARG B 291 -8.04 27.83 -12.59
N VAL B 292 -7.71 28.17 -13.84
CA VAL B 292 -8.72 28.52 -14.82
C VAL B 292 -9.47 27.26 -15.23
N GLN B 293 -10.80 27.33 -15.20
CA GLN B 293 -11.55 26.12 -15.55
C GLN B 293 -11.90 26.12 -17.03
N PRO B 294 -12.02 24.94 -17.64
CA PRO B 294 -12.34 24.87 -19.07
C PRO B 294 -13.73 25.43 -19.37
N THR B 295 -13.81 26.30 -20.37
CA THR B 295 -15.10 26.88 -20.75
C THR B 295 -15.97 25.85 -21.46
N GLU B 296 -15.39 25.11 -22.40
CA GLU B 296 -16.13 24.21 -23.25
C GLU B 296 -15.34 22.94 -23.50
N SER B 297 -15.99 21.99 -24.18
CA SER B 297 -15.41 20.72 -24.56
C SER B 297 -15.32 20.63 -26.08
N ILE B 298 -14.15 20.23 -26.58
CA ILE B 298 -13.87 20.11 -28.01
C ILE B 298 -13.55 18.65 -28.31
N VAL B 299 -14.12 18.11 -29.37
CA VAL B 299 -13.82 16.77 -29.84
C VAL B 299 -13.38 16.87 -31.29
N ARG B 300 -12.24 16.27 -31.61
CA ARG B 300 -11.70 16.27 -32.97
C ARG B 300 -11.35 14.84 -33.34
N PHE B 301 -12.09 14.27 -34.28
CA PHE B 301 -11.93 12.92 -34.77
C PHE B 301 -11.86 12.96 -36.29
N PRO B 302 -11.23 11.97 -36.92
CA PRO B 302 -11.03 12.04 -38.38
C PRO B 302 -12.35 12.11 -39.13
N ASN B 303 -12.32 12.83 -40.25
CA ASN B 303 -13.51 13.05 -41.09
C ASN B 303 -13.82 11.80 -41.91
N ILE B 304 -14.15 10.72 -41.21
CA ILE B 304 -14.45 9.43 -41.79
C ILE B 304 -15.84 9.03 -41.36
N THR B 305 -16.65 8.56 -42.31
CA THR B 305 -18.01 8.14 -42.03
C THR B 305 -18.29 6.69 -42.39
N ASN B 306 -17.55 6.11 -43.35
CA ASN B 306 -17.80 4.75 -43.78
C ASN B 306 -17.52 3.77 -42.64
N LEU B 307 -18.48 2.88 -42.39
CA LEU B 307 -18.36 1.92 -41.30
C LEU B 307 -17.33 0.85 -41.62
N CYS B 308 -16.80 0.24 -40.57
CA CYS B 308 -15.80 -0.81 -40.73
C CYS B 308 -16.44 -2.11 -41.20
N PRO B 309 -15.71 -2.91 -41.97
CA PRO B 309 -16.25 -4.18 -42.48
C PRO B 309 -16.27 -5.29 -41.42
N PHE B 310 -16.94 -5.01 -40.30
CA PHE B 310 -17.13 -6.05 -39.28
C PHE B 310 -18.15 -7.07 -39.73
N ASP B 311 -19.06 -6.67 -40.62
CA ASP B 311 -20.11 -7.57 -41.09
C ASP B 311 -19.51 -8.77 -41.83
N GLU B 312 -18.52 -8.51 -42.70
CA GLU B 312 -17.86 -9.60 -43.42
C GLU B 312 -17.05 -10.47 -42.46
N VAL B 313 -16.45 -9.87 -41.44
CA VAL B 313 -15.62 -10.63 -40.51
C VAL B 313 -16.48 -11.58 -39.68
N PHE B 314 -17.59 -11.08 -39.13
CA PHE B 314 -18.37 -11.84 -38.17
C PHE B 314 -19.51 -12.63 -38.81
N ASN B 315 -20.07 -12.16 -39.91
CA ASN B 315 -21.19 -12.82 -40.56
C ASN B 315 -20.76 -13.60 -41.79
N ALA B 316 -19.50 -14.00 -41.87
CA ALA B 316 -19.03 -14.80 -43.00
C ALA B 316 -19.70 -16.17 -42.98
N THR B 317 -19.99 -16.68 -44.19
CA THR B 317 -20.65 -17.97 -44.30
C THR B 317 -19.77 -19.09 -43.77
N ARG B 318 -18.49 -19.09 -44.12
CA ARG B 318 -17.55 -20.09 -43.62
C ARG B 318 -16.27 -19.39 -43.18
N PHE B 319 -15.83 -19.69 -41.97
CA PHE B 319 -14.59 -19.16 -41.43
C PHE B 319 -13.41 -19.99 -41.92
N ALA B 320 -12.21 -19.49 -41.64
CA ALA B 320 -11.01 -20.24 -41.98
C ALA B 320 -10.69 -21.26 -40.91
N SER B 321 -9.82 -22.20 -41.25
CA SER B 321 -9.33 -23.17 -40.28
C SER B 321 -8.29 -22.51 -39.38
N VAL B 322 -8.11 -23.09 -38.20
CA VAL B 322 -7.25 -22.46 -37.19
C VAL B 322 -5.79 -22.47 -37.63
N TYR B 323 -5.35 -23.49 -38.38
CA TYR B 323 -3.97 -23.52 -38.82
C TYR B 323 -3.72 -22.44 -39.87
N ALA B 324 -4.76 -22.06 -40.61
CA ALA B 324 -4.70 -21.03 -41.64
C ALA B 324 -5.65 -19.89 -41.32
N TRP B 325 -5.60 -19.44 -40.06
CA TRP B 325 -6.49 -18.39 -39.59
C TRP B 325 -6.37 -17.15 -40.46
N ASN B 326 -7.51 -16.51 -40.73
CA ASN B 326 -7.54 -15.42 -41.70
C ASN B 326 -7.40 -14.07 -40.99
N ARG B 327 -6.47 -13.25 -41.49
CA ARG B 327 -6.23 -11.91 -40.95
C ARG B 327 -6.76 -10.87 -41.94
N LYS B 328 -7.67 -10.03 -41.47
CA LYS B 328 -8.26 -8.97 -42.27
C LYS B 328 -7.91 -7.62 -41.67
N ARG B 329 -7.51 -6.69 -42.52
CA ARG B 329 -7.10 -5.36 -42.08
C ARG B 329 -8.31 -4.44 -41.98
N ILE B 330 -8.57 -3.94 -40.77
CA ILE B 330 -9.62 -2.96 -40.52
C ILE B 330 -8.94 -1.60 -40.39
N SER B 331 -9.23 -0.71 -41.31
CA SER B 331 -8.57 0.60 -41.37
C SER B 331 -9.44 1.58 -42.13
N ASN B 332 -9.21 2.87 -41.86
CA ASN B 332 -9.86 3.96 -42.57
C ASN B 332 -11.39 3.86 -42.51
N CYS B 333 -11.90 3.57 -41.33
CA CYS B 333 -13.34 3.40 -41.17
C CYS B 333 -13.74 3.70 -39.72
N VAL B 334 -15.02 3.99 -39.54
CA VAL B 334 -15.59 4.14 -38.21
C VAL B 334 -15.93 2.75 -37.68
N ALA B 335 -15.41 2.43 -36.49
CA ALA B 335 -15.62 1.13 -35.88
C ALA B 335 -16.67 1.27 -34.77
N ASP B 336 -17.87 0.79 -35.04
CA ASP B 336 -18.94 0.76 -34.05
C ASP B 336 -18.97 -0.64 -33.44
N TYR B 337 -18.49 -0.75 -32.21
CA TYR B 337 -18.42 -2.03 -31.53
C TYR B 337 -19.75 -2.41 -30.87
N SER B 338 -20.76 -1.55 -30.95
CA SER B 338 -22.05 -1.87 -30.39
C SER B 338 -22.77 -2.95 -31.19
N VAL B 339 -22.49 -3.04 -32.49
CA VAL B 339 -23.15 -4.04 -33.33
C VAL B 339 -22.75 -5.44 -32.91
N LEU B 340 -21.54 -5.61 -32.36
CA LEU B 340 -21.07 -6.93 -31.98
C LEU B 340 -21.92 -7.54 -30.89
N TYR B 341 -22.30 -6.74 -29.88
CA TYR B 341 -23.05 -7.28 -28.74
C TYR B 341 -24.36 -7.91 -29.19
N ASN B 342 -25.05 -7.25 -30.12
CA ASN B 342 -26.42 -7.63 -30.44
C ASN B 342 -26.50 -8.97 -31.18
N LEU B 343 -25.41 -9.39 -31.84
CA LEU B 343 -25.48 -10.53 -32.74
C LEU B 343 -25.96 -11.80 -32.03
N ALA B 344 -25.32 -12.16 -30.93
CA ALA B 344 -25.60 -13.39 -30.23
C ALA B 344 -25.21 -13.26 -28.77
N PRO B 345 -25.71 -14.16 -27.91
CA PRO B 345 -25.18 -14.22 -26.53
C PRO B 345 -23.79 -14.82 -26.55
N PHE B 346 -22.79 -13.95 -26.73
CA PHE B 346 -21.42 -14.41 -26.98
C PHE B 346 -20.93 -15.31 -25.85
N PHE B 347 -20.27 -16.40 -26.23
CA PHE B 347 -19.57 -17.23 -25.26
C PHE B 347 -18.40 -16.48 -24.66
N THR B 348 -17.73 -15.64 -25.44
CA THR B 348 -16.59 -14.88 -24.93
C THR B 348 -16.50 -13.57 -25.68
N PHE B 349 -16.38 -12.45 -24.94
CA PHE B 349 -16.10 -11.14 -25.52
C PHE B 349 -15.01 -10.51 -24.65
N LYS B 350 -13.93 -11.25 -24.42
CA LYS B 350 -12.96 -10.91 -23.39
C LYS B 350 -11.87 -10.02 -23.98
N CYS B 351 -11.66 -8.85 -23.35
CA CYS B 351 -10.72 -7.85 -23.83
C CYS B 351 -9.50 -7.79 -22.93
N TYR B 352 -8.33 -7.58 -23.53
CA TYR B 352 -7.06 -7.45 -22.84
C TYR B 352 -6.45 -6.11 -23.18
N GLY B 353 -6.05 -5.35 -22.15
CA GLY B 353 -5.52 -4.03 -22.33
C GLY B 353 -6.55 -2.95 -22.52
N VAL B 354 -7.83 -3.31 -22.63
CA VAL B 354 -8.92 -2.35 -22.79
C VAL B 354 -10.12 -2.85 -22.02
N SER B 355 -11.14 -2.02 -21.91
CA SER B 355 -12.43 -2.46 -21.44
C SER B 355 -13.41 -2.49 -22.60
N PRO B 356 -14.36 -3.42 -22.60
CA PRO B 356 -15.30 -3.48 -23.74
C PRO B 356 -16.10 -2.20 -23.93
N THR B 357 -16.72 -1.69 -22.87
CA THR B 357 -17.63 -0.56 -22.98
C THR B 357 -16.94 0.70 -23.50
N LYS B 358 -15.62 0.80 -23.35
CA LYS B 358 -14.88 1.97 -23.80
C LYS B 358 -14.33 1.82 -25.21
N LEU B 359 -14.54 0.67 -25.87
CA LEU B 359 -14.00 0.49 -27.20
C LEU B 359 -14.53 1.51 -28.18
N ASN B 360 -15.75 2.00 -27.97
CA ASN B 360 -16.34 2.99 -28.86
C ASN B 360 -15.76 4.38 -28.65
N ASP B 361 -14.99 4.60 -27.59
CA ASP B 361 -14.45 5.92 -27.28
C ASP B 361 -12.98 6.07 -27.64
N LEU B 362 -12.41 5.08 -28.33
CA LEU B 362 -10.97 5.05 -28.59
C LEU B 362 -10.70 5.06 -30.08
N CYS B 363 -9.48 5.45 -30.43
CA CYS B 363 -8.98 5.42 -31.79
C CYS B 363 -7.83 4.43 -31.88
N PHE B 364 -7.78 3.66 -32.96
CA PHE B 364 -6.78 2.62 -33.14
C PHE B 364 -6.03 2.86 -34.44
N THR B 365 -4.73 2.59 -34.42
CA THR B 365 -3.89 2.86 -35.59
C THR B 365 -4.27 1.96 -36.76
N ASN B 366 -4.32 0.64 -36.52
CA ASN B 366 -4.61 -0.31 -37.60
C ASN B 366 -5.16 -1.58 -36.94
N VAL B 367 -6.48 -1.78 -37.03
CA VAL B 367 -7.08 -2.95 -36.41
C VAL B 367 -6.87 -4.16 -37.31
N TYR B 368 -6.74 -5.33 -36.70
CA TYR B 368 -6.62 -6.57 -37.47
C TYR B 368 -7.52 -7.63 -36.84
N ALA B 369 -8.34 -8.26 -37.66
CA ALA B 369 -9.27 -9.29 -37.21
C ALA B 369 -8.77 -10.64 -37.69
N ASP B 370 -8.51 -11.55 -36.76
CA ASP B 370 -8.06 -12.90 -37.06
C ASP B 370 -9.21 -13.85 -36.76
N SER B 371 -9.71 -14.53 -37.78
CA SER B 371 -10.89 -15.37 -37.67
C SER B 371 -10.52 -16.83 -37.93
N PHE B 372 -11.11 -17.72 -37.13
CA PHE B 372 -10.95 -19.16 -37.30
C PHE B 372 -12.06 -19.88 -36.56
N VAL B 373 -12.07 -21.20 -36.70
CA VAL B 373 -13.03 -22.08 -36.02
C VAL B 373 -12.24 -23.09 -35.20
N ILE B 374 -12.63 -23.29 -33.95
CA ILE B 374 -12.01 -24.27 -33.07
C ILE B 374 -13.11 -25.05 -32.36
N ARG B 375 -12.69 -25.97 -31.49
CA ARG B 375 -13.63 -26.63 -30.60
C ARG B 375 -13.91 -25.74 -29.39
N GLY B 376 -15.07 -25.97 -28.77
CA GLY B 376 -15.45 -25.16 -27.62
C GLY B 376 -14.49 -25.30 -26.47
N ASP B 377 -14.07 -26.53 -26.17
CA ASP B 377 -13.13 -26.74 -25.07
C ASP B 377 -11.79 -26.06 -25.35
N GLU B 378 -11.45 -25.87 -26.62
CA GLU B 378 -10.22 -25.17 -26.98
C GLU B 378 -10.36 -23.65 -26.96
N VAL B 379 -11.57 -23.13 -26.72
CA VAL B 379 -11.75 -21.68 -26.68
C VAL B 379 -10.90 -21.06 -25.58
N ARG B 380 -10.67 -21.80 -24.50
CA ARG B 380 -9.85 -21.28 -23.40
C ARG B 380 -8.41 -21.05 -23.85
N GLN B 381 -7.95 -21.79 -24.87
CA GLN B 381 -6.57 -21.64 -25.32
C GLN B 381 -6.34 -20.36 -26.12
N ILE B 382 -7.40 -19.64 -26.50
CA ILE B 382 -7.22 -18.37 -27.22
C ILE B 382 -7.11 -17.26 -26.19
N ALA B 383 -5.92 -17.07 -25.66
CA ALA B 383 -5.64 -16.07 -24.63
C ALA B 383 -4.14 -15.93 -24.49
N PRO B 384 -3.66 -14.79 -24.00
CA PRO B 384 -2.21 -14.64 -23.80
C PRO B 384 -1.68 -15.65 -22.80
N GLY B 385 -0.50 -16.19 -23.09
CA GLY B 385 0.17 -17.11 -22.20
C GLY B 385 -0.60 -18.38 -21.89
N GLN B 386 -1.14 -19.03 -22.91
CA GLN B 386 -1.90 -20.26 -22.74
C GLN B 386 -1.17 -21.43 -23.37
N THR B 387 -1.52 -22.63 -22.91
CA THR B 387 -0.90 -23.87 -23.36
C THR B 387 -1.96 -24.79 -23.94
N GLY B 388 -1.63 -25.41 -25.06
CA GLY B 388 -2.55 -26.31 -25.75
C GLY B 388 -2.18 -26.39 -27.21
N ASN B 389 -2.85 -27.32 -27.90
CA ASN B 389 -2.53 -27.55 -29.31
C ASN B 389 -2.80 -26.31 -30.15
N ILE B 390 -3.93 -25.65 -29.91
CA ILE B 390 -4.27 -24.47 -30.69
C ILE B 390 -3.28 -23.35 -30.42
N ALA B 391 -2.96 -23.10 -29.15
CA ALA B 391 -2.03 -22.03 -28.82
C ALA B 391 -0.62 -22.36 -29.29
N ASP B 392 -0.19 -23.61 -29.10
CA ASP B 392 1.20 -23.96 -29.38
C ASP B 392 1.48 -24.07 -30.88
N TYR B 393 0.57 -24.69 -31.64
CA TYR B 393 0.85 -25.05 -33.02
C TYR B 393 -0.05 -24.38 -34.04
N ASN B 394 -1.12 -23.70 -33.62
CA ASN B 394 -2.06 -23.09 -34.57
C ASN B 394 -2.08 -21.57 -34.45
N TYR B 395 -2.36 -21.01 -33.27
CA TYR B 395 -2.56 -19.57 -33.11
C TYR B 395 -2.12 -19.16 -31.72
N LYS B 396 -1.05 -18.38 -31.64
CA LYS B 396 -0.49 -17.94 -30.37
C LYS B 396 -0.70 -16.44 -30.20
N LEU B 397 -1.33 -16.05 -29.08
CA LEU B 397 -1.48 -14.64 -28.78
C LEU B 397 -0.25 -14.14 -28.01
N PRO B 398 0.19 -12.92 -28.27
CA PRO B 398 1.33 -12.38 -27.53
C PRO B 398 0.99 -12.16 -26.07
N ASP B 399 2.04 -12.18 -25.23
CA ASP B 399 1.84 -11.93 -23.80
C ASP B 399 1.33 -10.51 -23.57
N ASP B 400 1.91 -9.53 -24.27
CA ASP B 400 1.45 -8.15 -24.19
C ASP B 400 0.45 -7.87 -25.31
N PHE B 401 -0.65 -8.61 -25.27
CA PHE B 401 -1.69 -8.56 -26.30
C PHE B 401 -2.73 -7.51 -25.92
N THR B 402 -2.96 -6.56 -26.82
CA THR B 402 -3.99 -5.55 -26.65
C THR B 402 -5.07 -5.81 -27.69
N GLY B 403 -6.23 -6.27 -27.24
CA GLY B 403 -7.31 -6.56 -28.16
C GLY B 403 -8.34 -7.46 -27.50
N CYS B 404 -9.36 -7.80 -28.27
CA CYS B 404 -10.50 -8.53 -27.74
C CYS B 404 -10.70 -9.84 -28.50
N VAL B 405 -10.92 -10.92 -27.75
CA VAL B 405 -11.21 -12.23 -28.30
C VAL B 405 -12.70 -12.47 -28.16
N ILE B 406 -13.37 -12.75 -29.29
CA ILE B 406 -14.81 -12.95 -29.34
C ILE B 406 -15.07 -14.34 -29.90
N ALA B 407 -15.73 -15.17 -29.12
CA ALA B 407 -16.03 -16.54 -29.51
C ALA B 407 -17.50 -16.83 -29.30
N TRP B 408 -18.13 -17.44 -30.31
CA TRP B 408 -19.53 -17.79 -30.23
C TRP B 408 -19.76 -19.17 -30.83
N ASN B 409 -20.88 -19.78 -30.46
CA ASN B 409 -21.21 -21.10 -30.96
C ASN B 409 -21.65 -21.04 -32.42
N SER B 410 -21.07 -21.90 -33.25
CA SER B 410 -21.41 -22.00 -34.66
C SER B 410 -21.92 -23.40 -35.01
N ASN B 411 -22.65 -24.02 -34.09
CA ASN B 411 -23.18 -25.36 -34.35
C ASN B 411 -24.13 -25.36 -35.54
N LYS B 412 -24.89 -24.28 -35.73
CA LYS B 412 -25.84 -24.21 -36.82
C LYS B 412 -25.14 -24.22 -38.17
N LEU B 413 -24.01 -23.51 -38.28
CA LEU B 413 -23.36 -23.29 -39.57
C LEU B 413 -22.15 -24.18 -39.81
N ASP B 414 -21.57 -24.79 -38.78
CA ASP B 414 -20.35 -25.56 -38.93
C ASP B 414 -20.48 -27.03 -38.58
N SER B 415 -21.65 -27.47 -38.14
CA SER B 415 -21.87 -28.87 -37.77
C SER B 415 -22.73 -29.55 -38.83
N LYS B 416 -22.30 -30.73 -39.25
CA LYS B 416 -23.04 -31.54 -40.19
C LYS B 416 -23.32 -32.90 -39.55
N VAL B 417 -24.51 -33.45 -39.83
CA VAL B 417 -24.91 -34.70 -39.21
C VAL B 417 -23.93 -35.81 -39.54
N SER B 418 -23.55 -35.92 -40.82
CA SER B 418 -22.52 -36.88 -41.20
C SER B 418 -21.16 -36.48 -40.65
N GLY B 419 -20.93 -35.18 -40.48
CA GLY B 419 -19.67 -34.70 -39.90
C GLY B 419 -18.97 -33.74 -40.85
N ASN B 420 -18.57 -32.60 -40.29
CA ASN B 420 -17.87 -31.56 -41.04
C ASN B 420 -16.37 -31.74 -40.82
N TYR B 421 -15.67 -32.19 -41.86
CA TYR B 421 -14.23 -32.42 -41.81
C TYR B 421 -13.44 -31.31 -42.48
N ASN B 422 -14.10 -30.23 -42.88
CA ASN B 422 -13.40 -29.16 -43.60
C ASN B 422 -12.38 -28.47 -42.70
N TYR B 423 -12.73 -28.22 -41.45
CA TYR B 423 -11.87 -27.47 -40.54
C TYR B 423 -10.73 -28.35 -40.05
N LEU B 424 -9.51 -27.82 -40.13
CA LEU B 424 -8.30 -28.57 -39.80
C LEU B 424 -7.51 -27.83 -38.74
N TYR B 425 -6.75 -28.59 -37.94
CA TYR B 425 -5.84 -28.02 -36.96
C TYR B 425 -4.50 -28.74 -37.04
N ARG B 426 -3.43 -27.99 -36.76
CA ARG B 426 -2.09 -28.58 -36.76
C ARG B 426 -1.85 -29.27 -35.42
N LEU B 427 -1.49 -30.55 -35.49
CA LEU B 427 -1.28 -31.34 -34.28
C LEU B 427 0.19 -31.63 -33.99
N PHE B 428 1.06 -31.55 -34.99
CA PHE B 428 2.48 -31.81 -34.81
C PHE B 428 3.29 -30.68 -35.44
N ARG B 429 4.25 -30.16 -34.69
CA ARG B 429 5.19 -29.16 -35.19
C ARG B 429 6.52 -29.31 -34.47
N LYS B 430 7.59 -28.85 -35.11
CA LYS B 430 8.91 -28.94 -34.50
C LYS B 430 9.04 -28.04 -33.30
N SER B 431 8.62 -26.78 -33.43
CA SER B 431 8.74 -25.79 -32.37
C SER B 431 7.45 -25.00 -32.26
N ASN B 432 7.22 -24.44 -31.07
CA ASN B 432 6.03 -23.64 -30.83
C ASN B 432 6.04 -22.39 -31.69
N LEU B 433 4.88 -22.03 -32.21
CA LEU B 433 4.77 -20.82 -33.03
C LEU B 433 5.04 -19.58 -32.20
N LYS B 434 5.74 -18.62 -32.80
CA LYS B 434 5.86 -17.31 -32.20
C LYS B 434 4.53 -16.58 -32.33
N PRO B 435 4.27 -15.59 -31.47
CA PRO B 435 2.95 -14.93 -31.49
C PRO B 435 2.65 -14.30 -32.84
N PHE B 436 1.39 -14.46 -33.26
CA PHE B 436 0.89 -13.88 -34.52
C PHE B 436 1.68 -14.39 -35.72
N GLU B 437 1.90 -15.70 -35.77
CA GLU B 437 2.58 -16.33 -36.89
C GLU B 437 1.74 -17.49 -37.38
N ARG B 438 1.72 -17.68 -38.70
CA ARG B 438 0.89 -18.69 -39.34
C ARG B 438 1.78 -19.70 -40.05
N ASP B 439 1.55 -20.98 -39.79
CA ASP B 439 2.26 -22.07 -40.45
C ASP B 439 1.27 -22.87 -41.28
N ILE B 440 1.41 -22.81 -42.59
CA ILE B 440 0.55 -23.55 -43.51
C ILE B 440 1.33 -24.65 -44.23
N SER B 441 2.50 -25.01 -43.71
CA SER B 441 3.30 -26.06 -44.32
C SER B 441 2.69 -27.42 -44.05
N THR B 442 2.66 -28.26 -45.09
CA THR B 442 2.08 -29.60 -45.01
C THR B 442 3.14 -30.69 -44.98
N GLU B 443 4.38 -30.34 -44.69
CA GLU B 443 5.45 -31.34 -44.65
C GLU B 443 5.21 -32.33 -43.51
N ILE B 444 5.54 -33.60 -43.76
CA ILE B 444 5.32 -34.64 -42.76
C ILE B 444 6.22 -34.41 -41.57
N TYR B 445 5.67 -34.60 -40.37
CA TYR B 445 6.40 -34.38 -39.13
C TYR B 445 7.24 -35.60 -38.82
N GLN B 446 8.55 -35.40 -38.65
CA GLN B 446 9.49 -36.50 -38.40
C GLN B 446 9.77 -36.55 -36.91
N ALA B 447 8.91 -37.26 -36.17
CA ALA B 447 9.13 -37.43 -34.74
C ALA B 447 10.34 -38.31 -34.47
N GLY B 448 10.52 -39.37 -35.27
CA GLY B 448 11.63 -40.28 -35.08
C GLY B 448 12.86 -39.90 -35.89
N ASN B 449 13.89 -40.72 -35.75
CA ASN B 449 15.13 -40.48 -36.48
C ASN B 449 14.98 -40.79 -37.96
N LYS B 450 14.26 -41.86 -38.28
CA LYS B 450 14.13 -42.26 -39.68
C LYS B 450 13.35 -41.20 -40.46
N PRO B 451 13.73 -40.95 -41.71
CA PRO B 451 13.06 -39.89 -42.48
C PRO B 451 11.61 -40.23 -42.76
N CYS B 452 10.80 -39.17 -42.93
CA CYS B 452 9.38 -39.30 -43.26
C CYS B 452 9.12 -38.50 -44.54
N ASN B 453 9.37 -39.14 -45.69
CA ASN B 453 9.08 -38.52 -46.98
C ASN B 453 7.73 -39.03 -47.49
N GLY B 454 6.69 -38.64 -46.76
CA GLY B 454 5.34 -39.08 -47.06
C GLY B 454 5.03 -40.50 -46.65
N VAL B 455 5.92 -41.15 -45.89
CA VAL B 455 5.72 -42.55 -45.53
C VAL B 455 4.48 -42.71 -44.66
N ALA B 456 4.22 -41.75 -43.78
CA ALA B 456 3.06 -41.76 -42.89
C ALA B 456 3.05 -43.01 -42.01
N GLY B 457 4.23 -43.42 -41.55
CA GLY B 457 4.37 -44.56 -40.66
C GLY B 457 4.36 -44.15 -39.19
N PHE B 458 4.89 -45.03 -38.35
CA PHE B 458 5.04 -44.71 -36.94
C PHE B 458 6.06 -43.60 -36.78
N ASN B 459 5.75 -42.63 -35.91
CA ASN B 459 6.51 -41.40 -35.71
C ASN B 459 6.51 -40.52 -36.95
N CYS B 460 5.79 -40.88 -38.01
CA CYS B 460 5.72 -40.11 -39.24
C CYS B 460 4.26 -39.80 -39.51
N TYR B 461 3.83 -38.59 -39.20
CA TYR B 461 2.42 -38.24 -39.27
C TYR B 461 2.23 -36.95 -40.05
N PHE B 462 1.09 -36.87 -40.72
CA PHE B 462 0.66 -35.64 -41.36
C PHE B 462 0.28 -34.62 -40.28
N PRO B 463 0.87 -33.42 -40.29
CA PRO B 463 0.62 -32.48 -39.18
C PRO B 463 -0.85 -32.08 -39.00
N LEU B 464 -1.60 -31.93 -40.09
CA LEU B 464 -2.97 -31.44 -39.98
C LEU B 464 -3.95 -32.58 -39.71
N ARG B 465 -4.97 -32.29 -38.92
CA ARG B 465 -5.99 -33.25 -38.55
C ARG B 465 -7.36 -32.58 -38.59
N SER B 466 -8.38 -33.35 -38.95
CA SER B 466 -9.73 -32.83 -39.07
C SER B 466 -10.41 -32.74 -37.71
N TYR B 467 -11.52 -32.00 -37.67
CA TYR B 467 -12.26 -31.75 -36.44
C TYR B 467 -13.49 -32.63 -36.30
N SER B 468 -14.20 -32.92 -37.39
CA SER B 468 -15.39 -33.75 -37.38
C SER B 468 -16.45 -33.21 -36.43
N PHE B 469 -16.94 -32.01 -36.75
CA PHE B 469 -18.01 -31.40 -35.98
C PHE B 469 -19.35 -32.06 -36.32
N ARG B 470 -20.12 -32.40 -35.29
CA ARG B 470 -21.45 -32.96 -35.47
C ARG B 470 -22.43 -32.27 -34.52
N PRO B 471 -23.68 -32.07 -34.96
CA PRO B 471 -24.65 -31.40 -34.08
C PRO B 471 -24.94 -32.18 -32.81
N THR B 472 -24.85 -33.52 -32.87
CA THR B 472 -25.26 -34.34 -31.74
C THR B 472 -24.32 -34.19 -30.55
N TYR B 473 -23.04 -33.94 -30.81
CA TYR B 473 -22.05 -33.84 -29.74
C TYR B 473 -22.38 -32.68 -28.80
N GLY B 474 -21.78 -32.71 -27.62
CA GLY B 474 -22.03 -31.70 -26.62
C GLY B 474 -21.41 -30.37 -26.98
N VAL B 475 -21.71 -29.38 -26.15
CA VAL B 475 -21.25 -28.01 -26.40
C VAL B 475 -19.72 -27.95 -26.44
N GLY B 476 -19.06 -28.75 -25.60
CA GLY B 476 -17.61 -28.75 -25.60
C GLY B 476 -17.03 -29.20 -26.93
N HIS B 477 -17.68 -30.14 -27.60
CA HIS B 477 -17.24 -30.61 -28.91
C HIS B 477 -17.87 -29.84 -30.07
N GLN B 478 -18.84 -28.98 -29.81
CA GLN B 478 -19.45 -28.20 -30.88
C GLN B 478 -18.49 -27.12 -31.37
N PRO B 479 -18.53 -26.80 -32.66
CA PRO B 479 -17.61 -25.78 -33.20
C PRO B 479 -17.91 -24.40 -32.64
N TYR B 480 -16.86 -23.62 -32.45
CA TYR B 480 -16.95 -22.24 -32.02
C TYR B 480 -16.16 -21.36 -32.98
N ARG B 481 -16.79 -20.28 -33.43
CA ARG B 481 -16.13 -19.31 -34.29
C ARG B 481 -15.50 -18.24 -33.42
N VAL B 482 -14.23 -17.94 -33.68
CA VAL B 482 -13.43 -17.02 -32.88
C VAL B 482 -12.86 -15.93 -33.79
N VAL B 483 -13.10 -14.68 -33.41
CA VAL B 483 -12.49 -13.52 -34.03
C VAL B 483 -11.67 -12.80 -32.97
N VAL B 484 -10.38 -12.63 -33.23
CA VAL B 484 -9.48 -11.91 -32.34
C VAL B 484 -9.17 -10.56 -32.99
N LEU B 485 -9.60 -9.48 -32.35
CA LEU B 485 -9.31 -8.13 -32.80
C LEU B 485 -8.07 -7.64 -32.08
N SER B 486 -7.03 -7.31 -32.83
CA SER B 486 -5.78 -6.80 -32.29
C SER B 486 -5.58 -5.39 -32.83
N PHE B 487 -5.38 -4.44 -31.91
CA PHE B 487 -5.20 -3.04 -32.26
C PHE B 487 -4.08 -2.44 -31.44
N GLU B 488 -3.49 -1.39 -31.99
CA GLU B 488 -2.37 -0.69 -31.37
C GLU B 488 -2.87 0.62 -30.78
N LEU B 489 -2.79 0.75 -29.45
CA LEU B 489 -3.42 1.87 -28.77
C LEU B 489 -2.54 3.10 -28.65
N LEU B 490 -1.21 2.96 -28.73
CA LEU B 490 -0.35 4.13 -28.62
C LEU B 490 -0.67 5.08 -29.75
N HIS B 491 -0.87 6.35 -29.41
CA HIS B 491 -1.43 7.30 -30.35
C HIS B 491 -0.52 7.48 -31.56
N ALA B 492 -1.12 7.60 -32.73
CA ALA B 492 -0.47 7.66 -34.02
C ALA B 492 -1.51 8.13 -35.02
N PRO B 493 -1.17 8.34 -36.29
CA PRO B 493 -2.22 8.56 -37.28
C PRO B 493 -3.22 7.41 -37.25
N ALA B 494 -4.44 7.71 -36.78
CA ALA B 494 -5.43 6.70 -36.44
C ALA B 494 -6.39 6.52 -37.60
N THR B 495 -6.25 5.39 -38.29
CA THR B 495 -7.18 5.06 -39.37
C THR B 495 -8.55 4.66 -38.84
N VAL B 496 -8.57 3.95 -37.72
CA VAL B 496 -9.81 3.44 -37.13
C VAL B 496 -10.16 4.25 -35.90
N CYS B 497 -11.37 4.79 -35.87
CA CYS B 497 -11.85 5.56 -34.74
C CYS B 497 -13.31 5.20 -34.46
N GLY B 498 -13.74 5.48 -33.25
CA GLY B 498 -15.11 5.21 -32.87
C GLY B 498 -16.07 6.22 -33.44
N PRO B 499 -17.36 5.96 -33.23
CA PRO B 499 -18.38 6.89 -33.74
C PRO B 499 -18.54 8.11 -32.85
N LYS B 500 -17.65 9.09 -33.00
CA LYS B 500 -17.68 10.31 -32.23
C LYS B 500 -17.82 11.50 -33.19
N LYS B 501 -18.75 12.38 -32.89
CA LYS B 501 -19.03 13.54 -33.74
C LYS B 501 -18.09 14.67 -33.35
N SER B 502 -17.24 15.09 -34.29
CA SER B 502 -16.24 16.12 -34.01
C SER B 502 -16.91 17.48 -33.88
N THR B 503 -16.44 18.27 -32.93
CA THR B 503 -16.88 19.65 -32.77
C THR B 503 -15.90 20.56 -33.52
N ASN B 504 -16.13 21.87 -33.42
CA ASN B 504 -15.25 22.84 -34.05
C ASN B 504 -13.98 23.02 -33.23
N LEU B 505 -12.90 23.40 -33.92
CA LEU B 505 -11.61 23.61 -33.27
C LEU B 505 -11.52 25.05 -32.79
N VAL B 506 -11.41 25.23 -31.48
CA VAL B 506 -11.37 26.55 -30.85
C VAL B 506 -10.00 26.72 -30.20
N LYS B 507 -9.32 27.81 -30.55
CA LYS B 507 -7.96 28.07 -30.08
C LYS B 507 -7.92 29.25 -29.10
N ASN B 508 -6.81 29.33 -28.37
CA ASN B 508 -6.49 30.41 -27.45
C ASN B 508 -7.45 30.49 -26.26
N LYS B 509 -8.13 29.40 -25.93
CA LYS B 509 -9.00 29.37 -24.78
C LYS B 509 -8.78 28.06 -24.02
N CYS B 510 -8.96 28.12 -22.70
CA CYS B 510 -8.85 26.91 -21.89
C CYS B 510 -10.09 26.05 -22.12
N VAL B 511 -9.88 24.89 -22.73
CA VAL B 511 -10.96 23.99 -23.11
C VAL B 511 -10.55 22.57 -22.74
N ASN B 512 -11.56 21.74 -22.48
CA ASN B 512 -11.37 20.30 -22.55
C ASN B 512 -11.23 19.91 -24.00
N PHE B 513 -10.34 18.97 -24.30
CA PHE B 513 -10.12 18.54 -25.67
C PHE B 513 -10.00 17.03 -25.74
N ASN B 514 -10.45 16.48 -26.86
CA ASN B 514 -10.38 15.05 -27.14
C ASN B 514 -9.93 14.90 -28.59
N PHE B 515 -8.62 14.69 -28.78
CA PHE B 515 -8.03 14.50 -30.10
C PHE B 515 -7.78 13.01 -30.30
N ASN B 516 -8.65 12.37 -31.09
CA ASN B 516 -8.49 10.95 -31.44
C ASN B 516 -8.34 10.07 -30.20
N GLY B 517 -9.14 10.35 -29.18
CA GLY B 517 -9.08 9.61 -27.94
C GLY B 517 -8.16 10.17 -26.89
N LEU B 518 -7.28 11.11 -27.27
CA LEU B 518 -6.40 11.77 -26.32
C LEU B 518 -7.17 12.89 -25.63
N LYS B 519 -7.44 12.72 -24.34
CA LYS B 519 -8.26 13.65 -23.59
C LYS B 519 -7.40 14.48 -22.66
N GLY B 520 -7.72 15.76 -22.56
CA GLY B 520 -6.98 16.65 -21.68
C GLY B 520 -7.71 17.95 -21.49
N THR B 521 -7.10 18.83 -20.69
CA THR B 521 -7.59 20.18 -20.47
C THR B 521 -6.44 21.16 -20.69
N GLY B 522 -6.67 22.16 -21.53
CA GLY B 522 -5.61 23.11 -21.80
C GLY B 522 -6.03 24.13 -22.82
N VAL B 523 -5.11 25.02 -23.13
CA VAL B 523 -5.25 26.01 -24.18
C VAL B 523 -4.55 25.48 -25.42
N LEU B 524 -5.30 25.39 -26.51
CA LEU B 524 -4.74 25.01 -27.80
C LEU B 524 -4.36 26.27 -28.57
N THR B 525 -3.15 26.31 -29.08
CA THR B 525 -2.69 27.47 -29.83
C THR B 525 -1.93 27.00 -31.07
N GLU B 526 -1.80 27.89 -32.05
CA GLU B 526 -1.05 27.57 -33.24
C GLU B 526 0.42 27.31 -32.88
N SER B 527 0.98 26.26 -33.48
CA SER B 527 2.32 25.81 -33.13
C SER B 527 3.23 25.87 -34.35
N ASN B 528 4.48 26.25 -34.11
CA ASN B 528 5.50 26.29 -35.14
C ASN B 528 6.26 24.99 -35.26
N LYS B 529 5.97 24.01 -34.41
CA LYS B 529 6.61 22.71 -34.50
C LYS B 529 6.28 22.05 -35.83
N LYS B 530 7.30 21.50 -36.48
CA LYS B 530 7.15 20.84 -37.77
C LYS B 530 7.13 19.33 -37.56
N PHE B 531 6.00 18.71 -37.86
CA PHE B 531 5.80 17.28 -37.63
C PHE B 531 6.04 16.51 -38.92
N LEU B 532 6.78 15.42 -38.81
CA LEU B 532 6.90 14.49 -39.92
C LEU B 532 5.58 13.75 -40.12
N PRO B 533 5.32 13.25 -41.33
CA PRO B 533 4.00 12.67 -41.61
C PRO B 533 3.58 11.56 -40.65
N PHE B 534 4.52 10.71 -40.22
CA PHE B 534 4.16 9.67 -39.26
C PHE B 534 3.93 10.24 -37.87
N GLN B 535 4.49 11.41 -37.58
CA GLN B 535 4.33 12.04 -36.28
C GLN B 535 2.96 12.69 -36.17
N GLN B 536 2.18 12.28 -35.17
CA GLN B 536 0.84 12.81 -34.98
C GLN B 536 0.70 13.63 -33.70
N PHE B 537 1.64 13.50 -32.75
CA PHE B 537 1.64 14.33 -31.57
C PHE B 537 3.08 14.49 -31.10
N GLY B 538 3.29 15.45 -30.20
CA GLY B 538 4.59 15.68 -29.62
C GLY B 538 4.54 15.55 -28.11
N ARG B 539 5.65 15.08 -27.53
CA ARG B 539 5.76 14.87 -26.10
C ARG B 539 6.88 15.72 -25.52
N ASP B 540 6.70 16.13 -24.27
CA ASP B 540 7.74 16.86 -23.55
C ASP B 540 8.59 15.86 -22.75
N ILE B 541 9.49 16.38 -21.91
CA ILE B 541 10.41 15.53 -21.19
C ILE B 541 9.71 14.65 -20.16
N ALA B 542 8.47 14.99 -19.78
CA ALA B 542 7.68 14.18 -18.88
C ALA B 542 6.77 13.20 -19.60
N ASP B 543 6.99 13.01 -20.90
CA ASP B 543 6.15 12.15 -21.74
C ASP B 543 4.69 12.60 -21.70
N THR B 544 4.48 13.90 -21.61
CA THR B 544 3.16 14.50 -21.66
C THR B 544 2.98 15.15 -23.02
N THR B 545 1.81 14.96 -23.62
CA THR B 545 1.55 15.53 -24.93
C THR B 545 1.52 17.05 -24.85
N ASP B 546 2.49 17.69 -25.49
CA ASP B 546 2.54 19.14 -25.55
C ASP B 546 2.23 19.69 -26.93
N ALA B 547 2.20 18.85 -27.97
CA ALA B 547 1.77 19.26 -29.28
C ALA B 547 0.96 18.12 -29.90
N VAL B 548 -0.03 18.49 -30.70
CA VAL B 548 -0.93 17.53 -31.32
C VAL B 548 -1.18 17.97 -32.76
N ARG B 549 -1.61 17.04 -33.59
CA ARG B 549 -2.00 17.34 -34.97
C ARG B 549 -3.50 17.12 -35.12
N ASP B 550 -4.18 18.12 -35.65
CA ASP B 550 -5.62 18.04 -35.80
C ASP B 550 -5.98 16.96 -36.81
N PRO B 551 -6.87 16.03 -36.47
CA PRO B 551 -7.21 14.97 -37.43
C PRO B 551 -7.83 15.48 -38.72
N GLN B 552 -8.63 16.55 -38.67
CA GLN B 552 -9.23 17.08 -39.89
C GLN B 552 -8.25 17.93 -40.68
N THR B 553 -7.76 19.01 -40.08
CA THR B 553 -7.00 20.02 -40.79
C THR B 553 -5.50 19.75 -40.84
N LEU B 554 -5.02 18.73 -40.14
CA LEU B 554 -3.59 18.39 -40.10
C LEU B 554 -2.75 19.58 -39.64
N GLU B 555 -3.27 20.33 -38.67
CA GLU B 555 -2.63 21.52 -38.15
C GLU B 555 -1.98 21.22 -36.80
N ILE B 556 -0.74 21.67 -36.63
CA ILE B 556 -0.02 21.44 -35.38
C ILE B 556 -0.47 22.46 -34.35
N LEU B 557 -0.83 21.97 -33.16
CA LEU B 557 -1.35 22.79 -32.08
C LEU B 557 -0.56 22.51 -30.82
N ASP B 558 -0.03 23.58 -30.23
CA ASP B 558 0.58 23.50 -28.91
C ASP B 558 -0.49 23.45 -27.84
N ILE B 559 -0.27 22.62 -26.82
CA ILE B 559 -1.18 22.44 -25.70
C ILE B 559 -0.49 23.01 -24.46
N THR B 560 -1.09 24.03 -23.86
CA THR B 560 -0.55 24.62 -22.65
C THR B 560 -1.53 24.44 -21.51
N PRO B 561 -1.07 24.02 -20.32
CA PRO B 561 -1.99 23.87 -19.20
C PRO B 561 -2.70 25.18 -18.89
N CYS B 562 -3.98 25.09 -18.55
CA CYS B 562 -4.75 26.27 -18.19
C CYS B 562 -4.10 26.94 -16.98
N SER B 563 -4.15 28.28 -16.96
CA SER B 563 -3.41 29.05 -15.99
C SER B 563 -3.76 28.64 -14.57
N PHE B 564 -2.73 28.42 -13.75
CA PHE B 564 -2.90 28.03 -12.36
C PHE B 564 -1.78 28.62 -11.53
N GLY B 565 -2.00 28.63 -10.23
CA GLY B 565 -1.02 29.16 -9.30
C GLY B 565 -1.48 28.96 -7.88
N GLY B 566 -0.63 29.39 -6.94
CA GLY B 566 -1.01 29.38 -5.55
C GLY B 566 -1.77 30.63 -5.15
N VAL B 567 -2.54 30.51 -4.07
CA VAL B 567 -3.29 31.63 -3.52
C VAL B 567 -2.85 31.82 -2.08
N SER B 568 -2.41 33.03 -1.76
CA SER B 568 -1.95 33.39 -0.42
C SER B 568 -2.84 34.48 0.13
N VAL B 569 -3.22 34.37 1.39
CA VAL B 569 -4.10 35.34 2.03
C VAL B 569 -3.29 36.13 3.05
N ILE B 570 -3.14 37.42 2.79
CA ILE B 570 -2.48 38.35 3.71
C ILE B 570 -3.55 38.90 4.65
N THR B 571 -3.41 38.62 5.94
CA THR B 571 -4.38 39.06 6.92
C THR B 571 -3.70 39.84 8.03
N PRO B 572 -4.26 40.98 8.46
CA PRO B 572 -3.74 41.66 9.64
C PRO B 572 -3.98 40.90 10.93
N GLY B 573 -4.85 39.89 10.91
CA GLY B 573 -5.25 39.20 12.11
C GLY B 573 -6.73 39.41 12.38
N THR B 574 -7.44 38.33 12.73
CA THR B 574 -8.88 38.45 12.94
C THR B 574 -9.20 39.37 14.09
N ASN B 575 -8.31 39.46 15.08
CA ASN B 575 -8.50 40.42 16.16
C ASN B 575 -8.46 41.84 15.63
N THR B 576 -7.51 42.13 14.74
CA THR B 576 -7.36 43.49 14.24
C THR B 576 -8.48 43.85 13.25
N SER B 577 -8.75 42.97 12.29
CA SER B 577 -9.74 43.27 11.26
C SER B 577 -10.06 41.99 10.50
N ASN B 578 -11.19 42.01 9.79
CA ASN B 578 -11.58 40.93 8.91
C ASN B 578 -11.19 41.18 7.46
N GLN B 579 -10.56 42.32 7.17
CA GLN B 579 -10.07 42.59 5.83
C GLN B 579 -8.91 41.65 5.49
N VAL B 580 -8.83 41.28 4.22
CA VAL B 580 -7.75 40.43 3.72
C VAL B 580 -7.29 40.94 2.37
N ALA B 581 -6.09 40.53 1.98
CA ALA B 581 -5.58 40.73 0.63
C ALA B 581 -5.23 39.37 0.06
N VAL B 582 -5.34 39.23 -1.26
CA VAL B 582 -5.14 37.95 -1.93
C VAL B 582 -4.00 38.10 -2.92
N LEU B 583 -2.99 37.25 -2.78
CA LEU B 583 -1.88 37.17 -3.72
C LEU B 583 -2.06 35.92 -4.57
N TYR B 584 -2.18 36.11 -5.88
CA TYR B 584 -2.17 35.02 -6.84
C TYR B 584 -0.74 34.90 -7.33
N GLN B 585 -0.06 33.83 -6.92
CA GLN B 585 1.37 33.70 -7.10
C GLN B 585 1.68 33.23 -8.52
N GLY B 586 2.68 33.87 -9.14
CA GLY B 586 3.05 33.51 -10.49
C GLY B 586 2.02 33.78 -11.55
N VAL B 587 1.00 34.57 -11.23
CA VAL B 587 -0.12 34.83 -12.13
C VAL B 587 -0.10 36.31 -12.49
N ASN B 588 -0.14 36.59 -13.80
CA ASN B 588 -0.29 37.95 -14.25
C ASN B 588 -1.68 38.47 -13.92
N CYS B 589 -1.77 39.77 -13.66
CA CYS B 589 -3.04 40.34 -13.20
C CYS B 589 -4.12 40.24 -14.27
N THR B 590 -3.73 40.06 -15.52
CA THR B 590 -4.72 39.87 -16.58
C THR B 590 -5.43 38.53 -16.43
N GLU B 591 -4.69 37.48 -16.07
CA GLU B 591 -5.27 36.14 -16.05
C GLU B 591 -6.28 35.96 -14.92
N VAL B 592 -6.04 36.57 -13.78
CA VAL B 592 -6.93 36.42 -12.63
C VAL B 592 -8.28 37.06 -12.91
N GLN B 600 -14.17 29.97 -15.73
CA GLN B 600 -14.40 29.85 -14.30
C GLN B 600 -13.08 29.70 -13.55
N LEU B 601 -13.13 29.85 -12.23
CA LEU B 601 -11.96 29.78 -11.39
C LEU B 601 -12.20 28.77 -10.27
N THR B 602 -11.14 28.05 -9.89
CA THR B 602 -11.23 27.08 -8.80
C THR B 602 -11.59 27.73 -7.48
N PRO B 603 -11.01 28.89 -7.11
CA PRO B 603 -11.53 29.59 -5.93
C PRO B 603 -12.96 30.03 -6.16
N THR B 604 -13.88 29.42 -5.40
CA THR B 604 -15.31 29.66 -5.64
C THR B 604 -15.70 31.07 -5.24
N TRP B 605 -15.08 31.62 -4.20
CA TRP B 605 -15.39 32.99 -3.78
C TRP B 605 -15.15 33.98 -4.90
N ARG B 606 -13.89 34.11 -5.34
CA ARG B 606 -13.47 34.99 -6.44
C ARG B 606 -14.07 36.39 -6.33
N VAL B 607 -14.46 36.81 -5.12
CA VAL B 607 -15.01 38.15 -4.94
C VAL B 607 -13.93 39.20 -5.11
N TYR B 608 -12.76 38.97 -4.52
CA TYR B 608 -11.66 39.93 -4.63
C TYR B 608 -11.15 40.01 -6.05
N SER B 609 -11.25 38.93 -6.81
CA SER B 609 -10.78 38.92 -8.19
C SER B 609 -11.49 40.01 -8.99
N THR B 610 -10.72 40.71 -9.83
CA THR B 610 -11.18 41.91 -10.53
C THR B 610 -11.70 42.96 -9.55
N GLY B 611 -10.99 43.14 -8.43
CA GLY B 611 -11.40 44.06 -7.41
C GLY B 611 -10.89 45.48 -7.65
N SER B 612 -11.18 46.35 -6.68
CA SER B 612 -10.79 47.75 -6.78
C SER B 612 -9.28 47.91 -6.84
N ASN B 613 -8.56 47.31 -5.90
CA ASN B 613 -7.12 47.47 -5.78
C ASN B 613 -6.41 46.26 -6.38
N VAL B 614 -5.66 46.49 -7.45
CA VAL B 614 -4.91 45.45 -8.13
C VAL B 614 -3.49 45.96 -8.38
N PHE B 615 -2.49 45.19 -7.97
CA PHE B 615 -1.10 45.60 -8.12
C PHE B 615 -0.26 44.40 -8.52
N GLN B 616 0.60 44.58 -9.52
CA GLN B 616 1.43 43.50 -10.01
C GLN B 616 2.76 43.47 -9.27
N THR B 617 3.07 42.31 -8.69
CA THR B 617 4.35 42.06 -8.05
C THR B 617 5.05 40.91 -8.75
N ARG B 618 6.36 40.81 -8.53
CA ARG B 618 7.10 39.65 -9.04
C ARG B 618 6.62 38.37 -8.37
N ALA B 619 6.14 38.47 -7.13
CA ALA B 619 5.54 37.31 -6.48
C ALA B 619 4.24 36.91 -7.16
N GLY B 620 3.48 37.89 -7.64
CA GLY B 620 2.23 37.61 -8.31
C GLY B 620 1.37 38.86 -8.35
N CYS B 621 0.06 38.63 -8.49
CA CYS B 621 -0.92 39.70 -8.52
C CYS B 621 -1.55 39.84 -7.13
N LEU B 622 -1.45 41.04 -6.56
CA LEU B 622 -1.94 41.30 -5.22
C LEU B 622 -3.20 42.16 -5.33
N ILE B 623 -4.29 41.67 -4.74
CA ILE B 623 -5.60 42.31 -4.82
C ILE B 623 -6.09 42.60 -3.42
N GLY B 624 -6.58 43.81 -3.20
CA GLY B 624 -7.07 44.21 -1.89
C GLY B 624 -6.08 45.00 -1.06
N ALA B 625 -4.86 45.21 -1.56
CA ALA B 625 -3.87 46.04 -0.91
C ALA B 625 -3.43 47.13 -1.86
N GLU B 626 -3.43 48.37 -1.39
CA GLU B 626 -3.15 49.53 -2.22
C GLU B 626 -1.70 49.94 -2.02
N TYR B 627 -0.95 49.98 -3.11
CA TYR B 627 0.48 50.27 -3.04
C TYR B 627 0.71 51.72 -2.64
N VAL B 628 1.65 51.94 -1.72
CA VAL B 628 1.99 53.26 -1.24
C VAL B 628 3.46 53.52 -1.51
N ASN B 629 3.78 54.76 -1.89
CA ASN B 629 5.17 55.12 -2.17
C ASN B 629 6.01 55.16 -0.89
N ASN B 630 5.37 55.31 0.26
CA ASN B 630 6.09 55.29 1.52
C ASN B 630 6.69 53.91 1.77
N SER B 631 7.85 53.89 2.45
CA SER B 631 8.56 52.66 2.76
C SER B 631 8.58 52.47 4.26
N TYR B 632 8.28 51.25 4.71
CA TYR B 632 8.23 50.92 6.12
C TYR B 632 9.03 49.64 6.37
N GLU B 633 9.30 49.38 7.65
CA GLU B 633 9.85 48.10 8.04
C GLU B 633 8.85 47.00 7.74
N CYS B 634 9.33 45.87 7.24
CA CYS B 634 8.44 44.81 6.76
C CYS B 634 7.54 44.30 7.88
N ASP B 635 6.25 44.21 7.59
CA ASP B 635 5.27 43.68 8.52
C ASP B 635 4.80 42.29 8.10
N ILE B 636 4.29 42.16 6.88
CA ILE B 636 3.93 40.88 6.30
C ILE B 636 4.70 40.73 4.99
N PRO B 637 5.66 39.82 4.89
CA PRO B 637 6.46 39.70 3.67
C PRO B 637 5.65 39.14 2.52
N ILE B 638 5.64 39.87 1.41
CA ILE B 638 5.04 39.38 0.18
C ILE B 638 6.09 38.87 -0.80
N GLY B 639 7.21 39.55 -0.95
CA GLY B 639 8.26 39.08 -1.82
C GLY B 639 8.77 40.14 -2.78
N ALA B 640 9.99 39.94 -3.30
CA ALA B 640 10.62 40.86 -4.24
C ALA B 640 10.69 42.27 -3.66
N GLY B 641 10.97 42.36 -2.36
CA GLY B 641 11.05 43.64 -1.69
C GLY B 641 9.72 44.27 -1.34
N ILE B 642 8.62 43.58 -1.54
CA ILE B 642 7.28 44.11 -1.29
C ILE B 642 6.73 43.48 -0.03
N CYS B 643 6.22 44.30 0.87
CA CYS B 643 5.64 43.87 2.13
C CYS B 643 4.26 44.51 2.29
N ALA B 644 3.44 43.92 3.15
CA ALA B 644 2.09 44.40 3.39
C ALA B 644 1.89 44.69 4.88
N SER B 645 1.03 45.67 5.16
CA SER B 645 0.73 46.03 6.54
C SER B 645 -0.66 46.65 6.61
N TYR B 646 -1.29 46.50 7.77
CA TYR B 646 -2.58 47.13 8.04
C TYR B 646 -2.32 48.50 8.62
N GLN B 647 -2.51 49.55 7.82
CA GLN B 647 -2.14 50.89 8.23
C GLN B 647 -3.21 51.88 7.82
N THR B 648 -3.17 53.05 8.45
CA THR B 648 -4.11 54.12 8.15
C THR B 648 -3.71 54.85 6.87
N GLN B 649 -4.67 55.08 5.99
CA GLN B 649 -4.47 55.91 4.82
C GLN B 649 -5.77 56.63 4.43
N ALA B 660 -9.52 59.02 8.38
CA ALA B 660 -8.36 58.20 8.69
C ALA B 660 -8.73 56.73 8.74
N SER B 661 -9.09 56.17 7.59
CA SER B 661 -9.47 54.76 7.51
C SER B 661 -8.23 53.87 7.62
N GLN B 662 -8.47 52.62 8.01
CA GLN B 662 -7.42 51.62 8.13
C GLN B 662 -7.64 50.57 7.05
N SER B 663 -6.60 50.34 6.23
CA SER B 663 -6.68 49.37 5.15
C SER B 663 -5.35 48.65 5.02
N ILE B 664 -5.36 47.57 4.25
CA ILE B 664 -4.14 46.85 3.93
C ILE B 664 -3.40 47.60 2.83
N ILE B 665 -2.12 47.89 3.08
CA ILE B 665 -1.29 48.63 2.14
C ILE B 665 -0.09 47.77 1.78
N ALA B 666 0.36 47.91 0.54
CA ALA B 666 1.57 47.27 0.06
C ALA B 666 2.64 48.35 -0.15
N TYR B 667 3.88 48.02 0.19
CA TYR B 667 4.95 48.98 0.09
C TYR B 667 6.26 48.26 -0.20
N THR B 668 7.25 49.02 -0.63
CA THR B 668 8.61 48.51 -0.73
C THR B 668 9.27 48.60 0.64
N MET B 669 9.75 47.47 1.13
CA MET B 669 10.29 47.41 2.49
C MET B 669 11.51 48.32 2.60
N SER B 670 11.62 48.98 3.75
CA SER B 670 12.74 49.86 4.03
C SER B 670 13.86 49.08 4.71
N LEU B 671 15.07 49.19 4.18
CA LEU B 671 16.20 48.48 4.77
C LEU B 671 16.60 49.09 6.10
N GLY B 672 16.39 50.38 6.27
CA GLY B 672 16.74 51.04 7.52
C GLY B 672 16.75 52.55 7.34
N ALA B 673 17.40 53.22 8.27
CA ALA B 673 17.52 54.67 8.24
C ALA B 673 18.87 55.07 7.67
N GLU B 674 18.84 56.01 6.73
CA GLU B 674 20.08 56.45 6.08
C GLU B 674 20.94 57.23 7.06
N ASN B 675 22.25 57.03 6.95
CA ASN B 675 23.23 57.71 7.78
C ASN B 675 24.48 57.96 6.97
N SER B 676 25.14 59.10 7.21
CA SER B 676 26.38 59.44 6.53
C SER B 676 27.42 59.77 7.59
N VAL B 677 28.44 58.93 7.69
CA VAL B 677 29.51 59.18 8.65
C VAL B 677 30.39 60.31 8.15
N ALA B 678 30.73 61.24 9.04
CA ALA B 678 31.50 62.42 8.68
C ALA B 678 32.99 62.07 8.59
N TYR B 679 33.32 61.34 7.53
CA TYR B 679 34.70 60.94 7.31
C TYR B 679 35.54 62.15 6.91
N SER B 680 36.78 62.20 7.40
CA SER B 680 37.72 63.26 7.06
C SER B 680 39.15 62.71 7.18
N ASN B 681 40.10 63.48 6.64
CA ASN B 681 41.50 63.13 6.79
C ASN B 681 41.95 63.17 8.24
N ASN B 682 41.27 63.94 9.08
CA ASN B 682 41.83 64.36 10.35
C ASN B 682 40.79 64.38 11.48
N SER B 683 39.62 63.79 11.28
CA SER B 683 38.54 63.88 12.24
C SER B 683 38.25 62.51 12.83
N ILE B 684 38.11 62.47 14.15
CA ILE B 684 37.81 61.25 14.88
C ILE B 684 36.61 61.52 15.80
N ALA B 685 35.85 60.47 16.10
CA ALA B 685 34.76 60.55 17.06
C ALA B 685 35.15 59.72 18.27
N ILE B 686 35.20 60.35 19.43
CA ILE B 686 35.60 59.69 20.68
C ILE B 686 34.41 59.68 21.63
N PRO B 687 34.01 58.52 22.15
CA PRO B 687 32.89 58.48 23.08
C PRO B 687 33.24 59.16 24.39
N THR B 688 32.32 59.99 24.88
CA THR B 688 32.47 60.63 26.17
C THR B 688 31.65 59.97 27.27
N ASN B 689 30.85 58.97 26.94
CA ASN B 689 30.02 58.29 27.92
C ASN B 689 29.78 56.85 27.45
N PHE B 690 29.06 56.09 28.27
CA PHE B 690 28.80 54.71 27.95
C PHE B 690 27.43 54.31 28.48
N THR B 691 26.92 53.21 27.93
CA THR B 691 25.68 52.60 28.38
C THR B 691 25.96 51.13 28.67
N ILE B 692 25.52 50.67 29.83
CA ILE B 692 25.56 49.25 30.17
C ILE B 692 24.29 48.62 29.64
N SER B 693 24.42 47.87 28.55
CA SER B 693 23.27 47.32 27.84
C SER B 693 23.15 45.84 28.13
N VAL B 694 21.98 45.41 28.60
CA VAL B 694 21.70 44.00 28.82
C VAL B 694 20.70 43.56 27.77
N THR B 695 21.08 42.55 26.98
CA THR B 695 20.22 42.02 25.93
C THR B 695 19.99 40.54 26.20
N THR B 696 18.97 39.98 25.56
CA THR B 696 18.62 38.58 25.76
C THR B 696 18.85 37.80 24.47
N GLU B 697 19.38 36.59 24.61
CA GLU B 697 19.48 35.65 23.50
C GLU B 697 18.80 34.36 23.92
N ILE B 698 17.83 33.91 23.12
CA ILE B 698 17.04 32.72 23.42
C ILE B 698 17.56 31.61 22.53
N LEU B 699 17.94 30.48 23.13
CA LEU B 699 18.47 29.37 22.37
C LEU B 699 17.80 28.07 22.79
N PRO B 700 17.10 27.38 21.89
CA PRO B 700 16.58 26.04 22.23
C PRO B 700 17.72 25.05 22.34
N VAL B 701 17.70 24.25 23.40
CA VAL B 701 18.74 23.26 23.63
C VAL B 701 18.23 21.84 23.47
N SER B 702 16.93 21.59 23.65
CA SER B 702 16.40 20.24 23.53
C SER B 702 14.97 20.33 23.01
N MET B 703 14.51 19.21 22.46
CA MET B 703 13.14 19.07 22.02
C MET B 703 12.45 17.97 22.82
N THR B 704 11.15 17.83 22.62
CA THR B 704 10.40 16.78 23.30
C THR B 704 10.88 15.41 22.84
N LYS B 705 11.06 14.52 23.81
CA LYS B 705 11.47 13.15 23.53
C LYS B 705 10.22 12.30 23.31
N THR B 706 10.11 11.70 22.13
CA THR B 706 8.92 10.93 21.78
C THR B 706 9.28 9.48 21.50
N SER B 707 8.35 8.59 21.83
CA SER B 707 8.45 7.17 21.54
C SER B 707 7.17 6.71 20.84
N VAL B 708 7.33 5.78 19.91
CA VAL B 708 6.26 5.38 18.99
C VAL B 708 6.14 3.87 19.01
N ASP B 709 4.90 3.38 19.05
CA ASP B 709 4.58 1.96 18.95
C ASP B 709 4.01 1.67 17.57
N CYS B 710 4.74 0.91 16.74
CA CYS B 710 4.14 0.43 15.50
C CYS B 710 2.94 -0.47 15.77
N THR B 711 3.07 -1.37 16.75
CA THR B 711 2.03 -2.36 16.98
C THR B 711 0.69 -1.68 17.24
N MET B 712 0.69 -0.60 18.03
CA MET B 712 -0.56 0.07 18.34
C MET B 712 -0.92 1.15 17.32
N TYR B 713 0.07 1.86 16.78
CA TYR B 713 -0.23 2.91 15.82
C TYR B 713 -0.77 2.32 14.51
N ILE B 714 -0.10 1.31 13.98
CA ILE B 714 -0.52 0.71 12.71
C ILE B 714 -1.74 -0.17 12.90
N CYS B 715 -1.75 -0.98 13.95
CA CYS B 715 -2.80 -1.98 14.19
C CYS B 715 -3.33 -1.76 15.60
N GLY B 716 -4.32 -0.86 15.74
CA GLY B 716 -4.70 -0.38 17.05
C GLY B 716 -5.08 -1.48 18.01
N ASP B 717 -5.90 -2.44 17.54
CA ASP B 717 -6.29 -3.57 18.36
C ASP B 717 -6.35 -4.88 17.58
N SER B 718 -5.88 -4.89 16.34
CA SER B 718 -6.01 -6.04 15.46
C SER B 718 -4.78 -6.94 15.59
N THR B 719 -4.97 -8.12 16.18
CA THR B 719 -3.90 -9.11 16.21
C THR B 719 -3.61 -9.65 14.82
N GLU B 720 -4.63 -9.69 13.95
CA GLU B 720 -4.42 -10.06 12.56
C GLU B 720 -3.49 -9.08 11.86
N CYS B 721 -3.72 -7.78 12.05
CA CYS B 721 -2.81 -6.78 11.50
C CYS B 721 -1.45 -6.86 12.16
N SER B 722 -1.41 -7.21 13.45
CA SER B 722 -0.14 -7.39 14.13
C SER B 722 0.68 -8.49 13.50
N ASN B 723 0.04 -9.62 13.17
CA ASN B 723 0.75 -10.71 12.50
C ASN B 723 1.16 -10.31 11.09
N LEU B 724 0.30 -9.58 10.38
CA LEU B 724 0.66 -9.12 9.03
C LEU B 724 1.85 -8.16 9.08
N LEU B 725 2.02 -7.44 10.19
CA LEU B 725 3.06 -6.43 10.28
C LEU B 725 4.46 -7.05 10.24
N LEU B 726 4.63 -8.26 10.77
CA LEU B 726 5.95 -8.89 10.75
C LEU B 726 6.47 -9.13 9.35
N GLN B 727 5.59 -9.13 8.34
CA GLN B 727 6.04 -9.32 6.96
C GLN B 727 6.96 -8.20 6.52
N TYR B 728 6.66 -6.96 6.91
CA TYR B 728 7.49 -5.83 6.53
C TYR B 728 8.81 -5.80 7.28
N GLY B 729 8.90 -6.48 8.43
CA GLY B 729 10.20 -6.75 9.03
C GLY B 729 10.69 -5.64 9.91
N SER B 730 11.95 -5.26 9.70
CA SER B 730 12.73 -4.45 10.64
C SER B 730 12.52 -2.96 10.53
N PHE B 731 11.39 -2.49 9.96
CA PHE B 731 11.17 -1.05 9.87
C PHE B 731 11.08 -0.43 11.26
N CYS B 732 10.32 -1.04 12.17
CA CYS B 732 10.14 -0.44 13.49
C CYS B 732 11.35 -0.63 14.39
N THR B 733 12.13 -1.68 14.18
CA THR B 733 13.42 -1.73 14.86
C THR B 733 14.23 -0.48 14.53
N GLN B 734 14.28 -0.13 13.25
CA GLN B 734 15.02 1.05 12.80
C GLN B 734 14.40 2.34 13.33
N LEU B 735 13.06 2.43 13.31
CA LEU B 735 12.39 3.64 13.76
C LEU B 735 12.56 3.86 15.26
N LYS B 736 12.41 2.79 16.05
CA LYS B 736 12.63 2.89 17.49
C LYS B 736 14.07 3.23 17.79
N ARG B 737 15.01 2.66 17.05
CA ARG B 737 16.42 3.00 17.24
C ARG B 737 16.68 4.47 16.95
N ALA B 738 16.09 5.00 15.88
CA ALA B 738 16.27 6.42 15.55
C ALA B 738 15.66 7.31 16.61
N LEU B 739 14.45 6.98 17.07
CA LEU B 739 13.79 7.80 18.09
C LEU B 739 14.55 7.74 19.41
N THR B 740 15.07 6.57 19.78
CA THR B 740 15.87 6.46 20.99
C THR B 740 17.16 7.26 20.87
N GLY B 741 17.76 7.26 19.68
CA GLY B 741 18.93 8.10 19.46
C GLY B 741 18.62 9.57 19.65
N ILE B 742 17.47 10.02 19.11
CA ILE B 742 17.05 11.41 19.31
C ILE B 742 16.84 11.71 20.79
N ALA B 743 16.19 10.78 21.51
CA ALA B 743 15.89 10.99 22.92
C ALA B 743 17.17 11.08 23.75
N VAL B 744 18.14 10.20 23.49
CA VAL B 744 19.42 10.28 24.19
C VAL B 744 20.15 11.56 23.81
N GLU B 745 20.02 11.97 22.54
CA GLU B 745 20.66 13.20 22.07
C GLU B 745 20.14 14.42 22.82
N GLN B 746 18.85 14.44 23.14
CA GLN B 746 18.30 15.58 23.87
C GLN B 746 18.92 15.73 25.26
N ASP B 747 19.05 14.62 25.99
CA ASP B 747 19.70 14.65 27.29
C ASP B 747 21.17 15.02 27.16
N LYS B 748 21.83 14.54 26.11
CA LYS B 748 23.21 14.91 25.87
C LYS B 748 23.34 16.41 25.61
N ASN B 749 22.40 16.98 24.86
CA ASN B 749 22.39 18.41 24.61
C ASN B 749 22.26 19.20 25.89
N THR B 750 21.33 18.78 26.75
CA THR B 750 21.14 19.48 28.02
C THR B 750 22.38 19.37 28.91
N GLN B 751 23.01 18.19 28.95
CA GLN B 751 24.26 18.05 29.68
C GLN B 751 25.33 18.97 29.13
N GLU B 752 25.44 19.07 27.81
CA GLU B 752 26.47 19.91 27.22
C GLU B 752 26.25 21.38 27.55
N VAL B 753 24.99 21.83 27.54
CA VAL B 753 24.73 23.25 27.78
C VAL B 753 24.89 23.59 29.26
N PHE B 754 24.29 22.80 30.15
CA PHE B 754 24.16 23.23 31.53
C PHE B 754 25.10 22.55 32.51
N ALA B 755 25.60 21.36 32.21
CA ALA B 755 26.47 20.63 33.14
C ALA B 755 27.95 20.94 32.91
N GLN B 756 28.26 22.15 32.45
CA GLN B 756 29.65 22.50 32.15
C GLN B 756 30.50 22.49 33.41
N VAL B 757 29.98 23.00 34.53
CA VAL B 757 30.71 23.08 35.78
C VAL B 757 30.28 21.94 36.69
N LYS B 758 31.25 21.26 37.30
CA LYS B 758 30.98 20.13 38.17
C LYS B 758 30.96 20.49 39.65
N GLN B 759 31.19 21.75 39.99
CA GLN B 759 31.06 22.25 41.35
C GLN B 759 29.80 23.12 41.43
N ILE B 760 28.93 22.78 42.37
CA ILE B 760 27.68 23.53 42.55
C ILE B 760 28.01 24.70 43.48
N TYR B 761 28.46 25.79 42.89
CA TYR B 761 28.81 26.97 43.67
C TYR B 761 27.57 27.60 44.28
N LYS B 762 27.69 28.04 45.52
CA LYS B 762 26.59 28.64 46.28
C LYS B 762 26.85 30.12 46.48
N THR B 763 25.82 30.93 46.27
CA THR B 763 25.97 32.36 46.39
C THR B 763 26.15 32.77 47.86
N PRO B 764 26.89 33.85 48.11
CA PRO B 764 27.11 34.28 49.50
C PRO B 764 25.79 34.67 50.15
N PRO B 765 25.68 34.51 51.47
CA PRO B 765 24.46 34.98 52.16
C PRO B 765 24.23 36.48 52.02
N ILE B 766 25.29 37.27 51.98
CA ILE B 766 25.17 38.72 51.95
C ILE B 766 25.37 39.19 50.50
N LYS B 767 24.31 39.70 49.90
CA LYS B 767 24.28 40.03 48.47
C LYS B 767 24.46 41.53 48.25
N TYR B 768 25.69 42.00 48.51
CA TYR B 768 25.99 43.40 48.21
C TYR B 768 26.55 43.56 46.81
N PHE B 769 27.70 42.94 46.53
CA PHE B 769 28.31 42.91 45.20
C PHE B 769 28.57 44.32 44.65
N GLY B 770 28.93 45.27 45.52
CA GLY B 770 29.37 46.57 45.07
C GLY B 770 28.29 47.48 44.52
N GLY B 771 27.03 47.24 44.86
CA GLY B 771 25.94 48.01 44.30
C GLY B 771 25.29 47.39 43.09
N PHE B 772 25.76 46.23 42.65
CA PHE B 772 25.14 45.50 41.55
C PHE B 772 24.08 44.55 42.12
N ASN B 773 22.88 44.62 41.56
CA ASN B 773 21.73 43.90 42.06
C ASN B 773 21.43 42.73 41.13
N PHE B 774 21.59 41.51 41.64
CA PHE B 774 21.37 40.29 40.86
C PHE B 774 20.13 39.54 41.32
N SER B 775 19.23 40.20 42.06
CA SER B 775 18.07 39.51 42.61
C SER B 775 17.19 38.93 41.53
N GLN B 776 17.10 39.61 40.38
CA GLN B 776 16.26 39.11 39.30
C GLN B 776 16.81 37.85 38.66
N ILE B 777 18.13 37.69 38.63
CA ILE B 777 18.74 36.51 38.04
C ILE B 777 19.17 35.46 39.07
N LEU B 778 19.23 35.82 40.34
CA LEU B 778 19.61 34.88 41.38
C LEU B 778 18.40 34.04 41.81
N PRO B 779 18.62 32.80 42.24
CA PRO B 779 17.51 31.94 42.64
C PRO B 779 16.74 32.53 43.81
N ASP B 780 15.42 32.34 43.79
CA ASP B 780 14.54 32.87 44.81
C ASP B 780 14.22 31.78 45.81
N PRO B 781 14.74 31.83 47.04
CA PRO B 781 14.51 30.72 47.99
C PRO B 781 13.06 30.55 48.41
N SER B 782 12.29 31.64 48.48
CA SER B 782 10.92 31.56 49.00
C SER B 782 10.03 30.69 48.10
N LYS B 783 10.13 30.88 46.79
CA LYS B 783 9.31 30.13 45.86
C LYS B 783 9.80 28.69 45.76
N PRO B 784 8.88 27.73 45.65
CA PRO B 784 9.27 26.31 45.73
C PRO B 784 10.20 25.86 44.61
N SER B 785 10.02 26.40 43.40
CA SER B 785 10.85 25.97 42.28
C SER B 785 12.30 26.38 42.45
N LYS B 786 12.54 27.39 43.30
CA LYS B 786 13.86 27.96 43.58
C LYS B 786 14.43 28.65 42.33
N ARG B 787 13.60 28.89 41.33
CA ARG B 787 14.00 29.61 40.14
C ARG B 787 14.17 31.10 40.44
N SER B 788 14.92 31.77 39.56
CA SER B 788 15.00 33.22 39.58
C SER B 788 13.68 33.80 39.09
N PRO B 789 13.37 35.05 39.44
CA PRO B 789 12.15 35.68 38.92
C PRO B 789 12.09 35.70 37.40
N ILE B 790 13.22 35.98 36.75
CA ILE B 790 13.25 35.96 35.30
C ILE B 790 12.99 34.55 34.78
N GLU B 791 13.55 33.54 35.45
CA GLU B 791 13.30 32.17 35.04
C GLU B 791 11.83 31.79 35.21
N ASP B 792 11.20 32.23 36.30
CA ASP B 792 9.77 31.97 36.47
C ASP B 792 8.95 32.62 35.37
N LEU B 793 9.28 33.86 35.00
CA LEU B 793 8.55 34.48 33.89
C LEU B 793 8.79 33.73 32.58
N LEU B 794 10.03 33.26 32.35
CA LEU B 794 10.31 32.47 31.15
C LEU B 794 9.48 31.21 31.12
N PHE B 795 9.35 30.53 32.26
CA PHE B 795 8.60 29.28 32.31
C PHE B 795 7.10 29.51 32.17
N ASN B 796 6.60 30.62 32.71
CA ASN B 796 5.19 30.95 32.51
C ASN B 796 4.90 31.30 31.06
N LYS B 797 5.80 32.03 30.40
CA LYS B 797 5.54 32.46 29.03
C LYS B 797 5.51 31.29 28.06
N VAL B 798 6.43 30.33 28.21
CA VAL B 798 6.55 29.22 27.28
C VAL B 798 5.59 28.11 27.72
N THR B 799 4.67 27.74 26.84
CA THR B 799 3.67 26.73 27.13
C THR B 799 3.61 25.68 26.03
N ARG B 819 -10.55 14.46 27.81
CA ARG B 819 -9.47 13.76 27.13
C ARG B 819 -8.49 14.75 26.52
N ASP B 820 -7.27 14.78 27.07
CA ASP B 820 -6.25 15.71 26.62
C ASP B 820 -5.60 15.22 25.33
N LEU B 821 -4.84 16.12 24.69
CA LEU B 821 -4.06 15.74 23.51
C LEU B 821 -3.04 14.65 23.86
N ILE B 822 -2.36 14.82 25.00
CA ILE B 822 -1.35 13.84 25.40
C ILE B 822 -1.99 12.48 25.64
N CYS B 823 -3.17 12.47 26.27
CA CYS B 823 -3.85 11.21 26.54
C CYS B 823 -4.26 10.50 25.26
N ALA B 824 -4.84 11.24 24.31
CA ALA B 824 -5.26 10.63 23.05
C ALA B 824 -4.07 10.10 22.27
N GLN B 825 -3.00 10.90 22.18
CA GLN B 825 -1.81 10.44 21.47
C GLN B 825 -1.17 9.24 22.16
N LYS B 826 -1.22 9.20 23.50
CA LYS B 826 -0.77 8.02 24.23
C LYS B 826 -1.59 6.81 23.86
N PHE B 827 -2.91 6.95 23.82
CA PHE B 827 -3.78 5.84 23.46
C PHE B 827 -3.58 5.41 22.01
N LYS B 828 -3.04 6.29 21.17
CA LYS B 828 -2.69 5.93 19.80
C LYS B 828 -1.24 5.46 19.66
N GLY B 829 -0.52 5.29 20.77
CA GLY B 829 0.81 4.73 20.75
C GLY B 829 1.95 5.73 20.80
N LEU B 830 1.66 7.03 20.79
CA LEU B 830 2.69 8.06 20.82
C LEU B 830 2.83 8.58 22.23
N THR B 831 3.99 8.34 22.84
CA THR B 831 4.23 8.73 24.22
C THR B 831 5.39 9.70 24.30
N VAL B 832 5.40 10.49 25.38
CA VAL B 832 6.43 11.48 25.62
C VAL B 832 7.26 11.04 26.83
N LEU B 833 8.56 10.91 26.64
CA LEU B 833 9.48 10.51 27.69
C LEU B 833 9.94 11.73 28.47
N PRO B 834 10.05 11.62 29.80
CA PRO B 834 10.50 12.76 30.60
C PRO B 834 11.98 13.04 30.37
N PRO B 835 12.37 14.30 30.35
CA PRO B 835 13.81 14.62 30.28
C PRO B 835 14.56 14.09 31.50
N LEU B 836 15.80 13.67 31.28
CA LEU B 836 16.60 13.13 32.36
C LEU B 836 16.84 14.15 33.47
N LEU B 837 17.17 15.38 33.09
CA LEU B 837 17.36 16.45 34.06
C LEU B 837 16.02 17.10 34.35
N THR B 838 15.63 17.12 35.63
CA THR B 838 14.47 17.88 36.02
C THR B 838 14.76 19.37 35.86
N ASP B 839 13.70 20.15 35.70
CA ASP B 839 13.84 21.59 35.56
C ASP B 839 14.50 22.19 36.79
N GLU B 840 14.30 21.56 37.95
CA GLU B 840 15.00 22.00 39.16
C GLU B 840 16.51 21.77 39.05
N MET B 841 16.93 20.65 38.47
CA MET B 841 18.35 20.40 38.30
C MET B 841 18.99 21.39 37.32
N ILE B 842 18.28 21.73 36.25
CA ILE B 842 18.79 22.73 35.32
C ILE B 842 18.84 24.09 36.00
N ALA B 843 17.87 24.37 36.87
CA ALA B 843 17.93 25.60 37.66
C ALA B 843 19.13 25.61 38.58
N GLN B 844 19.49 24.47 39.17
CA GLN B 844 20.66 24.41 40.03
C GLN B 844 21.95 24.58 39.24
N TYR B 845 22.03 24.01 38.03
CA TYR B 845 23.14 24.32 37.13
C TYR B 845 23.25 25.81 36.84
N THR B 846 22.13 26.45 36.48
CA THR B 846 22.19 27.89 36.20
C THR B 846 22.60 28.68 37.43
N SER B 847 22.09 28.30 38.60
CA SER B 847 22.45 28.96 39.84
C SER B 847 23.94 28.81 40.14
N ALA B 848 24.48 27.61 39.96
CA ALA B 848 25.90 27.39 40.21
C ALA B 848 26.75 28.20 39.23
N LEU B 849 26.38 28.18 37.95
CA LEU B 849 27.14 28.95 36.96
C LEU B 849 27.12 30.44 37.27
N LEU B 850 25.96 30.96 37.66
CA LEU B 850 25.82 32.39 37.84
C LEU B 850 26.46 32.85 39.15
N ALA B 851 26.37 32.02 40.20
CA ALA B 851 27.07 32.30 41.44
C ALA B 851 28.57 32.26 41.25
N GLY B 852 29.07 31.28 40.48
CA GLY B 852 30.48 31.25 40.17
C GLY B 852 30.93 32.47 39.38
N THR B 853 30.10 32.90 38.43
CA THR B 853 30.42 34.10 37.67
C THR B 853 30.51 35.33 38.56
N ILE B 854 29.56 35.47 39.50
CA ILE B 854 29.57 36.65 40.37
C ILE B 854 30.77 36.61 41.32
N THR B 855 30.99 35.46 41.97
CA THR B 855 31.99 35.43 43.04
C THR B 855 33.41 35.36 42.49
N SER B 856 33.61 34.66 41.37
CA SER B 856 34.96 34.34 40.91
C SER B 856 35.29 34.84 39.52
N GLY B 857 34.35 35.44 38.80
CA GLY B 857 34.65 35.93 37.46
C GLY B 857 34.90 34.80 36.49
N TRP B 858 36.05 34.85 35.81
CA TRP B 858 36.40 33.83 34.83
C TRP B 858 37.07 32.61 35.45
N THR B 859 37.53 32.71 36.70
CA THR B 859 38.48 31.74 37.23
C THR B 859 37.88 30.34 37.33
N PHE B 860 36.62 30.23 37.75
CA PHE B 860 36.03 28.91 37.92
C PHE B 860 35.86 28.20 36.59
N GLY B 861 35.76 28.97 35.50
CA GLY B 861 35.66 28.36 34.18
C GLY B 861 36.95 27.67 33.77
N ALA B 862 38.10 28.24 34.12
CA ALA B 862 39.39 27.73 33.70
C ALA B 862 40.11 26.94 34.79
N GLY B 863 39.48 26.71 35.93
CA GLY B 863 40.10 25.99 37.01
C GLY B 863 39.41 26.21 38.34
N PRO B 864 40.19 26.24 39.42
CA PRO B 864 39.61 26.54 40.74
C PRO B 864 39.01 27.94 40.76
N ALA B 865 37.89 28.08 41.47
CA ALA B 865 37.24 29.36 41.57
C ALA B 865 38.03 30.27 42.51
N LEU B 866 38.49 31.40 41.99
CA LEU B 866 39.28 32.35 42.75
C LEU B 866 38.42 33.55 43.10
N GLN B 867 38.29 33.84 44.38
CA GLN B 867 37.45 34.92 44.85
C GLN B 867 37.93 36.27 44.32
N ILE B 868 36.99 37.07 43.84
CA ILE B 868 37.27 38.40 43.33
C ILE B 868 36.12 39.32 43.74
N PRO B 869 36.39 40.50 44.29
CA PRO B 869 35.31 41.47 44.49
C PRO B 869 34.70 41.85 43.16
N PHE B 870 33.37 41.94 43.13
CA PHE B 870 32.69 42.18 41.86
C PHE B 870 33.07 43.47 41.18
N PRO B 871 33.23 44.61 41.88
CA PRO B 871 33.74 45.80 41.17
C PRO B 871 35.09 45.58 40.52
N MET B 872 35.97 44.80 41.14
CA MET B 872 37.27 44.54 40.53
C MET B 872 37.15 43.58 39.34
N GLN B 873 36.22 42.62 39.41
CA GLN B 873 35.96 41.78 38.24
C GLN B 873 35.42 42.61 37.09
N MET B 874 34.53 43.55 37.39
CA MET B 874 33.99 44.42 36.35
C MET B 874 35.09 45.34 35.80
N ALA B 875 36.04 45.73 36.64
CA ALA B 875 37.18 46.49 36.15
C ALA B 875 38.07 45.65 35.23
N TYR B 876 38.26 44.37 35.58
CA TYR B 876 38.94 43.45 34.67
C TYR B 876 38.22 43.41 33.33
N ARG B 877 36.90 43.31 33.35
CA ARG B 877 36.13 43.20 32.13
C ARG B 877 36.18 44.49 31.32
N PHE B 878 36.25 45.64 32.00
CA PHE B 878 36.50 46.90 31.31
C PHE B 878 37.87 46.91 30.65
N ASN B 879 38.88 46.37 31.33
CA ASN B 879 40.18 46.23 30.70
C ASN B 879 40.13 45.32 29.48
N GLY B 880 39.25 44.31 29.53
CA GLY B 880 39.14 43.38 28.42
C GLY B 880 38.64 44.04 27.15
N ILE B 881 37.78 45.04 27.28
CA ILE B 881 37.23 45.74 26.13
C ILE B 881 38.07 46.95 25.71
N GLY B 882 39.17 47.21 26.39
CA GLY B 882 40.03 48.32 26.05
C GLY B 882 39.83 49.58 26.85
N VAL B 883 39.06 49.52 27.94
CA VAL B 883 38.79 50.68 28.78
C VAL B 883 39.53 50.51 30.10
N THR B 884 40.15 51.59 30.57
CA THR B 884 40.97 51.51 31.77
C THR B 884 40.10 51.30 33.02
N GLN B 885 40.74 50.81 34.09
CA GLN B 885 40.02 50.48 35.32
C GLN B 885 39.42 51.71 35.97
N ASN B 886 40.15 52.84 35.92
CA ASN B 886 39.68 54.04 36.59
C ASN B 886 38.34 54.52 36.04
N VAL B 887 38.05 54.20 34.78
CA VAL B 887 36.76 54.58 34.22
C VAL B 887 35.63 53.90 34.98
N LEU B 888 35.80 52.61 35.29
CA LEU B 888 34.77 51.91 36.07
C LEU B 888 34.77 52.36 37.51
N TYR B 889 35.95 52.49 38.12
CA TYR B 889 36.00 52.83 39.54
C TYR B 889 35.43 54.21 39.81
N GLU B 890 35.69 55.17 38.92
CA GLU B 890 35.15 56.51 39.09
C GLU B 890 33.66 56.58 38.78
N ASN B 891 33.15 55.63 37.98
CA ASN B 891 31.75 55.60 37.61
C ASN B 891 31.04 54.35 38.14
N GLN B 892 31.50 53.85 39.29
CA GLN B 892 30.99 52.58 39.81
C GLN B 892 29.49 52.66 40.09
N LYS B 893 29.06 53.74 40.75
CA LYS B 893 27.64 53.89 41.06
C LYS B 893 26.80 54.03 39.80
N LEU B 894 27.28 54.82 38.83
CA LEU B 894 26.54 54.97 37.58
C LEU B 894 26.45 53.66 36.83
N ILE B 895 27.54 52.90 36.77
CA ILE B 895 27.53 51.61 36.06
C ILE B 895 26.60 50.63 36.76
N ALA B 896 26.62 50.61 38.09
CA ALA B 896 25.73 49.73 38.84
C ALA B 896 24.26 50.10 38.60
N ASN B 897 23.95 51.40 38.60
CA ASN B 897 22.60 51.84 38.33
C ASN B 897 22.16 51.47 36.93
N GLN B 898 23.05 51.64 35.94
CA GLN B 898 22.72 51.27 34.57
C GLN B 898 22.45 49.78 34.45
N PHE B 899 23.29 48.96 35.08
CA PHE B 899 23.08 47.51 35.05
C PHE B 899 21.76 47.13 35.70
N ASN B 900 21.47 47.74 36.86
CA ASN B 900 20.23 47.43 37.56
C ASN B 900 19.02 47.82 36.73
N SER B 901 19.06 49.00 36.10
CA SER B 901 17.95 49.43 35.26
C SER B 901 17.78 48.51 34.05
N ALA B 902 18.87 48.11 33.43
CA ALA B 902 18.77 47.22 32.27
C ALA B 902 18.20 45.86 32.67
N ILE B 903 18.63 45.32 33.80
CA ILE B 903 18.10 44.04 34.27
C ILE B 903 16.62 44.18 34.61
N GLY B 904 16.22 45.32 35.17
CA GLY B 904 14.80 45.56 35.39
C GLY B 904 14.02 45.61 34.09
N LYS B 905 14.59 46.20 33.06
CA LYS B 905 13.91 46.28 31.77
C LYS B 905 13.84 44.94 31.07
N ILE B 906 14.75 44.01 31.39
CA ILE B 906 14.72 42.69 30.75
C ILE B 906 13.40 41.98 31.01
N GLN B 907 12.93 41.99 32.24
CA GLN B 907 11.70 41.26 32.57
C GLN B 907 10.50 41.86 31.84
N ASP B 908 10.42 43.19 31.81
CA ASP B 908 9.34 43.85 31.08
C ASP B 908 9.41 43.56 29.59
N SER B 909 10.62 43.57 29.02
CA SER B 909 10.78 43.28 27.59
C SER B 909 10.34 41.86 27.27
N LEU B 910 10.69 40.91 28.13
CA LEU B 910 10.23 39.53 27.93
C LEU B 910 8.71 39.45 28.03
N SER B 911 8.12 40.19 28.97
CA SER B 911 6.66 40.17 29.11
C SER B 911 5.96 40.74 27.88
N SER B 912 6.46 41.86 27.35
CA SER B 912 5.72 42.61 26.35
C SER B 912 5.66 41.88 25.02
N THR B 913 6.77 41.28 24.58
CA THR B 913 6.86 40.72 23.24
C THR B 913 6.32 39.29 23.23
N PRO B 914 5.26 39.00 22.49
CA PRO B 914 4.81 37.60 22.39
C PRO B 914 5.84 36.68 21.76
N SER B 915 6.64 37.19 20.83
CA SER B 915 7.63 36.39 20.12
C SER B 915 8.99 36.41 20.79
N ALA B 916 9.10 37.01 21.98
CA ALA B 916 10.39 37.08 22.67
C ALA B 916 10.95 35.68 22.91
N LEU B 917 10.08 34.75 23.30
CA LEU B 917 10.45 33.35 23.46
C LEU B 917 9.88 32.49 22.33
N GLY B 918 9.56 33.12 21.20
CA GLY B 918 8.99 32.38 20.10
C GLY B 918 9.87 31.25 19.62
N LYS B 919 11.19 31.48 19.58
CA LYS B 919 12.12 30.43 19.18
C LYS B 919 11.95 29.20 20.03
N LEU B 920 11.65 29.37 21.32
CA LEU B 920 11.32 28.21 22.13
C LEU B 920 9.95 27.65 21.74
N GLN B 921 8.93 28.50 21.72
CA GLN B 921 7.57 28.03 21.47
C GLN B 921 7.48 27.33 20.13
N ASP B 922 8.11 27.92 19.10
CA ASP B 922 8.10 27.30 17.78
C ASP B 922 8.54 25.85 17.86
N VAL B 923 9.65 25.58 18.57
CA VAL B 923 10.13 24.21 18.68
C VAL B 923 9.03 23.32 19.24
N VAL B 924 8.47 23.73 20.38
CA VAL B 924 7.37 22.97 20.96
C VAL B 924 6.26 22.81 19.93
N ASN B 925 5.86 23.92 19.31
CA ASN B 925 4.79 23.86 18.33
C ASN B 925 5.09 22.82 17.27
N HIS B 926 6.32 22.86 16.72
CA HIS B 926 6.66 21.91 15.68
C HIS B 926 6.43 20.49 16.16
N ASN B 927 7.00 20.15 17.32
CA ASN B 927 6.78 18.82 17.86
C ASN B 927 5.30 18.55 18.02
N ALA B 928 4.59 19.47 18.70
CA ALA B 928 3.19 19.25 18.95
C ALA B 928 2.43 19.12 17.65
N GLN B 929 2.80 19.91 16.64
CA GLN B 929 2.09 19.83 15.38
C GLN B 929 2.37 18.50 14.69
N ALA B 930 3.63 18.07 14.70
CA ALA B 930 4.01 16.87 13.95
C ALA B 930 3.24 15.67 14.46
N LEU B 931 3.16 15.51 15.78
CA LEU B 931 2.41 14.41 16.36
C LEU B 931 0.96 14.42 15.87
N ASN B 932 0.32 15.60 15.85
CA ASN B 932 -1.04 15.65 15.36
C ASN B 932 -1.11 15.13 13.93
N THR B 933 -0.15 15.53 13.09
CA THR B 933 -0.11 15.00 11.74
C THR B 933 -0.09 13.47 11.75
N LEU B 934 0.78 12.89 12.57
CA LEU B 934 0.81 11.45 12.71
C LEU B 934 -0.56 10.92 13.10
N VAL B 935 -1.19 11.54 14.10
CA VAL B 935 -2.53 11.14 14.50
C VAL B 935 -3.50 11.27 13.34
N LYS B 936 -3.42 12.38 12.61
CA LYS B 936 -4.34 12.55 11.48
C LYS B 936 -4.09 11.53 10.39
N GLN B 937 -2.86 11.03 10.26
CA GLN B 937 -2.58 10.03 9.25
C GLN B 937 -3.13 8.66 9.64
N LEU B 938 -3.74 8.55 10.81
CA LEU B 938 -4.48 7.36 11.17
C LEU B 938 -5.92 7.39 10.67
N SER B 939 -6.37 8.53 10.11
CA SER B 939 -7.70 8.65 9.55
C SER B 939 -7.68 8.72 8.03
N SER B 940 -6.63 8.21 7.40
CA SER B 940 -6.47 8.25 5.96
C SER B 940 -6.64 6.85 5.38
N LYS B 941 -7.48 6.72 4.35
CA LYS B 941 -7.72 5.42 3.74
C LYS B 941 -6.50 4.94 2.97
N PHE B 942 -5.71 5.87 2.42
CA PHE B 942 -4.55 5.54 1.57
C PHE B 942 -4.97 4.75 0.34
N GLY B 943 -6.16 5.03 -0.18
CA GLY B 943 -6.69 4.35 -1.34
C GLY B 943 -7.56 3.15 -1.04
N ALA B 944 -7.62 2.71 0.21
CA ALA B 944 -8.45 1.57 0.59
C ALA B 944 -9.89 2.03 0.84
N ILE B 945 -10.76 1.06 1.11
CA ILE B 945 -12.17 1.36 1.30
C ILE B 945 -12.39 2.16 2.59
N SER B 946 -11.63 1.83 3.64
CA SER B 946 -11.83 2.45 4.94
C SER B 946 -10.50 2.62 5.65
N SER B 947 -10.49 3.49 6.65
CA SER B 947 -9.35 3.66 7.53
C SER B 947 -9.42 2.80 8.77
N VAL B 948 -10.49 2.02 8.93
CA VAL B 948 -10.65 1.11 10.06
C VAL B 948 -10.34 -0.30 9.58
N LEU B 949 -9.38 -0.96 10.23
CA LEU B 949 -8.97 -2.29 9.80
C LEU B 949 -10.10 -3.30 9.94
N ASN B 950 -10.83 -3.25 11.06
CA ASN B 950 -11.89 -4.22 11.30
C ASN B 950 -12.97 -4.13 10.26
N ASP B 951 -13.33 -2.91 9.83
CA ASP B 951 -14.33 -2.75 8.79
C ASP B 951 -13.88 -3.38 7.48
N ILE B 952 -12.60 -3.19 7.12
CA ILE B 952 -12.08 -3.80 5.89
C ILE B 952 -12.12 -5.32 5.98
N PHE B 953 -11.72 -5.87 7.14
CA PHE B 953 -11.76 -7.32 7.30
C PHE B 953 -13.18 -7.86 7.22
N SER B 954 -14.13 -7.16 7.82
CA SER B 954 -15.52 -7.65 7.83
C SER B 954 -16.16 -7.55 6.45
N ARG B 955 -15.94 -6.44 5.75
CA ARG B 955 -16.66 -6.16 4.52
C ARG B 955 -16.02 -6.76 3.27
N LEU B 956 -14.90 -7.46 3.40
CA LEU B 956 -14.22 -8.02 2.24
C LEU B 956 -13.79 -9.45 2.51
N ASP B 957 -13.60 -10.20 1.43
CA ASP B 957 -13.04 -11.54 1.54
C ASP B 957 -11.62 -11.46 2.10
N PRO B 958 -11.21 -12.43 2.90
CA PRO B 958 -9.90 -12.35 3.56
C PRO B 958 -8.76 -12.16 2.57
N PRO B 959 -8.73 -12.86 1.42
CA PRO B 959 -7.69 -12.53 0.44
C PRO B 959 -7.83 -11.13 -0.13
N GLU B 960 -9.05 -10.71 -0.46
CA GLU B 960 -9.26 -9.36 -0.95
C GLU B 960 -9.05 -8.34 0.16
N ALA B 961 -9.46 -8.66 1.40
CA ALA B 961 -9.29 -7.73 2.50
C ALA B 961 -7.81 -7.51 2.82
N GLU B 962 -6.99 -8.55 2.69
CA GLU B 962 -5.58 -8.44 3.07
C GLU B 962 -4.85 -7.43 2.19
N VAL B 963 -5.25 -7.31 0.92
CA VAL B 963 -4.60 -6.33 0.05
C VAL B 963 -4.84 -4.91 0.55
N GLN B 964 -6.09 -4.59 0.89
CA GLN B 964 -6.40 -3.28 1.41
C GLN B 964 -5.76 -3.06 2.78
N ILE B 965 -5.69 -4.12 3.59
CA ILE B 965 -5.05 -4.00 4.90
C ILE B 965 -3.57 -3.70 4.75
N ASP B 966 -2.89 -4.37 3.81
CA ASP B 966 -1.49 -4.07 3.55
C ASP B 966 -1.30 -2.69 2.96
N ARG B 967 -2.27 -2.21 2.17
CA ARG B 967 -2.22 -0.83 1.71
C ARG B 967 -2.25 0.13 2.88
N LEU B 968 -3.15 -0.10 3.84
CA LEU B 968 -3.19 0.72 5.04
C LEU B 968 -1.90 0.62 5.84
N ILE B 969 -1.35 -0.60 5.93
CA ILE B 969 -0.13 -0.81 6.71
C ILE B 969 1.04 -0.07 6.09
N THR B 970 1.17 -0.14 4.76
CA THR B 970 2.28 0.55 4.12
C THR B 970 2.10 2.06 4.17
N GLY B 971 0.85 2.54 4.12
CA GLY B 971 0.62 3.96 4.31
C GLY B 971 1.01 4.43 5.70
N ARG B 972 0.67 3.66 6.73
CA ARG B 972 1.02 4.04 8.09
C ARG B 972 2.52 3.91 8.35
N LEU B 973 3.17 2.92 7.74
CA LEU B 973 4.63 2.84 7.80
C LEU B 973 5.28 4.04 7.13
N GLN B 974 4.74 4.48 5.99
CA GLN B 974 5.25 5.69 5.36
C GLN B 974 5.06 6.90 6.26
N SER B 975 3.91 7.00 6.91
CA SER B 975 3.68 8.11 7.83
C SER B 975 4.69 8.09 8.97
N LEU B 976 4.93 6.92 9.55
CA LEU B 976 5.89 6.81 10.64
C LEU B 976 7.29 7.15 10.18
N GLN B 977 7.68 6.68 9.00
CA GLN B 977 9.01 6.99 8.47
C GLN B 977 9.16 8.48 8.20
N THR B 978 8.12 9.12 7.65
CA THR B 978 8.17 10.56 7.43
C THR B 978 8.32 11.31 8.73
N TYR B 979 7.56 10.92 9.76
CA TYR B 979 7.68 11.55 11.06
C TYR B 979 9.08 11.38 11.62
N VAL B 980 9.64 10.17 11.51
CA VAL B 980 10.96 9.91 12.08
C VAL B 980 12.04 10.68 11.32
N THR B 981 11.92 10.78 10.00
CA THR B 981 12.89 11.53 9.22
C THR B 981 12.84 13.02 9.56
N GLN B 982 11.65 13.59 9.65
CA GLN B 982 11.54 15.00 10.01
C GLN B 982 12.02 15.23 11.44
N GLN B 983 11.78 14.28 12.34
CA GLN B 983 12.30 14.39 13.69
C GLN B 983 13.81 14.31 13.72
N LEU B 984 14.41 13.49 12.85
CA LEU B 984 15.86 13.43 12.76
C LEU B 984 16.43 14.75 12.26
N ILE B 985 15.80 15.37 11.27
CA ILE B 985 16.27 16.64 10.74
C ILE B 985 16.13 17.74 11.81
N ARG B 986 14.98 17.79 12.48
CA ARG B 986 14.80 18.78 13.54
C ARG B 986 15.72 18.51 14.72
N ALA B 987 16.05 17.25 14.99
CA ALA B 987 16.99 16.93 16.05
C ALA B 987 18.40 17.40 15.68
N ALA B 988 18.77 17.30 14.41
CA ALA B 988 20.03 17.86 13.96
C ALA B 988 20.05 19.37 14.14
N GLU B 989 18.94 20.04 13.81
CA GLU B 989 18.86 21.48 14.03
C GLU B 989 18.97 21.85 15.50
N ILE B 990 18.27 21.10 16.37
CA ILE B 990 18.33 21.34 17.80
C ILE B 990 19.73 21.06 18.34
N ARG B 991 20.41 20.05 17.81
CA ARG B 991 21.78 19.78 18.22
C ARG B 991 22.71 20.91 17.85
N ALA B 992 22.53 21.47 16.64
CA ALA B 992 23.33 22.65 16.27
C ALA B 992 23.05 23.81 17.20
N SER B 993 21.77 24.05 17.52
CA SER B 993 21.43 25.13 18.44
C SER B 993 22.02 24.89 19.83
N ALA B 994 22.00 23.65 20.30
CA ALA B 994 22.52 23.33 21.63
C ALA B 994 24.04 23.41 21.66
N ASN B 995 24.70 23.04 20.56
CA ASN B 995 26.14 23.24 20.47
C ASN B 995 26.49 24.72 20.51
N LEU B 996 25.72 25.55 19.82
CA LEU B 996 25.91 27.00 19.90
C LEU B 996 25.67 27.50 21.33
N ALA B 997 24.64 26.98 22.00
CA ALA B 997 24.35 27.39 23.37
C ALA B 997 25.47 26.99 24.33
N ALA B 998 26.04 25.80 24.14
CA ALA B 998 27.17 25.37 24.95
C ALA B 998 28.40 26.22 24.70
N THR B 999 28.65 26.57 23.44
CA THR B 999 29.75 27.46 23.12
C THR B 999 29.55 28.83 23.75
N LYS B 1000 28.31 29.32 23.78
CA LYS B 1000 28.01 30.60 24.40
C LYS B 1000 28.14 30.52 25.92
N MET B 1001 27.76 29.38 26.51
CA MET B 1001 28.01 29.17 27.93
C MET B 1001 29.50 29.26 28.24
N SER B 1002 30.32 28.62 27.41
CA SER B 1002 31.75 28.61 27.66
C SER B 1002 32.36 29.99 27.46
N GLU B 1003 32.02 30.65 26.35
CA GLU B 1003 32.76 31.85 25.92
C GLU B 1003 32.16 33.15 26.42
N CYS B 1004 30.85 33.18 26.73
CA CYS B 1004 30.22 34.39 27.23
C CYS B 1004 29.98 34.38 28.73
N VAL B 1005 29.72 33.21 29.32
CA VAL B 1005 29.42 33.11 30.74
C VAL B 1005 30.66 32.74 31.54
N LEU B 1006 31.45 31.78 31.07
CA LEU B 1006 32.69 31.39 31.74
C LEU B 1006 33.89 32.22 31.30
N GLY B 1007 33.69 33.19 30.42
CA GLY B 1007 34.77 34.06 30.01
C GLY B 1007 34.21 35.32 29.40
N GLN B 1008 35.11 36.22 29.05
CA GLN B 1008 34.78 37.44 28.32
C GLN B 1008 35.22 37.27 26.87
N SER B 1009 34.28 37.38 25.95
CA SER B 1009 34.54 37.09 24.54
C SER B 1009 34.83 38.38 23.78
N LYS B 1010 35.85 38.32 22.92
CA LYS B 1010 36.15 39.40 21.99
C LYS B 1010 35.55 39.16 20.62
N ARG B 1011 34.85 38.05 20.43
CA ARG B 1011 34.14 37.80 19.18
C ARG B 1011 32.98 38.76 19.05
N VAL B 1012 32.89 39.44 17.91
CA VAL B 1012 31.90 40.49 17.70
C VAL B 1012 30.53 39.86 17.54
N ASP B 1013 29.57 40.34 18.32
CA ASP B 1013 28.15 39.97 18.31
C ASP B 1013 27.93 38.52 18.75
N PHE B 1014 28.95 37.81 19.21
CA PHE B 1014 28.73 36.45 19.72
C PHE B 1014 27.98 36.49 21.05
N CYS B 1015 28.23 37.51 21.86
CA CYS B 1015 27.63 37.61 23.19
C CYS B 1015 26.91 38.95 23.31
N GLY B 1016 26.06 39.24 22.33
CA GLY B 1016 25.24 40.44 22.34
C GLY B 1016 25.82 41.58 21.51
N LYS B 1017 25.06 42.66 21.45
CA LYS B 1017 25.42 43.84 20.69
C LYS B 1017 26.24 44.77 21.56
N GLY B 1018 27.43 45.12 21.09
CA GLY B 1018 28.36 45.96 21.83
C GLY B 1018 29.58 45.19 22.28
N TYR B 1019 30.44 45.89 23.02
CA TYR B 1019 31.63 45.26 23.57
C TYR B 1019 31.24 44.42 24.77
N HIS B 1020 31.42 43.10 24.65
CA HIS B 1020 30.93 42.17 25.67
C HIS B 1020 31.67 42.37 26.99
N LEU B 1021 30.90 42.53 28.06
CA LEU B 1021 31.43 42.52 29.41
C LEU B 1021 31.25 41.17 30.07
N MET B 1022 30.02 40.68 30.17
CA MET B 1022 29.77 39.40 30.83
C MET B 1022 28.40 38.89 30.43
N SER B 1023 28.08 37.67 30.85
CA SER B 1023 26.81 37.06 30.52
C SER B 1023 26.29 36.23 31.69
N PHE B 1024 24.97 36.11 31.76
CA PHE B 1024 24.29 35.38 32.81
C PHE B 1024 23.35 34.35 32.19
N PRO B 1025 23.46 33.07 32.55
CA PRO B 1025 22.54 32.07 32.01
C PRO B 1025 21.27 31.97 32.84
N GLN B 1026 20.15 31.72 32.17
CA GLN B 1026 18.87 31.47 32.82
C GLN B 1026 18.23 30.26 32.14
N SER B 1027 17.75 29.32 32.94
CA SER B 1027 17.06 28.17 32.38
C SER B 1027 15.69 28.58 31.86
N ALA B 1028 15.30 28.01 30.73
CA ALA B 1028 14.00 28.23 30.11
C ALA B 1028 13.47 26.89 29.65
N PRO B 1029 12.16 26.75 29.48
CA PRO B 1029 11.61 25.46 29.05
C PRO B 1029 12.20 25.04 27.72
N HIS B 1030 12.98 23.95 27.75
CA HIS B 1030 13.66 23.37 26.59
C HIS B 1030 14.72 24.30 26.02
N GLY B 1031 15.27 25.20 26.82
CA GLY B 1031 16.27 26.10 26.28
C GLY B 1031 16.97 26.93 27.34
N VAL B 1032 17.77 27.87 26.85
CA VAL B 1032 18.57 28.74 27.71
C VAL B 1032 18.40 30.18 27.23
N VAL B 1033 18.37 31.10 28.18
CA VAL B 1033 18.33 32.53 27.91
C VAL B 1033 19.62 33.14 28.44
N PHE B 1034 20.35 33.80 27.56
CA PHE B 1034 21.59 34.47 27.94
C PHE B 1034 21.32 35.95 28.08
N LEU B 1035 21.56 36.49 29.27
CA LEU B 1035 21.55 37.92 29.51
C LEU B 1035 22.97 38.43 29.28
N HIS B 1036 23.16 39.11 28.16
CA HIS B 1036 24.46 39.62 27.76
C HIS B 1036 24.59 41.07 28.22
N VAL B 1037 25.50 41.31 29.15
CA VAL B 1037 25.84 42.65 29.61
C VAL B 1037 27.03 43.12 28.78
N THR B 1038 26.82 44.21 28.04
CA THR B 1038 27.80 44.75 27.12
C THR B 1038 27.97 46.24 27.35
N TYR B 1039 29.08 46.76 26.85
CA TYR B 1039 29.44 48.17 26.95
C TYR B 1039 29.17 48.82 25.60
N VAL B 1040 28.31 49.83 25.58
CA VAL B 1040 27.95 50.53 24.34
C VAL B 1040 28.45 51.96 24.46
N PRO B 1041 29.36 52.41 23.59
CA PRO B 1041 29.79 53.81 23.63
C PRO B 1041 28.62 54.75 23.35
N ALA B 1042 28.66 55.93 23.97
CA ALA B 1042 27.58 56.89 23.85
C ALA B 1042 28.14 58.29 24.03
N GLN B 1043 27.35 59.27 23.56
CA GLN B 1043 27.69 60.69 23.66
C GLN B 1043 29.05 60.98 23.04
N GLU B 1044 29.25 60.49 21.82
CA GLU B 1044 30.51 60.70 21.12
C GLU B 1044 30.69 62.18 20.78
N LYS B 1045 31.95 62.59 20.66
CA LYS B 1045 32.29 63.97 20.34
C LYS B 1045 33.34 63.98 19.24
N ASN B 1046 33.25 64.98 18.36
CA ASN B 1046 34.22 65.18 17.30
C ASN B 1046 35.52 65.76 17.84
N PHE B 1047 36.63 65.31 17.27
CA PHE B 1047 37.94 65.85 17.57
C PHE B 1047 38.79 65.83 16.31
N THR B 1048 39.80 66.70 16.29
CA THR B 1048 40.80 66.67 15.24
C THR B 1048 41.94 65.75 15.68
N THR B 1049 42.30 64.80 14.83
CA THR B 1049 43.25 63.78 15.21
C THR B 1049 44.44 63.77 14.26
N ALA B 1050 45.59 63.31 14.78
CA ALA B 1050 46.81 63.21 14.02
C ALA B 1050 47.45 61.84 14.23
N PRO B 1051 48.08 61.29 13.19
CA PRO B 1051 48.78 60.00 13.38
C PRO B 1051 49.93 60.07 14.36
N ALA B 1052 50.65 61.19 14.42
CA ALA B 1052 51.84 61.30 15.23
C ALA B 1052 52.06 62.75 15.63
N ILE B 1053 52.95 62.96 16.60
CA ILE B 1053 53.33 64.28 17.06
C ILE B 1053 54.79 64.50 16.74
N CYS B 1054 55.11 65.64 16.14
CA CYS B 1054 56.48 65.99 15.78
C CYS B 1054 57.07 66.84 16.88
N HIS B 1055 57.98 66.27 17.66
CA HIS B 1055 58.67 67.01 18.72
C HIS B 1055 60.17 66.84 18.53
N ASP B 1056 60.89 67.96 18.58
CA ASP B 1056 62.30 68.02 18.17
C ASP B 1056 62.31 67.58 16.71
N GLY B 1057 63.13 66.61 16.33
CA GLY B 1057 63.04 66.03 15.00
C GLY B 1057 62.37 64.68 15.04
N LYS B 1058 61.95 64.27 16.23
CA LYS B 1058 61.43 62.93 16.46
C LYS B 1058 59.92 62.89 16.26
N ALA B 1059 59.44 61.71 15.85
CA ALA B 1059 58.02 61.42 15.70
C ALA B 1059 57.55 60.55 16.85
N HIS B 1060 56.47 60.96 17.49
CA HIS B 1060 55.92 60.27 18.66
C HIS B 1060 54.57 59.69 18.31
N PHE B 1061 54.37 58.42 18.65
CA PHE B 1061 53.12 57.71 18.44
C PHE B 1061 52.52 57.31 19.79
N PRO B 1062 51.20 57.33 19.92
CA PRO B 1062 50.59 56.98 21.21
C PRO B 1062 50.83 55.51 21.52
N ARG B 1063 51.25 55.25 22.77
CA ARG B 1063 51.53 53.88 23.18
C ARG B 1063 50.27 53.03 23.18
N GLU B 1064 49.17 53.60 23.67
CA GLU B 1064 47.90 52.87 23.76
C GLU B 1064 46.70 53.67 23.29
N GLY B 1065 46.84 54.97 23.03
CA GLY B 1065 45.69 55.80 22.78
C GLY B 1065 45.63 56.51 21.44
N VAL B 1066 45.10 57.74 21.47
CA VAL B 1066 44.77 58.54 20.30
C VAL B 1066 45.29 59.94 20.58
N PHE B 1067 45.81 60.59 19.54
CA PHE B 1067 46.08 62.01 19.62
C PHE B 1067 44.84 62.78 19.18
N VAL B 1068 44.33 63.63 20.07
CA VAL B 1068 43.13 64.40 19.81
C VAL B 1068 43.41 65.86 20.11
N SER B 1069 42.60 66.73 19.52
CA SER B 1069 42.70 68.16 19.75
C SER B 1069 41.30 68.72 19.98
N ASN B 1070 41.12 69.43 21.10
CA ASN B 1070 39.86 70.11 21.31
C ASN B 1070 39.72 71.34 20.42
N GLY B 1071 40.80 71.74 19.76
CA GLY B 1071 40.78 72.88 18.85
C GLY B 1071 42.03 73.71 18.95
N THR B 1072 42.60 73.79 20.16
CA THR B 1072 43.81 74.57 20.39
C THR B 1072 44.90 73.82 21.15
N HIS B 1073 44.58 72.72 21.83
CA HIS B 1073 45.56 71.93 22.56
C HIS B 1073 45.47 70.47 22.14
N TRP B 1074 46.59 69.77 22.24
CA TRP B 1074 46.70 68.38 21.85
C TRP B 1074 46.82 67.51 23.09
N PHE B 1075 46.03 66.43 23.12
CA PHE B 1075 46.02 65.50 24.24
C PHE B 1075 46.09 64.08 23.70
N VAL B 1076 46.42 63.14 24.58
CA VAL B 1076 46.36 61.71 24.29
C VAL B 1076 45.25 61.11 25.14
N THR B 1077 44.39 60.33 24.52
CA THR B 1077 43.23 59.75 25.19
C THR B 1077 43.10 58.28 24.84
N GLN B 1078 42.45 57.53 25.71
CA GLN B 1078 42.11 56.16 25.36
C GLN B 1078 41.03 56.16 24.28
N ARG B 1079 41.03 55.10 23.46
CA ARG B 1079 40.26 55.11 22.21
C ARG B 1079 38.76 55.02 22.46
N ASN B 1080 38.33 54.20 23.43
CA ASN B 1080 36.92 53.93 23.64
C ASN B 1080 36.26 54.85 24.65
N PHE B 1081 37.01 55.77 25.26
CA PHE B 1081 36.45 56.68 26.25
C PHE B 1081 37.28 57.96 26.22
N TYR B 1082 36.62 59.10 26.30
CA TYR B 1082 37.34 60.37 26.21
C TYR B 1082 37.91 60.72 27.58
N GLU B 1083 39.22 60.46 27.74
CA GLU B 1083 39.95 60.81 28.96
C GLU B 1083 41.24 61.50 28.52
N PRO B 1084 41.16 62.77 28.13
CA PRO B 1084 42.35 63.45 27.59
C PRO B 1084 43.46 63.57 28.62
N GLN B 1085 44.69 63.37 28.15
CA GLN B 1085 45.88 63.49 28.98
C GLN B 1085 46.96 64.26 28.23
N ILE B 1086 47.84 64.90 28.99
CA ILE B 1086 48.94 65.64 28.39
C ILE B 1086 49.90 64.67 27.71
N ILE B 1087 50.28 64.99 26.48
CA ILE B 1087 51.19 64.13 25.72
C ILE B 1087 52.57 64.20 26.35
N THR B 1088 53.06 63.06 26.85
CA THR B 1088 54.36 62.97 27.49
C THR B 1088 55.14 61.81 26.89
N THR B 1089 56.40 61.71 27.29
CA THR B 1089 57.22 60.59 26.87
C THR B 1089 56.73 59.28 27.47
N ASP B 1090 55.97 59.36 28.57
CA ASP B 1090 55.49 58.16 29.22
C ASP B 1090 54.37 57.48 28.44
N ASN B 1091 53.47 58.28 27.83
CA ASN B 1091 52.35 57.73 27.10
C ASN B 1091 52.58 57.67 25.59
N THR B 1092 53.78 57.97 25.12
CA THR B 1092 54.11 57.90 23.71
C THR B 1092 55.45 57.19 23.52
N PHE B 1093 55.68 56.71 22.31
CA PHE B 1093 56.96 56.11 21.94
C PHE B 1093 57.48 56.76 20.66
N VAL B 1094 58.80 56.83 20.55
CA VAL B 1094 59.47 57.56 19.49
C VAL B 1094 59.91 56.60 18.40
N SER B 1095 59.64 56.96 17.14
CA SER B 1095 60.02 56.14 16.00
C SER B 1095 60.34 57.04 14.82
N GLY B 1096 61.64 57.23 14.54
CA GLY B 1096 62.06 57.88 13.32
C GLY B 1096 61.89 59.39 13.35
N ASN B 1097 61.98 59.97 12.16
CA ASN B 1097 61.86 61.41 11.96
C ASN B 1097 60.43 61.78 11.58
N CYS B 1098 60.20 63.08 11.45
CA CYS B 1098 58.88 63.60 11.12
C CYS B 1098 58.58 63.59 9.62
N ASP B 1099 59.58 63.33 8.78
CA ASP B 1099 59.38 63.47 7.34
C ASP B 1099 58.53 62.32 6.77
N VAL B 1100 58.72 61.10 7.27
CA VAL B 1100 58.07 59.95 6.66
C VAL B 1100 56.56 59.96 6.90
N VAL B 1101 56.12 60.32 8.11
CA VAL B 1101 54.73 60.17 8.47
C VAL B 1101 53.88 61.23 7.77
N ILE B 1102 52.75 60.80 7.20
CA ILE B 1102 51.81 61.69 6.53
C ILE B 1102 50.75 62.10 7.54
N GLY B 1103 50.63 63.41 7.77
CA GLY B 1103 49.68 63.94 8.73
C GLY B 1103 50.26 64.29 10.08
N ILE B 1104 51.58 64.23 10.25
CA ILE B 1104 52.20 64.58 11.52
C ILE B 1104 52.04 66.07 11.78
N VAL B 1105 51.82 66.43 13.05
CA VAL B 1105 51.63 67.81 13.47
C VAL B 1105 52.63 68.12 14.57
N ASN B 1106 53.23 69.30 14.51
CA ASN B 1106 54.17 69.73 15.55
C ASN B 1106 53.43 69.91 16.86
N ASN B 1107 54.00 69.41 17.95
CA ASN B 1107 53.49 69.71 19.28
C ASN B 1107 54.56 69.40 20.30
N THR B 1108 54.43 70.01 21.47
CA THR B 1108 55.36 69.78 22.57
C THR B 1108 55.05 68.47 23.26
N VAL B 1109 56.08 67.65 23.44
CA VAL B 1109 55.97 66.40 24.19
C VAL B 1109 56.64 66.63 25.55
N TYR B 1110 55.85 66.65 26.60
CA TYR B 1110 56.33 67.00 27.92
C TYR B 1110 57.15 65.86 28.52
N ASP B 1111 58.23 66.23 29.21
CA ASP B 1111 59.11 65.25 29.84
C ASP B 1111 59.08 65.43 31.35
N PRO B 1112 58.64 64.42 32.11
CA PRO B 1112 58.64 64.57 33.58
C PRO B 1112 60.02 64.74 34.18
N LEU B 1113 61.08 64.33 33.46
CA LEU B 1113 62.43 64.40 34.00
C LEU B 1113 62.86 65.84 34.27
N GLN B 1114 62.55 66.75 33.34
CA GLN B 1114 63.07 68.11 33.45
C GLN B 1114 62.67 68.83 34.73
N PRO B 1115 61.42 68.77 35.21
CA PRO B 1115 61.13 69.36 36.53
C PRO B 1115 61.96 68.76 37.65
N GLU B 1116 62.26 67.47 37.58
CA GLU B 1116 63.07 66.81 38.59
C GLU B 1116 64.54 66.83 38.21
N VAL C 1 -36.32 -41.50 -47.48
CA VAL C 1 -35.61 -40.28 -47.08
C VAL C 1 -36.07 -39.14 -47.97
N GLN C 2 -37.22 -38.56 -47.64
CA GLN C 2 -37.82 -37.53 -48.49
C GLN C 2 -38.77 -36.66 -47.67
N LEU C 3 -39.09 -35.49 -48.23
CA LEU C 3 -39.97 -34.55 -47.55
C LEU C 3 -41.40 -34.65 -48.09
N VAL C 4 -42.36 -34.71 -47.18
CA VAL C 4 -43.78 -34.74 -47.52
C VAL C 4 -44.33 -33.34 -47.37
N GLN C 5 -44.98 -32.83 -48.40
CA GLN C 5 -45.52 -31.49 -48.41
C GLN C 5 -47.03 -31.53 -48.55
N SER C 6 -47.69 -30.52 -47.99
CA SER C 6 -49.15 -30.48 -47.97
C SER C 6 -49.70 -30.24 -49.37
N GLY C 7 -51.00 -30.47 -49.51
CA GLY C 7 -51.64 -30.31 -50.80
C GLY C 7 -51.79 -28.87 -51.21
N ALA C 8 -52.12 -28.69 -52.49
CA ALA C 8 -52.32 -27.35 -53.03
C ALA C 8 -53.51 -26.68 -52.38
N GLU C 9 -53.35 -25.39 -52.06
CA GLU C 9 -54.41 -24.59 -51.45
C GLU C 9 -54.68 -23.38 -52.33
N VAL C 10 -55.95 -23.11 -52.59
CA VAL C 10 -56.37 -21.98 -53.41
C VAL C 10 -57.16 -21.02 -52.53
N LYS C 11 -56.70 -19.78 -52.46
CA LYS C 11 -57.35 -18.75 -51.65
C LYS C 11 -57.37 -17.43 -52.40
N LYS C 12 -58.40 -16.63 -52.13
CA LYS C 12 -58.50 -15.30 -52.71
C LYS C 12 -57.49 -14.37 -52.02
N PRO C 13 -57.10 -13.28 -52.70
CA PRO C 13 -56.14 -12.36 -52.09
C PRO C 13 -56.68 -11.75 -50.79
N GLY C 14 -55.76 -11.55 -49.85
CA GLY C 14 -56.11 -10.97 -48.56
C GLY C 14 -56.40 -11.95 -47.45
N GLU C 15 -56.07 -13.23 -47.63
CA GLU C 15 -56.35 -14.27 -46.66
C GLU C 15 -55.06 -14.87 -46.14
N SER C 16 -55.03 -15.18 -44.85
CA SER C 16 -53.86 -15.84 -44.26
C SER C 16 -53.85 -17.32 -44.60
N LEU C 17 -52.64 -17.88 -44.69
CA LEU C 17 -52.46 -19.27 -45.08
C LEU C 17 -51.14 -19.78 -44.50
N LYS C 18 -51.09 -21.08 -44.22
CA LYS C 18 -49.89 -21.72 -43.71
C LYS C 18 -49.68 -23.05 -44.43
N ILE C 19 -48.47 -23.24 -44.95
CA ILE C 19 -48.12 -24.42 -45.73
C ILE C 19 -47.10 -25.23 -44.94
N SER C 20 -47.36 -26.52 -44.76
CA SER C 20 -46.56 -27.38 -43.89
C SER C 20 -45.80 -28.40 -44.73
N CYS C 21 -44.55 -28.65 -44.36
CA CYS C 21 -43.76 -29.74 -44.93
C CYS C 21 -43.01 -30.44 -43.81
N LYS C 22 -43.07 -31.77 -43.80
CA LYS C 22 -42.40 -32.58 -42.80
C LYS C 22 -41.47 -33.57 -43.48
N GLY C 23 -40.20 -33.57 -43.07
CA GLY C 23 -39.28 -34.57 -43.57
C GLY C 23 -39.50 -35.92 -42.90
N SER C 24 -39.20 -36.99 -43.64
CA SER C 24 -39.35 -38.33 -43.12
C SER C 24 -38.29 -39.24 -43.73
N GLY C 25 -37.96 -40.30 -43.01
CA GLY C 25 -37.00 -41.27 -43.47
C GLY C 25 -35.55 -40.97 -43.13
N TYR C 26 -35.26 -39.82 -42.53
CA TYR C 26 -33.90 -39.47 -42.15
C TYR C 26 -33.85 -39.11 -40.67
N SER C 27 -32.76 -39.51 -40.03
CA SER C 27 -32.58 -39.27 -38.60
C SER C 27 -32.08 -37.86 -38.34
N PHE C 28 -32.23 -37.42 -37.08
CA PHE C 28 -31.79 -36.09 -36.65
C PHE C 28 -32.46 -35.00 -37.48
N THR C 29 -33.79 -35.02 -37.50
CA THR C 29 -34.54 -34.09 -38.34
C THR C 29 -34.33 -32.65 -37.89
N SER C 30 -34.34 -32.41 -36.58
CA SER C 30 -34.25 -31.04 -36.08
C SER C 30 -32.88 -30.42 -36.33
N TYR C 31 -31.87 -31.23 -36.61
CA TYR C 31 -30.51 -30.75 -36.84
C TYR C 31 -30.19 -30.57 -38.31
N TYR C 32 -31.20 -30.55 -39.18
CA TYR C 32 -31.03 -30.28 -40.61
C TYR C 32 -31.76 -28.99 -40.94
N TRP C 33 -31.10 -28.10 -41.68
CA TRP C 33 -31.74 -26.86 -42.09
C TRP C 33 -32.81 -27.14 -43.14
N ILE C 34 -34.03 -26.71 -42.85
CA ILE C 34 -35.19 -26.92 -43.72
C ILE C 34 -35.61 -25.57 -44.27
N GLY C 35 -35.71 -25.47 -45.59
CA GLY C 35 -35.98 -24.20 -46.24
C GLY C 35 -37.18 -24.27 -47.16
N TRP C 36 -37.62 -23.09 -47.57
CA TRP C 36 -38.64 -22.90 -48.58
C TRP C 36 -38.02 -22.17 -49.76
N VAL C 37 -38.35 -22.62 -50.97
CA VAL C 37 -37.90 -22.01 -52.22
C VAL C 37 -39.11 -21.78 -53.10
N ARG C 38 -39.24 -20.59 -53.67
CA ARG C 38 -40.40 -20.26 -54.50
C ARG C 38 -40.02 -20.29 -55.97
N GLN C 39 -40.84 -20.96 -56.77
CA GLN C 39 -40.73 -20.94 -58.22
C GLN C 39 -42.01 -20.36 -58.81
N MET C 40 -41.91 -19.17 -59.41
CA MET C 40 -43.05 -18.61 -60.11
C MET C 40 -43.32 -19.46 -61.36
N PRO C 41 -44.59 -19.67 -61.70
CA PRO C 41 -44.90 -20.49 -62.88
C PRO C 41 -44.21 -19.95 -64.12
N GLY C 42 -43.48 -20.83 -64.80
CA GLY C 42 -42.67 -20.44 -65.94
C GLY C 42 -41.58 -19.44 -65.60
N LYS C 43 -40.97 -19.57 -64.41
CA LYS C 43 -39.93 -18.66 -63.98
C LYS C 43 -38.87 -19.43 -63.20
N GLY C 44 -37.78 -18.74 -62.89
CA GLY C 44 -36.66 -19.38 -62.21
C GLY C 44 -36.94 -19.62 -60.74
N LEU C 45 -36.15 -20.53 -60.17
CA LEU C 45 -36.23 -20.82 -58.74
C LEU C 45 -35.74 -19.62 -57.93
N GLU C 46 -36.47 -19.30 -56.87
CA GLU C 46 -36.08 -18.25 -55.95
C GLU C 46 -36.10 -18.80 -54.53
N TRP C 47 -34.95 -18.74 -53.86
CA TRP C 47 -34.85 -19.23 -52.48
C TRP C 47 -35.57 -18.28 -51.54
N MET C 48 -36.52 -18.82 -50.77
CA MET C 48 -37.31 -18.00 -49.86
C MET C 48 -36.65 -17.85 -48.50
N GLY C 49 -36.32 -18.96 -47.85
CA GLY C 49 -35.71 -18.87 -46.54
C GLY C 49 -35.37 -20.23 -46.00
N ILE C 50 -34.74 -20.24 -44.83
CA ILE C 50 -34.35 -21.47 -44.15
C ILE C 50 -34.61 -21.32 -42.65
N VAL C 51 -34.82 -22.46 -41.99
CA VAL C 51 -35.07 -22.50 -40.56
C VAL C 51 -34.34 -23.70 -39.98
N TYR C 52 -33.84 -23.55 -38.75
CA TYR C 52 -33.25 -24.63 -37.99
C TYR C 52 -34.27 -25.11 -36.97
N PRO C 53 -34.85 -26.30 -37.14
CA PRO C 53 -35.94 -26.72 -36.23
C PRO C 53 -35.52 -26.81 -34.77
N ASP C 54 -34.25 -27.13 -34.50
CA ASP C 54 -33.83 -27.36 -33.12
C ASP C 54 -34.00 -26.13 -32.26
N ASP C 55 -33.58 -24.96 -32.75
CA ASP C 55 -33.65 -23.72 -31.99
C ASP C 55 -34.52 -22.65 -32.67
N SER C 56 -35.25 -23.02 -33.72
CA SER C 56 -36.15 -22.09 -34.41
C SER C 56 -35.42 -20.84 -34.88
N ASP C 57 -34.27 -21.03 -35.51
CA ASP C 57 -33.48 -19.93 -36.05
C ASP C 57 -33.75 -19.82 -37.55
N THR C 58 -34.06 -18.60 -38.01
CA THR C 58 -34.46 -18.36 -39.38
C THR C 58 -33.53 -17.35 -40.03
N ARG C 59 -33.22 -17.58 -41.31
CA ARG C 59 -32.40 -16.68 -42.12
C ARG C 59 -33.14 -16.43 -43.44
N TYR C 60 -33.98 -15.40 -43.46
CA TYR C 60 -34.77 -15.09 -44.64
C TYR C 60 -33.91 -14.42 -45.69
N SER C 61 -34.35 -14.53 -46.95
CA SER C 61 -33.72 -13.79 -48.03
C SER C 61 -34.13 -12.32 -47.96
N PRO C 62 -33.25 -11.42 -48.43
CA PRO C 62 -33.61 -9.99 -48.39
C PRO C 62 -34.85 -9.65 -49.21
N SER C 63 -35.05 -10.35 -50.33
CA SER C 63 -36.23 -10.09 -51.15
C SER C 63 -37.51 -10.41 -50.38
N PHE C 64 -37.51 -11.50 -49.61
CA PHE C 64 -38.68 -11.96 -48.89
C PHE C 64 -38.61 -11.63 -47.41
N GLN C 65 -37.65 -10.81 -46.98
CA GLN C 65 -37.53 -10.43 -45.58
C GLN C 65 -38.70 -9.55 -45.17
N GLY C 66 -39.23 -9.80 -43.97
CA GLY C 66 -40.35 -9.04 -43.46
C GLY C 66 -41.68 -9.39 -44.07
N GLN C 67 -41.74 -10.35 -44.99
CA GLN C 67 -42.99 -10.72 -45.65
C GLN C 67 -43.38 -12.15 -45.29
N VAL C 68 -42.55 -13.14 -45.58
CA VAL C 68 -42.86 -14.52 -45.19
C VAL C 68 -42.57 -14.69 -43.71
N THR C 69 -43.18 -15.71 -43.10
CA THR C 69 -42.89 -16.09 -41.72
C THR C 69 -42.64 -17.59 -41.66
N ILE C 70 -41.37 -17.98 -41.78
CA ILE C 70 -41.01 -19.39 -41.70
C ILE C 70 -40.73 -19.76 -40.25
N SER C 71 -41.36 -20.84 -39.78
CA SER C 71 -41.13 -21.35 -38.44
C SER C 71 -41.04 -22.87 -38.53
N ALA C 72 -40.69 -23.50 -37.41
CA ALA C 72 -40.55 -24.95 -37.40
C ALA C 72 -40.95 -25.50 -36.04
N ASP C 73 -41.35 -26.77 -36.03
CA ASP C 73 -41.64 -27.51 -34.82
C ASP C 73 -40.87 -28.82 -34.88
N LYS C 74 -39.93 -29.01 -33.95
CA LYS C 74 -39.11 -30.21 -33.93
C LYS C 74 -39.85 -31.42 -33.39
N SER C 75 -40.96 -31.21 -32.66
CA SER C 75 -41.69 -32.33 -32.09
C SER C 75 -42.22 -33.25 -33.18
N ILE C 76 -42.78 -32.69 -34.24
CA ILE C 76 -43.24 -33.46 -35.38
C ILE C 76 -42.34 -33.28 -36.59
N SER C 77 -41.20 -32.61 -36.42
CA SER C 77 -40.23 -32.40 -37.50
C SER C 77 -40.86 -31.71 -38.71
N THR C 78 -41.72 -30.72 -38.44
CA THR C 78 -42.50 -30.08 -39.48
C THR C 78 -42.16 -28.60 -39.55
N ALA C 79 -41.84 -28.11 -40.74
CA ALA C 79 -41.56 -26.71 -40.99
C ALA C 79 -42.78 -26.06 -41.63
N TYR C 80 -43.18 -24.92 -41.09
CA TYR C 80 -44.37 -24.21 -41.51
C TYR C 80 -43.94 -22.90 -42.18
N LEU C 81 -44.58 -22.58 -43.30
CA LEU C 81 -44.44 -21.28 -43.95
C LEU C 81 -45.77 -20.56 -43.80
N GLN C 82 -45.80 -19.55 -42.95
CA GLN C 82 -46.99 -18.76 -42.70
C GLN C 82 -46.91 -17.47 -43.52
N TRP C 83 -47.86 -17.30 -44.42
CA TRP C 83 -48.01 -16.08 -45.20
C TRP C 83 -49.34 -15.44 -44.83
N SER C 84 -49.29 -14.16 -44.45
CA SER C 84 -50.49 -13.41 -44.10
C SER C 84 -50.79 -12.39 -45.18
N SER C 85 -52.08 -12.20 -45.46
CA SER C 85 -52.55 -11.26 -46.48
C SER C 85 -51.96 -11.59 -47.85
N LEU C 86 -52.37 -12.75 -48.38
CA LEU C 86 -51.90 -13.19 -49.68
C LEU C 86 -52.12 -12.10 -50.74
N LYS C 87 -51.04 -11.70 -51.39
CA LYS C 87 -51.13 -10.75 -52.48
C LYS C 87 -51.30 -11.48 -53.81
N ALA C 88 -51.60 -10.69 -54.85
CA ALA C 88 -51.85 -11.27 -56.17
C ALA C 88 -50.60 -11.95 -56.72
N SER C 89 -49.43 -11.35 -56.50
CA SER C 89 -48.19 -11.93 -57.01
C SER C 89 -47.88 -13.26 -56.35
N ASP C 90 -48.52 -13.56 -55.21
CA ASP C 90 -48.21 -14.74 -54.42
C ASP C 90 -48.95 -15.96 -54.97
N THR C 91 -48.67 -16.27 -56.24
CA THR C 91 -49.24 -17.42 -56.94
C THR C 91 -48.11 -18.18 -57.61
N ALA C 92 -47.47 -19.07 -56.85
CA ALA C 92 -46.27 -19.77 -57.32
C ALA C 92 -46.13 -21.08 -56.57
N MET C 93 -45.32 -21.97 -57.14
CA MET C 93 -45.00 -23.23 -56.50
C MET C 93 -44.04 -22.98 -55.33
N TYR C 94 -44.31 -23.65 -54.20
CA TYR C 94 -43.43 -23.58 -53.04
C TYR C 94 -42.82 -24.95 -52.80
N TYR C 95 -41.49 -25.02 -52.81
CA TYR C 95 -40.77 -26.27 -52.58
C TYR C 95 -40.22 -26.26 -51.16
N CYS C 96 -40.53 -27.30 -50.40
CA CYS C 96 -39.78 -27.59 -49.19
C CYS C 96 -38.47 -28.27 -49.54
N VAL C 97 -37.37 -27.78 -48.99
CA VAL C 97 -36.04 -28.30 -49.26
C VAL C 97 -35.35 -28.59 -47.95
N ARG C 98 -34.39 -29.50 -47.98
CA ARG C 98 -33.49 -29.75 -46.87
C ARG C 98 -32.08 -29.57 -47.38
N HIS C 99 -31.22 -28.93 -46.61
CA HIS C 99 -29.82 -28.93 -46.99
C HIS C 99 -28.92 -29.20 -45.79
N PRO C 100 -27.78 -29.87 -46.02
CA PRO C 100 -26.90 -30.21 -44.91
C PRO C 100 -26.24 -28.98 -44.30
N GLY C 101 -25.57 -29.20 -43.18
CA GLY C 101 -24.81 -28.18 -42.51
C GLY C 101 -23.41 -28.06 -43.07
N GLY C 102 -22.54 -27.41 -42.31
CA GLY C 102 -21.18 -27.24 -42.77
C GLY C 102 -21.11 -26.36 -44.00
N GLY C 103 -20.07 -26.60 -44.80
CA GLY C 103 -19.92 -25.87 -46.05
C GLY C 103 -20.89 -26.29 -47.13
N ASP C 104 -21.49 -27.47 -47.00
CA ASP C 104 -22.41 -28.00 -47.99
C ASP C 104 -23.80 -27.39 -47.76
N TRP C 105 -24.02 -26.25 -48.41
CA TRP C 105 -25.28 -25.52 -48.30
C TRP C 105 -26.23 -25.79 -49.47
N TYR C 106 -25.87 -26.70 -50.37
CA TYR C 106 -26.73 -27.02 -51.50
C TYR C 106 -27.95 -27.82 -51.05
N PHE C 107 -29.08 -27.59 -51.72
CA PHE C 107 -30.34 -28.24 -51.38
C PHE C 107 -30.33 -29.65 -51.99
N ASP C 108 -29.95 -30.64 -51.18
CA ASP C 108 -29.84 -32.00 -51.71
C ASP C 108 -31.21 -32.64 -51.91
N LEU C 109 -32.17 -32.36 -51.04
CA LEU C 109 -33.52 -32.90 -51.15
C LEU C 109 -34.51 -31.78 -51.44
N TRP C 110 -35.47 -32.07 -52.32
CA TRP C 110 -36.52 -31.14 -52.70
C TRP C 110 -37.88 -31.79 -52.48
N GLY C 111 -38.82 -31.03 -51.92
CA GLY C 111 -40.19 -31.48 -51.83
C GLY C 111 -40.89 -31.42 -53.18
N ARG C 112 -42.02 -32.13 -53.27
CA ARG C 112 -42.75 -32.20 -54.53
C ARG C 112 -43.30 -30.84 -54.94
N GLY C 113 -43.82 -30.09 -53.98
CA GLY C 113 -44.31 -28.77 -54.32
C GLY C 113 -45.79 -28.61 -54.03
N THR C 114 -46.19 -27.37 -53.75
CA THR C 114 -47.58 -27.04 -53.45
C THR C 114 -48.05 -25.98 -54.44
N LEU C 115 -49.23 -26.20 -55.03
CA LEU C 115 -49.77 -25.28 -56.03
C LEU C 115 -50.60 -24.23 -55.31
N VAL C 116 -49.91 -23.30 -54.66
CA VAL C 116 -50.59 -22.16 -54.04
C VAL C 116 -51.12 -21.23 -55.11
N THR C 117 -52.44 -21.11 -55.19
CA THR C 117 -53.09 -20.30 -56.22
C THR C 117 -53.85 -19.15 -55.59
N VAL C 118 -53.53 -17.93 -56.03
CA VAL C 118 -54.18 -16.73 -55.48
C VAL C 118 -54.64 -15.81 -56.61
N VAL D 1 -41.83 -49.62 -19.85
CA VAL D 1 -40.40 -49.60 -19.55
C VAL D 1 -39.69 -50.78 -20.22
N GLN D 2 -39.56 -50.71 -21.55
CA GLN D 2 -38.93 -51.77 -22.31
C GLN D 2 -37.99 -51.17 -23.34
N LEU D 3 -37.07 -52.01 -23.81
CA LEU D 3 -36.13 -51.67 -24.87
C LEU D 3 -36.35 -52.65 -26.02
N VAL D 4 -36.79 -52.14 -27.16
CA VAL D 4 -37.08 -52.97 -28.33
C VAL D 4 -35.90 -52.88 -29.28
N GLN D 5 -35.29 -54.02 -29.57
CA GLN D 5 -34.14 -54.07 -30.44
C GLN D 5 -34.53 -54.40 -31.87
N SER D 6 -33.61 -54.16 -32.80
CA SER D 6 -33.84 -54.49 -34.19
C SER D 6 -33.86 -56.00 -34.37
N GLY D 7 -34.54 -56.44 -35.43
CA GLY D 7 -34.69 -57.86 -35.67
C GLY D 7 -33.35 -58.52 -35.97
N ALA D 8 -33.24 -59.79 -35.58
CA ALA D 8 -32.03 -60.54 -35.85
C ALA D 8 -31.81 -60.70 -37.35
N GLU D 9 -30.58 -60.53 -37.79
CA GLU D 9 -30.27 -60.52 -39.21
C GLU D 9 -28.92 -61.20 -39.45
N VAL D 10 -28.76 -61.72 -40.66
CA VAL D 10 -27.56 -62.45 -41.07
C VAL D 10 -26.90 -61.68 -42.20
N LYS D 11 -25.59 -61.45 -42.07
CA LYS D 11 -24.85 -60.69 -43.06
C LYS D 11 -23.50 -61.35 -43.32
N LYS D 12 -23.02 -61.19 -44.54
CA LYS D 12 -21.73 -61.73 -44.96
C LYS D 12 -20.59 -60.85 -44.46
N PRO D 13 -19.37 -61.39 -44.43
CA PRO D 13 -18.24 -60.60 -43.91
C PRO D 13 -17.97 -59.36 -44.75
N GLY D 14 -17.43 -58.34 -44.09
CA GLY D 14 -17.06 -57.10 -44.75
C GLY D 14 -18.18 -56.09 -44.91
N GLU D 15 -19.37 -56.39 -44.42
CA GLU D 15 -20.51 -55.50 -44.59
C GLU D 15 -20.67 -54.61 -43.35
N SER D 16 -21.37 -53.49 -43.55
CA SER D 16 -21.66 -52.55 -42.46
C SER D 16 -22.90 -53.03 -41.72
N LEU D 17 -22.78 -53.17 -40.40
CA LEU D 17 -23.85 -53.70 -39.57
C LEU D 17 -24.33 -52.62 -38.60
N LYS D 18 -25.63 -52.36 -38.60
CA LYS D 18 -26.22 -51.39 -37.68
C LYS D 18 -27.38 -52.04 -36.95
N ILE D 19 -27.38 -51.92 -35.62
CA ILE D 19 -28.41 -52.50 -34.76
C ILE D 19 -29.06 -51.36 -33.97
N SER D 20 -30.39 -51.33 -33.97
CA SER D 20 -31.16 -50.24 -33.40
C SER D 20 -31.90 -50.71 -32.15
N CYS D 21 -31.85 -49.89 -31.11
CA CYS D 21 -32.58 -50.12 -29.86
C CYS D 21 -33.39 -48.87 -29.52
N LYS D 22 -34.70 -49.01 -29.40
CA LYS D 22 -35.58 -47.91 -29.04
C LYS D 22 -36.19 -48.17 -27.67
N GLY D 23 -36.10 -47.18 -26.78
CA GLY D 23 -36.62 -47.32 -25.44
C GLY D 23 -37.98 -46.66 -25.31
N SER D 24 -38.91 -47.36 -24.66
CA SER D 24 -40.26 -46.86 -24.48
C SER D 24 -40.73 -47.15 -23.07
N GLY D 25 -41.75 -46.42 -22.64
CA GLY D 25 -42.38 -46.64 -21.36
C GLY D 25 -41.79 -45.89 -20.18
N TYR D 26 -40.68 -45.18 -20.37
CA TYR D 26 -40.10 -44.37 -19.31
C TYR D 26 -39.76 -43.00 -19.86
N SER D 27 -40.06 -41.96 -19.09
CA SER D 27 -39.77 -40.60 -19.48
C SER D 27 -38.29 -40.28 -19.23
N PHE D 28 -37.85 -39.14 -19.77
CA PHE D 28 -36.45 -38.71 -19.68
C PHE D 28 -35.52 -39.78 -20.24
N THR D 29 -35.85 -40.30 -21.42
CA THR D 29 -35.05 -41.35 -22.04
C THR D 29 -33.64 -40.87 -22.35
N SER D 30 -33.48 -39.59 -22.70
CA SER D 30 -32.16 -39.06 -23.02
C SER D 30 -31.23 -39.03 -21.82
N TYR D 31 -31.76 -39.13 -20.60
CA TYR D 31 -30.97 -39.00 -19.39
C TYR D 31 -30.53 -40.34 -18.82
N TYR D 32 -30.76 -41.44 -19.53
CA TYR D 32 -30.37 -42.77 -19.09
C TYR D 32 -29.24 -43.28 -19.97
N TRP D 33 -28.17 -43.76 -19.35
CA TRP D 33 -27.10 -44.39 -20.10
C TRP D 33 -27.61 -45.68 -20.75
N ILE D 34 -27.39 -45.81 -22.06
CA ILE D 34 -27.85 -46.97 -22.81
C ILE D 34 -26.64 -47.64 -23.44
N GLY D 35 -26.50 -48.94 -23.24
CA GLY D 35 -25.32 -49.65 -23.66
C GLY D 35 -25.64 -50.94 -24.39
N TRP D 36 -24.59 -51.63 -24.82
CA TRP D 36 -24.69 -52.89 -25.53
C TRP D 36 -23.82 -53.95 -24.86
N VAL D 37 -24.35 -55.17 -24.80
CA VAL D 37 -23.63 -56.31 -24.24
C VAL D 37 -23.63 -57.42 -25.28
N ARG D 38 -22.50 -58.11 -25.42
CA ARG D 38 -22.34 -59.17 -26.41
C ARG D 38 -22.35 -60.52 -25.71
N GLN D 39 -23.10 -61.48 -26.26
CA GLN D 39 -23.04 -62.86 -25.82
C GLN D 39 -22.65 -63.71 -27.03
N MET D 40 -21.44 -64.29 -26.99
CA MET D 40 -21.05 -65.25 -27.99
C MET D 40 -21.84 -66.54 -27.79
N PRO D 41 -22.08 -67.30 -28.86
CA PRO D 41 -22.76 -68.60 -28.71
C PRO D 41 -21.99 -69.50 -27.76
N GLY D 42 -22.65 -69.89 -26.68
CA GLY D 42 -22.01 -70.70 -25.65
C GLY D 42 -20.90 -69.99 -24.90
N LYS D 43 -21.10 -68.72 -24.56
CA LYS D 43 -20.10 -67.94 -23.84
C LYS D 43 -20.81 -67.00 -22.87
N GLY D 44 -20.02 -66.41 -21.97
CA GLY D 44 -20.57 -65.45 -21.03
C GLY D 44 -20.74 -64.07 -21.64
N LEU D 45 -21.50 -63.22 -20.94
CA LEU D 45 -21.75 -61.87 -21.42
C LEU D 45 -20.47 -61.03 -21.34
N GLU D 46 -20.33 -60.13 -22.31
CA GLU D 46 -19.22 -59.18 -22.34
C GLU D 46 -19.79 -57.78 -22.55
N TRP D 47 -19.54 -56.89 -21.59
CA TRP D 47 -19.97 -55.50 -21.76
C TRP D 47 -19.16 -54.84 -22.85
N MET D 48 -19.84 -54.09 -23.71
CA MET D 48 -19.22 -53.50 -24.89
C MET D 48 -19.09 -51.99 -24.81
N GLY D 49 -20.18 -51.28 -24.52
CA GLY D 49 -20.09 -49.83 -24.40
C GLY D 49 -21.40 -49.24 -23.95
N ILE D 50 -21.35 -47.96 -23.61
CA ILE D 50 -22.51 -47.19 -23.18
C ILE D 50 -22.45 -45.80 -23.79
N VAL D 51 -23.62 -45.18 -23.94
CA VAL D 51 -23.75 -43.83 -24.47
C VAL D 51 -24.78 -43.07 -23.64
N TYR D 52 -24.51 -41.77 -23.47
CA TYR D 52 -25.48 -40.85 -22.87
C TYR D 52 -26.23 -40.15 -23.98
N PRO D 53 -27.52 -40.40 -24.18
CA PRO D 53 -28.21 -39.83 -25.36
C PRO D 53 -28.21 -38.32 -25.41
N ASP D 54 -28.25 -37.65 -24.27
CA ASP D 54 -28.35 -36.18 -24.28
C ASP D 54 -27.12 -35.54 -24.91
N ASP D 55 -25.93 -35.97 -24.51
CA ASP D 55 -24.69 -35.36 -24.98
C ASP D 55 -23.87 -36.29 -25.86
N SER D 56 -24.35 -37.49 -26.16
CA SER D 56 -23.70 -38.44 -27.05
C SER D 56 -22.33 -38.90 -26.54
N ASP D 57 -22.06 -38.74 -25.25
CA ASP D 57 -20.82 -39.24 -24.68
C ASP D 57 -20.78 -40.76 -24.72
N THR D 58 -19.64 -41.31 -25.10
CA THR D 58 -19.49 -42.74 -25.30
C THR D 58 -18.38 -43.29 -24.42
N ARG D 59 -18.61 -44.45 -23.83
CA ARG D 59 -17.61 -45.19 -23.08
C ARG D 59 -17.56 -46.61 -23.62
N TYR D 60 -16.34 -47.15 -23.74
CA TYR D 60 -16.15 -48.46 -24.36
C TYR D 60 -15.28 -49.35 -23.48
N SER D 61 -15.52 -50.65 -23.59
CA SER D 61 -14.61 -51.62 -23.03
C SER D 61 -13.29 -51.62 -23.81
N PRO D 62 -12.16 -51.89 -23.15
CA PRO D 62 -10.89 -51.89 -23.88
C PRO D 62 -10.85 -52.85 -25.05
N SER D 63 -11.47 -54.02 -24.93
CA SER D 63 -11.47 -54.98 -26.02
C SER D 63 -12.27 -54.47 -27.21
N PHE D 64 -13.43 -53.87 -26.95
CA PHE D 64 -14.34 -53.46 -28.02
C PHE D 64 -14.12 -52.02 -28.47
N GLN D 65 -13.24 -51.27 -27.82
CA GLN D 65 -13.01 -49.88 -28.22
C GLN D 65 -12.38 -49.83 -29.60
N GLY D 66 -12.89 -48.93 -30.43
CA GLY D 66 -12.43 -48.85 -31.82
C GLY D 66 -13.07 -49.87 -32.73
N GLN D 67 -13.18 -51.11 -32.29
CA GLN D 67 -13.83 -52.15 -33.09
C GLN D 67 -15.31 -51.83 -33.31
N VAL D 68 -15.98 -51.31 -32.29
CA VAL D 68 -17.39 -50.95 -32.38
C VAL D 68 -17.50 -49.43 -32.36
N THR D 69 -18.65 -48.93 -32.81
CA THR D 69 -19.01 -47.53 -32.62
C THR D 69 -20.45 -47.47 -32.15
N ILE D 70 -20.67 -46.91 -30.96
CA ILE D 70 -21.99 -46.86 -30.36
C ILE D 70 -22.44 -45.40 -30.35
N SER D 71 -23.64 -45.15 -30.86
CA SER D 71 -24.16 -43.80 -31.03
C SER D 71 -25.56 -43.73 -30.45
N ALA D 72 -26.01 -42.50 -30.18
CA ALA D 72 -27.33 -42.27 -29.62
C ALA D 72 -28.04 -41.18 -30.39
N ASP D 73 -29.21 -41.52 -30.93
CA ASP D 73 -30.14 -40.55 -31.52
C ASP D 73 -31.14 -40.19 -30.44
N LYS D 74 -30.91 -39.05 -29.78
CA LYS D 74 -31.78 -38.63 -28.69
C LYS D 74 -33.15 -38.21 -29.20
N SER D 75 -33.24 -37.77 -30.45
CA SER D 75 -34.50 -37.28 -30.99
C SER D 75 -35.56 -38.37 -31.01
N ILE D 76 -35.18 -39.58 -31.42
CA ILE D 76 -36.11 -40.71 -31.49
C ILE D 76 -35.86 -41.73 -30.38
N SER D 77 -35.13 -41.34 -29.33
CA SER D 77 -34.91 -42.20 -28.16
C SER D 77 -34.30 -43.55 -28.55
N THR D 78 -33.27 -43.50 -29.41
CA THR D 78 -32.72 -44.71 -29.99
C THR D 78 -31.21 -44.73 -29.79
N ALA D 79 -30.65 -45.94 -29.70
CA ALA D 79 -29.22 -46.16 -29.66
C ALA D 79 -28.83 -47.17 -30.71
N TYR D 80 -27.72 -46.89 -31.39
CA TYR D 80 -27.26 -47.70 -32.51
C TYR D 80 -25.90 -48.29 -32.21
N LEU D 81 -25.77 -49.58 -32.45
CA LEU D 81 -24.49 -50.29 -32.41
C LEU D 81 -24.05 -50.51 -33.85
N GLN D 82 -22.91 -49.92 -34.21
CA GLN D 82 -22.41 -49.94 -35.59
C GLN D 82 -21.10 -50.71 -35.63
N TRP D 83 -21.06 -51.75 -36.45
CA TRP D 83 -19.86 -52.55 -36.68
C TRP D 83 -19.43 -52.40 -38.13
N SER D 84 -18.14 -52.21 -38.34
CA SER D 84 -17.52 -52.24 -39.66
C SER D 84 -16.59 -53.45 -39.75
N SER D 85 -16.46 -53.97 -40.96
CA SER D 85 -15.64 -55.15 -41.23
C SER D 85 -16.13 -56.36 -40.42
N LEU D 86 -17.35 -56.79 -40.74
CA LEU D 86 -17.92 -57.97 -40.11
C LEU D 86 -17.04 -59.19 -40.38
N LYS D 87 -16.85 -60.01 -39.35
CA LYS D 87 -15.99 -61.19 -39.45
C LYS D 87 -16.66 -62.35 -38.72
N ALA D 88 -16.01 -63.52 -38.78
CA ALA D 88 -16.55 -64.71 -38.13
C ALA D 88 -16.62 -64.53 -36.61
N SER D 89 -15.60 -63.89 -36.03
CA SER D 89 -15.63 -63.59 -34.61
C SER D 89 -16.81 -62.67 -34.28
N ASP D 90 -17.29 -61.92 -35.28
CA ASP D 90 -18.43 -61.02 -35.10
C ASP D 90 -19.74 -61.78 -35.30
N THR D 91 -19.86 -62.88 -34.56
CA THR D 91 -21.06 -63.73 -34.58
C THR D 91 -21.49 -63.96 -33.14
N ALA D 92 -22.58 -63.32 -32.75
CA ALA D 92 -23.04 -63.34 -31.37
C ALA D 92 -24.41 -62.69 -31.31
N MET D 93 -25.05 -62.81 -30.16
CA MET D 93 -26.35 -62.17 -29.95
C MET D 93 -26.19 -61.04 -28.96
N TYR D 94 -26.74 -59.89 -29.31
CA TYR D 94 -26.42 -58.63 -28.64
C TYR D 94 -27.64 -58.14 -27.87
N TYR D 95 -27.39 -57.57 -26.70
CA TYR D 95 -28.42 -57.01 -25.82
C TYR D 95 -28.27 -55.50 -25.74
N CYS D 96 -29.36 -54.80 -25.97
CA CYS D 96 -29.46 -53.41 -25.57
C CYS D 96 -29.86 -53.34 -24.10
N VAL D 97 -29.11 -52.58 -23.30
CA VAL D 97 -29.27 -52.55 -21.86
C VAL D 97 -29.35 -51.11 -21.39
N ARG D 98 -30.05 -50.88 -20.28
CA ARG D 98 -30.21 -49.55 -19.71
C ARG D 98 -29.54 -49.48 -18.35
N HIS D 99 -28.91 -48.34 -18.06
CA HIS D 99 -28.28 -48.06 -16.78
C HIS D 99 -29.14 -47.11 -15.95
N PRO D 100 -29.29 -47.37 -14.65
CA PRO D 100 -29.76 -46.34 -13.74
C PRO D 100 -28.68 -45.28 -13.53
N GLY D 101 -29.09 -44.14 -13.01
CA GLY D 101 -28.19 -43.04 -12.74
C GLY D 101 -27.41 -43.24 -11.47
N GLY D 102 -26.69 -42.19 -11.07
CA GLY D 102 -25.93 -42.23 -9.83
C GLY D 102 -24.88 -43.31 -9.85
N GLY D 103 -24.69 -43.95 -8.69
CA GLY D 103 -23.68 -44.97 -8.53
C GLY D 103 -24.11 -46.37 -8.86
N ASP D 104 -25.36 -46.56 -9.28
CA ASP D 104 -25.86 -47.88 -9.66
C ASP D 104 -25.60 -48.09 -11.14
N TRP D 105 -24.63 -48.94 -11.45
CA TRP D 105 -24.19 -49.19 -12.82
C TRP D 105 -24.44 -50.62 -13.27
N TYR D 106 -25.46 -51.28 -12.71
CA TYR D 106 -25.94 -52.52 -13.27
C TYR D 106 -26.90 -52.23 -14.42
N PHE D 107 -27.30 -53.27 -15.13
CA PHE D 107 -28.22 -53.15 -16.25
C PHE D 107 -29.62 -53.54 -15.76
N ASP D 108 -30.42 -52.55 -15.40
CA ASP D 108 -31.75 -52.84 -14.86
C ASP D 108 -32.70 -53.35 -15.95
N LEU D 109 -32.60 -52.79 -17.16
CA LEU D 109 -33.46 -53.19 -18.27
C LEU D 109 -32.62 -53.83 -19.36
N TRP D 110 -33.11 -54.95 -19.89
CA TRP D 110 -32.47 -55.68 -20.98
C TRP D 110 -33.44 -55.81 -22.13
N GLY D 111 -32.93 -55.65 -23.35
CA GLY D 111 -33.73 -55.88 -24.54
C GLY D 111 -33.94 -57.36 -24.80
N ARG D 112 -34.84 -57.63 -25.75
CA ARG D 112 -35.14 -59.01 -26.09
C ARG D 112 -33.92 -59.71 -26.72
N GLY D 113 -33.16 -58.99 -27.55
CA GLY D 113 -31.97 -59.54 -28.14
C GLY D 113 -31.91 -59.42 -29.66
N THR D 114 -30.69 -59.42 -30.21
CA THR D 114 -30.49 -59.31 -31.66
C THR D 114 -29.35 -60.24 -32.04
N LEU D 115 -29.69 -61.41 -32.56
CA LEU D 115 -28.68 -62.34 -33.06
C LEU D 115 -28.10 -61.83 -34.37
N VAL D 116 -26.77 -61.88 -34.48
CA VAL D 116 -26.07 -61.55 -35.71
C VAL D 116 -25.07 -62.66 -35.97
N THR D 117 -25.20 -63.32 -37.12
CA THR D 117 -24.33 -64.43 -37.51
C THR D 117 -23.66 -64.08 -38.82
N VAL D 118 -22.35 -64.24 -38.87
CA VAL D 118 -21.58 -63.91 -40.07
C VAL D 118 -21.08 -65.18 -40.74
N ASP E 1 -9.08 -53.67 -15.35
CA ASP E 1 -10.12 -54.63 -15.67
C ASP E 1 -10.25 -55.69 -14.57
N ILE E 2 -11.21 -55.47 -13.66
CA ILE E 2 -11.43 -56.43 -12.59
C ILE E 2 -11.89 -57.76 -13.18
N GLN E 3 -11.26 -58.84 -12.74
CA GLN E 3 -11.55 -60.18 -13.26
C GLN E 3 -12.43 -60.93 -12.27
N MET E 4 -13.50 -61.54 -12.79
CA MET E 4 -14.44 -62.31 -11.98
C MET E 4 -14.36 -63.78 -12.35
N THR E 5 -14.19 -64.61 -11.34
CA THR E 5 -14.24 -66.06 -11.48
C THR E 5 -15.47 -66.58 -10.75
N GLN E 6 -16.31 -67.33 -11.46
CA GLN E 6 -17.58 -67.80 -10.92
C GLN E 6 -17.52 -69.31 -10.77
N SER E 7 -17.75 -69.78 -9.54
CA SER E 7 -17.59 -71.19 -9.20
C SER E 7 -18.86 -71.72 -8.55
N PRO E 8 -19.27 -72.96 -8.86
CA PRO E 8 -18.63 -73.80 -9.87
C PRO E 8 -19.13 -73.46 -11.28
N SER E 9 -18.41 -73.92 -12.31
CA SER E 9 -18.83 -73.60 -13.68
C SER E 9 -20.20 -74.19 -13.98
N THR E 10 -20.45 -75.43 -13.54
CA THR E 10 -21.76 -76.05 -13.66
C THR E 10 -22.09 -76.72 -12.33
N LEU E 11 -23.36 -76.63 -11.93
CA LEU E 11 -23.84 -77.22 -10.69
C LEU E 11 -25.14 -77.96 -10.95
N SER E 12 -25.28 -79.14 -10.37
CA SER E 12 -26.49 -79.94 -10.47
C SER E 12 -27.03 -80.19 -9.07
N ALA E 13 -28.29 -79.81 -8.84
CA ALA E 13 -28.93 -79.99 -7.55
C ALA E 13 -30.39 -80.33 -7.75
N SER E 14 -30.91 -81.19 -6.88
CA SER E 14 -32.30 -81.59 -6.94
C SER E 14 -33.23 -80.42 -6.59
N VAL E 15 -34.44 -80.46 -7.13
CA VAL E 15 -35.41 -79.41 -6.86
C VAL E 15 -35.73 -79.36 -5.37
N GLY E 16 -35.82 -78.14 -4.84
CA GLY E 16 -36.04 -77.94 -3.43
C GLY E 16 -34.78 -77.81 -2.60
N ASP E 17 -33.61 -78.02 -3.19
CA ASP E 17 -32.36 -77.89 -2.46
C ASP E 17 -31.94 -76.43 -2.38
N ARG E 18 -30.99 -76.16 -1.48
CA ARG E 18 -30.37 -74.85 -1.36
C ARG E 18 -29.08 -74.84 -2.16
N VAL E 19 -28.94 -73.88 -3.06
CA VAL E 19 -27.81 -73.81 -3.98
C VAL E 19 -27.03 -72.53 -3.70
N THR E 20 -25.71 -72.64 -3.70
CA THR E 20 -24.81 -71.51 -3.48
C THR E 20 -23.84 -71.39 -4.65
N ILE E 21 -23.60 -70.15 -5.08
CA ILE E 21 -22.71 -69.82 -6.18
C ILE E 21 -21.76 -68.73 -5.71
N THR E 22 -20.47 -68.90 -6.00
CA THR E 22 -19.43 -67.98 -5.52
C THR E 22 -18.91 -67.15 -6.68
N CYS E 23 -18.86 -65.83 -6.49
CA CYS E 23 -18.23 -64.91 -7.43
C CYS E 23 -17.02 -64.28 -6.75
N ARG E 24 -15.85 -64.47 -7.35
CA ARG E 24 -14.58 -64.02 -6.78
C ARG E 24 -13.99 -62.93 -7.64
N ALA E 25 -13.49 -61.88 -7.01
CA ALA E 25 -12.97 -60.70 -7.68
C ALA E 25 -11.45 -60.69 -7.65
N SER E 26 -10.84 -60.20 -8.73
CA SER E 26 -9.39 -60.03 -8.75
C SER E 26 -8.95 -59.00 -7.72
N GLN E 27 -9.69 -57.90 -7.60
CA GLN E 27 -9.44 -56.89 -6.58
C GLN E 27 -10.77 -56.57 -5.89
N SER E 28 -10.66 -56.08 -4.65
CA SER E 28 -11.84 -55.89 -3.82
C SER E 28 -12.77 -54.83 -4.40
N ILE E 29 -14.06 -55.11 -4.33
CA ILE E 29 -15.10 -54.17 -4.71
C ILE E 29 -16.04 -54.01 -3.51
N SER E 30 -16.43 -52.76 -3.23
CA SER E 30 -17.20 -52.45 -2.03
C SER E 30 -18.69 -52.67 -2.30
N SER E 31 -19.08 -53.95 -2.32
CA SER E 31 -20.48 -54.34 -2.46
C SER E 31 -21.10 -53.77 -3.73
N TRP E 32 -20.44 -53.98 -4.86
CA TRP E 32 -20.89 -53.46 -6.16
C TRP E 32 -21.01 -54.63 -7.13
N LEU E 33 -21.67 -55.70 -6.72
CA LEU E 33 -21.90 -56.86 -7.57
C LEU E 33 -23.38 -57.01 -7.87
N ALA E 34 -23.69 -57.43 -9.08
CA ALA E 34 -25.06 -57.66 -9.51
C ALA E 34 -25.22 -59.07 -10.04
N TRP E 35 -26.34 -59.69 -9.68
CA TRP E 35 -26.69 -61.06 -10.05
C TRP E 35 -27.90 -61.07 -10.99
N TYR E 36 -27.74 -61.76 -12.12
CA TYR E 36 -28.71 -61.85 -13.20
C TYR E 36 -29.13 -63.30 -13.46
N GLN E 37 -30.41 -63.50 -13.76
CA GLN E 37 -30.99 -64.77 -14.22
C GLN E 37 -31.07 -64.74 -15.74
N GLN E 38 -30.39 -65.66 -16.41
CA GLN E 38 -30.55 -65.83 -17.85
C GLN E 38 -31.05 -67.25 -18.12
N LYS E 39 -32.31 -67.37 -18.54
CA LYS E 39 -32.84 -68.63 -19.03
C LYS E 39 -32.38 -68.85 -20.46
N PRO E 40 -32.32 -70.11 -20.91
CA PRO E 40 -31.82 -70.38 -22.26
C PRO E 40 -32.66 -69.68 -23.32
N GLY E 41 -31.96 -68.98 -24.22
CA GLY E 41 -32.65 -68.22 -25.25
C GLY E 41 -33.39 -67.00 -24.75
N LYS E 42 -33.05 -66.50 -23.56
CA LYS E 42 -33.76 -65.39 -22.95
C LYS E 42 -32.78 -64.30 -22.54
N ALA E 43 -33.34 -63.14 -22.19
CA ALA E 43 -32.64 -61.96 -21.70
C ALA E 43 -32.33 -62.10 -20.22
N PRO E 44 -31.09 -61.85 -19.80
CA PRO E 44 -30.79 -61.84 -18.37
C PRO E 44 -31.65 -60.81 -17.64
N LYS E 45 -32.20 -61.24 -16.51
CA LYS E 45 -33.06 -60.41 -15.68
C LYS E 45 -32.37 -60.15 -14.36
N LEU E 46 -32.32 -58.88 -13.94
CA LEU E 46 -31.67 -58.54 -12.70
C LEU E 46 -32.42 -59.15 -11.51
N LEU E 47 -31.70 -59.96 -10.74
CA LEU E 47 -32.17 -60.33 -9.40
C LEU E 47 -31.64 -59.38 -8.34
N ILE E 48 -30.33 -59.26 -8.23
CA ILE E 48 -29.73 -58.66 -7.05
C ILE E 48 -28.77 -57.55 -7.46
N TYR E 49 -28.93 -56.39 -6.84
CA TYR E 49 -28.02 -55.27 -7.02
C TYR E 49 -27.51 -54.84 -5.66
N LYS E 50 -26.23 -54.45 -5.60
CA LYS E 50 -25.46 -54.13 -4.39
C LYS E 50 -25.19 -55.40 -3.61
N ALA E 51 -25.49 -56.57 -4.19
CA ALA E 51 -25.29 -57.90 -3.62
C ALA E 51 -26.20 -58.19 -2.43
N SER E 52 -26.98 -57.22 -1.97
CA SER E 52 -27.88 -57.45 -0.85
C SER E 52 -29.34 -57.26 -1.27
N SER E 53 -29.65 -56.08 -1.84
CA SER E 53 -31.02 -55.80 -2.25
C SER E 53 -31.36 -56.57 -3.53
N LEU E 54 -32.64 -56.90 -3.67
CA LEU E 54 -33.12 -57.66 -4.82
C LEU E 54 -34.09 -56.82 -5.63
N GLU E 55 -34.11 -57.07 -6.94
CA GLU E 55 -34.96 -56.32 -7.84
C GLU E 55 -36.43 -56.67 -7.64
N SER E 56 -37.30 -55.72 -7.97
CA SER E 56 -38.74 -55.96 -7.90
C SER E 56 -39.15 -57.04 -8.89
N GLY E 57 -40.11 -57.85 -8.49
CA GLY E 57 -40.52 -58.98 -9.29
C GLY E 57 -39.70 -60.24 -9.06
N VAL E 58 -38.77 -60.21 -8.13
CA VAL E 58 -37.93 -61.36 -7.79
C VAL E 58 -38.38 -61.89 -6.44
N PRO E 59 -38.69 -63.18 -6.31
CA PRO E 59 -39.15 -63.71 -5.03
C PRO E 59 -38.05 -63.74 -3.99
N SER E 60 -38.47 -63.83 -2.73
CA SER E 60 -37.53 -63.79 -1.61
C SER E 60 -36.64 -65.03 -1.54
N ARG E 61 -36.96 -66.08 -2.29
CA ARG E 61 -36.14 -67.29 -2.25
C ARG E 61 -34.72 -67.00 -2.74
N PHE E 62 -34.59 -66.18 -3.77
CA PHE E 62 -33.26 -65.76 -4.22
C PHE E 62 -32.67 -64.77 -3.23
N SER E 63 -31.39 -64.93 -2.91
CA SER E 63 -30.73 -64.06 -1.95
C SER E 63 -29.26 -63.93 -2.31
N GLY E 64 -28.63 -62.87 -1.80
CA GLY E 64 -27.22 -62.64 -2.05
C GLY E 64 -26.53 -62.12 -0.81
N SER E 65 -25.22 -62.31 -0.77
CA SER E 65 -24.42 -61.90 0.37
C SER E 65 -22.97 -61.77 -0.08
N GLY E 66 -22.12 -61.37 0.85
CA GLY E 66 -20.71 -61.26 0.56
C GLY E 66 -20.26 -59.82 0.41
N SER E 67 -18.94 -59.64 0.40
CA SER E 67 -18.34 -58.32 0.28
C SER E 67 -16.87 -58.50 -0.04
N GLY E 68 -16.28 -57.47 -0.64
CA GLY E 68 -14.90 -57.58 -1.06
C GLY E 68 -14.76 -58.45 -2.29
N THR E 69 -13.73 -59.30 -2.26
CA THR E 69 -13.49 -60.20 -3.39
C THR E 69 -14.54 -61.29 -3.48
N GLU E 70 -15.01 -61.80 -2.33
CA GLU E 70 -15.92 -62.94 -2.30
C GLU E 70 -17.37 -62.49 -2.18
N PHE E 71 -18.23 -63.03 -3.06
CA PHE E 71 -19.66 -62.80 -3.02
C PHE E 71 -20.36 -64.14 -3.24
N THR E 72 -21.57 -64.26 -2.72
CA THR E 72 -22.33 -65.50 -2.80
C THR E 72 -23.77 -65.22 -3.20
N LEU E 73 -24.33 -66.15 -3.98
CA LEU E 73 -25.73 -66.14 -4.40
C LEU E 73 -26.36 -67.45 -3.96
N THR E 74 -27.50 -67.38 -3.28
CA THR E 74 -28.09 -68.56 -2.65
C THR E 74 -29.58 -68.62 -2.95
N ILE E 75 -30.04 -69.83 -3.29
CA ILE E 75 -31.46 -70.13 -3.43
C ILE E 75 -31.82 -71.16 -2.36
N THR E 76 -32.78 -70.79 -1.49
CA THR E 76 -33.17 -71.68 -0.40
C THR E 76 -33.98 -72.87 -0.91
N SER E 77 -34.94 -72.62 -1.80
CA SER E 77 -35.80 -73.67 -2.36
C SER E 77 -35.89 -73.49 -3.86
N LEU E 78 -35.47 -74.52 -4.59
CA LEU E 78 -35.43 -74.43 -6.04
C LEU E 78 -36.83 -74.58 -6.65
N GLN E 79 -37.00 -74.00 -7.82
CA GLN E 79 -38.23 -74.06 -8.61
C GLN E 79 -37.85 -74.40 -10.05
N PRO E 80 -38.81 -74.92 -10.82
CA PRO E 80 -38.48 -75.28 -12.22
C PRO E 80 -37.92 -74.12 -13.03
N ASP E 81 -38.45 -72.91 -12.85
CA ASP E 81 -37.93 -71.76 -13.58
C ASP E 81 -36.60 -71.29 -13.02
N ASP E 82 -36.29 -71.64 -11.78
CA ASP E 82 -35.04 -71.18 -11.15
C ASP E 82 -33.82 -71.73 -11.86
N PHE E 83 -33.89 -72.97 -12.35
CA PHE E 83 -32.73 -73.58 -13.00
C PHE E 83 -32.43 -72.90 -14.32
N ALA E 84 -31.34 -72.13 -14.35
CA ALA E 84 -30.84 -71.52 -15.57
C ALA E 84 -29.51 -70.83 -15.25
N THR E 85 -28.94 -70.18 -16.27
CA THR E 85 -27.64 -69.56 -16.12
C THR E 85 -27.73 -68.36 -15.17
N TYR E 86 -26.67 -68.16 -14.38
CA TYR E 86 -26.59 -67.05 -13.44
C TYR E 86 -25.31 -66.27 -13.71
N TYR E 87 -25.42 -64.94 -13.67
CA TYR E 87 -24.26 -64.09 -13.92
C TYR E 87 -24.04 -63.10 -12.79
N CYS E 88 -22.76 -62.83 -12.51
CA CYS E 88 -22.34 -61.80 -11.57
C CYS E 88 -21.46 -60.80 -12.30
N GLN E 89 -21.75 -59.50 -12.12
CA GLN E 89 -20.93 -58.46 -12.75
C GLN E 89 -20.63 -57.37 -11.74
N GLN E 90 -19.38 -56.93 -11.70
CA GLN E 90 -19.00 -55.80 -10.86
C GLN E 90 -19.32 -54.49 -11.56
N TYR E 91 -19.80 -53.52 -10.80
CA TYR E 91 -19.93 -52.16 -11.28
C TYR E 91 -19.24 -51.16 -10.35
N ASP E 92 -18.20 -51.62 -9.64
CA ASP E 92 -17.41 -50.71 -8.82
C ASP E 92 -16.62 -49.73 -9.68
N SER E 93 -15.98 -50.23 -10.74
CA SER E 93 -15.20 -49.39 -11.64
C SER E 93 -15.56 -49.75 -13.08
N PHE E 94 -15.25 -48.85 -13.99
CA PHE E 94 -15.64 -49.04 -15.38
C PHE E 94 -14.83 -50.17 -16.01
N SER E 95 -15.10 -50.41 -17.30
CA SER E 95 -14.71 -51.64 -17.98
C SER E 95 -15.32 -52.84 -17.28
N TRP E 96 -16.65 -52.80 -17.15
CA TRP E 96 -17.38 -53.79 -16.37
C TRP E 96 -17.19 -55.19 -16.93
N THR E 97 -17.02 -56.16 -16.03
CA THR E 97 -16.72 -57.54 -16.40
C THR E 97 -17.77 -58.46 -15.80
N PHE E 98 -18.21 -59.43 -16.60
CA PHE E 98 -19.18 -60.44 -16.16
C PHE E 98 -18.46 -61.70 -15.71
N GLY E 99 -19.21 -62.54 -14.98
CA GLY E 99 -18.74 -63.87 -14.69
C GLY E 99 -18.95 -64.80 -15.87
N GLN E 100 -18.30 -65.96 -15.79
CA GLN E 100 -18.43 -66.94 -16.87
C GLN E 100 -19.85 -67.49 -16.94
N GLY E 101 -20.48 -67.70 -15.80
CA GLY E 101 -21.84 -68.19 -15.77
C GLY E 101 -21.92 -69.59 -15.20
N THR E 102 -23.01 -69.86 -14.49
CA THR E 102 -23.24 -71.16 -13.87
C THR E 102 -24.53 -71.76 -14.42
N LYS E 103 -24.43 -72.92 -15.04
CA LYS E 103 -25.60 -73.61 -15.57
C LYS E 103 -26.16 -74.53 -14.48
N LEU E 104 -27.44 -74.36 -14.17
CA LEU E 104 -28.10 -75.09 -13.11
C LEU E 104 -28.96 -76.20 -13.69
N GLU E 105 -28.76 -77.43 -13.19
CA GLU E 105 -29.52 -78.58 -13.65
C GLU E 105 -30.15 -79.28 -12.44
N ILE E 106 -31.24 -79.97 -12.69
CA ILE E 106 -31.93 -80.74 -11.64
C ILE E 106 -31.08 -81.94 -11.25
N PRO F 1 2.72 -36.34 41.82
CA PRO F 1 3.42 -35.97 40.59
C PRO F 1 4.80 -35.34 40.86
N ALA F 2 5.85 -36.16 40.82
CA ALA F 2 7.19 -35.64 41.01
C ALA F 2 7.60 -34.75 39.83
N TYR F 3 8.27 -33.64 40.13
CA TYR F 3 8.72 -32.70 39.12
C TYR F 3 10.21 -32.48 39.26
N THR F 4 10.86 -32.19 38.12
CA THR F 4 12.24 -31.74 38.12
C THR F 4 12.39 -30.60 37.11
N ASN F 5 13.41 -29.78 37.34
CA ASN F 5 13.61 -28.61 36.50
C ASN F 5 14.27 -29.00 35.18
N SER F 6 13.81 -28.39 34.08
CA SER F 6 14.41 -28.58 32.77
C SER F 6 15.38 -27.43 32.49
N PHE F 7 16.67 -27.70 32.59
CA PHE F 7 17.70 -26.66 32.45
C PHE F 7 18.13 -26.58 30.99
N THR F 8 17.55 -25.61 30.26
CA THR F 8 17.91 -25.36 28.86
C THR F 8 17.84 -26.65 28.03
N ARG F 9 16.78 -27.40 28.23
CA ARG F 9 16.66 -28.75 27.69
C ARG F 9 15.50 -28.80 26.70
N GLY F 10 15.66 -29.63 25.67
CA GLY F 10 14.61 -29.84 24.70
C GLY F 10 14.75 -29.06 23.41
N VAL F 11 15.87 -28.36 23.21
CA VAL F 11 16.06 -27.56 22.01
C VAL F 11 16.32 -28.47 20.82
N TYR F 12 15.58 -28.26 19.74
CA TYR F 12 15.71 -29.06 18.54
C TYR F 12 15.85 -28.13 17.34
N TYR F 13 16.11 -28.72 16.17
CA TYR F 13 16.19 -27.95 14.95
C TYR F 13 14.79 -27.76 14.39
N PRO F 14 14.24 -26.53 14.40
CA PRO F 14 12.85 -26.36 13.95
C PRO F 14 12.70 -26.49 12.44
N ASP F 15 13.59 -25.89 11.67
CA ASP F 15 13.56 -25.96 10.22
C ASP F 15 14.73 -26.78 9.72
N LYS F 16 14.61 -27.28 8.50
CA LYS F 16 15.66 -28.07 7.89
C LYS F 16 16.55 -27.26 6.96
N VAL F 17 16.48 -25.94 7.03
CA VAL F 17 17.47 -25.10 6.37
C VAL F 17 18.72 -25.00 7.25
N PHE F 18 19.87 -25.22 6.64
CA PHE F 18 21.13 -25.12 7.37
C PHE F 18 21.46 -23.67 7.68
N ARG F 19 21.93 -23.42 8.89
CA ARG F 19 22.39 -22.10 9.30
C ARG F 19 23.70 -22.27 10.06
N SER F 20 24.66 -21.39 9.78
CA SER F 20 25.98 -21.48 10.39
C SER F 20 26.40 -20.11 10.93
N SER F 21 26.94 -20.12 12.15
CA SER F 21 27.52 -18.93 12.78
C SER F 21 26.54 -17.75 12.79
N VAL F 22 25.27 -18.05 13.04
CA VAL F 22 24.22 -17.04 12.95
C VAL F 22 23.26 -17.19 14.12
N LEU F 23 22.67 -16.08 14.54
CA LEU F 23 21.63 -16.05 15.55
C LEU F 23 20.30 -15.83 14.86
N HIS F 24 19.39 -16.79 15.01
CA HIS F 24 18.13 -16.77 14.26
C HIS F 24 16.94 -16.84 15.22
N SER F 25 15.92 -16.05 14.93
CA SER F 25 14.70 -16.05 15.74
C SER F 25 13.69 -17.02 15.16
N THR F 26 13.11 -17.86 16.02
CA THR F 26 12.14 -18.87 15.60
C THR F 26 10.94 -18.83 16.53
N GLN F 27 9.75 -18.60 15.96
CA GLN F 27 8.50 -18.73 16.70
C GLN F 27 7.97 -20.15 16.43
N ASP F 28 8.18 -21.05 17.39
CA ASP F 28 7.83 -22.44 17.21
C ASP F 28 7.47 -23.07 18.55
N LEU F 29 6.93 -24.29 18.49
CA LEU F 29 6.59 -25.06 19.68
C LEU F 29 7.87 -25.62 20.28
N PHE F 30 8.30 -25.05 21.40
CA PHE F 30 9.48 -25.51 22.11
C PHE F 30 9.12 -25.81 23.56
N LEU F 31 10.01 -26.53 24.23
CA LEU F 31 9.87 -26.70 25.67
C LEU F 31 10.37 -25.44 26.37
N PRO F 32 9.53 -24.77 27.16
CA PRO F 32 9.99 -23.56 27.85
C PRO F 32 11.17 -23.86 28.75
N PHE F 33 12.10 -22.90 28.81
CA PHE F 33 13.27 -23.05 29.66
C PHE F 33 12.89 -22.97 31.13
N PHE F 34 13.57 -23.77 31.95
CA PHE F 34 13.41 -23.78 33.40
C PHE F 34 11.95 -23.99 33.79
N SER F 35 11.35 -25.03 33.21
CA SER F 35 9.99 -25.46 33.52
C SER F 35 10.05 -26.79 34.26
N ASN F 36 9.09 -27.01 35.14
CA ASN F 36 8.97 -28.31 35.79
C ASN F 36 8.45 -29.35 34.81
N VAL F 37 9.15 -30.48 34.75
CA VAL F 37 8.75 -31.62 33.92
C VAL F 37 8.47 -32.78 34.85
N THR F 38 7.38 -33.49 34.60
CA THR F 38 6.97 -34.57 35.50
C THR F 38 7.93 -35.74 35.38
N TRP F 39 8.37 -36.26 36.53
CA TRP F 39 9.34 -37.34 36.60
C TRP F 39 8.66 -38.61 37.08
N PHE F 40 8.81 -39.69 36.30
CA PHE F 40 8.33 -41.01 36.67
C PHE F 40 9.52 -41.95 36.79
N HIS F 41 9.61 -42.63 37.93
CA HIS F 41 10.70 -43.55 38.22
C HIS F 41 10.19 -44.99 38.14
N VAL F 42 10.98 -45.85 37.50
CA VAL F 42 10.65 -47.26 37.36
C VAL F 42 11.65 -48.10 38.14
N ASP F 53 5.82 -47.09 36.83
CA ASP F 53 4.75 -46.10 36.80
C ASP F 53 4.60 -45.51 35.40
N ASN F 54 3.66 -46.04 34.63
CA ASN F 54 3.38 -45.58 33.28
C ASN F 54 1.87 -45.37 33.11
N PRO F 55 1.34 -44.28 33.65
CA PRO F 55 -0.08 -43.98 33.49
C PRO F 55 -0.36 -43.39 32.11
N VAL F 56 -1.61 -43.03 31.87
CA VAL F 56 -2.03 -42.49 30.58
C VAL F 56 -1.79 -40.98 30.58
N LEU F 57 -0.58 -40.58 30.21
CA LEU F 57 -0.19 -39.18 30.27
C LEU F 57 -0.85 -38.39 29.13
N PRO F 58 -1.45 -37.24 29.42
CA PRO F 58 -2.10 -36.47 28.35
C PRO F 58 -1.08 -35.83 27.41
N PHE F 59 -1.23 -36.11 26.12
CA PHE F 59 -0.41 -35.47 25.10
C PHE F 59 -0.94 -34.05 24.87
N ASN F 60 -0.11 -33.04 25.14
CA ASN F 60 -0.55 -31.65 25.20
C ASN F 60 0.29 -30.81 24.25
N ASP F 61 -0.15 -30.72 22.99
CA ASP F 61 0.41 -29.83 21.99
C ASP F 61 1.90 -30.05 21.77
N GLY F 62 2.39 -31.26 22.01
CA GLY F 62 3.79 -31.57 21.84
C GLY F 62 4.35 -32.01 23.18
N VAL F 63 5.25 -32.99 23.13
CA VAL F 63 5.78 -33.58 24.36
C VAL F 63 7.29 -33.76 24.22
N TYR F 64 8.02 -33.31 25.23
CA TYR F 64 9.43 -33.65 25.40
C TYR F 64 9.50 -34.83 26.37
N PHE F 65 9.95 -35.97 25.88
CA PHE F 65 10.12 -37.18 26.66
C PHE F 65 11.62 -37.44 26.78
N ALA F 66 12.10 -37.48 28.02
CA ALA F 66 13.48 -37.84 28.31
C ALA F 66 13.51 -39.15 29.06
N SER F 67 14.49 -39.99 28.75
CA SER F 67 14.62 -41.29 29.41
C SER F 67 16.07 -41.54 29.77
N ILE F 68 16.32 -41.90 31.03
CA ILE F 68 17.66 -42.16 31.54
C ILE F 68 17.68 -43.61 32.02
N GLU F 69 18.61 -44.40 31.48
CA GLU F 69 18.64 -45.84 31.74
C GLU F 69 20.05 -46.39 31.66
N LYS F 70 20.22 -47.59 32.23
CA LYS F 70 21.38 -48.45 31.96
C LYS F 70 21.13 -49.48 30.88
N SER F 71 19.94 -50.09 30.84
CA SER F 71 19.70 -51.25 29.99
C SER F 71 18.57 -51.03 28.98
N ASN F 72 18.21 -49.77 28.71
CA ASN F 72 17.18 -49.44 27.73
C ASN F 72 15.84 -50.08 28.10
N ILE F 73 15.42 -49.85 29.34
CA ILE F 73 14.16 -50.42 29.82
C ILE F 73 12.99 -49.88 29.01
N ILE F 74 12.95 -48.57 28.80
CA ILE F 74 11.90 -47.96 27.98
C ILE F 74 12.20 -48.23 26.52
N ARG F 75 11.27 -48.89 25.83
CA ARG F 75 11.48 -49.26 24.44
C ARG F 75 10.36 -48.85 23.50
N GLY F 76 9.18 -48.50 24.00
CA GLY F 76 8.07 -48.17 23.14
C GLY F 76 7.29 -46.98 23.66
N TRP F 77 6.48 -46.43 22.77
CA TRP F 77 5.54 -45.36 23.07
C TRP F 77 4.22 -45.62 22.36
N ILE F 78 3.12 -45.32 23.04
CA ILE F 78 1.79 -45.38 22.44
C ILE F 78 1.18 -43.99 22.53
N PHE F 79 0.58 -43.54 21.44
CA PHE F 79 -0.08 -42.24 21.37
C PHE F 79 -1.49 -42.41 20.85
N GLY F 80 -2.43 -41.67 21.42
CA GLY F 80 -3.80 -41.71 20.93
C GLY F 80 -4.63 -40.59 21.52
N THR F 81 -5.65 -40.19 20.76
CA THR F 81 -6.63 -39.24 21.29
C THR F 81 -7.42 -39.85 22.44
N THR F 82 -7.66 -41.17 22.37
CA THR F 82 -8.28 -41.90 23.47
C THR F 82 -7.56 -43.21 23.78
N LEU F 83 -6.57 -43.60 22.98
CA LEU F 83 -5.89 -44.89 23.12
C LEU F 83 -6.90 -46.03 23.16
N ASP F 84 -7.81 -46.03 22.18
CA ASP F 84 -8.88 -47.02 22.12
C ASP F 84 -8.98 -47.56 20.70
N SER F 85 -9.70 -48.69 20.57
CA SER F 85 -9.87 -49.31 19.26
C SER F 85 -10.66 -48.41 18.32
N LYS F 86 -11.50 -47.53 18.88
CA LYS F 86 -12.37 -46.70 18.05
C LYS F 86 -11.57 -45.73 17.19
N THR F 87 -10.47 -45.21 17.71
CA THR F 87 -9.69 -44.19 17.01
C THR F 87 -8.29 -44.72 16.70
N GLN F 88 -7.65 -44.06 15.72
CA GLN F 88 -6.30 -44.44 15.32
C GLN F 88 -5.30 -44.09 16.42
N SER F 89 -4.23 -44.88 16.49
CA SER F 89 -3.22 -44.70 17.52
C SER F 89 -1.85 -45.04 16.93
N LEU F 90 -0.82 -44.50 17.57
CA LEU F 90 0.57 -44.65 17.14
C LEU F 90 1.31 -45.58 18.10
N LEU F 91 2.08 -46.52 17.54
CA LEU F 91 2.79 -47.57 18.27
C LEU F 91 4.26 -47.57 17.84
N ILE F 92 5.09 -46.74 18.49
CA ILE F 92 6.52 -46.79 18.21
C ILE F 92 7.15 -47.85 19.12
N VAL F 93 7.96 -48.73 18.53
CA VAL F 93 8.54 -49.84 19.25
C VAL F 93 10.02 -49.97 18.88
N ASN F 94 10.85 -50.24 19.89
CA ASN F 94 12.27 -50.47 19.67
C ASN F 94 12.73 -51.76 20.35
N VAL F 99 12.38 -50.58 14.04
CA VAL F 99 11.49 -49.62 14.68
C VAL F 99 10.13 -49.67 14.01
N VAL F 100 9.28 -50.59 14.46
CA VAL F 100 7.96 -50.76 13.86
C VAL F 100 7.01 -49.70 14.41
N ILE F 101 6.42 -48.91 13.53
CA ILE F 101 5.46 -47.87 13.90
C ILE F 101 4.20 -48.07 13.07
N LYS F 102 3.05 -48.09 13.74
CA LYS F 102 1.78 -48.34 13.08
C LYS F 102 0.75 -47.30 13.53
N VAL F 103 -0.22 -47.02 12.66
CA VAL F 103 -1.26 -46.03 12.90
C VAL F 103 -2.63 -46.72 13.09
N CYS F 104 -2.63 -48.06 13.08
CA CYS F 104 -3.87 -48.82 13.05
C CYS F 104 -4.68 -48.59 14.33
N GLU F 105 -5.99 -48.85 14.22
CA GLU F 105 -6.92 -48.66 15.35
C GLU F 105 -6.88 -49.91 16.25
N PHE F 106 -5.78 -50.02 17.00
CA PHE F 106 -5.60 -51.15 17.90
C PHE F 106 -6.52 -51.03 19.12
N GLN F 107 -7.02 -52.18 19.57
CA GLN F 107 -7.71 -52.24 20.85
C GLN F 107 -6.69 -52.30 21.98
N PHE F 108 -6.82 -51.42 22.96
CA PHE F 108 -5.81 -51.22 23.99
C PHE F 108 -6.31 -51.70 25.35
N CYS F 109 -5.44 -52.37 26.08
CA CYS F 109 -5.73 -52.73 27.46
C CYS F 109 -5.64 -51.50 28.35
N ASN F 110 -6.25 -51.61 29.53
CA ASN F 110 -6.15 -50.52 30.50
C ASN F 110 -4.71 -50.28 30.90
N ASP F 111 -3.89 -51.33 30.91
CA ASP F 111 -2.46 -51.22 31.15
C ASP F 111 -1.70 -51.82 29.97
N PRO F 112 -1.27 -51.00 29.00
CA PRO F 112 -0.42 -51.51 27.92
C PRO F 112 1.04 -51.60 28.36
N PHE F 113 1.69 -52.73 28.08
CA PHE F 113 3.05 -52.98 28.53
C PHE F 113 3.79 -53.83 27.50
N LEU F 114 5.10 -53.80 27.59
CA LEU F 114 5.97 -54.62 26.74
C LEU F 114 6.48 -55.80 27.55
N ASP F 115 6.10 -57.01 27.14
CA ASP F 115 6.54 -58.24 27.80
C ASP F 115 7.27 -59.11 26.79
N HIS F 116 8.48 -59.53 27.15
CA HIS F 116 9.27 -60.40 26.29
C HIS F 116 9.89 -61.51 27.14
N LYS F 117 10.18 -62.63 26.48
CA LYS F 117 10.72 -63.81 27.14
C LYS F 117 12.11 -64.10 26.61
N ASN F 118 13.02 -64.44 27.52
CA ASN F 118 14.39 -64.77 27.13
C ASN F 118 14.56 -66.27 26.93
N GLU F 126 5.68 -60.27 20.40
CA GLU F 126 5.39 -60.37 21.82
C GLU F 126 4.71 -59.11 22.32
N PHE F 127 3.65 -58.69 21.63
CA PHE F 127 2.93 -57.46 21.97
C PHE F 127 1.70 -57.82 22.78
N ARG F 128 1.74 -57.52 24.09
CA ARG F 128 0.57 -57.62 24.94
C ARG F 128 -0.18 -56.29 25.03
N VAL F 129 0.31 -55.25 24.37
CA VAL F 129 -0.34 -53.94 24.41
C VAL F 129 -1.71 -54.00 23.73
N TYR F 130 -1.78 -54.64 22.56
CA TYR F 130 -2.97 -54.63 21.74
C TYR F 130 -3.36 -56.04 21.31
N SER F 131 -4.66 -56.29 21.20
CA SER F 131 -5.14 -57.59 20.74
C SER F 131 -5.19 -57.66 19.22
N SER F 132 -5.71 -56.62 18.57
CA SER F 132 -5.93 -56.66 17.13
C SER F 132 -5.79 -55.26 16.55
N ALA F 133 -5.93 -55.17 15.22
CA ALA F 133 -5.78 -53.94 14.48
C ALA F 133 -6.99 -53.69 13.60
N ASN F 134 -7.42 -52.44 13.51
CA ASN F 134 -8.53 -52.03 12.67
C ASN F 134 -8.15 -50.81 11.84
N ASN F 135 -8.65 -50.77 10.60
CA ASN F 135 -8.53 -49.62 9.70
C ASN F 135 -7.11 -49.06 9.67
N CYS F 136 -6.17 -49.90 9.24
CA CYS F 136 -4.78 -49.48 9.16
C CYS F 136 -4.60 -48.36 8.15
N THR F 137 -3.86 -47.32 8.55
CA THR F 137 -3.64 -46.14 7.72
C THR F 137 -2.18 -45.95 7.33
N PHE F 138 -1.25 -46.15 8.26
CA PHE F 138 0.17 -45.94 7.95
C PHE F 138 1.02 -46.83 8.86
N GLU F 139 1.99 -47.52 8.26
CA GLU F 139 2.90 -48.39 8.99
C GLU F 139 4.31 -48.15 8.49
N TYR F 140 5.25 -47.90 9.41
CA TYR F 140 6.62 -47.52 9.08
C TYR F 140 7.60 -48.40 9.85
N VAL F 141 8.67 -48.81 9.19
CA VAL F 141 9.76 -49.52 9.85
C VAL F 141 11.06 -48.74 9.67
N PHE F 156 23.01 -45.36 35.17
CA PHE F 156 22.12 -44.62 34.29
C PHE F 156 22.94 -43.81 33.29
N LYS F 157 23.66 -44.52 32.42
CA LYS F 157 24.60 -43.90 31.50
C LYS F 157 24.00 -43.50 30.16
N ASN F 158 22.72 -43.77 29.95
CA ASN F 158 22.06 -43.49 28.66
C ASN F 158 21.03 -42.40 28.85
N LEU F 159 21.20 -41.29 28.13
CA LEU F 159 20.26 -40.19 28.02
C LEU F 159 19.62 -40.26 26.64
N ARG F 160 18.30 -40.36 26.59
CA ARG F 160 17.56 -40.41 25.34
C ARG F 160 16.53 -39.30 25.34
N GLU F 161 16.63 -38.40 24.36
CA GLU F 161 15.82 -37.20 24.31
C GLU F 161 14.95 -37.24 23.07
N PHE F 162 13.65 -37.01 23.25
CA PHE F 162 12.68 -37.16 22.16
C PHE F 162 11.68 -36.02 22.22
N VAL F 163 11.58 -35.24 21.15
CA VAL F 163 10.53 -34.24 21.00
C VAL F 163 9.51 -34.79 20.00
N PHE F 164 8.27 -34.90 20.45
CA PHE F 164 7.17 -35.43 19.65
C PHE F 164 6.19 -34.30 19.36
N LYS F 165 5.87 -34.10 18.08
CA LYS F 165 4.80 -33.16 17.75
C LYS F 165 4.18 -33.56 16.42
N ASN F 166 2.97 -33.06 16.18
CA ASN F 166 2.24 -33.31 14.93
C ASN F 166 1.74 -31.97 14.39
N ILE F 167 2.28 -31.55 13.26
CA ILE F 167 1.87 -30.30 12.62
C ILE F 167 1.33 -30.63 11.23
N ASP F 168 0.05 -30.31 11.02
CA ASP F 168 -0.61 -30.50 9.72
C ASP F 168 -0.54 -31.95 9.25
N GLY F 169 -0.77 -32.90 10.16
CA GLY F 169 -0.69 -34.30 9.84
C GLY F 169 0.72 -34.82 9.67
N TYR F 170 1.72 -33.97 9.87
CA TYR F 170 3.12 -34.28 9.62
C TYR F 170 3.78 -34.38 10.99
N PHE F 171 4.15 -35.59 11.39
CA PHE F 171 4.44 -35.92 12.79
C PHE F 171 5.95 -36.07 12.94
N LYS F 172 6.57 -35.10 13.62
CA LYS F 172 8.01 -35.02 13.77
C LYS F 172 8.42 -35.65 15.09
N ILE F 173 9.38 -36.57 15.03
CA ILE F 173 10.09 -37.11 16.18
C ILE F 173 11.54 -36.68 16.05
N TYR F 174 11.98 -35.84 16.99
CA TYR F 174 13.38 -35.43 17.10
C TYR F 174 14.02 -36.22 18.23
N SER F 175 15.22 -36.76 18.00
CA SER F 175 15.85 -37.62 18.98
C SER F 175 17.33 -37.32 19.11
N LYS F 176 17.87 -37.63 20.29
CA LYS F 176 19.31 -37.60 20.50
C LYS F 176 19.67 -38.53 21.64
N HIS F 177 20.87 -39.10 21.58
CA HIS F 177 21.38 -40.02 22.60
C HIS F 177 22.70 -39.50 23.13
N THR F 178 22.88 -39.54 24.45
CA THR F 178 24.06 -38.98 25.09
C THR F 178 24.55 -39.88 26.22
N PRO F 179 25.83 -40.20 26.27
CA PRO F 179 26.39 -40.83 27.48
C PRO F 179 26.54 -39.80 28.60
N ILE F 180 26.18 -40.20 29.82
CA ILE F 180 26.21 -39.31 30.97
C ILE F 180 26.69 -40.07 32.20
N ILE F 181 27.10 -39.31 33.21
CA ILE F 181 27.41 -39.81 34.53
C ILE F 181 26.40 -39.23 35.49
N VAL F 182 25.63 -40.09 36.15
CA VAL F 182 24.48 -39.68 36.94
C VAL F 182 24.90 -39.63 38.41
N ARG F 183 25.01 -38.41 38.95
CA ARG F 183 25.09 -38.24 40.40
C ARG F 183 23.71 -38.39 41.03
N GLU F 184 22.68 -37.83 40.38
CA GLU F 184 21.30 -37.91 40.87
C GLU F 184 20.39 -38.28 39.71
N PRO F 185 19.75 -39.45 39.74
CA PRO F 185 18.86 -39.82 38.61
C PRO F 185 17.70 -38.85 38.40
N GLU F 186 17.15 -38.30 39.49
CA GLU F 186 16.00 -37.42 39.36
C GLU F 186 16.34 -36.14 38.60
N ASP F 187 17.52 -35.58 38.86
CA ASP F 187 17.89 -34.31 38.24
C ASP F 187 18.27 -34.50 36.78
N LEU F 188 17.61 -33.75 35.91
CA LEU F 188 17.95 -33.74 34.51
C LEU F 188 19.27 -32.98 34.30
N PRO F 189 20.18 -33.51 33.50
CA PRO F 189 21.51 -32.88 33.37
C PRO F 189 21.42 -31.42 32.95
N GLN F 190 22.22 -30.59 33.63
CA GLN F 190 22.25 -29.15 33.38
C GLN F 190 23.26 -28.86 32.28
N GLY F 191 22.76 -28.91 31.04
CA GLY F 191 23.58 -28.65 29.87
C GLY F 191 22.67 -28.34 28.69
N PHE F 192 23.28 -27.88 27.61
CA PHE F 192 22.56 -27.56 26.39
C PHE F 192 22.79 -28.65 25.36
N SER F 193 21.71 -29.24 24.88
CA SER F 193 21.76 -30.25 23.83
C SER F 193 20.76 -29.89 22.75
N ALA F 194 21.13 -30.13 21.50
CA ALA F 194 20.25 -29.88 20.36
C ALA F 194 19.76 -31.23 19.85
N LEU F 195 18.44 -31.37 19.75
CA LEU F 195 17.83 -32.63 19.33
C LEU F 195 17.74 -32.65 17.81
N GLU F 196 18.60 -33.45 17.20
CA GLU F 196 18.57 -33.65 15.76
C GLU F 196 17.30 -34.42 15.37
N PRO F 197 16.67 -34.04 14.26
CA PRO F 197 15.44 -34.72 13.85
C PRO F 197 15.72 -36.17 13.48
N LEU F 198 14.93 -37.08 14.05
CA LEU F 198 15.09 -38.50 13.82
C LEU F 198 14.20 -39.02 12.70
N VAL F 199 12.88 -38.90 12.85
CA VAL F 199 11.95 -39.46 11.87
C VAL F 199 10.74 -38.54 11.77
N ASP F 200 9.95 -38.73 10.73
CA ASP F 200 8.69 -38.02 10.55
C ASP F 200 7.72 -38.91 9.81
N LEU F 201 6.45 -38.87 10.23
CA LEU F 201 5.44 -39.77 9.72
C LEU F 201 4.19 -39.00 9.28
N PRO F 202 3.56 -39.36 8.16
CA PRO F 202 2.27 -38.72 7.79
C PRO F 202 1.09 -39.38 8.48
N ILE F 203 1.02 -39.23 9.81
CA ILE F 203 -0.01 -39.92 10.58
C ILE F 203 -1.39 -39.31 10.30
N GLY F 204 -1.48 -37.98 10.30
CA GLY F 204 -2.75 -37.32 10.05
C GLY F 204 -3.85 -37.66 11.04
N ILE F 205 -3.50 -37.83 12.31
CA ILE F 205 -4.46 -38.18 13.35
C ILE F 205 -4.29 -37.24 14.53
N ASN F 206 -5.28 -37.23 15.41
CA ASN F 206 -5.26 -36.44 16.63
C ASN F 206 -4.81 -37.30 17.79
N ILE F 207 -3.93 -36.74 18.63
CA ILE F 207 -3.40 -37.43 19.80
C ILE F 207 -3.55 -36.50 21.00
N THR F 208 -4.30 -36.95 22.01
CA THR F 208 -4.44 -36.21 23.25
C THR F 208 -3.85 -36.93 24.45
N ARG F 209 -3.60 -38.24 24.35
CA ARG F 209 -3.03 -39.02 25.44
C ARG F 209 -1.88 -39.84 24.90
N PHE F 210 -0.97 -40.22 25.80
CA PHE F 210 0.12 -41.11 25.43
C PHE F 210 0.63 -41.82 26.67
N GLN F 211 1.19 -43.02 26.46
CA GLN F 211 1.73 -43.84 27.55
C GLN F 211 3.05 -44.44 27.12
N THR F 212 4.02 -44.43 28.02
CA THR F 212 5.32 -45.03 27.76
C THR F 212 5.24 -46.55 27.86
N LEU F 213 6.11 -47.23 27.11
CA LEU F 213 6.22 -48.68 27.15
C LEU F 213 7.60 -49.08 27.66
N LEU F 214 7.63 -49.87 28.73
CA LEU F 214 8.85 -50.34 29.36
C LEU F 214 8.99 -51.84 29.13
N ALA F 215 10.22 -52.27 28.82
CA ALA F 215 10.48 -53.69 28.60
C ALA F 215 10.42 -54.46 29.91
N LEU F 216 9.81 -55.64 29.87
CA LEU F 216 9.75 -56.56 31.01
C LEU F 216 10.63 -57.75 30.70
N HIS F 217 11.79 -57.83 31.35
CA HIS F 217 12.75 -58.88 31.07
C HIS F 217 12.40 -60.16 31.82
N ARG F 218 13.16 -61.21 31.54
CA ARG F 218 12.98 -62.50 32.19
C ARG F 218 13.80 -62.58 33.48
N TRP F 230 5.98 -59.46 36.28
CA TRP F 230 7.27 -59.78 35.69
C TRP F 230 8.37 -58.95 36.33
N THR F 231 9.52 -58.86 35.65
CA THR F 231 10.69 -58.16 36.17
C THR F 231 10.92 -56.90 35.34
N ALA F 232 10.94 -55.75 36.01
CA ALA F 232 11.20 -54.46 35.36
C ALA F 232 12.43 -53.82 36.00
N GLY F 233 13.37 -53.40 35.15
CA GLY F 233 14.58 -52.78 35.64
C GLY F 233 14.41 -51.31 35.97
N ALA F 234 15.47 -50.74 36.54
CA ALA F 234 15.45 -49.34 36.92
C ALA F 234 15.48 -48.44 35.69
N ALA F 235 14.70 -47.36 35.74
CA ALA F 235 14.64 -46.40 34.65
C ALA F 235 14.08 -45.09 35.19
N ALA F 236 14.33 -44.01 34.44
CA ALA F 236 13.70 -42.73 34.76
C ALA F 236 13.20 -42.10 33.48
N TYR F 237 12.03 -41.44 33.53
CA TYR F 237 11.61 -40.65 32.37
C TYR F 237 10.90 -39.38 32.81
N TYR F 238 10.91 -38.41 31.90
CA TYR F 238 10.51 -37.03 32.15
C TYR F 238 9.59 -36.58 31.02
N VAL F 239 8.49 -35.93 31.40
CA VAL F 239 7.49 -35.46 30.45
C VAL F 239 7.34 -33.95 30.60
N GLY F 240 7.56 -33.22 29.51
CA GLY F 240 7.38 -31.78 29.49
C GLY F 240 6.56 -31.29 28.32
N TYR F 241 5.46 -30.59 28.58
CA TYR F 241 4.57 -30.18 27.52
C TYR F 241 5.14 -28.98 26.77
N LEU F 242 5.15 -29.05 25.44
CA LEU F 242 5.67 -27.97 24.61
C LEU F 242 4.68 -26.82 24.54
N GLN F 243 5.21 -25.61 24.45
CA GLN F 243 4.47 -24.37 24.38
C GLN F 243 5.01 -23.54 23.22
N PRO F 244 4.17 -22.71 22.59
CA PRO F 244 4.68 -21.82 21.53
C PRO F 244 5.57 -20.73 22.12
N ARG F 245 6.88 -20.88 21.94
CA ARG F 245 7.85 -19.96 22.53
C ARG F 245 8.75 -19.43 21.44
N THR F 246 8.92 -18.11 21.42
CA THR F 246 9.91 -17.52 20.53
C THR F 246 11.30 -17.72 21.11
N PHE F 247 12.20 -18.29 20.30
CA PHE F 247 13.57 -18.51 20.73
C PHE F 247 14.52 -17.76 19.81
N LEU F 248 15.71 -17.52 20.34
CA LEU F 248 16.87 -17.08 19.58
C LEU F 248 17.91 -18.20 19.64
N LEU F 249 18.30 -18.71 18.48
CA LEU F 249 19.13 -19.90 18.37
C LEU F 249 20.48 -19.51 17.80
N LYS F 250 21.55 -19.99 18.44
CA LYS F 250 22.92 -19.75 18.00
C LYS F 250 23.42 -20.97 17.23
N TYR F 251 23.45 -20.86 15.91
CA TYR F 251 24.07 -21.88 15.09
C TYR F 251 25.56 -21.57 14.98
N ASN F 252 26.39 -22.50 15.41
CA ASN F 252 27.82 -22.23 15.50
C ASN F 252 28.47 -22.41 14.12
N GLU F 253 29.80 -22.47 14.09
CA GLU F 253 30.50 -22.60 12.82
C GLU F 253 30.12 -23.88 12.10
N ASN F 254 29.88 -24.97 12.83
CA ASN F 254 29.52 -26.25 12.24
C ASN F 254 28.02 -26.42 12.08
N GLY F 255 27.24 -25.35 12.23
CA GLY F 255 25.82 -25.42 11.99
C GLY F 255 25.01 -26.07 13.09
N THR F 256 25.62 -26.37 14.23
CA THR F 256 24.93 -27.04 15.33
C THR F 256 24.34 -25.99 16.28
N ILE F 257 23.07 -26.15 16.63
CA ILE F 257 22.47 -25.29 17.64
C ILE F 257 23.20 -25.50 18.95
N THR F 258 23.95 -24.48 19.39
CA THR F 258 24.75 -24.60 20.59
C THR F 258 24.19 -23.85 21.78
N ASP F 259 23.32 -22.87 21.58
CA ASP F 259 22.69 -22.17 22.68
C ASP F 259 21.37 -21.57 22.20
N ALA F 260 20.46 -21.35 23.14
CA ALA F 260 19.16 -20.79 22.82
C ALA F 260 18.72 -19.86 23.94
N VAL F 261 17.88 -18.90 23.58
CA VAL F 261 17.31 -17.94 24.53
C VAL F 261 15.81 -17.90 24.32
N ASP F 262 15.05 -18.23 25.36
CA ASP F 262 13.61 -18.03 25.35
C ASP F 262 13.32 -16.54 25.54
N CYS F 263 12.30 -16.04 24.85
CA CYS F 263 12.00 -14.62 24.86
C CYS F 263 10.96 -14.24 25.92
N ALA F 264 10.60 -15.16 26.82
CA ALA F 264 9.66 -14.84 27.89
C ALA F 264 10.06 -15.42 29.23
N LEU F 265 11.25 -16.03 29.34
CA LEU F 265 11.68 -16.61 30.61
C LEU F 265 11.84 -15.55 31.69
N ASP F 266 12.60 -14.51 31.40
CA ASP F 266 12.82 -13.39 32.31
C ASP F 266 13.10 -12.14 31.49
N PRO F 267 13.01 -10.93 32.06
CA PRO F 267 13.20 -9.72 31.25
C PRO F 267 14.56 -9.62 30.60
N LEU F 268 15.61 -10.18 31.21
CA LEU F 268 16.91 -10.17 30.56
C LEU F 268 16.88 -10.95 29.27
N SER F 269 16.18 -12.09 29.25
CA SER F 269 16.08 -12.88 28.03
C SER F 269 15.30 -12.13 26.95
N GLU F 270 14.25 -11.41 27.35
CA GLU F 270 13.53 -10.59 26.38
C GLU F 270 14.41 -9.51 25.80
N THR F 271 15.26 -8.90 26.65
CA THR F 271 16.23 -7.93 26.14
C THR F 271 17.21 -8.58 25.17
N LYS F 272 17.66 -9.79 25.48
CA LYS F 272 18.54 -10.52 24.57
C LYS F 272 17.87 -10.78 23.24
N CYS F 273 16.58 -11.15 23.26
CA CYS F 273 15.84 -11.37 22.03
C CYS F 273 15.71 -10.09 21.22
N THR F 274 15.38 -8.98 21.89
CA THR F 274 15.21 -7.71 21.19
C THR F 274 16.52 -7.26 20.57
N LEU F 275 17.63 -7.41 21.28
CA LEU F 275 18.94 -7.02 20.77
C LEU F 275 19.56 -8.07 19.86
N LYS F 276 18.95 -9.25 19.75
CA LYS F 276 19.46 -10.34 18.90
C LYS F 276 20.89 -10.71 19.29
N SER F 277 21.16 -10.75 20.59
CA SER F 277 22.49 -11.07 21.08
C SER F 277 22.37 -11.86 22.38
N PHE F 278 23.41 -12.65 22.67
CA PHE F 278 23.51 -13.35 23.94
C PHE F 278 24.21 -12.53 25.02
N THR F 279 24.79 -11.39 24.66
CA THR F 279 25.45 -10.49 25.60
C THR F 279 24.76 -9.14 25.55
N VAL F 280 24.33 -8.65 26.69
CA VAL F 280 23.66 -7.35 26.81
C VAL F 280 24.58 -6.43 27.59
N GLU F 281 24.85 -5.25 27.02
CA GLU F 281 25.69 -4.27 27.68
C GLU F 281 24.89 -3.50 28.73
N LYS F 282 25.61 -2.78 29.58
CA LYS F 282 24.98 -1.95 30.59
C LYS F 282 24.12 -0.88 29.95
N GLY F 283 22.89 -0.73 30.45
CA GLY F 283 22.01 0.29 29.94
C GLY F 283 20.57 -0.03 30.25
N ILE F 284 19.69 0.80 29.69
CA ILE F 284 18.25 0.62 29.77
C ILE F 284 17.71 0.45 28.36
N TYR F 285 16.94 -0.60 28.14
CA TYR F 285 16.50 -0.98 26.79
C TYR F 285 14.99 -1.08 26.77
N GLN F 286 14.36 -0.37 25.83
CA GLN F 286 12.95 -0.59 25.55
C GLN F 286 12.80 -1.90 24.80
N THR F 287 12.30 -2.92 25.49
CA THR F 287 12.24 -4.28 24.95
C THR F 287 10.94 -4.56 24.23
N SER F 288 9.81 -4.23 24.85
CA SER F 288 8.50 -4.47 24.26
C SER F 288 7.47 -3.62 25.01
N ASN F 289 6.22 -3.96 24.81
CA ASN F 289 5.10 -3.20 25.34
C ASN F 289 4.18 -4.13 26.12
N PHE F 290 3.87 -3.74 27.36
CA PHE F 290 2.91 -4.51 28.14
C PHE F 290 1.51 -4.00 27.86
N ARG F 291 0.57 -4.92 27.73
CA ARG F 291 -0.79 -4.63 27.31
C ARG F 291 -1.75 -5.56 28.03
N VAL F 292 -2.77 -4.97 28.68
CA VAL F 292 -3.76 -5.77 29.38
C VAL F 292 -4.74 -6.36 28.37
N GLN F 293 -5.06 -7.63 28.55
CA GLN F 293 -5.91 -8.25 27.54
C GLN F 293 -7.37 -8.26 27.97
N PRO F 294 -8.30 -8.09 27.04
CA PRO F 294 -9.72 -8.05 27.39
C PRO F 294 -10.17 -9.36 28.04
N THR F 295 -10.98 -9.23 29.10
CA THR F 295 -11.45 -10.40 29.83
C THR F 295 -12.56 -11.11 29.06
N GLU F 296 -13.52 -10.37 28.53
CA GLU F 296 -14.71 -10.98 27.94
C GLU F 296 -15.33 -10.03 26.93
N SER F 297 -16.25 -10.57 26.14
CA SER F 297 -16.94 -9.82 25.10
C SER F 297 -18.33 -9.42 25.60
N ILE F 298 -18.67 -8.13 25.54
CA ILE F 298 -19.96 -7.64 26.10
C ILE F 298 -20.72 -6.91 24.98
N VAL F 299 -21.95 -7.36 24.67
CA VAL F 299 -22.76 -6.74 23.59
C VAL F 299 -23.94 -5.98 24.21
N ARG F 300 -24.13 -4.71 23.83
CA ARG F 300 -25.28 -3.94 24.33
C ARG F 300 -26.08 -3.41 23.14
N PHE F 301 -27.41 -3.60 23.17
CA PHE F 301 -28.29 -3.18 22.06
C PHE F 301 -29.48 -2.55 22.75
N PRO F 302 -30.36 -1.81 22.05
CA PRO F 302 -31.56 -1.31 22.68
C PRO F 302 -32.44 -2.52 23.03
N ASN F 303 -33.37 -2.38 23.98
CA ASN F 303 -34.24 -3.55 24.23
C ASN F 303 -34.85 -3.95 22.90
N ILE F 304 -34.76 -5.23 22.55
CA ILE F 304 -35.27 -5.69 21.22
C ILE F 304 -36.75 -5.95 21.39
N THR F 305 -37.56 -4.90 21.53
CA THR F 305 -38.99 -5.11 21.88
C THR F 305 -39.99 -4.65 20.82
N ASN F 306 -39.53 -4.08 19.70
CA ASN F 306 -40.56 -3.74 18.68
C ASN F 306 -40.77 -5.01 17.86
N LEU F 307 -41.68 -5.88 18.31
CA LEU F 307 -41.85 -7.21 17.67
C LEU F 307 -42.60 -7.12 16.34
N CYS F 308 -42.58 -8.20 15.57
CA CYS F 308 -43.34 -8.27 14.30
C CYS F 308 -44.74 -8.89 14.54
N PRO F 309 -45.78 -8.70 13.69
CA PRO F 309 -47.13 -9.23 13.96
C PRO F 309 -47.28 -10.71 13.59
N PHE F 310 -46.42 -11.55 14.17
CA PHE F 310 -46.55 -12.98 13.97
C PHE F 310 -47.75 -13.54 14.72
N ASP F 311 -48.14 -12.89 15.81
CA ASP F 311 -49.32 -13.34 16.56
C ASP F 311 -50.57 -13.26 15.70
N GLU F 312 -50.74 -12.17 14.95
CA GLU F 312 -51.91 -12.04 14.08
C GLU F 312 -51.87 -13.06 12.95
N VAL F 313 -50.69 -13.29 12.37
CA VAL F 313 -50.59 -14.18 11.22
C VAL F 313 -50.81 -15.63 11.63
N PHE F 314 -50.17 -16.07 12.71
CA PHE F 314 -50.13 -17.48 13.04
C PHE F 314 -51.27 -17.93 13.94
N ASN F 315 -51.70 -17.11 14.89
CA ASN F 315 -52.73 -17.53 15.82
C ASN F 315 -54.01 -16.69 15.70
N ALA F 316 -54.37 -16.34 14.47
CA ALA F 316 -55.72 -15.84 14.20
C ALA F 316 -56.72 -16.99 14.21
N THR F 317 -57.98 -16.67 14.49
CA THR F 317 -59.01 -17.70 14.57
C THR F 317 -59.24 -18.38 13.24
N ARG F 318 -59.29 -17.61 12.15
CA ARG F 318 -59.63 -18.14 10.84
C ARG F 318 -58.56 -17.75 9.83
N PHE F 319 -58.19 -18.70 8.98
CA PHE F 319 -57.33 -18.42 7.83
C PHE F 319 -58.15 -18.43 6.56
N ALA F 320 -57.59 -17.81 5.52
CA ALA F 320 -58.25 -17.77 4.23
C ALA F 320 -58.09 -19.10 3.51
N SER F 321 -58.95 -19.32 2.52
CA SER F 321 -58.85 -20.50 1.68
C SER F 321 -57.63 -20.40 0.77
N VAL F 322 -57.20 -21.55 0.26
CA VAL F 322 -55.94 -21.61 -0.48
C VAL F 322 -56.00 -20.80 -1.76
N TYR F 323 -57.15 -20.82 -2.45
CA TYR F 323 -57.25 -20.08 -3.70
C TYR F 323 -57.15 -18.58 -3.44
N ALA F 324 -57.83 -18.07 -2.42
CA ALA F 324 -57.70 -16.68 -1.99
C ALA F 324 -56.77 -16.58 -0.77
N TRP F 325 -55.55 -17.09 -0.93
CA TRP F 325 -54.59 -17.07 0.17
C TRP F 325 -54.26 -15.64 0.58
N ASN F 326 -54.08 -15.44 1.88
CA ASN F 326 -53.93 -14.09 2.41
C ASN F 326 -52.46 -13.72 2.57
N ARG F 327 -52.10 -12.54 2.09
CA ARG F 327 -50.73 -12.05 2.18
C ARG F 327 -50.66 -10.86 3.15
N LYS F 328 -49.77 -10.96 4.11
CA LYS F 328 -49.53 -9.92 5.11
C LYS F 328 -48.10 -9.41 4.97
N ARG F 329 -47.92 -8.10 5.09
CA ARG F 329 -46.62 -7.47 4.96
C ARG F 329 -45.99 -7.27 6.32
N ILE F 330 -44.78 -7.78 6.50
CA ILE F 330 -44.02 -7.63 7.74
C ILE F 330 -42.86 -6.69 7.47
N SER F 331 -42.82 -5.56 8.18
CA SER F 331 -41.77 -4.58 7.97
C SER F 331 -41.65 -3.69 9.21
N ASN F 332 -40.47 -3.10 9.36
CA ASN F 332 -40.19 -2.13 10.44
C ASN F 332 -40.47 -2.73 11.81
N CYS F 333 -40.00 -3.96 12.02
CA CYS F 333 -40.22 -4.64 13.28
C CYS F 333 -39.13 -5.66 13.53
N VAL F 334 -38.99 -6.05 14.79
CA VAL F 334 -38.06 -7.12 15.18
C VAL F 334 -38.78 -8.45 15.04
N ALA F 335 -38.18 -9.37 14.28
CA ALA F 335 -38.77 -10.68 14.02
C ALA F 335 -38.06 -11.70 14.91
N ASP F 336 -38.77 -12.17 15.93
CA ASP F 336 -38.29 -13.24 16.79
C ASP F 336 -39.02 -14.52 16.40
N TYR F 337 -38.29 -15.46 15.81
CA TYR F 337 -38.87 -16.70 15.33
C TYR F 337 -38.97 -17.77 16.41
N SER F 338 -38.43 -17.50 17.60
CA SER F 338 -38.55 -18.45 18.70
C SER F 338 -40.00 -18.71 19.07
N VAL F 339 -40.87 -17.70 18.95
CA VAL F 339 -42.29 -17.89 19.27
C VAL F 339 -42.92 -18.88 18.29
N LEU F 340 -42.27 -19.13 17.16
CA LEU F 340 -42.77 -20.11 16.21
C LEU F 340 -42.44 -21.54 16.60
N TYR F 341 -41.61 -21.75 17.61
CA TYR F 341 -41.30 -23.10 18.06
C TYR F 341 -42.30 -23.63 19.08
N ASN F 342 -43.23 -22.78 19.56
CA ASN F 342 -44.28 -23.20 20.47
C ASN F 342 -45.61 -23.40 19.77
N LEU F 343 -45.62 -23.43 18.44
CA LEU F 343 -46.85 -23.52 17.64
C LEU F 343 -47.10 -24.97 17.27
N ALA F 344 -48.03 -25.61 18.00
CA ALA F 344 -48.54 -26.96 17.73
C ALA F 344 -47.50 -28.01 18.05
N PRO F 345 -47.92 -29.22 18.41
CA PRO F 345 -46.95 -30.26 18.80
C PRO F 345 -45.96 -30.64 17.71
N PHE F 346 -46.41 -30.88 16.48
CA PHE F 346 -45.57 -31.48 15.44
C PHE F 346 -45.65 -30.65 14.17
N PHE F 347 -45.43 -29.34 14.30
CA PHE F 347 -45.42 -28.45 13.14
C PHE F 347 -44.26 -28.81 12.21
N THR F 348 -44.52 -28.71 10.91
CA THR F 348 -43.50 -28.92 9.88
C THR F 348 -42.97 -27.56 9.48
N PHE F 349 -41.70 -27.31 9.80
CA PHE F 349 -41.05 -26.02 9.60
C PHE F 349 -39.90 -26.24 8.62
N LYS F 350 -40.13 -25.92 7.34
CA LYS F 350 -39.22 -26.28 6.26
C LYS F 350 -38.69 -25.01 5.60
N CYS F 351 -37.41 -24.74 5.76
CA CYS F 351 -36.81 -23.50 5.26
C CYS F 351 -35.94 -23.79 4.04
N TYR F 352 -36.18 -23.06 2.96
CA TYR F 352 -35.41 -23.14 1.72
C TYR F 352 -34.58 -21.88 1.59
N GLY F 353 -33.26 -22.07 1.43
CA GLY F 353 -32.34 -20.96 1.36
C GLY F 353 -31.85 -20.45 2.69
N VAL F 354 -32.41 -20.94 3.79
CA VAL F 354 -32.02 -20.55 5.15
C VAL F 354 -32.10 -21.77 6.05
N SER F 355 -31.65 -21.61 7.28
CA SER F 355 -31.73 -22.62 8.31
C SER F 355 -32.76 -22.23 9.36
N PRO F 356 -33.49 -23.19 9.92
CA PRO F 356 -34.44 -22.85 10.98
C PRO F 356 -33.82 -22.15 12.17
N THR F 357 -32.59 -22.52 12.53
CA THR F 357 -31.96 -21.94 13.70
C THR F 357 -31.44 -20.53 13.43
N LYS F 358 -31.04 -20.26 12.19
CA LYS F 358 -30.30 -19.04 11.85
C LYS F 358 -31.18 -17.83 11.60
N LEU F 359 -32.52 -18.01 11.57
CA LEU F 359 -33.40 -16.90 11.21
C LEU F 359 -33.27 -15.74 12.19
N ASN F 360 -33.02 -16.04 13.47
CA ASN F 360 -32.89 -14.98 14.46
C ASN F 360 -31.63 -14.15 14.26
N ASP F 361 -30.66 -14.64 13.49
CA ASP F 361 -29.39 -13.95 13.31
C ASP F 361 -29.34 -13.14 12.01
N LEU F 362 -30.45 -13.06 11.28
CA LEU F 362 -30.45 -12.49 9.94
C LEU F 362 -31.37 -11.27 9.88
N CYS F 363 -31.08 -10.40 8.91
CA CYS F 363 -31.90 -9.24 8.61
C CYS F 363 -32.54 -9.43 7.24
N PHE F 364 -33.83 -9.12 7.15
CA PHE F 364 -34.62 -9.44 5.97
C PHE F 364 -35.15 -8.15 5.36
N THR F 365 -34.96 -7.97 4.05
CA THR F 365 -35.34 -6.72 3.42
C THR F 365 -36.85 -6.58 3.32
N ASN F 366 -37.53 -7.61 2.81
CA ASN F 366 -38.97 -7.58 2.59
C ASN F 366 -39.56 -8.93 2.96
N VAL F 367 -40.52 -8.94 3.89
CA VAL F 367 -41.08 -10.16 4.43
C VAL F 367 -42.57 -10.19 4.16
N TYR F 368 -43.06 -11.30 3.63
CA TYR F 368 -44.48 -11.51 3.38
C TYR F 368 -44.91 -12.84 3.98
N ALA F 369 -46.03 -12.85 4.67
CA ALA F 369 -46.59 -14.06 5.26
C ALA F 369 -47.86 -14.42 4.51
N ASP F 370 -47.87 -15.60 3.88
CA ASP F 370 -49.00 -16.07 3.09
C ASP F 370 -49.68 -17.20 3.85
N SER F 371 -50.93 -17.00 4.22
CA SER F 371 -51.67 -17.93 5.06
C SER F 371 -52.81 -18.56 4.28
N PHE F 372 -52.94 -19.88 4.41
CA PHE F 372 -54.04 -20.61 3.80
C PHE F 372 -54.22 -21.94 4.54
N VAL F 373 -55.27 -22.66 4.15
CA VAL F 373 -55.60 -23.96 4.73
C VAL F 373 -55.76 -24.96 3.60
N ILE F 374 -55.10 -26.13 3.74
CA ILE F 374 -55.12 -27.17 2.70
C ILE F 374 -55.21 -28.54 3.36
N ARG F 375 -55.41 -29.57 2.55
CA ARG F 375 -55.35 -30.93 3.07
C ARG F 375 -53.90 -31.29 3.41
N GLY F 376 -53.76 -32.23 4.35
CA GLY F 376 -52.43 -32.64 4.78
C GLY F 376 -51.60 -33.25 3.67
N ASP F 377 -52.22 -34.13 2.88
CA ASP F 377 -51.51 -34.76 1.77
C ASP F 377 -51.04 -33.72 0.75
N GLU F 378 -51.73 -32.59 0.69
CA GLU F 378 -51.35 -31.50 -0.20
C GLU F 378 -50.34 -30.54 0.42
N VAL F 379 -49.90 -30.78 1.65
CA VAL F 379 -48.90 -29.91 2.27
C VAL F 379 -47.58 -29.99 1.51
N ARG F 380 -47.17 -31.21 1.12
CA ARG F 380 -45.92 -31.36 0.38
C ARG F 380 -45.96 -30.62 -0.94
N GLN F 381 -47.16 -30.35 -1.47
CA GLN F 381 -47.29 -29.55 -2.68
C GLN F 381 -46.83 -28.12 -2.49
N ILE F 382 -46.79 -27.64 -1.25
CA ILE F 382 -46.33 -26.28 -0.96
C ILE F 382 -44.82 -26.31 -0.79
N ALA F 383 -44.10 -26.24 -1.91
CA ALA F 383 -42.65 -26.27 -1.93
C ALA F 383 -42.19 -25.83 -3.32
N PRO F 384 -40.95 -25.37 -3.44
CA PRO F 384 -40.46 -24.96 -4.77
C PRO F 384 -40.39 -26.15 -5.72
N GLY F 385 -40.96 -25.97 -6.90
CA GLY F 385 -40.93 -26.99 -7.93
C GLY F 385 -41.62 -28.29 -7.57
N GLN F 386 -42.89 -28.24 -7.24
CA GLN F 386 -43.69 -29.42 -6.93
C GLN F 386 -44.92 -29.47 -7.82
N THR F 387 -45.46 -30.67 -7.96
CA THR F 387 -46.58 -30.93 -8.85
C THR F 387 -47.81 -31.33 -8.04
N GLY F 388 -48.92 -30.66 -8.30
CA GLY F 388 -50.18 -31.02 -7.65
C GLY F 388 -51.23 -29.98 -8.01
N ASN F 389 -52.46 -30.28 -7.59
CA ASN F 389 -53.56 -29.34 -7.83
C ASN F 389 -53.33 -28.03 -7.09
N ILE F 390 -52.95 -28.11 -5.81
CA ILE F 390 -52.74 -26.91 -5.01
C ILE F 390 -51.60 -26.09 -5.57
N ALA F 391 -50.49 -26.75 -5.92
CA ALA F 391 -49.33 -26.04 -6.45
C ALA F 391 -49.65 -25.40 -7.80
N ASP F 392 -50.34 -26.13 -8.67
CA ASP F 392 -50.55 -25.66 -10.03
C ASP F 392 -51.62 -24.58 -10.11
N TYR F 393 -52.75 -24.76 -9.42
CA TYR F 393 -53.91 -23.90 -9.61
C TYR F 393 -54.26 -23.03 -8.40
N ASN F 394 -53.65 -23.25 -7.24
CA ASN F 394 -54.02 -22.50 -6.05
C ASN F 394 -52.88 -21.63 -5.53
N TYR F 395 -51.73 -22.21 -5.21
CA TYR F 395 -50.61 -21.48 -4.63
C TYR F 395 -49.31 -22.02 -5.20
N LYS F 396 -48.53 -21.16 -5.83
CA LYS F 396 -47.29 -21.56 -6.48
C LYS F 396 -46.10 -20.88 -5.80
N LEU F 397 -45.13 -21.69 -5.40
CA LEU F 397 -43.89 -21.17 -4.84
C LEU F 397 -42.84 -21.08 -5.94
N PRO F 398 -42.23 -19.92 -6.17
CA PRO F 398 -41.20 -19.82 -7.21
C PRO F 398 -40.02 -20.74 -6.92
N ASP F 399 -39.35 -21.17 -7.99
CA ASP F 399 -38.20 -22.06 -7.82
C ASP F 399 -37.08 -21.38 -7.04
N ASP F 400 -36.84 -20.10 -7.31
CA ASP F 400 -35.85 -19.32 -6.56
C ASP F 400 -36.49 -18.74 -5.30
N PHE F 401 -36.95 -19.65 -4.43
CA PHE F 401 -37.66 -19.27 -3.22
C PHE F 401 -36.71 -19.26 -2.04
N THR F 402 -36.56 -18.09 -1.42
CA THR F 402 -35.90 -17.96 -0.12
C THR F 402 -36.98 -17.72 0.91
N GLY F 403 -37.13 -18.64 1.83
CA GLY F 403 -38.17 -18.51 2.84
C GLY F 403 -38.54 -19.85 3.42
N CYS F 404 -39.47 -19.80 4.37
CA CYS F 404 -39.84 -20.97 5.16
C CYS F 404 -41.33 -21.26 5.01
N VAL F 405 -41.69 -22.52 5.13
CA VAL F 405 -43.09 -22.96 5.12
C VAL F 405 -43.37 -23.60 6.47
N ILE F 406 -44.40 -23.10 7.15
CA ILE F 406 -44.85 -23.65 8.42
C ILE F 406 -46.21 -24.28 8.17
N ALA F 407 -46.34 -25.56 8.49
CA ALA F 407 -47.63 -26.24 8.34
C ALA F 407 -47.95 -27.01 9.60
N TRP F 408 -49.13 -26.78 10.15
CA TRP F 408 -49.52 -27.48 11.37
C TRP F 408 -50.97 -27.92 11.28
N ASN F 409 -51.28 -29.01 11.96
CA ASN F 409 -52.62 -29.57 11.92
C ASN F 409 -53.61 -28.64 12.60
N SER F 410 -54.72 -28.35 11.93
CA SER F 410 -55.77 -27.50 12.46
C SER F 410 -57.12 -28.23 12.46
N ASN F 411 -57.10 -29.52 12.77
CA ASN F 411 -58.35 -30.29 12.84
C ASN F 411 -59.27 -29.73 13.91
N LYS F 412 -58.71 -29.18 14.98
CA LYS F 412 -59.52 -28.70 16.09
C LYS F 412 -60.32 -27.46 15.70
N LEU F 413 -59.71 -26.54 14.95
CA LEU F 413 -60.34 -25.27 14.63
C LEU F 413 -60.94 -25.21 13.23
N ASP F 414 -60.61 -26.17 12.36
CA ASP F 414 -61.03 -26.10 10.97
C ASP F 414 -61.87 -27.28 10.52
N SER F 415 -62.25 -28.19 11.42
CA SER F 415 -63.04 -29.36 11.08
C SER F 415 -64.37 -29.31 11.80
N LYS F 416 -65.44 -29.66 11.09
CA LYS F 416 -66.76 -29.76 11.66
C LYS F 416 -67.29 -31.17 11.46
N VAL F 417 -68.03 -31.66 12.46
CA VAL F 417 -68.57 -33.02 12.37
C VAL F 417 -69.54 -33.13 11.21
N SER F 418 -70.43 -32.15 11.05
CA SER F 418 -71.27 -32.11 9.86
C SER F 418 -70.44 -31.79 8.63
N GLY F 419 -69.40 -30.97 8.77
CA GLY F 419 -68.52 -30.65 7.67
C GLY F 419 -68.23 -29.15 7.57
N ASN F 420 -66.99 -28.84 7.21
CA ASN F 420 -66.54 -27.46 7.03
C ASN F 420 -66.41 -27.17 5.54
N TYR F 421 -67.37 -26.41 5.00
CA TYR F 421 -67.40 -26.09 3.58
C TYR F 421 -66.89 -24.69 3.27
N ASN F 422 -66.37 -23.97 4.27
CA ASN F 422 -65.90 -22.61 4.04
C ASN F 422 -64.65 -22.60 3.17
N TYR F 423 -63.77 -23.58 3.36
CA TYR F 423 -62.48 -23.60 2.68
C TYR F 423 -62.65 -24.18 1.29
N LEU F 424 -62.26 -23.40 0.27
CA LEU F 424 -62.42 -23.76 -1.13
C LEU F 424 -61.05 -23.87 -1.77
N TYR F 425 -60.84 -24.91 -2.58
CA TYR F 425 -59.63 -25.03 -3.38
C TYR F 425 -60.02 -25.07 -4.86
N ARG F 426 -59.26 -24.36 -5.69
CA ARG F 426 -59.49 -24.43 -7.12
C ARG F 426 -58.94 -25.74 -7.68
N LEU F 427 -59.78 -26.45 -8.44
CA LEU F 427 -59.40 -27.73 -9.00
C LEU F 427 -59.13 -27.69 -10.50
N PHE F 428 -59.68 -26.71 -11.21
CA PHE F 428 -59.56 -26.63 -12.66
C PHE F 428 -59.29 -25.19 -13.07
N ARG F 429 -58.31 -24.99 -13.95
CA ARG F 429 -57.97 -23.68 -14.47
C ARG F 429 -57.45 -23.83 -15.90
N LYS F 430 -57.51 -22.72 -16.65
CA LYS F 430 -57.05 -22.74 -18.03
C LYS F 430 -55.56 -23.04 -18.11
N SER F 431 -54.76 -22.43 -17.23
CA SER F 431 -53.31 -22.59 -17.26
C SER F 431 -52.78 -22.61 -15.83
N ASN F 432 -51.57 -23.15 -15.67
CA ASN F 432 -50.92 -23.15 -14.38
C ASN F 432 -50.67 -21.73 -13.89
N LEU F 433 -50.80 -21.54 -12.58
CA LEU F 433 -50.55 -20.22 -12.00
C LEU F 433 -49.07 -19.87 -12.07
N LYS F 434 -48.80 -18.59 -12.30
CA LYS F 434 -47.46 -18.07 -12.12
C LYS F 434 -47.17 -17.94 -10.63
N PRO F 435 -45.89 -17.96 -10.24
CA PRO F 435 -45.56 -17.91 -8.81
C PRO F 435 -46.07 -16.65 -8.14
N PHE F 436 -46.56 -16.82 -6.91
CA PHE F 436 -47.00 -15.72 -6.05
C PHE F 436 -48.08 -14.86 -6.71
N GLU F 437 -49.05 -15.51 -7.35
CA GLU F 437 -50.23 -14.84 -7.87
C GLU F 437 -51.47 -15.48 -7.28
N ARG F 438 -52.37 -14.65 -6.78
CA ARG F 438 -53.63 -15.11 -6.19
C ARG F 438 -54.73 -15.04 -7.24
N ASP F 439 -55.39 -16.17 -7.47
CA ASP F 439 -56.48 -16.25 -8.43
C ASP F 439 -57.79 -16.42 -7.69
N ILE F 440 -58.70 -15.46 -7.88
CA ILE F 440 -60.02 -15.50 -7.25
C ILE F 440 -61.12 -15.69 -8.29
N SER F 441 -60.79 -16.31 -9.42
CA SER F 441 -61.76 -16.50 -10.49
C SER F 441 -62.92 -17.38 -10.03
N THR F 442 -64.14 -16.94 -10.32
CA THR F 442 -65.34 -17.72 -10.06
C THR F 442 -66.05 -18.10 -11.34
N GLU F 443 -65.49 -17.78 -12.51
CA GLU F 443 -66.14 -18.07 -13.78
C GLU F 443 -66.12 -19.57 -14.05
N ILE F 444 -67.20 -20.06 -14.67
CA ILE F 444 -67.29 -21.46 -15.03
C ILE F 444 -66.20 -21.79 -16.05
N TYR F 445 -65.51 -22.92 -15.83
CA TYR F 445 -64.44 -23.35 -16.71
C TYR F 445 -65.04 -23.89 -17.99
N GLN F 446 -64.79 -23.21 -19.10
CA GLN F 446 -65.29 -23.62 -20.41
C GLN F 446 -64.30 -24.62 -21.00
N ALA F 447 -64.34 -25.85 -20.47
CA ALA F 447 -63.44 -26.89 -20.95
C ALA F 447 -63.73 -27.24 -22.40
N GLY F 448 -65.01 -27.36 -22.76
CA GLY F 448 -65.36 -27.61 -24.14
C GLY F 448 -65.22 -26.35 -24.99
N ASN F 449 -65.04 -26.57 -26.29
CA ASN F 449 -64.96 -25.44 -27.22
C ASN F 449 -66.27 -24.66 -27.25
N LYS F 450 -67.40 -25.37 -27.16
CA LYS F 450 -68.69 -24.70 -27.07
C LYS F 450 -68.79 -23.97 -25.73
N PRO F 451 -69.56 -22.89 -25.66
CA PRO F 451 -69.58 -22.05 -24.46
C PRO F 451 -70.11 -22.81 -23.24
N CYS F 452 -69.56 -22.45 -22.07
CA CYS F 452 -70.04 -22.95 -20.77
C CYS F 452 -70.34 -21.71 -19.91
N ASN F 453 -71.53 -21.14 -20.09
CA ASN F 453 -71.94 -19.97 -19.31
C ASN F 453 -72.88 -20.43 -18.21
N GLY F 454 -72.30 -21.05 -17.18
CA GLY F 454 -73.08 -21.52 -16.05
C GLY F 454 -73.94 -22.73 -16.33
N VAL F 455 -73.77 -23.37 -17.48
CA VAL F 455 -74.62 -24.51 -17.85
C VAL F 455 -74.39 -25.67 -16.91
N ALA F 456 -73.15 -25.89 -16.49
CA ALA F 456 -72.77 -27.00 -15.61
C ALA F 456 -73.10 -28.36 -16.24
N GLY F 457 -73.05 -28.45 -17.56
CA GLY F 457 -73.20 -29.70 -18.26
C GLY F 457 -71.87 -30.43 -18.39
N PHE F 458 -71.85 -31.39 -19.30
CA PHE F 458 -70.58 -32.06 -19.60
C PHE F 458 -69.59 -31.04 -20.18
N ASN F 459 -68.37 -31.08 -19.66
CA ASN F 459 -67.28 -30.14 -19.94
C ASN F 459 -67.56 -28.75 -19.38
N CYS F 460 -68.61 -28.58 -18.57
CA CYS F 460 -68.93 -27.31 -17.93
C CYS F 460 -69.04 -27.55 -16.43
N TYR F 461 -68.21 -26.87 -15.65
CA TYR F 461 -68.20 -27.09 -14.21
C TYR F 461 -67.59 -25.89 -13.48
N PHE F 462 -67.97 -25.76 -12.21
CA PHE F 462 -67.47 -24.68 -11.37
C PHE F 462 -66.01 -24.92 -11.01
N PRO F 463 -65.19 -23.87 -10.97
CA PRO F 463 -63.75 -24.10 -10.69
C PRO F 463 -63.45 -24.44 -9.23
N LEU F 464 -64.08 -23.75 -8.28
CA LEU F 464 -63.76 -23.92 -6.87
C LEU F 464 -64.56 -25.08 -6.28
N ARG F 465 -63.89 -25.96 -5.53
CA ARG F 465 -64.52 -27.08 -4.87
C ARG F 465 -64.24 -27.00 -3.38
N SER F 466 -65.26 -27.28 -2.57
CA SER F 466 -65.12 -27.22 -1.13
C SER F 466 -64.33 -28.42 -0.61
N TYR F 467 -63.51 -28.17 0.42
CA TYR F 467 -62.77 -29.26 1.06
C TYR F 467 -63.70 -30.20 1.82
N SER F 468 -64.69 -29.63 2.51
CA SER F 468 -65.60 -30.40 3.37
C SER F 468 -64.83 -31.15 4.46
N PHE F 469 -63.98 -30.42 5.19
CA PHE F 469 -63.20 -31.03 6.26
C PHE F 469 -64.11 -31.61 7.34
N ARG F 470 -63.77 -32.81 7.80
CA ARG F 470 -64.44 -33.43 8.93
C ARG F 470 -63.39 -34.04 9.84
N PRO F 471 -63.63 -34.01 11.16
CA PRO F 471 -62.67 -34.66 12.07
C PRO F 471 -62.57 -36.16 11.86
N THR F 472 -63.61 -36.78 11.31
CA THR F 472 -63.58 -38.21 11.05
C THR F 472 -62.56 -38.57 9.98
N TYR F 473 -62.19 -37.61 9.15
CA TYR F 473 -61.22 -37.87 8.08
C TYR F 473 -59.85 -38.25 8.67
N GLY F 474 -59.06 -38.91 7.84
CA GLY F 474 -57.72 -39.28 8.24
C GLY F 474 -56.80 -38.07 8.31
N VAL F 475 -55.62 -38.30 8.89
CA VAL F 475 -54.66 -37.22 9.09
C VAL F 475 -54.28 -36.58 7.77
N GLY F 476 -54.13 -37.38 6.72
CA GLY F 476 -53.84 -36.82 5.41
C GLY F 476 -54.94 -35.91 4.91
N HIS F 477 -56.19 -36.26 5.20
CA HIS F 477 -57.32 -35.44 4.77
C HIS F 477 -57.73 -34.40 5.81
N GLN F 478 -57.12 -34.40 6.99
CA GLN F 478 -57.42 -33.38 7.99
C GLN F 478 -56.84 -32.04 7.55
N PRO F 479 -57.48 -30.93 7.93
CA PRO F 479 -56.99 -29.62 7.52
C PRO F 479 -55.65 -29.29 8.15
N TYR F 480 -54.83 -28.56 7.39
CA TYR F 480 -53.54 -28.08 7.84
C TYR F 480 -53.44 -26.60 7.50
N ARG F 481 -53.02 -25.81 8.47
CA ARG F 481 -52.83 -24.39 8.29
C ARG F 481 -51.38 -24.15 7.89
N VAL F 482 -51.18 -23.45 6.77
CA VAL F 482 -49.87 -23.21 6.20
C VAL F 482 -49.62 -21.71 6.15
N VAL F 483 -48.52 -21.29 6.74
CA VAL F 483 -48.01 -19.92 6.64
C VAL F 483 -46.65 -19.99 5.93
N VAL F 484 -46.55 -19.30 4.81
CA VAL F 484 -45.33 -19.25 4.02
C VAL F 484 -44.69 -17.89 4.24
N LEU F 485 -43.53 -17.87 4.89
CA LEU F 485 -42.77 -16.65 5.09
C LEU F 485 -41.78 -16.51 3.95
N SER F 486 -42.01 -15.53 3.09
CA SER F 486 -41.20 -15.28 1.91
C SER F 486 -40.43 -13.98 2.12
N PHE F 487 -39.11 -14.06 2.01
CA PHE F 487 -38.25 -12.93 2.31
C PHE F 487 -37.02 -12.91 1.42
N GLU F 488 -36.48 -11.71 1.23
CA GLU F 488 -35.32 -11.48 0.39
C GLU F 488 -34.10 -11.26 1.27
N LEU F 489 -33.06 -12.08 1.07
CA LEU F 489 -31.80 -11.91 1.78
C LEU F 489 -30.80 -11.06 1.02
N LEU F 490 -31.10 -10.67 -0.21
CA LEU F 490 -30.23 -9.74 -0.91
C LEU F 490 -30.13 -8.44 -0.13
N HIS F 491 -28.91 -8.00 0.12
CA HIS F 491 -28.69 -6.91 1.05
C HIS F 491 -29.25 -5.60 0.51
N ALA F 492 -29.96 -4.88 1.36
CA ALA F 492 -30.68 -3.65 1.05
C ALA F 492 -31.07 -3.05 2.39
N PRO F 493 -31.70 -1.87 2.45
CA PRO F 493 -32.26 -1.41 3.72
C PRO F 493 -33.20 -2.47 4.30
N ALA F 494 -32.88 -2.94 5.49
CA ALA F 494 -33.55 -4.08 6.10
C ALA F 494 -34.60 -3.58 7.09
N THR F 495 -35.86 -3.55 6.69
CA THR F 495 -36.94 -3.11 7.60
C THR F 495 -37.11 -4.15 8.71
N VAL F 496 -37.12 -5.44 8.33
CA VAL F 496 -37.34 -6.53 9.31
C VAL F 496 -36.00 -7.10 9.71
N CYS F 497 -35.74 -7.19 11.02
CA CYS F 497 -34.49 -7.83 11.47
C CYS F 497 -34.79 -8.83 12.59
N GLY F 498 -34.00 -9.90 12.68
CA GLY F 498 -34.18 -10.85 13.80
C GLY F 498 -33.73 -10.23 15.12
N PRO F 499 -33.98 -10.85 16.28
CA PRO F 499 -33.65 -10.21 17.54
C PRO F 499 -32.12 -10.11 17.67
N LYS F 500 -31.60 -8.98 18.16
CA LYS F 500 -30.15 -8.83 18.44
C LYS F 500 -29.96 -9.46 19.81
N LYS F 501 -28.72 -9.71 20.29
CA LYS F 501 -28.66 -10.31 21.64
C LYS F 501 -27.72 -9.55 22.58
N SER F 502 -28.29 -8.76 23.49
CA SER F 502 -27.48 -7.92 24.41
C SER F 502 -27.17 -8.66 25.72
N THR F 503 -25.90 -8.88 26.01
CA THR F 503 -25.48 -9.50 27.30
C THR F 503 -25.47 -8.41 28.38
N ASN F 504 -25.33 -8.80 29.64
CA ASN F 504 -25.27 -7.80 30.76
C ASN F 504 -24.02 -6.93 30.60
N LEU F 505 -24.09 -5.67 31.03
CA LEU F 505 -22.95 -4.71 30.87
C LEU F 505 -22.06 -4.72 32.13
N VAL F 506 -20.75 -4.87 31.94
CA VAL F 506 -19.79 -4.83 33.09
C VAL F 506 -19.00 -3.53 33.00
N LYS F 507 -18.49 -3.03 34.14
CA LYS F 507 -17.80 -1.73 34.14
C LYS F 507 -16.56 -1.83 35.02
N ASN F 508 -15.56 -1.00 34.73
CA ASN F 508 -14.33 -0.97 35.55
C ASN F 508 -13.58 -2.27 35.33
N LYS F 509 -13.91 -3.01 34.28
CA LYS F 509 -13.11 -4.18 33.97
C LYS F 509 -12.82 -4.20 32.48
N CYS F 510 -11.59 -4.53 32.12
CA CYS F 510 -11.20 -4.58 30.72
C CYS F 510 -12.00 -5.63 29.98
N VAL F 511 -12.74 -5.20 28.96
CA VAL F 511 -13.65 -6.06 28.22
C VAL F 511 -13.63 -5.67 26.75
N ASN F 512 -13.81 -6.67 25.88
CA ASN F 512 -14.28 -6.40 24.53
C ASN F 512 -15.75 -6.00 24.59
N PHE F 513 -16.10 -4.93 23.90
CA PHE F 513 -17.45 -4.39 23.97
C PHE F 513 -17.97 -4.10 22.57
N ASN F 514 -19.27 -4.31 22.40
CA ASN F 514 -19.98 -4.00 21.16
C ASN F 514 -21.24 -3.23 21.51
N PHE F 515 -21.41 -2.09 20.85
CA PHE F 515 -22.58 -1.23 21.04
C PHE F 515 -23.13 -0.90 19.65
N ASN F 516 -24.16 -1.63 19.23
CA ASN F 516 -24.85 -1.39 17.96
C ASN F 516 -23.89 -1.37 16.79
N GLY F 517 -22.96 -2.33 16.77
CA GLY F 517 -21.97 -2.41 15.72
C GLY F 517 -20.67 -1.69 16.00
N LEU F 518 -20.62 -0.86 17.04
CA LEU F 518 -19.37 -0.22 17.44
C LEU F 518 -18.57 -1.20 18.28
N LYS F 519 -17.40 -1.59 17.80
CA LYS F 519 -16.59 -2.64 18.41
C LYS F 519 -15.33 -2.01 19.00
N GLY F 520 -15.01 -2.40 20.23
CA GLY F 520 -13.83 -1.85 20.87
C GLY F 520 -13.35 -2.73 22.00
N THR F 521 -12.16 -2.41 22.51
CA THR F 521 -11.58 -3.06 23.69
C THR F 521 -11.24 -1.98 24.71
N GLY F 522 -11.79 -2.10 25.92
CA GLY F 522 -11.52 -1.06 26.90
C GLY F 522 -12.22 -1.32 28.21
N VAL F 523 -12.08 -0.36 29.11
CA VAL F 523 -12.78 -0.32 30.38
C VAL F 523 -13.87 0.74 30.28
N LEU F 524 -15.07 0.39 30.73
CA LEU F 524 -16.23 1.27 30.69
C LEU F 524 -16.46 1.82 32.10
N THR F 525 -16.65 3.13 32.20
CA THR F 525 -16.88 3.76 33.49
C THR F 525 -17.95 4.84 33.35
N GLU F 526 -18.47 5.30 34.47
CA GLU F 526 -19.45 6.37 34.44
C GLU F 526 -18.84 7.65 33.89
N SER F 527 -19.61 8.36 33.08
CA SER F 527 -19.13 9.50 32.31
C SER F 527 -19.78 10.78 32.80
N ASN F 528 -18.95 11.81 33.06
CA ASN F 528 -19.48 13.11 33.44
C ASN F 528 -19.94 13.90 32.21
N LYS F 529 -19.37 13.62 31.05
CA LYS F 529 -19.71 14.36 29.84
C LYS F 529 -21.20 14.23 29.52
N LYS F 530 -21.81 15.34 29.12
CA LYS F 530 -23.25 15.41 28.86
C LYS F 530 -23.49 15.18 27.37
N PHE F 531 -23.89 13.96 27.01
CA PHE F 531 -24.28 13.65 25.65
C PHE F 531 -25.58 14.36 25.29
N LEU F 532 -25.68 14.76 24.02
CA LEU F 532 -26.97 15.16 23.50
C LEU F 532 -27.81 13.92 23.23
N PRO F 533 -29.14 14.04 23.31
CA PRO F 533 -29.98 12.83 23.24
C PRO F 533 -29.78 12.01 21.97
N PHE F 534 -29.58 12.65 20.82
CA PHE F 534 -29.38 11.89 19.59
C PHE F 534 -27.99 11.29 19.50
N GLN F 535 -27.01 11.86 20.21
CA GLN F 535 -25.63 11.41 20.10
C GLN F 535 -25.47 10.01 20.69
N GLN F 536 -24.74 9.15 19.99
CA GLN F 536 -24.57 7.76 20.38
C GLN F 536 -23.18 7.49 20.95
N PHE F 537 -22.12 7.78 20.20
CA PHE F 537 -20.75 7.50 20.63
C PHE F 537 -19.90 8.76 20.46
N GLY F 538 -19.22 9.15 21.53
CA GLY F 538 -18.41 10.35 21.49
C GLY F 538 -17.04 10.11 20.91
N ARG F 539 -16.40 11.21 20.50
CA ARG F 539 -15.03 11.19 20.04
C ARG F 539 -14.28 12.38 20.64
N ASP F 540 -13.00 12.18 20.89
CA ASP F 540 -12.16 13.16 21.55
C ASP F 540 -11.59 14.13 20.52
N ILE F 541 -10.55 14.88 20.88
CA ILE F 541 -9.91 15.78 19.92
C ILE F 541 -9.36 14.99 18.75
N ALA F 542 -8.83 13.79 19.01
CA ALA F 542 -8.48 12.85 17.95
C ALA F 542 -9.74 12.14 17.47
N ASP F 543 -9.58 11.13 16.62
CA ASP F 543 -10.74 10.41 16.10
C ASP F 543 -11.08 9.16 16.91
N THR F 544 -10.42 8.93 18.04
CA THR F 544 -10.73 7.78 18.88
C THR F 544 -12.05 7.99 19.62
N THR F 545 -12.68 6.88 19.99
CA THR F 545 -13.96 6.89 20.69
C THR F 545 -13.69 6.82 22.20
N ASP F 546 -14.02 7.89 22.92
CA ASP F 546 -13.81 7.96 24.35
C ASP F 546 -15.07 7.74 25.16
N ALA F 547 -16.24 7.69 24.52
CA ALA F 547 -17.49 7.56 25.25
C ALA F 547 -18.53 6.89 24.37
N VAL F 548 -19.49 6.24 25.02
CA VAL F 548 -20.61 5.60 24.33
C VAL F 548 -21.84 5.67 25.22
N ARG F 549 -22.99 5.83 24.59
CA ARG F 549 -24.26 5.81 25.31
C ARG F 549 -24.80 4.39 25.34
N ASP F 550 -25.13 3.92 26.54
CA ASP F 550 -25.67 2.57 26.67
C ASP F 550 -27.03 2.50 25.97
N PRO F 551 -27.21 1.63 24.95
CA PRO F 551 -28.45 1.63 24.20
C PRO F 551 -29.57 1.25 25.15
N GLN F 552 -29.35 0.21 25.94
CA GLN F 552 -30.38 -0.29 26.87
C GLN F 552 -30.67 0.65 28.04
N THR F 553 -29.67 1.28 28.68
CA THR F 553 -29.95 2.07 29.91
C THR F 553 -29.79 3.58 29.68
N LEU F 554 -29.53 3.98 28.44
CA LEU F 554 -29.39 5.40 28.08
C LEU F 554 -28.55 6.18 29.09
N GLU F 555 -27.44 5.58 29.52
CA GLU F 555 -26.48 6.24 30.39
C GLU F 555 -25.12 6.26 29.72
N ILE F 556 -24.38 7.34 29.95
CA ILE F 556 -23.15 7.61 29.23
C ILE F 556 -21.98 6.95 29.94
N LEU F 557 -21.12 6.27 29.18
CA LEU F 557 -19.96 5.58 29.72
C LEU F 557 -18.71 6.09 29.01
N ASP F 558 -17.77 6.59 29.80
CA ASP F 558 -16.42 6.84 29.28
C ASP F 558 -15.73 5.53 28.99
N ILE F 559 -15.07 5.48 27.83
CA ILE F 559 -14.31 4.31 27.39
C ILE F 559 -12.83 4.66 27.49
N THR F 560 -12.08 3.87 28.25
CA THR F 560 -10.64 4.06 28.30
C THR F 560 -9.96 2.78 27.85
N PRO F 561 -9.07 2.82 26.86
CA PRO F 561 -8.37 1.60 26.47
C PRO F 561 -7.58 1.05 27.65
N CYS F 562 -7.56 -0.28 27.75
CA CYS F 562 -7.04 -0.94 28.95
C CYS F 562 -5.55 -0.61 29.13
N SER F 563 -5.09 -0.80 30.37
CA SER F 563 -3.75 -0.34 30.75
C SER F 563 -2.69 -0.90 29.83
N PHE F 564 -1.79 -0.03 29.38
CA PHE F 564 -0.73 -0.40 28.47
C PHE F 564 0.47 0.50 28.70
N GLY F 565 1.59 0.13 28.10
CA GLY F 565 2.75 0.99 28.16
C GLY F 565 3.99 0.27 27.65
N GLY F 566 5.11 0.97 27.73
CA GLY F 566 6.40 0.43 27.34
C GLY F 566 7.14 -0.15 28.53
N VAL F 567 7.87 -1.24 28.27
CA VAL F 567 8.67 -1.91 29.28
C VAL F 567 10.13 -1.70 28.93
N SER F 568 10.87 -1.09 29.86
CA SER F 568 12.30 -0.87 29.72
C SER F 568 13.05 -1.73 30.72
N VAL F 569 14.10 -2.40 30.26
CA VAL F 569 14.87 -3.30 31.10
C VAL F 569 16.22 -2.67 31.39
N ILE F 570 16.45 -2.34 32.65
CA ILE F 570 17.73 -1.82 33.12
C ILE F 570 18.61 -3.01 33.46
N THR F 571 19.72 -3.15 32.72
CA THR F 571 20.67 -4.23 32.96
C THR F 571 22.03 -3.67 33.32
N PRO F 572 22.69 -4.20 34.34
CA PRO F 572 24.10 -3.84 34.58
C PRO F 572 25.06 -4.42 33.56
N GLY F 573 24.58 -5.26 32.65
CA GLY F 573 25.43 -5.97 31.73
C GLY F 573 25.46 -7.44 32.05
N THR F 574 25.23 -8.29 31.05
CA THR F 574 25.21 -9.74 31.29
C THR F 574 26.57 -10.23 31.77
N ASN F 575 27.64 -9.51 31.44
CA ASN F 575 28.95 -9.83 31.98
C ASN F 575 28.99 -9.67 33.49
N THR F 576 28.37 -8.59 33.99
CA THR F 576 28.38 -8.33 35.43
C THR F 576 27.43 -9.27 36.16
N SER F 577 26.15 -9.24 35.80
CA SER F 577 25.15 -10.03 36.51
C SER F 577 23.93 -10.17 35.61
N ASN F 578 23.09 -11.15 35.96
CA ASN F 578 21.84 -11.39 35.26
C ASN F 578 20.66 -10.68 35.91
N GLN F 579 20.89 -9.93 36.98
CA GLN F 579 19.84 -9.17 37.62
C GLN F 579 19.38 -8.05 36.70
N VAL F 580 18.07 -7.78 36.70
CA VAL F 580 17.50 -6.71 35.89
C VAL F 580 16.53 -5.90 36.74
N ALA F 581 16.28 -4.67 36.30
CA ALA F 581 15.21 -3.85 36.81
C ALA F 581 14.25 -3.55 35.67
N VAL F 582 12.98 -3.36 36.01
CA VAL F 582 11.94 -3.16 35.01
C VAL F 582 11.26 -1.82 35.26
N LEU F 583 11.25 -0.97 34.23
CA LEU F 583 10.53 0.29 34.26
C LEU F 583 9.30 0.18 33.37
N TYR F 584 8.13 0.39 33.95
CA TYR F 584 6.88 0.44 33.22
C TYR F 584 6.56 1.90 33.01
N GLN F 585 6.65 2.35 31.76
CA GLN F 585 6.65 3.78 31.47
C GLN F 585 5.26 4.38 31.57
N GLY F 586 5.15 5.52 32.25
CA GLY F 586 3.91 6.26 32.32
C GLY F 586 2.77 5.52 32.98
N VAL F 587 3.08 4.68 33.97
CA VAL F 587 2.08 3.87 34.65
C VAL F 587 2.25 4.03 36.15
N ASN F 588 1.14 4.27 36.85
CA ASN F 588 1.17 4.30 38.30
C ASN F 588 1.52 2.92 38.85
N CYS F 589 2.25 2.91 39.97
CA CYS F 589 2.74 1.64 40.51
C CYS F 589 1.59 0.74 40.96
N THR F 590 0.46 1.33 41.37
CA THR F 590 -0.70 0.54 41.75
C THR F 590 -1.26 -0.23 40.56
N GLU F 591 -1.30 0.41 39.38
CA GLU F 591 -1.90 -0.22 38.21
C GLU F 591 -1.07 -1.40 37.71
N VAL F 592 0.21 -1.44 38.03
CA VAL F 592 1.08 -2.53 37.58
C VAL F 592 0.64 -3.85 38.19
N LEU F 601 -0.66 -13.37 33.39
CA LEU F 601 0.77 -13.43 33.16
C LEU F 601 1.40 -14.66 33.78
N THR F 602 2.71 -14.76 33.66
CA THR F 602 3.51 -15.85 34.21
C THR F 602 4.15 -15.43 35.53
N PRO F 603 4.39 -16.36 36.45
CA PRO F 603 4.93 -15.98 37.76
C PRO F 603 6.33 -15.38 37.72
N THR F 604 7.07 -15.54 36.63
CA THR F 604 8.37 -14.89 36.49
C THR F 604 8.26 -13.44 36.05
N TRP F 605 7.06 -13.00 35.65
CA TRP F 605 6.79 -11.59 35.40
C TRP F 605 5.85 -10.97 36.42
N ARG F 606 5.30 -11.77 37.34
CA ARG F 606 4.59 -11.19 38.48
C ARG F 606 5.55 -10.69 39.55
N VAL F 607 6.71 -11.33 39.69
CA VAL F 607 7.75 -10.81 40.58
C VAL F 607 8.18 -9.42 40.14
N TYR F 608 8.28 -9.20 38.83
CA TYR F 608 8.51 -7.86 38.31
C TYR F 608 7.19 -7.13 38.05
N SER F 609 6.27 -7.17 39.01
CA SER F 609 5.07 -6.37 39.00
C SER F 609 4.70 -5.79 40.35
N THR F 610 5.26 -6.31 41.44
CA THR F 610 5.02 -5.80 42.79
C THR F 610 6.06 -6.42 43.70
N GLY F 611 6.21 -5.86 44.88
CA GLY F 611 7.14 -6.39 45.85
C GLY F 611 7.69 -5.29 46.75
N SER F 612 8.81 -5.62 47.40
CA SER F 612 9.46 -4.67 48.29
C SER F 612 10.16 -3.56 47.51
N ASN F 613 10.79 -3.90 46.39
CA ASN F 613 11.52 -2.91 45.60
C ASN F 613 10.63 -2.40 44.47
N VAL F 614 9.61 -1.64 44.85
CA VAL F 614 8.73 -0.95 43.92
C VAL F 614 8.82 0.53 44.24
N PHE F 615 9.28 1.32 43.26
CA PHE F 615 9.49 2.75 43.44
C PHE F 615 8.79 3.49 42.32
N GLN F 616 8.26 4.67 42.63
CA GLN F 616 7.51 5.45 41.65
C GLN F 616 8.37 6.59 41.13
N THR F 617 8.50 6.66 39.80
CA THR F 617 9.19 7.74 39.12
C THR F 617 8.22 8.43 38.17
N ARG F 618 8.56 9.68 37.82
CA ARG F 618 7.80 10.35 36.77
C ARG F 618 8.00 9.69 35.41
N ALA F 619 9.09 8.93 35.25
CA ALA F 619 9.23 8.09 34.07
C ALA F 619 8.24 6.93 34.10
N GLY F 620 8.01 6.36 35.28
CA GLY F 620 7.10 5.25 35.42
C GLY F 620 7.34 4.53 36.73
N CYS F 621 6.91 3.27 36.77
CA CYS F 621 7.10 2.43 37.94
C CYS F 621 8.33 1.54 37.76
N LEU F 622 9.22 1.56 38.74
CA LEU F 622 10.47 0.81 38.68
C LEU F 622 10.41 -0.33 39.70
N ILE F 623 10.55 -1.56 39.22
CA ILE F 623 10.51 -2.75 40.05
C ILE F 623 11.84 -3.48 39.91
N GLY F 624 12.44 -3.84 41.05
CA GLY F 624 13.70 -4.55 41.07
C GLY F 624 14.90 -3.71 41.41
N ALA F 625 14.72 -2.41 41.68
CA ALA F 625 15.81 -1.54 42.10
C ALA F 625 15.41 -0.86 43.40
N GLU F 626 16.28 -0.97 44.40
CA GLU F 626 16.01 -0.38 45.71
C GLU F 626 16.44 1.08 45.71
N TYR F 627 15.49 1.98 45.90
CA TYR F 627 15.81 3.40 45.95
C TYR F 627 16.64 3.71 47.19
N VAL F 628 17.69 4.50 47.01
CA VAL F 628 18.58 4.88 48.10
C VAL F 628 18.59 6.40 48.22
N ASN F 629 18.63 6.88 49.46
CA ASN F 629 18.66 8.32 49.69
C ASN F 629 19.98 8.95 49.26
N ASN F 630 21.04 8.17 49.14
CA ASN F 630 22.31 8.70 48.67
C ASN F 630 22.21 9.13 47.22
N SER F 631 23.03 10.10 46.85
CA SER F 631 23.09 10.61 45.48
C SER F 631 24.47 10.31 44.90
N TYR F 632 24.48 9.78 43.68
CA TYR F 632 25.71 9.46 42.97
C TYR F 632 25.66 10.06 41.58
N GLU F 633 26.78 9.97 40.87
CA GLU F 633 26.78 10.33 39.46
C GLU F 633 25.94 9.33 38.67
N CYS F 634 25.29 9.82 37.62
CA CYS F 634 24.37 8.98 36.87
C CYS F 634 25.12 7.86 36.17
N ASP F 635 24.62 6.63 36.31
CA ASP F 635 25.21 5.46 35.67
C ASP F 635 24.32 4.94 34.55
N ILE F 636 23.07 4.61 34.84
CA ILE F 636 22.08 4.24 33.85
C ILE F 636 20.93 5.23 33.98
N PRO F 637 20.73 6.11 32.99
CA PRO F 637 19.66 7.12 33.12
C PRO F 637 18.28 6.48 33.03
N ILE F 638 17.45 6.77 34.03
CA ILE F 638 16.05 6.35 34.05
C ILE F 638 15.13 7.48 33.62
N GLY F 639 15.31 8.65 34.20
CA GLY F 639 14.54 9.83 33.83
C GLY F 639 14.07 10.59 35.05
N ALA F 640 13.69 11.85 34.82
CA ALA F 640 13.16 12.74 35.86
C ALA F 640 14.14 12.86 37.03
N GLY F 641 15.44 12.84 36.72
CA GLY F 641 16.46 12.95 37.74
C GLY F 641 16.85 11.65 38.42
N ILE F 642 16.21 10.54 38.07
CA ILE F 642 16.51 9.24 38.67
C ILE F 642 17.39 8.45 37.72
N CYS F 643 18.44 7.86 38.26
CA CYS F 643 19.32 6.96 37.55
C CYS F 643 19.46 5.67 38.34
N ALA F 644 20.00 4.64 37.70
CA ALA F 644 20.17 3.33 38.32
C ALA F 644 21.62 2.89 38.20
N SER F 645 22.04 2.07 39.16
CA SER F 645 23.41 1.57 39.15
C SER F 645 23.48 0.24 39.90
N TYR F 646 24.39 -0.62 39.46
CA TYR F 646 24.65 -1.89 40.12
C TYR F 646 25.78 -1.67 41.12
N GLN F 647 25.45 -1.68 42.40
CA GLN F 647 26.39 -1.27 43.44
C GLN F 647 26.44 -2.29 44.56
N THR F 648 27.63 -2.44 45.15
CA THR F 648 27.78 -3.25 46.36
C THR F 648 27.08 -2.57 47.52
N GLN F 649 26.38 -3.36 48.33
CA GLN F 649 25.65 -2.83 49.48
C GLN F 649 25.48 -3.88 50.56
N ALA F 660 27.53 -7.75 52.18
CA ALA F 660 27.79 -6.82 51.09
C ALA F 660 27.57 -7.51 49.74
N SER F 661 26.31 -7.62 49.33
CA SER F 661 25.94 -8.23 48.07
C SER F 661 25.50 -7.15 47.09
N GLN F 662 26.02 -7.23 45.87
CA GLN F 662 25.72 -6.24 44.86
C GLN F 662 24.26 -6.33 44.42
N SER F 663 23.64 -5.16 44.21
CA SER F 663 22.26 -5.10 43.77
C SER F 663 22.05 -3.84 42.93
N ILE F 664 20.94 -3.84 42.20
CA ILE F 664 20.55 -2.67 41.42
C ILE F 664 19.85 -1.68 42.33
N ILE F 665 20.32 -0.43 42.33
CA ILE F 665 19.75 0.63 43.15
C ILE F 665 19.36 1.79 42.24
N ALA F 666 18.35 2.54 42.68
CA ALA F 666 17.90 3.74 42.02
C ALA F 666 18.18 4.93 42.93
N TYR F 667 18.57 6.05 42.33
CA TYR F 667 18.95 7.21 43.12
C TYR F 667 18.69 8.48 42.32
N THR F 668 18.57 9.59 43.06
CA THR F 668 18.55 10.90 42.44
C THR F 668 19.98 11.28 42.09
N MET F 669 20.22 11.58 40.82
CA MET F 669 21.59 11.78 40.35
C MET F 669 22.22 13.00 41.00
N SER F 670 23.51 12.90 41.30
CA SER F 670 24.23 13.99 41.95
C SER F 670 24.70 14.97 40.89
N LEU F 671 24.29 16.24 41.04
CA LEU F 671 24.71 17.26 40.08
C LEU F 671 26.19 17.57 40.21
N GLY F 672 26.73 17.47 41.43
CA GLY F 672 28.14 17.72 41.63
C GLY F 672 28.45 17.91 43.10
N ALA F 673 29.66 18.37 43.36
CA ALA F 673 30.12 18.66 44.71
C ALA F 673 29.84 20.12 45.03
N GLU F 674 29.08 20.36 46.09
CA GLU F 674 28.70 21.72 46.44
C GLU F 674 29.90 22.48 46.99
N ASN F 675 30.10 23.70 46.49
CA ASN F 675 31.22 24.54 46.89
C ASN F 675 30.70 25.94 47.16
N SER F 676 31.38 26.66 48.06
CA SER F 676 31.03 28.03 48.37
C SER F 676 32.28 28.89 48.25
N VAL F 677 32.25 29.85 47.31
CA VAL F 677 33.31 30.84 47.22
C VAL F 677 33.13 31.89 48.30
N ALA F 678 34.17 32.12 49.10
CA ALA F 678 34.10 33.04 50.21
C ALA F 678 34.24 34.48 49.70
N TYR F 679 33.18 34.95 49.06
CA TYR F 679 33.17 36.30 48.53
C TYR F 679 33.23 37.32 49.66
N SER F 680 34.10 38.32 49.50
CA SER F 680 34.19 39.44 50.41
C SER F 680 34.37 40.71 49.59
N ASN F 681 34.28 41.86 50.27
CA ASN F 681 34.47 43.13 49.57
C ASN F 681 35.93 43.35 49.18
N ASN F 682 36.87 42.73 49.90
CA ASN F 682 38.28 43.06 49.78
C ASN F 682 39.19 41.84 49.76
N SER F 683 38.65 40.64 49.53
CA SER F 683 39.43 39.42 49.53
C SER F 683 39.60 38.90 48.12
N ILE F 684 40.84 38.56 47.74
CA ILE F 684 41.15 38.02 46.43
C ILE F 684 41.95 36.74 46.59
N ALA F 685 41.67 35.76 45.75
CA ALA F 685 42.45 34.53 45.70
C ALA F 685 43.40 34.60 44.52
N ILE F 686 44.69 34.49 44.79
CA ILE F 686 45.73 34.55 43.77
C ILE F 686 46.42 33.20 43.73
N PRO F 687 46.50 32.55 42.57
CA PRO F 687 47.18 31.25 42.51
C PRO F 687 48.69 31.43 42.63
N THR F 688 49.31 30.58 43.46
CA THR F 688 50.74 30.61 43.68
C THR F 688 51.49 29.54 42.90
N ASN F 689 50.78 28.65 42.21
CA ASN F 689 51.40 27.59 41.44
C ASN F 689 50.53 27.30 40.22
N PHE F 690 50.98 26.39 39.37
CA PHE F 690 50.22 26.02 38.19
C PHE F 690 50.41 24.55 37.89
N THR F 691 49.49 24.03 37.09
CA THR F 691 49.53 22.67 36.57
C THR F 691 49.44 22.74 35.05
N ILE F 692 50.34 22.04 34.38
CA ILE F 692 50.28 21.88 32.94
C ILE F 692 49.44 20.65 32.65
N SER F 693 48.25 20.86 32.11
CA SER F 693 47.28 19.79 31.94
C SER F 693 47.10 19.48 30.46
N VAL F 694 47.24 18.21 30.10
CA VAL F 694 47.01 17.75 28.73
C VAL F 694 45.75 16.91 28.74
N THR F 695 44.78 17.31 27.92
CA THR F 695 43.52 16.60 27.79
C THR F 695 43.32 16.20 26.34
N THR F 696 42.41 15.26 26.11
CA THR F 696 42.15 14.75 24.77
C THR F 696 40.73 15.11 24.34
N GLU F 697 40.61 15.63 23.13
CA GLU F 697 39.32 15.80 22.47
C GLU F 697 39.29 14.93 21.23
N ILE F 698 38.28 14.09 21.11
CA ILE F 698 38.16 13.13 20.02
C ILE F 698 37.01 13.56 19.13
N LEU F 699 37.30 13.78 17.85
CA LEU F 699 36.30 14.28 16.92
C LEU F 699 36.27 13.41 15.67
N PRO F 700 35.11 12.85 15.31
CA PRO F 700 34.99 12.18 14.01
C PRO F 700 35.13 13.19 12.87
N VAL F 701 35.83 12.78 11.82
CA VAL F 701 36.05 13.67 10.68
C VAL F 701 35.48 13.05 9.42
N SER F 702 35.35 11.72 9.40
CA SER F 702 34.87 11.04 8.22
C SER F 702 34.14 9.77 8.61
N MET F 703 33.26 9.32 7.73
CA MET F 703 32.50 8.09 7.90
C MET F 703 32.82 7.17 6.72
N THR F 704 32.32 5.93 6.82
CA THR F 704 32.59 4.95 5.78
C THR F 704 31.89 5.35 4.49
N LYS F 705 32.65 5.36 3.40
CA LYS F 705 32.11 5.64 2.07
C LYS F 705 31.51 4.36 1.52
N THR F 706 30.20 4.36 1.28
CA THR F 706 29.49 3.17 0.85
C THR F 706 28.87 3.41 -0.52
N SER F 707 28.86 2.35 -1.32
CA SER F 707 28.22 2.35 -2.62
C SER F 707 27.23 1.21 -2.67
N VAL F 708 26.09 1.45 -3.29
CA VAL F 708 25.04 0.45 -3.43
C VAL F 708 24.80 0.19 -4.90
N ASP F 709 24.90 -1.07 -5.31
CA ASP F 709 24.46 -1.48 -6.63
C ASP F 709 22.95 -1.67 -6.56
N CYS F 710 22.21 -0.69 -7.07
CA CYS F 710 20.76 -0.68 -6.87
C CYS F 710 20.09 -1.89 -7.50
N THR F 711 20.50 -2.25 -8.72
CA THR F 711 19.92 -3.41 -9.38
C THR F 711 20.22 -4.68 -8.60
N MET F 712 21.45 -4.83 -8.12
CA MET F 712 21.83 -6.05 -7.41
C MET F 712 21.12 -6.17 -6.07
N TYR F 713 20.69 -5.05 -5.47
CA TYR F 713 19.97 -5.12 -4.22
C TYR F 713 18.47 -5.36 -4.45
N ILE F 714 17.87 -4.63 -5.39
CA ILE F 714 16.44 -4.84 -5.67
C ILE F 714 16.23 -6.18 -6.35
N CYS F 715 17.07 -6.50 -7.35
CA CYS F 715 16.89 -7.69 -8.19
C CYS F 715 18.25 -8.40 -8.29
N GLY F 716 18.49 -9.33 -7.37
CA GLY F 716 19.79 -9.97 -7.30
C GLY F 716 20.22 -10.59 -8.62
N ASP F 717 19.51 -11.64 -9.04
CA ASP F 717 19.83 -12.32 -10.29
C ASP F 717 18.63 -12.48 -11.22
N SER F 718 17.53 -11.77 -10.95
CA SER F 718 16.34 -11.84 -11.80
C SER F 718 16.42 -10.76 -12.87
N THR F 719 16.56 -11.18 -14.13
CA THR F 719 16.57 -10.22 -15.23
C THR F 719 15.17 -9.65 -15.48
N GLU F 720 14.13 -10.45 -15.22
CA GLU F 720 12.76 -9.93 -15.32
C GLU F 720 12.55 -8.81 -14.31
N CYS F 721 13.05 -8.99 -13.08
CA CYS F 721 12.94 -7.93 -12.09
C CYS F 721 13.71 -6.69 -12.53
N SER F 722 14.86 -6.87 -13.17
CA SER F 722 15.62 -5.72 -13.66
C SER F 722 14.83 -4.96 -14.72
N ASN F 723 14.23 -5.69 -15.67
CA ASN F 723 13.43 -5.03 -16.70
C ASN F 723 12.23 -4.30 -16.10
N LEU F 724 11.63 -4.87 -15.06
CA LEU F 724 10.54 -4.19 -14.38
C LEU F 724 11.05 -2.96 -13.62
N LEU F 725 12.25 -3.05 -13.04
CA LEU F 725 12.82 -1.94 -12.30
C LEU F 725 13.17 -0.77 -13.22
N LEU F 726 13.44 -1.07 -14.50
CA LEU F 726 13.67 0.01 -15.46
C LEU F 726 12.47 0.95 -15.56
N GLN F 727 11.28 0.50 -15.17
CA GLN F 727 10.09 1.32 -15.26
C GLN F 727 9.88 2.24 -14.06
N TYR F 728 10.80 2.26 -13.10
CA TYR F 728 10.66 3.09 -11.91
C TYR F 728 11.46 4.38 -12.00
N GLY F 729 12.02 4.70 -13.16
CA GLY F 729 12.59 6.02 -13.37
C GLY F 729 14.01 6.12 -12.85
N SER F 730 14.34 7.28 -12.29
CA SER F 730 15.69 7.62 -11.86
C SER F 730 15.90 7.42 -10.37
N PHE F 731 15.16 6.51 -9.75
CA PHE F 731 15.34 6.25 -8.32
C PHE F 731 16.75 5.76 -8.01
N CYS F 732 17.21 4.75 -8.75
CA CYS F 732 18.54 4.20 -8.52
C CYS F 732 19.63 5.21 -8.84
N THR F 733 19.45 5.97 -9.93
CA THR F 733 20.42 7.00 -10.28
C THR F 733 20.50 8.07 -9.20
N GLN F 734 19.35 8.46 -8.65
CA GLN F 734 19.34 9.45 -7.59
C GLN F 734 20.01 8.93 -6.32
N LEU F 735 19.78 7.66 -5.98
CA LEU F 735 20.46 7.07 -4.83
C LEU F 735 21.96 7.02 -5.04
N LYS F 736 22.40 6.64 -6.24
CA LYS F 736 23.83 6.62 -6.54
C LYS F 736 24.42 8.01 -6.44
N ARG F 737 23.71 9.03 -6.94
CA ARG F 737 24.19 10.39 -6.88
C ARG F 737 24.35 10.86 -5.43
N ALA F 738 23.35 10.55 -4.59
CA ALA F 738 23.43 10.94 -3.18
C ALA F 738 24.60 10.24 -2.48
N LEU F 739 24.80 8.95 -2.73
CA LEU F 739 25.89 8.24 -2.07
C LEU F 739 27.25 8.73 -2.56
N THR F 740 27.36 9.05 -3.85
CA THR F 740 28.61 9.61 -4.37
C THR F 740 28.89 10.96 -3.75
N GLY F 741 27.84 11.77 -3.57
CA GLY F 741 28.02 13.03 -2.88
C GLY F 741 28.51 12.85 -1.45
N ILE F 742 27.98 11.83 -0.76
CA ILE F 742 28.43 11.56 0.60
C ILE F 742 29.90 11.14 0.61
N ALA F 743 30.31 10.29 -0.33
CA ALA F 743 31.70 9.84 -0.36
C ALA F 743 32.66 10.99 -0.66
N VAL F 744 32.31 11.82 -1.64
CA VAL F 744 33.14 12.99 -1.94
C VAL F 744 33.16 13.93 -0.74
N GLU F 745 32.05 14.01 -0.01
CA GLU F 745 32.00 14.83 1.19
C GLU F 745 32.94 14.30 2.26
N GLN F 746 33.05 12.98 2.39
CA GLN F 746 33.98 12.41 3.36
C GLN F 746 35.42 12.73 3.00
N ASP F 747 35.77 12.60 1.72
CA ASP F 747 37.13 12.95 1.30
C ASP F 747 37.40 14.44 1.53
N LYS F 748 36.42 15.29 1.24
CA LYS F 748 36.55 16.72 1.48
C LYS F 748 36.71 17.03 2.96
N ASN F 749 35.99 16.30 3.82
CA ASN F 749 36.10 16.49 5.26
C ASN F 749 37.51 16.19 5.73
N THR F 750 38.06 15.06 5.30
CA THR F 750 39.42 14.71 5.69
C THR F 750 40.43 15.73 5.15
N GLN F 751 40.24 16.18 3.91
CA GLN F 751 41.15 17.19 3.35
C GLN F 751 41.10 18.49 4.16
N GLU F 752 39.90 18.93 4.55
CA GLU F 752 39.79 20.17 5.31
C GLU F 752 40.41 20.04 6.68
N VAL F 753 40.23 18.89 7.34
CA VAL F 753 40.79 18.75 8.69
C VAL F 753 42.30 18.64 8.64
N PHE F 754 42.85 17.82 7.74
CA PHE F 754 44.26 17.47 7.83
C PHE F 754 45.16 18.16 6.81
N ALA F 755 44.65 18.54 5.64
CA ALA F 755 45.48 19.11 4.59
C ALA F 755 45.54 20.63 4.65
N GLN F 756 45.42 21.22 5.84
CA GLN F 756 45.44 22.67 5.95
C GLN F 756 46.78 23.25 5.55
N VAL F 757 47.88 22.62 5.95
CA VAL F 757 49.22 23.11 5.64
C VAL F 757 49.68 22.53 4.32
N LYS F 758 50.33 23.37 3.51
CA LYS F 758 50.82 22.97 2.20
C LYS F 758 52.30 22.60 2.20
N GLN F 759 52.97 22.70 3.35
CA GLN F 759 54.36 22.33 3.50
C GLN F 759 54.47 21.17 4.46
N ILE F 760 55.19 20.12 4.06
CA ILE F 760 55.38 18.93 4.90
C ILE F 760 56.63 19.20 5.73
N TYR F 761 56.43 19.83 6.89
CA TYR F 761 57.55 20.16 7.77
C TYR F 761 58.08 18.90 8.44
N LYS F 762 59.39 18.86 8.64
CA LYS F 762 60.07 17.75 9.29
C LYS F 762 60.72 18.22 10.58
N THR F 763 60.61 17.42 11.62
CA THR F 763 61.23 17.75 12.90
C THR F 763 62.75 17.66 12.78
N PRO F 764 63.49 18.49 13.52
CA PRO F 764 64.95 18.43 13.44
C PRO F 764 65.48 17.11 13.95
N PRO F 765 66.63 16.66 13.46
CA PRO F 765 67.17 15.37 13.92
C PRO F 765 67.43 15.32 15.42
N ILE F 766 67.85 16.44 16.01
CA ILE F 766 68.08 16.52 17.45
C ILE F 766 66.79 16.98 18.12
N LYS F 767 66.18 16.09 18.90
CA LYS F 767 64.90 16.37 19.54
C LYS F 767 65.14 16.72 21.01
N TYR F 768 65.63 17.94 21.22
CA TYR F 768 65.80 18.45 22.59
C TYR F 768 64.60 19.29 23.03
N PHE F 769 64.36 20.40 22.33
CA PHE F 769 63.19 21.26 22.56
C PHE F 769 63.11 21.76 24.00
N GLY F 770 64.25 22.07 24.62
CA GLY F 770 64.25 22.70 25.90
C GLY F 770 63.82 21.85 27.07
N GLY F 771 63.92 20.53 26.95
CA GLY F 771 63.46 19.64 27.99
C GLY F 771 62.05 19.12 27.82
N PHE F 772 61.32 19.59 26.82
CA PHE F 772 60.00 19.07 26.50
C PHE F 772 60.14 17.86 25.60
N ASN F 773 59.49 16.77 25.98
CA ASN F 773 59.64 15.48 25.31
C ASN F 773 58.39 15.20 24.49
N PHE F 774 58.56 15.10 23.18
CA PHE F 774 57.45 14.89 22.25
C PHE F 774 57.46 13.51 21.63
N SER F 775 58.19 12.55 22.21
CA SER F 775 58.36 11.24 21.58
C SER F 775 57.02 10.51 21.44
N GLN F 776 56.11 10.69 22.40
CA GLN F 776 54.84 9.99 22.34
C GLN F 776 53.94 10.53 21.24
N ILE F 777 54.14 11.77 20.82
CA ILE F 777 53.32 12.36 19.77
C ILE F 777 54.05 12.49 18.44
N LEU F 778 55.36 12.40 18.43
CA LEU F 778 56.11 12.49 17.19
C LEU F 778 56.15 11.15 16.49
N PRO F 779 56.25 11.14 15.16
CA PRO F 779 56.27 9.86 14.43
C PRO F 779 57.46 9.00 14.82
N ASP F 780 57.23 7.69 14.88
CA ASP F 780 58.26 6.75 15.27
C ASP F 780 58.80 6.06 14.04
N PRO F 781 60.07 6.29 13.66
CA PRO F 781 60.60 5.63 12.45
C PRO F 781 60.65 4.11 12.54
N SER F 782 60.76 3.55 13.75
CA SER F 782 60.83 2.10 13.88
C SER F 782 59.56 1.44 13.36
N LYS F 783 58.40 1.99 13.70
CA LYS F 783 57.15 1.47 13.17
C LYS F 783 57.10 1.68 11.65
N PRO F 784 56.68 0.68 10.88
CA PRO F 784 56.65 0.85 9.42
C PRO F 784 55.73 1.97 8.96
N SER F 785 54.63 2.20 9.66
CA SER F 785 53.67 3.22 9.27
C SER F 785 54.15 4.64 9.55
N LYS F 786 55.30 4.80 10.21
CA LYS F 786 55.80 6.12 10.61
C LYS F 786 54.77 6.85 11.47
N ARG F 787 54.20 6.12 12.41
CA ARG F 787 53.11 6.60 13.25
C ARG F 787 53.60 6.79 14.68
N SER F 788 53.04 7.78 15.38
CA SER F 788 53.43 8.04 16.75
C SER F 788 52.87 6.96 17.67
N PRO F 789 53.49 6.76 18.84
CA PRO F 789 52.96 5.76 19.79
C PRO F 789 51.51 6.01 20.19
N ILE F 790 51.14 7.26 20.43
CA ILE F 790 49.76 7.58 20.79
C ILE F 790 48.84 7.28 19.62
N GLU F 791 49.24 7.65 18.41
CA GLU F 791 48.43 7.37 17.22
C GLU F 791 48.34 5.87 16.98
N ASP F 792 49.42 5.12 17.25
CA ASP F 792 49.38 3.67 17.12
C ASP F 792 48.36 3.08 18.10
N LEU F 793 48.35 3.58 19.34
CA LEU F 793 47.34 3.16 20.30
C LEU F 793 45.93 3.47 19.79
N LEU F 794 45.74 4.67 19.26
CA LEU F 794 44.42 5.07 18.76
C LEU F 794 43.96 4.16 17.63
N PHE F 795 44.87 3.80 16.73
CA PHE F 795 44.51 2.94 15.61
C PHE F 795 44.22 1.52 16.08
N ASN F 796 44.94 1.04 17.10
CA ASN F 796 44.62 -0.27 17.66
C ASN F 796 43.24 -0.27 18.33
N LYS F 797 42.88 0.82 19.01
CA LYS F 797 41.64 0.83 19.78
C LYS F 797 40.41 0.77 18.89
N VAL F 798 40.41 1.46 17.76
CA VAL F 798 39.24 1.52 16.88
C VAL F 798 39.26 0.34 15.93
N THR F 799 38.18 -0.43 15.92
CA THR F 799 38.05 -1.58 15.03
C THR F 799 36.99 -1.33 13.97
N ARG F 819 30.37 -17.21 5.45
CA ARG F 819 30.73 -15.91 4.90
C ARG F 819 30.83 -14.84 5.98
N ASP F 820 31.69 -13.84 5.74
CA ASP F 820 31.79 -12.69 6.60
C ASP F 820 30.66 -11.71 6.29
N LEU F 821 30.46 -10.75 7.20
CA LEU F 821 29.47 -9.70 6.95
C LEU F 821 29.84 -8.89 5.73
N ILE F 822 31.13 -8.65 5.51
CA ILE F 822 31.57 -7.87 4.34
C ILE F 822 31.19 -8.60 3.06
N CYS F 823 31.46 -9.92 3.00
CA CYS F 823 31.15 -10.68 1.80
C CYS F 823 29.65 -10.79 1.57
N ALA F 824 28.88 -11.03 2.64
CA ALA F 824 27.44 -11.12 2.49
C ALA F 824 26.85 -9.80 2.02
N GLN F 825 27.34 -8.68 2.56
CA GLN F 825 26.90 -7.38 2.12
C GLN F 825 27.29 -7.11 0.67
N LYS F 826 28.51 -7.50 0.28
CA LYS F 826 28.95 -7.30 -1.09
C LYS F 826 28.08 -8.09 -2.07
N PHE F 827 27.71 -9.32 -1.70
CA PHE F 827 26.89 -10.15 -2.56
C PHE F 827 25.46 -9.61 -2.69
N LYS F 828 25.08 -8.62 -1.89
CA LYS F 828 23.79 -7.95 -2.02
C LYS F 828 23.91 -6.57 -2.63
N GLY F 829 25.05 -6.26 -3.24
CA GLY F 829 25.25 -4.99 -3.91
C GLY F 829 25.81 -3.87 -3.05
N LEU F 830 26.15 -4.14 -1.79
CA LEU F 830 26.63 -3.12 -0.86
C LEU F 830 28.14 -3.25 -0.72
N THR F 831 28.87 -2.22 -1.12
CA THR F 831 30.33 -2.25 -1.10
C THR F 831 30.86 -0.99 -0.42
N VAL F 832 32.12 -1.05 -0.02
CA VAL F 832 32.80 0.04 0.68
C VAL F 832 33.92 0.55 -0.22
N LEU F 833 33.95 1.87 -0.42
CA LEU F 833 34.96 2.58 -1.19
C LEU F 833 36.08 3.05 -0.27
N PRO F 834 37.33 2.83 -0.64
CA PRO F 834 38.45 3.28 0.20
C PRO F 834 38.53 4.80 0.24
N PRO F 835 38.95 5.37 1.37
CA PRO F 835 39.16 6.81 1.43
C PRO F 835 40.29 7.25 0.51
N LEU F 836 40.19 8.48 0.00
CA LEU F 836 41.21 8.99 -0.91
C LEU F 836 42.57 9.10 -0.22
N LEU F 837 42.59 9.61 1.00
CA LEU F 837 43.84 9.74 1.74
C LEU F 837 44.07 8.50 2.58
N THR F 838 45.25 7.90 2.43
CA THR F 838 45.60 6.74 3.25
C THR F 838 45.86 7.17 4.69
N ASP F 839 45.87 6.18 5.57
CA ASP F 839 46.20 6.46 6.97
C ASP F 839 47.62 6.98 7.10
N GLU F 840 48.52 6.52 6.23
CA GLU F 840 49.89 7.03 6.23
C GLU F 840 49.94 8.50 5.79
N MET F 841 49.12 8.87 4.81
CA MET F 841 49.09 10.26 4.38
C MET F 841 48.51 11.18 5.46
N ILE F 842 47.48 10.73 6.16
CA ILE F 842 46.94 11.51 7.26
C ILE F 842 47.95 11.61 8.39
N ALA F 843 48.71 10.53 8.63
CA ALA F 843 49.78 10.58 9.61
C ALA F 843 50.85 11.57 9.19
N GLN F 844 51.14 11.66 7.89
CA GLN F 844 52.12 12.62 7.41
C GLN F 844 51.64 14.05 7.61
N TYR F 845 50.35 14.31 7.35
CA TYR F 845 49.77 15.60 7.72
C TYR F 845 49.91 15.89 9.21
N THR F 846 49.60 14.92 10.08
CA THR F 846 49.70 15.18 11.50
C THR F 846 51.15 15.44 11.91
N SER F 847 52.10 14.69 11.34
CA SER F 847 53.50 14.89 11.66
C SER F 847 53.99 16.24 11.18
N ALA F 848 53.55 16.68 9.99
CA ALA F 848 53.92 18.00 9.51
C ALA F 848 53.35 19.09 10.40
N LEU F 849 52.10 18.94 10.83
CA LEU F 849 51.52 19.92 11.74
C LEU F 849 52.26 19.97 13.07
N LEU F 850 52.64 18.81 13.61
CA LEU F 850 53.39 18.77 14.86
C LEU F 850 54.76 19.40 14.69
N ALA F 851 55.46 19.09 13.60
CA ALA F 851 56.77 19.67 13.35
C ALA F 851 56.69 21.18 13.20
N GLY F 852 55.69 21.66 12.47
CA GLY F 852 55.51 23.10 12.34
C GLY F 852 55.24 23.76 13.67
N THR F 853 54.37 23.16 14.49
CA THR F 853 54.05 23.74 15.78
C THR F 853 55.27 23.78 16.70
N ILE F 854 56.03 22.69 16.73
CA ILE F 854 57.17 22.61 17.65
C ILE F 854 58.29 23.54 17.21
N THR F 855 58.58 23.60 15.91
CA THR F 855 59.73 24.36 15.45
C THR F 855 59.42 25.83 15.20
N SER F 856 58.18 26.18 14.88
CA SER F 856 57.85 27.53 14.48
C SER F 856 56.71 28.16 15.26
N GLY F 857 56.14 27.47 16.25
CA GLY F 857 55.03 28.05 16.98
C GLY F 857 53.80 28.13 16.12
N TRP F 858 53.16 29.30 16.10
CA TRP F 858 52.03 29.55 15.23
C TRP F 858 52.38 30.31 13.96
N THR F 859 53.66 30.56 13.71
CA THR F 859 54.04 31.36 12.55
C THR F 859 53.72 30.65 11.25
N PHE F 860 53.93 29.32 11.20
CA PHE F 860 53.68 28.59 9.97
C PHE F 860 52.20 28.60 9.59
N GLY F 861 51.31 28.74 10.59
CA GLY F 861 49.90 28.82 10.30
C GLY F 861 49.52 30.10 9.56
N ALA F 862 50.16 31.21 9.90
CA ALA F 862 49.84 32.51 9.34
C ALA F 862 50.74 32.93 8.20
N GLY F 863 51.66 32.06 7.77
CA GLY F 863 52.56 32.39 6.69
C GLY F 863 53.78 31.49 6.67
N PRO F 864 54.94 32.05 6.33
CA PRO F 864 56.17 31.27 6.35
C PRO F 864 56.48 30.79 7.76
N ALA F 865 57.05 29.59 7.85
CA ALA F 865 57.42 29.03 9.15
C ALA F 865 58.65 29.74 9.68
N LEU F 866 58.54 30.30 10.88
CA LEU F 866 59.60 31.09 11.49
C LEU F 866 60.13 30.32 12.69
N GLN F 867 61.39 29.90 12.62
CA GLN F 867 61.93 29.08 13.70
C GLN F 867 62.05 29.89 14.98
N ILE F 868 61.67 29.27 16.08
CA ILE F 868 61.80 29.87 17.42
C ILE F 868 62.20 28.76 18.38
N PRO F 869 63.05 29.01 19.36
CA PRO F 869 63.28 28.00 20.40
C PRO F 869 61.98 27.68 21.13
N PHE F 870 61.78 26.41 21.43
CA PHE F 870 60.52 26.01 22.05
C PHE F 870 60.28 26.64 23.42
N PRO F 871 61.26 26.78 24.31
CA PRO F 871 61.00 27.54 25.54
C PRO F 871 60.52 28.95 25.29
N MET F 872 61.06 29.62 24.27
CA MET F 872 60.59 30.97 23.96
C MET F 872 59.19 30.96 23.37
N GLN F 873 58.85 29.93 22.59
CA GLN F 873 57.47 29.81 22.10
C GLN F 873 56.49 29.61 23.25
N MET F 874 56.85 28.77 24.21
CA MET F 874 55.95 28.53 25.33
C MET F 874 55.88 29.77 26.23
N ALA F 875 56.95 30.56 26.27
CA ALA F 875 56.91 31.85 26.95
C ALA F 875 55.97 32.82 26.23
N TYR F 876 56.02 32.83 24.90
CA TYR F 876 55.01 33.55 24.11
C TYR F 876 53.61 33.15 24.55
N ARG F 877 53.39 31.85 24.71
CA ARG F 877 52.05 31.36 25.03
C ARG F 877 51.64 31.74 26.45
N PHE F 878 52.60 31.78 27.38
CA PHE F 878 52.29 32.31 28.71
C PHE F 878 51.93 33.78 28.65
N ASN F 879 52.63 34.56 27.81
CA ASN F 879 52.19 35.93 27.59
C ASN F 879 50.77 35.97 27.05
N GLY F 880 50.44 35.01 26.16
CA GLY F 880 49.10 34.91 25.64
C GLY F 880 48.03 34.62 26.68
N ILE F 881 48.37 33.85 27.71
CA ILE F 881 47.41 33.56 28.78
C ILE F 881 47.50 34.57 29.92
N GLY F 882 48.35 35.59 29.79
CA GLY F 882 48.44 36.63 30.79
C GLY F 882 49.52 36.43 31.85
N VAL F 883 50.47 35.52 31.62
CA VAL F 883 51.53 35.22 32.57
C VAL F 883 52.85 35.66 31.97
N THR F 884 53.67 36.34 32.78
CA THR F 884 54.92 36.89 32.28
C THR F 884 55.91 35.79 31.94
N GLN F 885 56.88 36.13 31.08
CA GLN F 885 57.85 35.14 30.61
C GLN F 885 58.73 34.61 31.73
N ASN F 886 59.04 35.45 32.71
CA ASN F 886 59.94 35.03 33.78
C ASN F 886 59.34 33.87 34.57
N VAL F 887 58.02 33.79 34.63
CA VAL F 887 57.38 32.66 35.31
C VAL F 887 57.74 31.35 34.62
N LEU F 888 57.84 31.38 33.29
CA LEU F 888 58.25 30.19 32.55
C LEU F 888 59.74 29.94 32.68
N TYR F 889 60.55 30.96 32.39
CA TYR F 889 62.00 30.76 32.35
C TYR F 889 62.54 30.36 33.72
N GLU F 890 61.92 30.85 34.79
CA GLU F 890 62.34 30.46 36.13
C GLU F 890 61.86 29.07 36.50
N ASN F 891 60.77 28.61 35.88
CA ASN F 891 60.18 27.30 36.18
C ASN F 891 60.21 26.38 34.96
N GLN F 892 61.21 26.54 34.10
CA GLN F 892 61.22 25.82 32.83
C GLN F 892 61.28 24.30 33.04
N LYS F 893 62.15 23.85 33.95
CA LYS F 893 62.27 22.42 34.20
C LYS F 893 60.98 21.85 34.77
N LEU F 894 60.34 22.58 35.69
CA LEU F 894 59.09 22.12 36.29
C LEU F 894 57.99 22.02 35.24
N ILE F 895 57.89 23.02 34.37
CA ILE F 895 56.86 23.01 33.33
C ILE F 895 57.11 21.86 32.35
N ALA F 896 58.37 21.65 31.96
CA ALA F 896 58.68 20.55 31.07
C ALA F 896 58.35 19.20 31.70
N ASN F 897 58.69 19.03 32.98
CA ASN F 897 58.40 17.77 33.66
C ASN F 897 56.90 17.54 33.78
N GLN F 898 56.15 18.59 34.10
CA GLN F 898 54.69 18.45 34.18
C GLN F 898 54.09 18.08 32.83
N PHE F 899 54.57 18.72 31.75
CA PHE F 899 54.08 18.39 30.42
C PHE F 899 54.41 16.96 30.06
N ASN F 900 55.63 16.52 30.37
CA ASN F 900 56.03 15.15 30.06
C ASN F 900 55.18 14.14 30.82
N SER F 901 54.93 14.40 32.10
CA SER F 901 54.11 13.49 32.90
C SER F 901 52.68 13.45 32.37
N ALA F 902 52.12 14.60 32.01
CA ALA F 902 50.76 14.62 31.48
C ALA F 902 50.66 13.88 30.15
N ILE F 903 51.66 14.06 29.27
CA ILE F 903 51.66 13.36 28.00
C ILE F 903 51.80 11.85 28.22
N GLY F 904 52.61 11.45 29.20
CA GLY F 904 52.70 10.04 29.54
C GLY F 904 51.38 9.48 30.04
N LYS F 905 50.68 10.26 30.88
CA LYS F 905 49.38 9.81 31.38
C LYS F 905 48.33 9.75 30.29
N ILE F 906 48.51 10.51 29.21
CA ILE F 906 47.54 10.48 28.12
C ILE F 906 47.43 9.08 27.52
N GLN F 907 48.57 8.43 27.28
CA GLN F 907 48.57 7.10 26.69
C GLN F 907 47.88 6.10 27.62
N ASP F 908 48.18 6.19 28.92
CA ASP F 908 47.56 5.29 29.89
C ASP F 908 46.06 5.51 29.96
N SER F 909 45.61 6.77 29.92
CA SER F 909 44.17 7.05 29.96
C SER F 909 43.49 6.49 28.72
N LEU F 910 44.11 6.64 27.55
CA LEU F 910 43.52 6.07 26.34
C LEU F 910 43.47 4.55 26.40
N SER F 911 44.53 3.93 26.92
CA SER F 911 44.57 2.47 26.97
C SER F 911 43.54 1.91 27.95
N SER F 912 43.47 2.48 29.16
CA SER F 912 42.69 1.86 30.23
C SER F 912 41.19 1.87 29.91
N THR F 913 40.68 2.98 29.37
CA THR F 913 39.24 3.10 29.15
C THR F 913 38.87 2.53 27.79
N PRO F 914 38.09 1.46 27.71
CA PRO F 914 37.69 0.93 26.40
C PRO F 914 36.85 1.90 25.59
N SER F 915 36.01 2.69 26.25
CA SER F 915 35.08 3.58 25.58
C SER F 915 35.65 4.97 25.34
N ALA F 916 36.94 5.17 25.61
CA ALA F 916 37.55 6.49 25.43
C ALA F 916 37.39 6.99 24.00
N LEU F 917 37.60 6.11 23.02
CA LEU F 917 37.42 6.44 21.62
C LEU F 917 36.06 6.03 21.09
N GLY F 918 35.08 5.87 22.00
CA GLY F 918 33.78 5.38 21.59
C GLY F 918 33.09 6.28 20.58
N LYS F 919 33.30 7.59 20.68
CA LYS F 919 32.73 8.51 19.71
C LYS F 919 33.14 8.14 18.28
N LEU F 920 34.38 7.68 18.11
CA LEU F 920 34.76 7.14 16.81
C LEU F 920 34.07 5.81 16.55
N GLN F 921 34.13 4.90 17.52
CA GLN F 921 33.61 3.55 17.30
C GLN F 921 32.12 3.60 16.99
N ASP F 922 31.37 4.42 17.72
CA ASP F 922 29.94 4.57 17.45
C ASP F 922 29.70 4.86 15.98
N VAL F 923 30.49 5.76 15.39
CA VAL F 923 30.30 6.08 13.98
C VAL F 923 30.42 4.82 13.14
N VAL F 924 31.50 4.06 13.34
CA VAL F 924 31.65 2.79 12.65
C VAL F 924 30.44 1.92 12.88
N ASN F 925 30.03 1.78 14.15
CA ASN F 925 28.87 0.97 14.47
C ASN F 925 27.64 1.49 13.73
N HIS F 926 27.44 2.82 13.74
CA HIS F 926 26.25 3.37 13.11
C HIS F 926 26.22 3.06 11.63
N ASN F 927 27.40 2.88 11.02
CA ASN F 927 27.41 2.45 9.63
C ASN F 927 27.04 0.97 9.53
N ALA F 928 27.73 0.13 10.30
CA ALA F 928 27.59 -1.31 10.11
C ALA F 928 26.16 -1.75 10.34
N GLN F 929 25.56 -1.36 11.46
CA GLN F 929 24.17 -1.68 11.73
C GLN F 929 23.29 -1.31 10.55
N ALA F 930 23.46 -0.09 10.03
CA ALA F 930 22.63 0.35 8.91
C ALA F 930 22.74 -0.63 7.76
N LEU F 931 23.97 -0.97 7.38
CA LEU F 931 24.15 -1.92 6.28
C LEU F 931 23.47 -3.24 6.61
N ASN F 932 23.68 -3.74 7.83
CA ASN F 932 23.02 -4.99 8.21
C ASN F 932 21.52 -4.85 8.11
N THR F 933 20.97 -3.73 8.58
CA THR F 933 19.53 -3.53 8.45
C THR F 933 19.11 -3.67 7.01
N LEU F 934 19.83 -3.01 6.10
CA LEU F 934 19.52 -3.10 4.69
C LEU F 934 19.48 -4.56 4.24
N VAL F 935 20.52 -5.32 4.61
CA VAL F 935 20.57 -6.72 4.21
C VAL F 935 19.38 -7.47 4.78
N LYS F 936 19.06 -7.23 6.05
CA LYS F 936 17.93 -7.93 6.65
C LYS F 936 16.61 -7.54 6.01
N GLN F 937 16.52 -6.33 5.47
CA GLN F 937 15.29 -5.92 4.81
C GLN F 937 15.10 -6.62 3.48
N LEU F 938 16.05 -7.45 3.06
CA LEU F 938 15.87 -8.31 1.90
C LEU F 938 15.11 -9.58 2.24
N SER F 939 14.81 -9.82 3.52
CA SER F 939 14.01 -10.96 3.92
C SER F 939 12.53 -10.64 4.03
N SER F 940 12.15 -9.38 3.83
CA SER F 940 10.75 -8.97 4.00
C SER F 940 9.96 -9.27 2.74
N LYS F 941 8.81 -9.93 2.91
CA LYS F 941 7.94 -10.23 1.76
C LYS F 941 7.21 -8.99 1.29
N PHE F 942 7.00 -8.02 2.19
CA PHE F 942 6.29 -6.78 1.86
C PHE F 942 4.88 -7.04 1.37
N GLY F 943 4.25 -8.10 1.86
CA GLY F 943 2.93 -8.48 1.43
C GLY F 943 2.88 -9.36 0.20
N ALA F 944 4.02 -9.79 -0.31
CA ALA F 944 4.06 -10.70 -1.45
C ALA F 944 4.04 -12.16 -0.96
N ILE F 945 3.87 -13.08 -1.91
CA ILE F 945 3.84 -14.49 -1.57
C ILE F 945 5.20 -14.94 -1.04
N SER F 946 6.28 -14.38 -1.58
CA SER F 946 7.61 -14.76 -1.18
C SER F 946 8.53 -13.54 -1.25
N SER F 947 9.66 -13.64 -0.55
CA SER F 947 10.70 -12.63 -0.64
C SER F 947 11.73 -12.96 -1.71
N VAL F 948 11.54 -14.08 -2.42
CA VAL F 948 12.44 -14.50 -3.49
C VAL F 948 11.78 -14.15 -4.82
N LEU F 949 12.47 -13.35 -5.63
CA LEU F 949 11.93 -12.96 -6.93
C LEU F 949 11.81 -14.15 -7.86
N ASN F 950 12.80 -15.05 -7.84
CA ASN F 950 12.77 -16.22 -8.71
C ASN F 950 11.58 -17.12 -8.39
N ASP F 951 11.26 -17.28 -7.11
CA ASP F 951 10.09 -18.08 -6.73
C ASP F 951 8.81 -17.45 -7.25
N ILE F 952 8.69 -16.13 -7.14
CA ILE F 952 7.48 -15.45 -7.61
C ILE F 952 7.33 -15.62 -9.11
N PHE F 953 8.43 -15.47 -9.86
CA PHE F 953 8.33 -15.62 -11.30
C PHE F 953 8.06 -17.06 -11.71
N SER F 954 8.65 -18.02 -11.00
CA SER F 954 8.48 -19.43 -11.38
C SER F 954 7.08 -19.93 -11.02
N ARG F 955 6.46 -19.36 -9.99
CA ARG F 955 5.18 -19.87 -9.52
C ARG F 955 3.98 -19.21 -10.19
N LEU F 956 4.12 -18.01 -10.74
CA LEU F 956 2.97 -17.23 -11.15
C LEU F 956 3.06 -16.83 -12.62
N ASP F 957 1.91 -16.59 -13.22
CA ASP F 957 1.87 -16.15 -14.63
C ASP F 957 2.15 -14.65 -14.62
N PRO F 958 2.43 -13.99 -15.76
CA PRO F 958 2.82 -12.59 -15.73
C PRO F 958 1.88 -11.59 -15.03
N PRO F 959 0.54 -11.61 -15.15
CA PRO F 959 -0.27 -10.61 -14.42
C PRO F 959 -0.15 -10.70 -12.89
N GLU F 960 -0.22 -11.92 -12.34
CA GLU F 960 -0.13 -12.11 -10.87
C GLU F 960 1.30 -11.81 -10.38
N ALA F 961 2.31 -12.22 -11.15
CA ALA F 961 3.72 -11.98 -10.78
C ALA F 961 3.98 -10.48 -10.71
N GLU F 962 3.40 -9.70 -11.63
CA GLU F 962 3.61 -8.24 -11.66
C GLU F 962 3.14 -7.62 -10.35
N VAL F 963 2.00 -8.08 -9.82
CA VAL F 963 1.46 -7.48 -8.57
C VAL F 963 2.41 -7.81 -7.42
N GLN F 964 3.02 -9.00 -7.43
CA GLN F 964 3.91 -9.42 -6.35
C GLN F 964 5.29 -8.79 -6.47
N ILE F 965 5.84 -8.76 -7.69
CA ILE F 965 7.14 -8.14 -7.90
C ILE F 965 7.05 -6.64 -7.67
N ASP F 966 5.91 -6.03 -7.99
CA ASP F 966 5.71 -4.62 -7.68
C ASP F 966 5.78 -4.38 -6.18
N ARG F 967 5.13 -5.24 -5.39
CA ARG F 967 5.21 -5.11 -3.94
C ARG F 967 6.65 -5.22 -3.46
N LEU F 968 7.37 -6.25 -3.93
CA LEU F 968 8.74 -6.47 -3.48
C LEU F 968 9.65 -5.32 -3.89
N ILE F 969 9.53 -4.86 -5.13
CA ILE F 969 10.37 -3.77 -5.63
C ILE F 969 10.09 -2.49 -4.88
N THR F 970 8.82 -2.18 -4.63
CA THR F 970 8.48 -0.97 -3.89
C THR F 970 9.03 -1.03 -2.47
N GLY F 971 8.91 -2.18 -1.82
CA GLY F 971 9.46 -2.31 -0.47
C GLY F 971 10.98 -2.16 -0.44
N ARG F 972 11.67 -2.78 -1.39
CA ARG F 972 13.13 -2.71 -1.40
C ARG F 972 13.61 -1.31 -1.76
N LEU F 973 12.92 -0.63 -2.68
CA LEU F 973 13.26 0.76 -2.99
C LEU F 973 13.01 1.66 -1.79
N GLN F 974 11.95 1.40 -1.03
CA GLN F 974 11.71 2.17 0.18
C GLN F 974 12.82 1.94 1.20
N SER F 975 13.28 0.69 1.33
CA SER F 975 14.40 0.41 2.22
C SER F 975 15.66 1.14 1.78
N LEU F 976 15.94 1.14 0.48
CA LEU F 976 17.12 1.84 -0.02
C LEU F 976 17.00 3.35 0.21
N GLN F 977 15.81 3.91 -0.01
CA GLN F 977 15.60 5.33 0.21
C GLN F 977 15.78 5.69 1.68
N THR F 978 15.27 4.84 2.58
CA THR F 978 15.46 5.06 4.01
C THR F 978 16.94 5.03 4.37
N TYR F 979 17.68 4.05 3.84
CA TYR F 979 19.11 3.97 4.11
C TYR F 979 19.82 5.22 3.62
N VAL F 980 19.50 5.67 2.41
CA VAL F 980 20.20 6.83 1.84
C VAL F 980 19.85 8.10 2.60
N THR F 981 18.59 8.25 3.01
CA THR F 981 18.20 9.43 3.78
C THR F 981 18.90 9.48 5.13
N GLN F 982 18.94 8.35 5.84
CA GLN F 982 19.64 8.34 7.12
C GLN F 982 21.14 8.52 6.94
N GLN F 983 21.69 8.00 5.84
CA GLN F 983 23.10 8.25 5.53
C GLN F 983 23.35 9.72 5.28
N LEU F 984 22.42 10.41 4.61
CA LEU F 984 22.58 11.84 4.38
C LEU F 984 22.53 12.61 5.70
N ILE F 985 21.62 12.23 6.60
CA ILE F 985 21.56 12.89 7.90
C ILE F 985 22.83 12.65 8.70
N ARG F 986 23.32 11.41 8.72
CA ARG F 986 24.55 11.11 9.42
C ARG F 986 25.75 11.81 8.77
N ALA F 987 25.72 11.96 7.45
CA ALA F 987 26.79 12.66 6.76
C ALA F 987 26.79 14.14 7.10
N ALA F 988 25.60 14.73 7.26
CA ALA F 988 25.53 16.11 7.72
C ALA F 988 26.10 16.25 9.12
N GLU F 989 25.77 15.30 10.00
CA GLU F 989 26.34 15.33 11.36
C GLU F 989 27.86 15.19 11.33
N ILE F 990 28.37 14.27 10.50
CA ILE F 990 29.82 14.07 10.38
C ILE F 990 30.47 15.31 9.78
N ARG F 991 29.79 15.98 8.85
CA ARG F 991 30.34 17.21 8.27
C ARG F 991 30.42 18.31 9.31
N ALA F 992 29.40 18.42 10.18
CA ALA F 992 29.49 19.38 11.28
C ALA F 992 30.64 19.05 12.20
N SER F 993 30.82 17.76 12.52
CA SER F 993 31.94 17.35 13.37
C SER F 993 33.29 17.65 12.71
N ALA F 994 33.39 17.44 11.39
CA ALA F 994 34.64 17.69 10.69
C ALA F 994 34.91 19.18 10.56
N ASN F 995 33.86 19.99 10.41
CA ASN F 995 34.03 21.43 10.42
C ASN F 995 34.53 21.92 11.78
N LEU F 996 33.99 21.35 12.86
CA LEU F 996 34.50 21.66 14.18
C LEU F 996 35.95 21.22 14.32
N ALA F 997 36.30 20.05 13.80
CA ALA F 997 37.68 19.58 13.86
C ALA F 997 38.61 20.48 13.07
N ALA F 998 38.18 20.96 11.91
CA ALA F 998 38.99 21.89 11.13
C ALA F 998 39.17 23.21 11.85
N THR F 999 38.10 23.72 12.47
CA THR F 999 38.22 24.95 13.25
C THR F 999 39.16 24.77 14.43
N LYS F 1000 39.12 23.62 15.09
CA LYS F 1000 40.03 23.36 16.19
C LYS F 1000 41.46 23.16 15.70
N MET F 1001 41.64 22.60 14.52
CA MET F 1001 42.97 22.51 13.93
C MET F 1001 43.53 23.90 13.67
N SER F 1002 42.69 24.81 13.16
CA SER F 1002 43.14 26.16 12.87
C SER F 1002 43.44 26.94 14.15
N GLU F 1003 42.51 26.93 15.10
CA GLU F 1003 42.59 27.84 16.23
C GLU F 1003 43.30 27.26 17.45
N CYS F 1004 43.38 25.93 17.58
CA CYS F 1004 44.07 25.30 18.69
C CYS F 1004 45.46 24.81 18.32
N VAL F 1005 45.64 24.30 17.11
CA VAL F 1005 46.94 23.78 16.69
C VAL F 1005 47.75 24.83 15.96
N LEU F 1006 47.14 25.58 15.06
CA LEU F 1006 47.84 26.61 14.29
C LEU F 1006 47.90 27.94 15.01
N GLY F 1007 47.36 28.02 16.22
CA GLY F 1007 47.42 29.24 17.00
C GLY F 1007 47.04 28.93 18.43
N GLN F 1008 47.06 29.98 19.26
CA GLN F 1008 46.67 29.89 20.66
C GLN F 1008 45.33 30.60 20.81
N SER F 1009 44.32 29.87 21.25
CA SER F 1009 42.96 30.38 21.27
C SER F 1009 42.61 30.98 22.63
N LYS F 1010 41.95 32.13 22.60
CA LYS F 1010 41.43 32.77 23.80
C LYS F 1010 40.00 32.38 24.09
N ARG F 1011 39.38 31.61 23.19
CA ARG F 1011 38.03 31.11 23.42
C ARG F 1011 38.04 30.11 24.58
N VAL F 1012 37.11 30.27 25.51
CA VAL F 1012 37.07 29.46 26.72
C VAL F 1012 36.53 28.08 26.37
N ASP F 1013 37.27 27.04 26.77
CA ASP F 1013 36.94 25.63 26.62
C ASP F 1013 36.91 25.17 25.16
N PHE F 1014 37.30 26.02 24.21
CA PHE F 1014 37.37 25.57 22.83
C PHE F 1014 38.53 24.60 22.62
N CYS F 1015 39.62 24.79 23.35
CA CYS F 1015 40.83 24.00 23.20
C CYS F 1015 41.24 23.42 24.54
N GLY F 1016 40.29 22.78 25.23
CA GLY F 1016 40.55 22.13 26.48
C GLY F 1016 40.08 22.91 27.69
N LYS F 1017 40.19 22.28 28.84
CA LYS F 1017 39.74 22.84 30.12
C LYS F 1017 40.92 23.53 30.79
N GLY F 1018 40.85 24.85 30.90
CA GLY F 1018 41.91 25.67 31.44
C GLY F 1018 42.26 26.78 30.46
N TYR F 1019 43.35 27.48 30.75
CA TYR F 1019 43.84 28.51 29.85
C TYR F 1019 44.69 27.85 28.77
N HIS F 1020 44.21 27.89 27.53
CA HIS F 1020 44.84 27.16 26.45
C HIS F 1020 46.25 27.67 26.20
N LEU F 1021 47.19 26.72 26.08
CA LEU F 1021 48.55 27.03 25.68
C LEU F 1021 48.81 26.58 24.26
N MET F 1022 48.64 25.30 23.97
CA MET F 1022 48.91 24.81 22.62
C MET F 1022 48.25 23.46 22.46
N SER F 1023 48.17 22.98 21.22
CA SER F 1023 47.49 21.72 20.95
C SER F 1023 48.27 20.91 19.94
N PHE F 1024 48.09 19.59 20.01
CA PHE F 1024 48.76 18.64 19.15
C PHE F 1024 47.73 17.78 18.42
N PRO F 1025 47.80 17.67 17.10
CA PRO F 1025 46.89 16.77 16.39
C PRO F 1025 47.44 15.36 16.30
N GLN F 1026 46.55 14.38 16.39
CA GLN F 1026 46.88 12.98 16.21
C GLN F 1026 45.82 12.33 15.33
N SER F 1027 46.26 11.65 14.28
CA SER F 1027 45.32 10.95 13.41
C SER F 1027 44.73 9.74 14.13
N ALA F 1028 43.44 9.52 13.95
CA ALA F 1028 42.74 8.37 14.50
C ALA F 1028 41.86 7.80 13.40
N PRO F 1029 41.49 6.53 13.49
CA PRO F 1029 40.60 5.95 12.47
C PRO F 1029 39.33 6.75 12.33
N HIS F 1030 39.17 7.39 11.17
CA HIS F 1030 38.01 8.21 10.85
C HIS F 1030 37.86 9.41 11.78
N GLY F 1031 38.96 9.92 12.31
CA GLY F 1031 38.84 11.06 13.20
C GLY F 1031 40.18 11.65 13.58
N VAL F 1032 40.12 12.62 14.49
CA VAL F 1032 41.29 13.31 14.98
C VAL F 1032 41.19 13.41 16.50
N VAL F 1033 42.33 13.26 17.16
CA VAL F 1033 42.45 13.45 18.60
C VAL F 1033 43.35 14.65 18.84
N PHE F 1034 42.82 15.65 19.52
CA PHE F 1034 43.58 16.85 19.87
C PHE F 1034 44.05 16.71 21.30
N LEU F 1035 45.36 16.76 21.50
CA LEU F 1035 45.95 16.84 22.82
C LEU F 1035 46.11 18.31 23.16
N HIS F 1036 45.24 18.81 24.03
CA HIS F 1036 45.24 20.21 24.43
C HIS F 1036 46.10 20.36 25.67
N VAL F 1037 47.20 21.10 25.54
CA VAL F 1037 48.02 21.50 26.67
C VAL F 1037 47.53 22.87 27.14
N THR F 1038 47.06 22.93 28.38
CA THR F 1038 46.49 24.11 28.98
C THR F 1038 47.16 24.39 30.32
N TYR F 1039 47.02 25.63 30.77
CA TYR F 1039 47.57 26.10 32.02
C TYR F 1039 46.43 26.20 33.04
N VAL F 1040 46.59 25.54 34.18
CA VAL F 1040 45.57 25.53 35.22
C VAL F 1040 46.15 26.17 36.47
N PRO F 1041 45.57 27.25 36.98
CA PRO F 1041 46.05 27.79 38.25
C PRO F 1041 45.86 26.81 39.39
N ALA F 1042 46.74 26.86 40.37
CA ALA F 1042 46.70 25.92 41.48
C ALA F 1042 47.37 26.55 42.70
N GLN F 1043 47.08 25.96 43.86
CA GLN F 1043 47.62 26.41 45.14
C GLN F 1043 47.33 27.89 45.38
N GLU F 1044 46.05 28.24 45.29
CA GLU F 1044 45.63 29.62 45.49
C GLU F 1044 45.79 30.03 46.94
N LYS F 1045 46.03 31.32 47.17
CA LYS F 1045 46.15 31.88 48.50
C LYS F 1045 45.30 33.13 48.62
N ASN F 1046 44.72 33.32 49.81
CA ASN F 1046 43.92 34.51 50.10
C ASN F 1046 44.82 35.72 50.32
N PHE F 1047 44.34 36.88 49.90
CA PHE F 1047 45.01 38.14 50.13
C PHE F 1047 43.96 39.23 50.29
N THR F 1048 44.35 40.31 50.99
CA THR F 1048 43.50 41.49 51.04
C THR F 1048 43.72 42.30 49.78
N THR F 1049 42.65 42.86 49.21
CA THR F 1049 42.79 43.58 47.97
C THR F 1049 42.10 44.93 48.04
N ALA F 1050 42.62 45.89 47.28
CA ALA F 1050 42.06 47.23 47.18
C ALA F 1050 41.98 47.64 45.72
N PRO F 1051 40.91 48.34 45.33
CA PRO F 1051 40.83 48.81 43.93
C PRO F 1051 41.96 49.76 43.55
N ALA F 1052 42.40 50.60 44.48
CA ALA F 1052 43.42 51.60 44.18
C ALA F 1052 44.20 51.93 45.43
N ILE F 1053 45.34 52.60 45.24
CA ILE F 1053 46.20 53.03 46.34
C ILE F 1053 46.21 54.55 46.37
N CYS F 1054 45.95 55.12 47.54
CA CYS F 1054 45.94 56.57 47.70
C CYS F 1054 47.31 57.01 48.21
N HIS F 1055 48.07 57.67 47.34
CA HIS F 1055 49.36 58.21 47.71
C HIS F 1055 49.37 59.70 47.38
N ASP F 1056 49.84 60.50 48.33
CA ASP F 1056 49.68 61.97 48.28
C ASP F 1056 48.18 62.22 48.19
N GLY F 1057 47.70 62.99 47.22
CA GLY F 1057 46.28 63.12 47.01
C GLY F 1057 45.83 62.42 45.75
N LYS F 1058 46.66 61.49 45.28
CA LYS F 1058 46.46 60.84 43.98
C LYS F 1058 46.07 59.39 44.15
N ALA F 1059 45.18 58.92 43.26
CA ALA F 1059 44.78 57.52 43.22
C ALA F 1059 45.59 56.79 42.17
N HIS F 1060 46.19 55.66 42.56
CA HIS F 1060 47.02 54.86 41.69
C HIS F 1060 46.34 53.52 41.44
N PHE F 1061 46.31 53.11 40.18
CA PHE F 1061 45.73 51.86 39.75
C PHE F 1061 46.79 50.98 39.11
N PRO F 1062 46.73 49.66 39.32
CA PRO F 1062 47.76 48.79 38.76
C PRO F 1062 47.70 48.78 37.24
N ARG F 1063 48.87 48.93 36.62
CA ARG F 1063 48.94 48.99 35.16
C ARG F 1063 48.57 47.65 34.55
N GLU F 1064 49.03 46.55 35.15
CA GLU F 1064 48.78 45.22 34.61
C GLU F 1064 48.33 44.20 35.66
N GLY F 1065 48.33 44.53 36.94
CA GLY F 1065 48.05 43.55 37.95
C GLY F 1065 46.98 43.91 38.96
N VAL F 1066 47.20 43.48 40.21
CA VAL F 1066 46.27 43.65 41.32
C VAL F 1066 47.07 44.19 42.49
N PHE F 1067 46.39 44.96 43.34
CA PHE F 1067 46.93 45.35 44.63
C PHE F 1067 46.56 44.29 45.65
N VAL F 1068 47.56 43.66 46.26
CA VAL F 1068 47.36 42.59 47.21
C VAL F 1068 48.08 42.95 48.51
N SER F 1069 47.63 42.34 49.59
CA SER F 1069 48.19 42.56 50.91
C SER F 1069 48.26 41.23 51.63
N ASN F 1070 49.44 40.91 52.16
CA ASN F 1070 49.65 39.74 53.01
C ASN F 1070 49.18 39.97 54.44
N GLY F 1071 48.75 41.18 54.77
CA GLY F 1071 48.26 41.49 56.09
C GLY F 1071 48.79 42.80 56.62
N THR F 1072 50.04 43.12 56.26
CA THR F 1072 50.69 44.33 56.72
C THR F 1072 51.31 45.17 55.60
N HIS F 1073 51.67 44.56 54.47
CA HIS F 1073 52.34 45.26 53.38
C HIS F 1073 51.56 45.07 52.10
N TRP F 1074 51.62 46.09 51.24
CA TRP F 1074 50.87 46.12 49.98
C TRP F 1074 51.82 45.96 48.80
N PHE F 1075 51.45 45.08 47.88
CA PHE F 1075 52.24 44.78 46.69
C PHE F 1075 51.33 44.82 45.47
N VAL F 1076 51.96 44.83 44.30
CA VAL F 1076 51.27 44.67 43.04
C VAL F 1076 51.73 43.36 42.41
N THR F 1077 50.77 42.53 41.99
CA THR F 1077 51.08 41.22 41.44
C THR F 1077 50.30 41.00 40.16
N GLN F 1078 50.79 40.10 39.32
CA GLN F 1078 50.02 39.70 38.16
C GLN F 1078 48.86 38.82 38.58
N ARG F 1079 47.80 38.81 37.75
CA ARG F 1079 46.54 38.21 38.18
C ARG F 1079 46.63 36.70 38.29
N ASN F 1080 47.25 36.03 37.32
CA ASN F 1080 47.21 34.58 37.24
C ASN F 1080 48.36 33.89 37.96
N PHE F 1081 49.28 34.64 38.55
CA PHE F 1081 50.40 34.07 39.29
C PHE F 1081 50.78 35.05 40.40
N TYR F 1082 51.13 34.51 41.56
CA TYR F 1082 51.48 35.36 42.70
C TYR F 1082 52.96 35.73 42.61
N GLU F 1083 53.23 36.96 42.17
CA GLU F 1083 54.57 37.50 42.09
C GLU F 1083 54.54 38.89 42.72
N PRO F 1084 54.52 38.97 44.05
CA PRO F 1084 54.39 40.27 44.71
C PRO F 1084 55.56 41.19 44.41
N GLN F 1085 55.26 42.44 44.09
CA GLN F 1085 56.26 43.44 43.78
C GLN F 1085 55.90 44.75 44.47
N ILE F 1086 56.93 45.53 44.79
CA ILE F 1086 56.71 46.82 45.44
C ILE F 1086 55.93 47.73 44.51
N ILE F 1087 54.95 48.42 45.07
CA ILE F 1087 54.12 49.34 44.31
C ILE F 1087 54.96 50.57 43.98
N THR F 1088 55.16 50.83 42.69
CA THR F 1088 55.97 51.96 42.23
C THR F 1088 55.19 52.72 41.17
N THR F 1089 55.69 53.92 40.84
CA THR F 1089 55.10 54.70 39.76
C THR F 1089 55.24 54.00 38.42
N ASP F 1090 56.20 53.08 38.30
CA ASP F 1090 56.39 52.37 37.05
C ASP F 1090 55.25 51.38 36.77
N ASN F 1091 54.82 50.64 37.79
CA ASN F 1091 53.81 49.61 37.61
C ASN F 1091 52.41 50.09 37.92
N THR F 1092 52.21 51.37 38.20
CA THR F 1092 50.90 51.93 38.46
C THR F 1092 50.72 53.22 37.67
N PHE F 1093 49.46 53.56 37.41
CA PHE F 1093 49.12 54.81 36.74
C PHE F 1093 48.16 55.62 37.59
N VAL F 1094 48.24 56.94 37.47
CA VAL F 1094 47.53 57.87 38.34
C VAL F 1094 46.29 58.37 37.61
N SER F 1095 45.16 58.39 38.31
CA SER F 1095 43.90 58.91 37.75
C SER F 1095 43.09 59.53 38.88
N GLY F 1096 43.11 60.86 38.97
CA GLY F 1096 42.21 61.58 39.85
C GLY F 1096 42.60 61.54 41.31
N ASN F 1097 41.70 62.08 42.14
CA ASN F 1097 41.89 62.13 43.57
C ASN F 1097 41.42 60.82 44.22
N CYS F 1098 41.70 60.71 45.53
CA CYS F 1098 41.34 59.51 46.27
C CYS F 1098 39.87 59.47 46.69
N ASP F 1099 39.15 60.59 46.60
CA ASP F 1099 37.79 60.65 47.14
C ASP F 1099 36.83 59.78 46.34
N VAL F 1100 36.98 59.75 45.01
CA VAL F 1100 35.97 59.14 44.16
C VAL F 1100 35.95 57.62 44.33
N VAL F 1101 37.13 56.99 44.37
CA VAL F 1101 37.20 55.54 44.35
C VAL F 1101 36.72 54.98 45.69
N ILE F 1102 35.87 53.96 45.62
CA ILE F 1102 35.31 53.29 46.80
C ILE F 1102 36.22 52.12 47.14
N GLY F 1103 36.77 52.12 48.35
CA GLY F 1103 37.68 51.08 48.77
C GLY F 1103 39.15 51.42 48.65
N ILE F 1104 39.48 52.68 48.33
CA ILE F 1104 40.88 53.08 48.17
C ILE F 1104 41.58 53.02 49.52
N VAL F 1105 42.86 52.62 49.50
CA VAL F 1105 43.64 52.37 50.70
C VAL F 1105 44.88 53.26 50.66
N ASN F 1106 45.21 53.87 51.80
CA ASN F 1106 46.44 54.65 51.91
C ASN F 1106 47.64 53.71 51.80
N ASN F 1107 48.60 54.08 50.95
CA ASN F 1107 49.87 53.37 50.92
C ASN F 1107 50.88 54.21 50.15
N THR F 1108 52.16 53.94 50.39
CA THR F 1108 53.23 54.65 49.73
C THR F 1108 53.48 54.05 48.34
N VAL F 1109 53.67 54.92 47.36
CA VAL F 1109 54.04 54.52 46.01
C VAL F 1109 55.49 54.96 45.79
N TYR F 1110 56.39 53.98 45.76
CA TYR F 1110 57.81 54.27 45.67
C TYR F 1110 58.16 54.86 44.30
N ASP F 1111 58.94 55.94 44.32
CA ASP F 1111 59.37 56.58 43.08
C ASP F 1111 60.79 56.17 42.78
N PRO F 1112 61.03 55.41 41.70
CA PRO F 1112 62.40 54.93 41.45
C PRO F 1112 63.44 56.03 41.28
N LEU F 1113 63.06 57.14 40.64
CA LEU F 1113 64.03 58.18 40.33
C LEU F 1113 64.43 58.99 41.56
N GLN F 1114 63.56 59.06 42.57
CA GLN F 1114 63.86 59.91 43.73
C GLN F 1114 65.15 59.52 44.46
N PRO F 1115 65.44 58.24 44.71
CA PRO F 1115 66.77 57.92 45.30
C PRO F 1115 67.93 58.47 44.49
N GLU F 1116 67.84 58.42 43.17
CA GLU F 1116 68.92 58.92 42.32
C GLU F 1116 68.63 60.34 41.84
N PRO G 1 35.02 -12.26 -48.56
CA PRO G 1 34.03 -11.21 -48.28
C PRO G 1 34.69 -9.90 -47.85
N ALA G 2 34.30 -8.80 -48.49
CA ALA G 2 34.83 -7.50 -48.12
C ALA G 2 34.05 -6.90 -46.96
N TYR G 3 34.75 -6.16 -46.10
CA TYR G 3 34.14 -5.54 -44.93
C TYR G 3 34.53 -4.06 -44.86
N THR G 4 33.67 -3.28 -44.20
CA THR G 4 33.94 -1.87 -43.98
C THR G 4 33.30 -1.43 -42.68
N ASN G 5 33.45 -0.15 -42.37
CA ASN G 5 33.01 0.40 -41.08
C ASN G 5 31.71 1.16 -41.24
N SER G 6 30.74 0.86 -40.36
CA SER G 6 29.44 1.51 -40.44
C SER G 6 29.49 2.95 -39.95
N PHE G 7 30.45 3.28 -39.10
CA PHE G 7 30.56 4.60 -38.47
C PHE G 7 29.31 4.82 -37.62
N THR G 8 28.61 5.94 -37.75
CA THR G 8 27.43 6.22 -36.96
C THR G 8 26.14 6.04 -37.75
N ARG G 9 26.17 5.30 -38.85
CA ARG G 9 25.00 5.09 -39.68
C ARG G 9 24.07 4.05 -39.06
N GLY G 10 22.85 3.99 -39.59
CA GLY G 10 21.89 2.98 -39.17
C GLY G 10 20.95 3.37 -38.07
N VAL G 11 20.86 4.66 -37.73
CA VAL G 11 20.00 5.13 -36.66
C VAL G 11 18.67 5.59 -37.25
N TYR G 12 17.58 5.04 -36.73
CA TYR G 12 16.24 5.38 -37.17
C TYR G 12 15.45 5.97 -36.01
N TYR G 13 14.32 6.60 -36.34
CA TYR G 13 13.44 7.16 -35.32
C TYR G 13 12.77 6.02 -34.56
N PRO G 14 12.97 5.91 -33.24
CA PRO G 14 12.42 4.76 -32.51
C PRO G 14 10.90 4.70 -32.52
N ASP G 15 10.23 5.84 -32.45
CA ASP G 15 8.78 5.88 -32.38
C ASP G 15 8.28 7.04 -33.25
N LYS G 16 6.96 7.19 -33.28
CA LYS G 16 6.32 8.25 -34.05
C LYS G 16 6.13 9.54 -33.27
N VAL G 17 6.53 9.56 -32.00
CA VAL G 17 6.38 10.75 -31.18
C VAL G 17 7.35 11.83 -31.64
N PHE G 18 6.87 13.07 -31.70
CA PHE G 18 7.72 14.21 -32.02
C PHE G 18 8.39 14.69 -30.74
N ARG G 19 9.71 14.88 -30.80
CA ARG G 19 10.50 15.38 -29.69
C ARG G 19 11.42 16.48 -30.18
N SER G 20 11.62 17.49 -29.35
CA SER G 20 12.40 18.65 -29.74
C SER G 20 13.30 19.09 -28.60
N SER G 21 14.55 19.42 -28.94
CA SER G 21 15.53 19.95 -27.99
C SER G 21 15.62 19.08 -26.75
N VAL G 22 15.81 17.78 -26.96
CA VAL G 22 15.80 16.81 -25.86
C VAL G 22 16.87 15.76 -26.12
N LEU G 23 17.25 15.07 -25.06
CA LEU G 23 18.09 13.87 -25.15
C LEU G 23 17.25 12.69 -24.69
N HIS G 24 17.01 11.74 -25.59
CA HIS G 24 16.08 10.65 -25.34
C HIS G 24 16.82 9.32 -25.42
N SER G 25 16.68 8.50 -24.39
CA SER G 25 17.33 7.19 -24.34
C SER G 25 16.34 6.12 -24.74
N THR G 26 16.70 5.32 -25.73
CA THR G 26 15.81 4.30 -26.28
C THR G 26 16.54 2.98 -26.39
N GLN G 27 15.89 1.91 -25.94
CA GLN G 27 16.37 0.54 -26.08
C GLN G 27 15.65 -0.13 -27.23
N ASP G 28 16.39 -0.48 -28.29
CA ASP G 28 15.75 -1.07 -29.46
C ASP G 28 16.82 -1.77 -30.30
N LEU G 29 16.39 -2.33 -31.42
CA LEU G 29 17.29 -3.00 -32.35
C LEU G 29 17.95 -1.95 -33.22
N PHE G 30 19.23 -1.68 -32.96
CA PHE G 30 19.97 -0.66 -33.69
C PHE G 30 21.22 -1.26 -34.32
N LEU G 31 21.74 -0.57 -35.32
CA LEU G 31 23.03 -0.93 -35.88
C LEU G 31 24.13 -0.38 -34.98
N PRO G 32 25.00 -1.22 -34.45
CA PRO G 32 26.06 -0.72 -33.54
C PRO G 32 26.96 0.27 -34.24
N PHE G 33 27.43 1.26 -33.49
CA PHE G 33 28.33 2.26 -34.05
C PHE G 33 29.67 1.63 -34.40
N PHE G 34 30.22 2.03 -35.54
CA PHE G 34 31.50 1.53 -36.03
C PHE G 34 31.49 0.00 -36.14
N SER G 35 30.34 -0.55 -36.53
CA SER G 35 30.21 -1.99 -36.68
C SER G 35 30.84 -2.44 -38.00
N ASN G 36 31.08 -3.74 -38.10
CA ASN G 36 31.77 -4.32 -39.25
C ASN G 36 30.72 -4.77 -40.25
N VAL G 37 30.44 -3.94 -41.25
CA VAL G 37 29.34 -4.17 -42.18
C VAL G 37 29.91 -4.70 -43.49
N THR G 38 29.29 -5.76 -44.00
CA THR G 38 29.80 -6.43 -45.19
C THR G 38 29.29 -5.75 -46.44
N TRP G 39 30.20 -5.38 -47.35
CA TRP G 39 29.85 -4.62 -48.54
C TRP G 39 30.10 -5.44 -49.79
N PHE G 40 29.13 -5.43 -50.70
CA PHE G 40 29.13 -6.21 -51.93
C PHE G 40 29.02 -5.30 -53.15
N HIS G 41 29.60 -5.77 -54.25
CA HIS G 41 29.41 -5.20 -55.58
C HIS G 41 28.49 -6.11 -56.38
N VAL G 42 27.73 -5.52 -57.30
CA VAL G 42 26.87 -6.29 -58.19
C VAL G 42 27.69 -7.16 -59.15
N ASP G 53 26.79 -10.52 -57.84
CA ASP G 53 26.85 -11.11 -56.51
C ASP G 53 25.58 -10.82 -55.72
N ASN G 54 24.75 -11.85 -55.55
CA ASN G 54 23.52 -11.76 -54.76
C ASN G 54 23.43 -12.95 -53.81
N PRO G 55 24.29 -13.00 -52.80
CA PRO G 55 24.28 -14.14 -51.88
C PRO G 55 23.04 -14.15 -51.00
N VAL G 56 22.76 -15.32 -50.44
CA VAL G 56 21.62 -15.48 -49.54
C VAL G 56 22.07 -15.09 -48.14
N LEU G 57 22.01 -13.80 -47.83
CA LEU G 57 22.45 -13.33 -46.54
C LEU G 57 21.41 -13.66 -45.48
N PRO G 58 21.82 -14.15 -44.31
CA PRO G 58 20.84 -14.51 -43.27
C PRO G 58 20.16 -13.28 -42.69
N PHE G 59 19.04 -13.53 -42.02
CA PHE G 59 18.30 -12.50 -41.28
C PHE G 59 18.48 -12.80 -39.80
N ASN G 60 19.11 -11.87 -39.07
CA ASN G 60 19.47 -12.08 -37.67
C ASN G 60 18.94 -10.90 -36.84
N ASP G 61 17.69 -11.01 -36.41
CA ASP G 61 16.98 -10.08 -35.54
C ASP G 61 16.74 -8.74 -36.20
N GLY G 62 17.19 -8.52 -37.43
CA GLY G 62 17.06 -7.26 -38.12
C GLY G 62 18.26 -7.01 -38.99
N VAL G 63 18.05 -6.20 -40.02
CA VAL G 63 19.08 -5.93 -41.03
C VAL G 63 19.05 -4.45 -41.38
N TYR G 64 20.23 -3.87 -41.54
CA TYR G 64 20.41 -2.54 -42.10
C TYR G 64 21.06 -2.69 -43.46
N PHE G 65 20.39 -2.18 -44.49
CA PHE G 65 20.82 -2.34 -45.88
C PHE G 65 21.03 -0.97 -46.48
N ALA G 66 22.24 -0.70 -46.94
CA ALA G 66 22.54 0.57 -47.59
C ALA G 66 22.89 0.31 -49.05
N SER G 67 22.54 1.25 -49.91
CA SER G 67 22.84 1.11 -51.34
C SER G 67 23.35 2.44 -51.88
N ILE G 68 24.56 2.42 -52.43
CA ILE G 68 25.14 3.55 -53.12
C ILE G 68 25.14 3.21 -54.60
N GLU G 69 24.44 4.03 -55.38
CA GLU G 69 24.26 3.82 -56.81
C GLU G 69 23.63 5.05 -57.44
N LYS G 70 23.55 5.03 -58.77
CA LYS G 70 22.83 6.04 -59.53
C LYS G 70 21.86 5.47 -60.54
N SER G 71 21.91 4.17 -60.85
CA SER G 71 21.10 3.59 -61.90
C SER G 71 20.16 2.49 -61.44
N ASN G 72 19.89 2.40 -60.13
CA ASN G 72 18.80 1.58 -59.60
C ASN G 72 19.01 0.08 -59.90
N ILE G 73 20.21 -0.42 -59.61
CA ILE G 73 20.46 -1.85 -59.79
C ILE G 73 19.67 -2.66 -58.77
N ILE G 74 19.65 -2.21 -57.52
CA ILE G 74 18.93 -2.90 -56.45
C ILE G 74 17.46 -2.47 -56.52
N ARG G 75 16.57 -3.43 -56.76
CA ARG G 75 15.15 -3.13 -56.87
C ARG G 75 14.30 -3.72 -55.75
N GLY G 76 14.84 -4.62 -54.93
CA GLY G 76 14.06 -5.21 -53.88
C GLY G 76 14.79 -6.34 -53.20
N TRP G 77 14.06 -7.05 -52.35
CA TRP G 77 14.61 -8.14 -51.56
C TRP G 77 13.56 -9.22 -51.35
N ILE G 78 14.05 -10.44 -51.11
CA ILE G 78 13.22 -11.58 -50.77
C ILE G 78 13.63 -12.06 -49.38
N PHE G 79 12.65 -12.29 -48.52
CA PHE G 79 12.90 -12.70 -47.13
C PHE G 79 12.19 -14.02 -46.88
N GLY G 80 12.93 -15.02 -46.41
CA GLY G 80 12.30 -16.29 -46.10
C GLY G 80 13.20 -17.14 -45.24
N THR G 81 12.67 -18.31 -44.86
CA THR G 81 13.43 -19.28 -44.09
C THR G 81 14.08 -20.34 -44.96
N THR G 82 13.39 -20.80 -46.01
CA THR G 82 13.95 -21.73 -46.97
C THR G 82 13.94 -21.19 -48.39
N LEU G 83 13.24 -20.10 -48.66
CA LEU G 83 13.22 -19.46 -49.98
C LEU G 83 12.71 -20.43 -51.05
N ASP G 84 11.78 -21.30 -50.66
CA ASP G 84 11.21 -22.28 -51.58
C ASP G 84 9.72 -22.43 -51.28
N SER G 85 9.04 -23.21 -52.13
CA SER G 85 7.59 -23.31 -52.06
C SER G 85 7.10 -23.92 -50.76
N LYS G 86 7.93 -24.75 -50.10
CA LYS G 86 7.47 -25.45 -48.91
C LYS G 86 7.17 -24.47 -47.77
N THR G 87 7.87 -23.35 -47.71
CA THR G 87 7.65 -22.35 -46.68
C THR G 87 7.30 -21.02 -47.32
N GLN G 88 6.37 -20.30 -46.70
CA GLN G 88 5.88 -19.04 -47.25
C GLN G 88 6.93 -17.94 -47.05
N SER G 89 7.04 -17.06 -48.05
CA SER G 89 8.13 -16.10 -48.13
C SER G 89 7.64 -14.76 -48.65
N LEU G 90 8.44 -13.73 -48.39
CA LEU G 90 8.11 -12.34 -48.66
C LEU G 90 8.91 -11.83 -49.85
N LEU G 91 8.24 -11.19 -50.79
CA LEU G 91 8.84 -10.58 -51.96
C LEU G 91 8.53 -9.09 -51.95
N ILE G 92 9.57 -8.27 -51.97
CA ILE G 92 9.42 -6.82 -52.09
C ILE G 92 10.21 -6.38 -53.31
N VAL G 93 9.55 -5.67 -54.22
CA VAL G 93 10.18 -5.30 -55.48
C VAL G 93 9.72 -3.90 -55.90
N ASN G 94 10.59 -3.18 -56.58
CA ASN G 94 10.27 -1.87 -57.12
C ASN G 94 9.83 -2.01 -58.57
N VAL G 99 5.82 -0.03 -55.56
CA VAL G 99 6.38 -1.19 -54.87
C VAL G 99 5.36 -2.31 -54.75
N VAL G 100 5.77 -3.52 -55.11
CA VAL G 100 4.93 -4.70 -55.04
C VAL G 100 5.47 -5.57 -53.90
N ILE G 101 4.60 -5.87 -52.93
CA ILE G 101 4.94 -6.70 -51.78
C ILE G 101 3.96 -7.86 -51.73
N LYS G 102 4.50 -9.08 -51.70
CA LYS G 102 3.68 -10.28 -51.75
C LYS G 102 4.21 -11.31 -50.77
N VAL G 103 3.33 -11.85 -49.94
CA VAL G 103 3.72 -12.91 -49.03
C VAL G 103 3.10 -14.21 -49.54
N CYS G 104 3.86 -14.95 -50.33
CA CYS G 104 3.34 -16.12 -51.03
C CYS G 104 4.31 -17.28 -50.87
N GLU G 105 3.83 -18.49 -51.18
CA GLU G 105 4.68 -19.68 -51.18
C GLU G 105 5.45 -19.74 -52.50
N PHE G 106 6.36 -18.78 -52.66
CA PHE G 106 7.15 -18.67 -53.88
C PHE G 106 8.11 -19.85 -53.99
N GLN G 107 8.23 -20.40 -55.20
CA GLN G 107 9.33 -21.29 -55.54
C GLN G 107 10.40 -20.43 -56.19
N PHE G 108 11.27 -19.84 -55.37
CA PHE G 108 12.26 -18.90 -55.88
C PHE G 108 13.32 -19.62 -56.70
N CYS G 109 13.77 -18.95 -57.76
CA CYS G 109 14.90 -19.45 -58.53
C CYS G 109 16.19 -19.28 -57.75
N ASN G 110 17.21 -20.07 -58.12
CA ASN G 110 18.50 -19.96 -57.46
C ASN G 110 19.12 -18.59 -57.67
N ASP G 111 18.94 -18.03 -58.86
CA ASP G 111 19.44 -16.68 -59.13
C ASP G 111 18.26 -15.75 -59.36
N PRO G 112 17.78 -15.06 -58.32
CA PRO G 112 16.68 -14.10 -58.53
C PRO G 112 17.16 -12.75 -59.02
N PHE G 113 16.70 -12.33 -60.19
CA PHE G 113 17.09 -11.05 -60.75
C PHE G 113 15.99 -10.56 -61.69
N LEU G 114 16.05 -9.28 -62.03
CA LEU G 114 15.09 -8.67 -62.93
C LEU G 114 15.81 -8.16 -64.18
N ASP G 115 15.24 -8.46 -65.35
CA ASP G 115 15.76 -7.98 -66.62
C ASP G 115 14.78 -6.98 -67.20
N HIS G 116 15.27 -5.79 -67.53
CA HIS G 116 14.46 -4.71 -68.07
C HIS G 116 14.81 -4.47 -69.53
N LYS G 117 13.79 -4.24 -70.34
CA LYS G 117 13.94 -4.06 -71.78
C LYS G 117 13.55 -2.62 -72.14
N ASN G 118 14.46 -1.92 -72.82
CA ASN G 118 14.21 -0.55 -73.24
C ASN G 118 13.55 -0.52 -74.61
N GLU G 126 8.94 -9.20 -66.16
CA GLU G 126 10.38 -9.00 -65.98
C GLU G 126 10.90 -9.79 -64.79
N PHE G 127 9.99 -10.37 -64.01
CA PHE G 127 10.36 -11.05 -62.78
C PHE G 127 10.85 -12.45 -63.10
N ARG G 128 12.16 -12.67 -62.93
CA ARG G 128 12.76 -13.99 -62.95
C ARG G 128 12.96 -14.54 -61.54
N VAL G 129 12.37 -13.88 -60.54
CA VAL G 129 12.65 -14.21 -59.14
C VAL G 129 12.11 -15.61 -58.81
N TYR G 130 10.87 -15.89 -59.19
CA TYR G 130 10.20 -17.11 -58.81
C TYR G 130 9.64 -17.80 -60.03
N SER G 131 9.78 -19.13 -60.09
CA SER G 131 9.14 -19.90 -61.14
C SER G 131 7.63 -19.88 -61.00
N SER G 132 7.13 -20.00 -59.77
CA SER G 132 5.70 -20.01 -59.51
C SER G 132 5.42 -19.35 -58.16
N ALA G 133 4.21 -18.80 -58.02
CA ALA G 133 3.74 -18.22 -56.78
C ALA G 133 2.38 -18.83 -56.44
N ASN G 134 2.26 -19.38 -55.23
CA ASN G 134 1.05 -20.07 -54.83
C ASN G 134 0.69 -19.72 -53.41
N ASN G 135 -0.62 -19.80 -53.11
CA ASN G 135 -1.16 -19.64 -51.76
C ASN G 135 -0.73 -18.32 -51.12
N CYS G 136 -0.97 -17.23 -51.84
CA CYS G 136 -0.68 -15.91 -51.31
C CYS G 136 -1.61 -15.57 -50.15
N THR G 137 -1.04 -14.96 -49.11
CA THR G 137 -1.81 -14.52 -47.95
C THR G 137 -1.78 -13.02 -47.73
N PHE G 138 -0.76 -12.31 -48.21
CA PHE G 138 -0.66 -10.86 -48.05
C PHE G 138 -0.26 -10.24 -49.38
N GLU G 139 -0.94 -9.16 -49.74
CA GLU G 139 -0.69 -8.43 -50.97
C GLU G 139 -0.67 -6.95 -50.67
N TYR G 140 0.25 -6.23 -51.31
CA TYR G 140 0.38 -4.80 -51.08
C TYR G 140 1.03 -4.16 -52.30
N VAL G 141 0.53 -2.99 -52.67
CA VAL G 141 1.09 -2.25 -53.80
C VAL G 141 1.21 -0.78 -53.45
N PHE G 156 27.25 6.70 -58.33
CA PHE G 156 27.29 6.41 -56.90
C PHE G 156 27.01 7.65 -56.07
N LYS G 157 25.95 8.38 -56.43
CA LYS G 157 25.58 9.60 -55.75
C LYS G 157 24.25 9.50 -55.01
N ASN G 158 23.63 8.32 -55.00
CA ASN G 158 22.39 8.10 -54.27
C ASN G 158 22.62 7.01 -53.23
N LEU G 159 22.40 7.35 -51.96
CA LEU G 159 22.50 6.40 -50.85
C LEU G 159 21.11 6.18 -50.26
N ARG G 160 20.63 4.95 -50.36
CA ARG G 160 19.35 4.55 -49.80
C ARG G 160 19.61 3.59 -48.65
N GLU G 161 19.26 4.01 -47.44
CA GLU G 161 19.46 3.23 -46.23
C GLU G 161 18.13 2.71 -45.74
N PHE G 162 18.08 1.44 -45.38
CA PHE G 162 16.87 0.73 -45.00
C PHE G 162 17.11 -0.06 -43.73
N VAL G 163 16.08 -0.16 -42.91
CA VAL G 163 16.08 -1.00 -41.72
C VAL G 163 14.90 -1.95 -41.83
N PHE G 164 15.18 -3.25 -41.76
CA PHE G 164 14.18 -4.30 -41.83
C PHE G 164 14.16 -5.05 -40.51
N LYS G 165 13.00 -5.09 -39.87
CA LYS G 165 12.82 -5.81 -38.62
C LYS G 165 11.59 -6.69 -38.72
N ASN G 166 11.58 -7.81 -38.02
CA ASN G 166 10.47 -8.75 -38.03
C ASN G 166 10.15 -9.14 -36.59
N ILE G 167 9.18 -8.46 -35.99
CA ILE G 167 8.79 -8.69 -34.59
C ILE G 167 7.28 -8.82 -34.52
N ASP G 168 6.81 -9.84 -33.78
CA ASP G 168 5.39 -10.03 -33.49
C ASP G 168 4.57 -10.19 -34.77
N GLY G 169 5.14 -10.88 -35.76
CA GLY G 169 4.46 -11.05 -37.03
C GLY G 169 4.41 -9.80 -37.88
N TYR G 170 5.14 -8.75 -37.49
CA TYR G 170 5.13 -7.48 -38.20
C TYR G 170 6.51 -7.23 -38.79
N PHE G 171 6.53 -6.93 -40.08
CA PHE G 171 7.76 -6.55 -40.79
C PHE G 171 7.78 -5.03 -40.89
N LYS G 172 8.69 -4.41 -40.14
CA LYS G 172 8.85 -2.97 -40.12
C LYS G 172 10.00 -2.56 -41.03
N ILE G 173 9.73 -1.59 -41.90
CA ILE G 173 10.71 -1.05 -42.83
C ILE G 173 10.84 0.44 -42.57
N TYR G 174 12.07 0.87 -42.28
CA TYR G 174 12.48 2.26 -42.15
C TYR G 174 13.37 2.60 -43.33
N SER G 175 13.33 3.86 -43.78
CA SER G 175 14.08 4.24 -44.96
C SER G 175 14.56 5.69 -44.86
N LYS G 176 15.66 5.95 -45.55
CA LYS G 176 16.19 7.30 -45.69
C LYS G 176 17.01 7.39 -46.96
N HIS G 177 16.82 8.46 -47.73
CA HIS G 177 17.53 8.65 -48.99
C HIS G 177 18.35 9.93 -48.89
N THR G 178 19.63 9.84 -49.26
CA THR G 178 20.53 10.98 -49.19
C THR G 178 21.36 11.06 -50.47
N PRO G 179 21.42 12.22 -51.13
CA PRO G 179 22.45 12.43 -52.15
C PRO G 179 23.81 12.58 -51.49
N ILE G 180 24.77 11.78 -51.95
CA ILE G 180 26.08 11.73 -51.34
C ILE G 180 27.16 11.91 -52.40
N ILE G 181 28.30 12.45 -51.97
CA ILE G 181 29.49 12.56 -52.80
C ILE G 181 30.61 11.81 -52.08
N VAL G 182 31.27 10.91 -52.80
CA VAL G 182 32.28 10.02 -52.23
C VAL G 182 33.61 10.28 -52.90
N ARG G 183 34.65 10.48 -52.09
CA ARG G 183 36.01 10.50 -52.63
C ARG G 183 36.45 9.10 -53.01
N GLU G 184 36.14 8.12 -52.16
CA GLU G 184 36.37 6.72 -52.44
C GLU G 184 35.04 5.98 -52.46
N PRO G 185 34.71 5.27 -53.55
CA PRO G 185 33.37 4.66 -53.65
C PRO G 185 33.06 3.68 -52.54
N GLU G 186 34.06 2.95 -52.04
CA GLU G 186 33.82 1.92 -51.03
C GLU G 186 33.27 2.51 -49.74
N ASP G 187 33.83 3.64 -49.30
CA ASP G 187 33.55 4.16 -47.96
C ASP G 187 32.09 4.58 -47.81
N LEU G 188 31.49 4.18 -46.68
CA LEU G 188 30.23 4.79 -46.26
C LEU G 188 30.48 6.22 -45.81
N PRO G 189 29.61 7.16 -46.20
CA PRO G 189 29.80 8.54 -45.76
C PRO G 189 29.74 8.64 -44.24
N GLN G 190 30.64 9.43 -43.68
CA GLN G 190 30.79 9.54 -42.23
C GLN G 190 30.01 10.75 -41.76
N GLY G 191 29.07 10.51 -40.84
CA GLY G 191 28.17 11.56 -40.40
C GLY G 191 26.95 10.93 -39.76
N PHE G 192 25.90 11.73 -39.64
CA PHE G 192 24.64 11.29 -39.05
C PHE G 192 23.47 11.62 -39.94
N SER G 193 22.61 10.63 -40.17
CA SER G 193 21.32 10.82 -40.81
C SER G 193 20.38 9.78 -40.25
N ALA G 194 19.14 10.17 -40.00
CA ALA G 194 18.17 9.30 -39.34
C ALA G 194 17.17 8.75 -40.36
N LEU G 195 16.68 7.55 -40.07
CA LEU G 195 15.81 6.81 -40.99
C LEU G 195 14.38 6.91 -40.49
N GLU G 196 13.48 7.42 -41.33
CA GLU G 196 12.09 7.59 -40.94
C GLU G 196 11.32 6.31 -41.20
N PRO G 197 10.31 6.01 -40.38
CA PRO G 197 9.48 4.82 -40.62
C PRO G 197 8.83 4.87 -41.99
N LEU G 198 8.89 3.74 -42.70
CA LEU G 198 8.28 3.63 -44.02
C LEU G 198 6.97 2.87 -43.96
N VAL G 199 6.98 1.63 -43.47
CA VAL G 199 5.76 0.83 -43.47
C VAL G 199 5.90 -0.36 -42.54
N ASP G 200 4.78 -0.81 -41.98
CA ASP G 200 4.72 -2.01 -41.16
C ASP G 200 3.71 -2.95 -41.80
N LEU G 201 4.13 -4.20 -42.04
CA LEU G 201 3.33 -5.19 -42.75
C LEU G 201 3.01 -6.37 -41.85
N PRO G 202 1.76 -6.79 -41.76
CA PRO G 202 1.42 -7.99 -40.97
C PRO G 202 1.65 -9.28 -41.75
N ILE G 203 2.90 -9.54 -42.10
CA ILE G 203 3.23 -10.70 -42.93
C ILE G 203 3.06 -12.00 -42.14
N GLY G 204 3.48 -12.00 -40.88
CA GLY G 204 3.28 -13.16 -40.03
C GLY G 204 4.03 -14.42 -40.43
N ILE G 205 5.28 -14.30 -40.88
CA ILE G 205 6.06 -15.45 -41.32
C ILE G 205 7.36 -15.51 -40.52
N ASN G 206 8.07 -16.62 -40.70
CA ASN G 206 9.34 -16.89 -40.03
C ASN G 206 10.46 -16.58 -41.03
N ILE G 207 11.15 -15.46 -40.81
CA ILE G 207 12.22 -15.01 -41.70
C ILE G 207 13.56 -15.28 -41.04
N THR G 208 14.44 -16.01 -41.74
CA THR G 208 15.80 -16.25 -41.27
C THR G 208 16.84 -15.95 -42.34
N ARG G 209 16.44 -15.56 -43.54
CA ARG G 209 17.37 -15.32 -44.64
C ARG G 209 16.79 -14.23 -45.52
N PHE G 210 17.68 -13.56 -46.28
CA PHE G 210 17.22 -12.57 -47.23
C PHE G 210 18.20 -12.47 -48.38
N GLN G 211 17.70 -12.05 -49.54
CA GLN G 211 18.47 -11.91 -50.76
C GLN G 211 18.07 -10.62 -51.47
N THR G 212 19.08 -9.89 -51.96
CA THR G 212 18.82 -8.67 -52.70
C THR G 212 18.40 -9.01 -54.13
N LEU G 213 17.46 -8.23 -54.66
CA LEU G 213 16.99 -8.38 -56.03
C LEU G 213 17.71 -7.35 -56.90
N LEU G 214 18.41 -7.83 -57.93
CA LEU G 214 19.32 -7.02 -58.73
C LEU G 214 18.78 -6.90 -60.15
N ALA G 215 18.95 -5.71 -60.73
CA ALA G 215 18.51 -5.45 -62.09
C ALA G 215 19.67 -5.64 -63.05
N LEU G 216 19.59 -6.66 -63.89
CA LEU G 216 20.55 -6.82 -64.97
C LEU G 216 20.22 -5.85 -66.09
N HIS G 217 21.16 -4.95 -66.40
CA HIS G 217 20.84 -3.78 -67.21
C HIS G 217 21.13 -4.01 -68.69
N ARG G 218 20.79 -3.01 -69.48
CA ARG G 218 20.93 -3.05 -70.93
C ARG G 218 22.13 -2.20 -71.38
N TRP G 230 22.76 -11.07 -69.50
CA TRP G 230 22.71 -9.60 -69.43
C TRP G 230 23.92 -9.07 -68.67
N THR G 231 24.22 -7.78 -68.87
CA THR G 231 25.35 -7.12 -68.21
C THR G 231 24.82 -6.03 -67.30
N ALA G 232 25.22 -6.05 -66.03
CA ALA G 232 24.77 -5.10 -65.03
C ALA G 232 25.97 -4.42 -64.39
N GLY G 233 25.91 -3.10 -64.29
CA GLY G 233 26.99 -2.36 -63.66
C GLY G 233 26.95 -2.51 -62.15
N ALA G 234 28.14 -2.58 -61.55
CA ALA G 234 28.25 -2.81 -60.12
C ALA G 234 27.77 -1.59 -59.33
N ALA G 235 27.02 -1.86 -58.26
CA ALA G 235 26.58 -0.85 -57.32
C ALA G 235 26.89 -1.34 -55.91
N ALA G 236 27.26 -0.42 -55.02
CA ALA G 236 27.69 -0.84 -53.69
C ALA G 236 26.48 -1.08 -52.81
N TYR G 237 26.39 -2.26 -52.20
CA TYR G 237 25.35 -2.48 -51.20
C TYR G 237 25.94 -3.11 -49.95
N TYR G 238 25.59 -2.53 -48.81
CA TYR G 238 26.19 -2.80 -47.51
C TYR G 238 25.13 -3.44 -46.62
N VAL G 239 25.52 -4.47 -45.87
CA VAL G 239 24.62 -5.15 -44.94
C VAL G 239 25.26 -5.14 -43.56
N GLY G 240 24.52 -4.64 -42.58
CA GLY G 240 24.93 -4.68 -41.19
C GLY G 240 23.84 -5.25 -40.31
N TYR G 241 24.19 -6.14 -39.40
CA TYR G 241 23.16 -6.83 -38.62
C TYR G 241 22.84 -6.06 -37.34
N LEU G 242 21.56 -5.84 -37.10
CA LEU G 242 21.11 -5.08 -35.94
C LEU G 242 21.24 -5.90 -34.67
N GLN G 243 21.47 -5.20 -33.57
CA GLN G 243 21.60 -5.79 -32.24
C GLN G 243 20.72 -5.03 -31.26
N PRO G 244 20.26 -5.70 -30.21
CA PRO G 244 19.54 -4.99 -29.14
C PRO G 244 20.50 -4.07 -28.40
N ARG G 245 20.31 -2.76 -28.57
CA ARG G 245 21.26 -1.77 -28.07
C ARG G 245 20.47 -0.58 -27.54
N THR G 246 21.10 0.14 -26.61
CA THR G 246 20.53 1.35 -26.03
C THR G 246 21.25 2.56 -26.62
N PHE G 247 20.49 3.52 -27.09
CA PHE G 247 21.03 4.69 -27.76
C PHE G 247 20.53 5.96 -27.07
N LEU G 248 21.37 6.98 -27.08
CA LEU G 248 20.99 8.31 -26.58
C LEU G 248 20.92 9.25 -27.77
N LEU G 249 19.72 9.70 -28.11
CA LEU G 249 19.45 10.43 -29.33
C LEU G 249 19.24 11.90 -28.98
N LYS G 250 19.87 12.80 -29.75
CA LYS G 250 19.68 14.23 -29.57
C LYS G 250 18.67 14.73 -30.59
N TYR G 251 17.53 15.22 -30.09
CA TYR G 251 16.54 15.87 -30.93
C TYR G 251 16.73 17.37 -30.85
N ASN G 252 17.00 17.99 -32.01
CA ASN G 252 17.25 19.42 -32.05
C ASN G 252 15.93 20.19 -31.98
N GLU G 253 16.01 21.51 -32.18
CA GLU G 253 14.84 22.35 -32.07
C GLU G 253 13.77 21.99 -33.12
N ASN G 254 14.19 21.49 -34.28
CA ASN G 254 13.26 21.12 -35.34
C ASN G 254 12.81 19.67 -35.26
N GLY G 255 13.24 18.93 -34.24
CA GLY G 255 12.81 17.56 -34.05
C GLY G 255 13.61 16.50 -34.78
N THR G 256 14.75 16.87 -35.38
CA THR G 256 15.58 15.92 -36.10
C THR G 256 16.60 15.31 -35.15
N ILE G 257 16.92 14.03 -35.38
CA ILE G 257 17.94 13.35 -34.59
C ILE G 257 19.30 13.72 -35.15
N THR G 258 19.89 14.80 -34.63
CA THR G 258 21.14 15.30 -35.19
C THR G 258 22.31 14.39 -34.86
N ASP G 259 22.36 13.87 -33.64
CA ASP G 259 23.51 13.07 -33.20
C ASP G 259 23.03 12.02 -32.21
N ALA G 260 23.89 11.04 -31.94
CA ALA G 260 23.55 9.97 -31.02
C ALA G 260 24.80 9.43 -30.36
N VAL G 261 24.57 8.75 -29.25
CA VAL G 261 25.63 8.05 -28.51
C VAL G 261 25.20 6.60 -28.34
N ASP G 262 26.05 5.68 -28.79
CA ASP G 262 25.80 4.25 -28.62
C ASP G 262 26.40 3.82 -27.28
N CYS G 263 25.52 3.50 -26.32
CA CYS G 263 25.93 3.41 -24.92
C CYS G 263 26.97 2.32 -24.68
N ALA G 264 26.92 1.22 -25.43
CA ALA G 264 27.81 0.10 -25.19
C ALA G 264 29.01 0.08 -26.13
N LEU G 265 29.25 1.16 -26.86
CA LEU G 265 30.39 1.21 -27.77
C LEU G 265 31.72 1.20 -27.00
N ASP G 266 31.87 2.08 -26.02
CA ASP G 266 33.15 2.24 -25.32
C ASP G 266 32.86 2.91 -23.98
N PRO G 267 33.84 2.94 -23.07
CA PRO G 267 33.58 3.56 -21.75
C PRO G 267 33.14 5.01 -21.84
N LEU G 268 33.66 5.79 -22.79
CA LEU G 268 33.24 7.17 -22.90
C LEU G 268 31.75 7.27 -23.25
N SER G 269 31.28 6.41 -24.17
CA SER G 269 29.88 6.44 -24.54
C SER G 269 28.98 6.00 -23.39
N GLU G 270 29.44 5.02 -22.60
CA GLU G 270 28.66 4.61 -21.44
C GLU G 270 28.59 5.72 -20.40
N THR G 271 29.69 6.47 -20.23
CA THR G 271 29.66 7.63 -19.35
C THR G 271 28.69 8.68 -19.86
N LYS G 272 28.70 8.93 -21.17
CA LYS G 272 27.77 9.89 -21.75
C LYS G 272 26.32 9.47 -21.52
N CYS G 273 26.02 8.19 -21.74
CA CYS G 273 24.66 7.71 -21.54
C CYS G 273 24.25 7.78 -20.07
N THR G 274 25.16 7.42 -19.16
CA THR G 274 24.84 7.49 -17.74
C THR G 274 24.59 8.93 -17.29
N LEU G 275 25.41 9.87 -17.78
CA LEU G 275 25.22 11.27 -17.44
C LEU G 275 24.14 11.95 -18.26
N LYS G 276 23.60 11.25 -19.28
CA LYS G 276 22.57 11.81 -20.16
C LYS G 276 23.03 13.14 -20.78
N SER G 277 24.28 13.16 -21.23
CA SER G 277 24.83 14.33 -21.89
C SER G 277 25.84 13.86 -22.93
N PHE G 278 26.06 14.71 -23.93
CA PHE G 278 27.03 14.43 -24.98
C PHE G 278 28.40 15.01 -24.69
N THR G 279 28.54 15.78 -23.61
CA THR G 279 29.82 16.34 -23.18
C THR G 279 30.04 15.94 -21.73
N VAL G 280 31.24 15.47 -21.42
CA VAL G 280 31.59 14.97 -20.10
C VAL G 280 32.74 15.81 -19.57
N GLU G 281 32.59 16.30 -18.34
CA GLU G 281 33.65 17.08 -17.70
C GLU G 281 34.69 16.16 -17.08
N LYS G 282 35.82 16.75 -16.71
CA LYS G 282 36.91 15.99 -16.10
C LYS G 282 36.45 15.41 -14.76
N GLY G 283 36.75 14.13 -14.55
CA GLY G 283 36.39 13.49 -13.30
C GLY G 283 36.35 11.98 -13.47
N ILE G 284 35.86 11.32 -12.42
CA ILE G 284 35.68 9.88 -12.39
C ILE G 284 34.21 9.61 -12.13
N TYR G 285 33.60 8.78 -12.97
CA TYR G 285 32.17 8.55 -12.96
C TYR G 285 31.87 7.07 -12.81
N GLN G 286 31.01 6.73 -11.85
CA GLN G 286 30.51 5.36 -11.74
C GLN G 286 29.43 5.15 -12.79
N THR G 287 29.73 4.33 -13.79
CA THR G 287 28.86 4.16 -14.95
C THR G 287 27.98 2.93 -14.87
N SER G 288 28.56 1.78 -14.55
CA SER G 288 27.79 0.54 -14.52
C SER G 288 28.53 -0.48 -13.65
N ASN G 289 27.95 -1.67 -13.58
CA ASN G 289 28.56 -2.80 -12.89
C ASN G 289 28.83 -3.90 -13.92
N PHE G 290 30.07 -4.37 -13.95
CA PHE G 290 30.38 -5.54 -14.75
C PHE G 290 29.89 -6.80 -14.01
N ARG G 291 29.21 -7.67 -14.75
CA ARG G 291 28.67 -8.91 -14.20
C ARG G 291 29.02 -10.04 -15.16
N VAL G 292 29.61 -11.11 -14.64
CA VAL G 292 29.86 -12.29 -15.45
C VAL G 292 28.54 -12.95 -15.78
N GLN G 293 28.34 -13.29 -17.05
CA GLN G 293 27.04 -13.82 -17.41
C GLN G 293 27.06 -15.35 -17.44
N PRO G 294 25.94 -15.98 -17.10
CA PRO G 294 25.92 -17.45 -17.07
C PRO G 294 26.17 -18.05 -18.45
N THR G 295 27.03 -19.08 -18.48
CA THR G 295 27.36 -19.73 -19.74
C THR G 295 26.23 -20.64 -20.20
N GLU G 296 25.64 -21.40 -19.27
CA GLU G 296 24.67 -22.42 -19.62
C GLU G 296 23.67 -22.59 -18.48
N SER G 297 22.57 -23.29 -18.77
CA SER G 297 21.53 -23.56 -17.79
C SER G 297 21.50 -25.04 -17.46
N ILE G 298 21.52 -25.36 -16.17
CA ILE G 298 21.52 -26.74 -15.69
C ILE G 298 20.29 -26.95 -14.80
N VAL G 299 19.66 -28.11 -14.93
CA VAL G 299 18.50 -28.49 -14.14
C VAL G 299 18.85 -29.76 -13.37
N ARG G 300 18.60 -29.75 -12.07
CA ARG G 300 18.78 -30.92 -11.21
C ARG G 300 17.48 -31.19 -10.48
N PHE G 301 16.85 -32.31 -10.81
CA PHE G 301 15.58 -32.74 -10.24
C PHE G 301 15.75 -34.16 -9.72
N PRO G 302 14.92 -34.59 -8.79
CA PRO G 302 15.07 -35.95 -8.24
C PRO G 302 14.91 -37.01 -9.31
N ASN G 303 15.64 -38.11 -9.13
CA ASN G 303 15.64 -39.21 -10.10
C ASN G 303 14.41 -40.08 -9.86
N ILE G 304 13.28 -39.57 -10.33
CA ILE G 304 11.98 -40.22 -10.17
C ILE G 304 11.32 -40.31 -11.54
N THR G 305 10.76 -41.49 -11.85
CA THR G 305 10.11 -41.71 -13.13
C THR G 305 8.66 -42.17 -13.03
N ASN G 306 8.25 -42.81 -11.93
CA ASN G 306 6.88 -43.26 -11.81
C ASN G 306 5.93 -42.08 -11.73
N LEU G 307 4.82 -42.17 -12.45
CA LEU G 307 3.86 -41.07 -12.50
C LEU G 307 2.96 -41.09 -11.27
N CYS G 308 2.41 -39.92 -10.95
CA CYS G 308 1.55 -39.79 -9.79
C CYS G 308 0.17 -40.36 -10.08
N PRO G 309 -0.54 -40.84 -9.05
CA PRO G 309 -1.83 -41.49 -9.26
C PRO G 309 -2.97 -40.49 -9.44
N PHE G 310 -2.83 -39.61 -10.43
CA PHE G 310 -3.92 -38.70 -10.76
C PHE G 310 -5.07 -39.41 -11.44
N ASP G 311 -4.79 -40.53 -12.12
CA ASP G 311 -5.85 -41.30 -12.75
C ASP G 311 -6.83 -41.84 -11.72
N GLU G 312 -6.32 -42.35 -10.60
CA GLU G 312 -7.20 -42.86 -9.56
C GLU G 312 -8.00 -41.74 -8.90
N VAL G 313 -7.37 -40.59 -8.68
CA VAL G 313 -8.03 -39.49 -7.98
C VAL G 313 -9.11 -38.87 -8.86
N PHE G 314 -8.79 -38.59 -10.12
CA PHE G 314 -9.66 -37.78 -10.95
C PHE G 314 -10.68 -38.59 -11.73
N ASN G 315 -10.33 -39.78 -12.21
CA ASN G 315 -11.24 -40.56 -13.04
C ASN G 315 -11.64 -41.88 -12.39
N ALA G 316 -11.82 -41.87 -11.06
CA ALA G 316 -12.51 -42.96 -10.39
C ALA G 316 -14.01 -42.88 -10.66
N THR G 317 -14.69 -44.04 -10.55
CA THR G 317 -16.12 -44.07 -10.84
C THR G 317 -16.91 -43.27 -9.82
N ARG G 318 -16.58 -43.38 -8.54
CA ARG G 318 -17.34 -42.74 -7.48
C ARG G 318 -16.43 -41.88 -6.62
N PHE G 319 -16.90 -40.70 -6.25
CA PHE G 319 -16.24 -39.86 -5.27
C PHE G 319 -17.01 -39.89 -3.96
N ALA G 320 -16.32 -39.52 -2.88
CA ALA G 320 -16.94 -39.47 -1.58
C ALA G 320 -17.80 -38.22 -1.44
N SER G 321 -18.71 -38.26 -0.46
CA SER G 321 -19.54 -37.11 -0.16
C SER G 321 -18.70 -36.01 0.49
N VAL G 322 -19.22 -34.79 0.45
CA VAL G 322 -18.43 -33.63 0.86
C VAL G 322 -18.09 -33.70 2.35
N TYR G 323 -19.04 -34.16 3.17
CA TYR G 323 -18.77 -34.22 4.61
C TYR G 323 -17.66 -35.23 4.92
N ALA G 324 -17.70 -36.39 4.30
CA ALA G 324 -16.62 -37.36 4.39
C ALA G 324 -15.72 -37.30 3.16
N TRP G 325 -15.17 -36.11 2.90
CA TRP G 325 -14.32 -35.92 1.73
C TRP G 325 -13.08 -36.79 1.83
N ASN G 326 -12.64 -37.31 0.68
CA ASN G 326 -11.55 -38.30 0.68
C ASN G 326 -10.21 -37.63 0.41
N ARG G 327 -9.21 -37.97 1.22
CA ARG G 327 -7.88 -37.42 1.07
C ARG G 327 -6.91 -38.52 0.62
N LYS G 328 -6.18 -38.25 -0.46
CA LYS G 328 -5.19 -39.15 -1.02
C LYS G 328 -3.83 -38.48 -0.96
N ARG G 329 -2.81 -39.26 -0.62
CA ARG G 329 -1.45 -38.75 -0.49
C ARG G 329 -0.68 -39.01 -1.77
N ILE G 330 -0.10 -37.96 -2.34
CA ILE G 330 0.71 -38.04 -3.55
C ILE G 330 2.16 -37.77 -3.16
N SER G 331 3.02 -38.75 -3.40
CA SER G 331 4.43 -38.62 -3.04
C SER G 331 5.27 -39.59 -3.85
N ASN G 332 6.55 -39.27 -3.98
CA ASN G 332 7.54 -40.12 -4.64
C ASN G 332 7.11 -40.45 -6.08
N CYS G 333 6.65 -39.44 -6.81
CA CYS G 333 6.21 -39.64 -8.17
C CYS G 333 6.36 -38.36 -8.97
N VAL G 334 6.36 -38.51 -10.28
CA VAL G 334 6.37 -37.38 -11.21
C VAL G 334 4.94 -36.92 -11.44
N ALA G 335 4.67 -35.65 -11.20
CA ALA G 335 3.34 -35.09 -11.35
C ALA G 335 3.27 -34.31 -12.66
N ASP G 336 2.58 -34.88 -13.64
CA ASP G 336 2.33 -34.21 -14.91
C ASP G 336 0.89 -33.71 -14.90
N TYR G 337 0.72 -32.40 -14.85
CA TYR G 337 -0.61 -31.79 -14.76
C TYR G 337 -1.25 -31.58 -16.12
N SER G 338 -0.52 -31.87 -17.20
CA SER G 338 -1.11 -31.78 -18.54
C SER G 338 -2.29 -32.71 -18.72
N VAL G 339 -2.26 -33.88 -18.08
CA VAL G 339 -3.39 -34.80 -18.17
C VAL G 339 -4.64 -34.20 -17.55
N LEU G 340 -4.48 -33.18 -16.72
CA LEU G 340 -5.63 -32.50 -16.12
C LEU G 340 -6.30 -31.52 -17.07
N TYR G 341 -5.69 -31.23 -18.23
CA TYR G 341 -6.31 -30.34 -19.20
C TYR G 341 -7.26 -31.06 -20.14
N ASN G 342 -7.31 -32.39 -20.09
CA ASN G 342 -8.25 -33.17 -20.89
C ASN G 342 -9.45 -33.64 -20.08
N LEU G 343 -9.65 -33.10 -18.88
CA LEU G 343 -10.70 -33.55 -17.97
C LEU G 343 -11.91 -32.63 -18.12
N ALA G 344 -12.92 -33.11 -18.87
CA ALA G 344 -14.23 -32.47 -19.02
C ALA G 344 -14.13 -31.23 -19.90
N PRO G 345 -15.22 -30.88 -20.60
CA PRO G 345 -15.14 -29.72 -21.51
C PRO G 345 -14.79 -28.40 -20.85
N PHE G 346 -15.46 -28.06 -19.74
CA PHE G 346 -15.37 -26.72 -19.15
C PHE G 346 -15.04 -26.80 -17.67
N PHE G 347 -13.98 -27.54 -17.35
CA PHE G 347 -13.53 -27.66 -15.97
C PHE G 347 -13.05 -26.31 -15.46
N THR G 348 -13.34 -26.03 -14.18
CA THR G 348 -12.86 -24.83 -13.51
C THR G 348 -11.61 -25.19 -12.73
N PHE G 349 -10.48 -24.65 -13.17
CA PHE G 349 -9.17 -24.97 -12.61
C PHE G 349 -8.60 -23.68 -12.01
N LYS G 350 -8.71 -23.54 -10.69
CA LYS G 350 -8.43 -22.29 -10.00
C LYS G 350 -7.28 -22.50 -9.02
N CYS G 351 -6.14 -21.90 -9.29
CA CYS G 351 -4.93 -22.10 -8.49
C CYS G 351 -4.65 -20.87 -7.64
N TYR G 352 -4.47 -21.08 -6.34
CA TYR G 352 -4.13 -20.03 -5.39
C TYR G 352 -2.69 -20.25 -4.95
N GLY G 353 -1.87 -19.20 -5.10
CA GLY G 353 -0.46 -19.27 -4.79
C GLY G 353 0.41 -19.81 -5.89
N VAL G 354 -0.18 -20.29 -6.99
CA VAL G 354 0.53 -20.82 -8.14
C VAL G 354 -0.23 -20.44 -9.40
N SER G 355 0.36 -20.74 -10.55
CA SER G 355 -0.23 -20.53 -11.85
C SER G 355 -0.59 -21.88 -12.47
N PRO G 356 -1.69 -21.95 -13.22
CA PRO G 356 -2.04 -23.22 -13.89
C PRO G 356 -0.95 -23.73 -14.82
N THR G 357 -0.25 -22.81 -15.50
CA THR G 357 0.76 -23.24 -16.47
C THR G 357 2.05 -23.69 -15.78
N LYS G 358 2.35 -23.13 -14.62
CA LYS G 358 3.66 -23.28 -14.00
C LYS G 358 3.79 -24.55 -13.15
N LEU G 359 2.70 -25.29 -12.96
CA LEU G 359 2.74 -26.45 -12.06
C LEU G 359 3.74 -27.50 -12.55
N ASN G 360 3.88 -27.65 -13.87
CA ASN G 360 4.82 -28.63 -14.40
C ASN G 360 6.27 -28.26 -14.13
N ASP G 361 6.55 -27.01 -13.79
CA ASP G 361 7.92 -26.55 -13.59
C ASP G 361 8.33 -26.53 -12.12
N LEU G 362 7.48 -27.02 -11.23
CA LEU G 362 7.68 -26.87 -9.79
C LEU G 362 7.83 -28.22 -9.12
N CYS G 363 8.48 -28.22 -7.97
CA CYS G 363 8.62 -29.38 -7.11
C CYS G 363 7.86 -29.15 -5.82
N PHE G 364 7.10 -30.15 -5.39
CA PHE G 364 6.16 -30.00 -4.29
C PHE G 364 6.56 -30.95 -3.17
N THR G 365 6.65 -30.42 -1.95
CA THR G 365 7.12 -31.23 -0.83
C THR G 365 6.09 -32.27 -0.41
N ASN G 366 4.84 -31.85 -0.22
CA ASN G 366 3.78 -32.74 0.25
C ASN G 366 2.49 -32.40 -0.48
N VAL G 367 1.91 -33.38 -1.16
CA VAL G 367 0.74 -33.18 -2.01
C VAL G 367 -0.40 -34.04 -1.50
N TYR G 368 -1.57 -33.43 -1.34
CA TYR G 368 -2.79 -34.13 -0.94
C TYR G 368 -3.91 -33.78 -1.90
N ALA G 369 -4.65 -34.80 -2.35
CA ALA G 369 -5.79 -34.62 -3.22
C ALA G 369 -7.06 -34.91 -2.44
N ASP G 370 -7.93 -33.93 -2.32
CA ASP G 370 -9.18 -34.05 -1.56
C ASP G 370 -10.33 -34.06 -2.55
N SER G 371 -11.07 -35.16 -2.59
CA SER G 371 -12.11 -35.38 -3.58
C SER G 371 -13.47 -35.41 -2.89
N PHE G 372 -14.43 -34.70 -3.48
CA PHE G 372 -15.81 -34.71 -3.00
C PHE G 372 -16.74 -34.25 -4.12
N VAL G 373 -18.04 -34.33 -3.86
CA VAL G 373 -19.08 -33.94 -4.82
C VAL G 373 -20.01 -32.95 -4.13
N ILE G 374 -20.28 -31.83 -4.80
CA ILE G 374 -21.13 -30.77 -4.25
C ILE G 374 -22.02 -30.20 -5.34
N ARG G 375 -22.97 -29.35 -4.95
CA ARG G 375 -23.76 -28.63 -5.93
C ARG G 375 -22.90 -27.58 -6.64
N GLY G 376 -23.31 -27.25 -7.87
CA GLY G 376 -22.54 -26.29 -8.65
C GLY G 376 -22.50 -24.92 -8.02
N ASP G 377 -23.64 -24.44 -7.50
CA ASP G 377 -23.67 -23.13 -6.86
C ASP G 377 -22.77 -23.10 -5.64
N GLU G 378 -22.52 -24.26 -5.03
CA GLU G 378 -21.64 -24.36 -3.88
C GLU G 378 -20.17 -24.56 -4.26
N VAL G 379 -19.86 -24.60 -5.56
CA VAL G 379 -18.46 -24.74 -5.98
C VAL G 379 -17.64 -23.52 -5.56
N ARG G 380 -18.21 -22.32 -5.72
CA ARG G 380 -17.49 -21.11 -5.34
C ARG G 380 -17.20 -21.10 -3.84
N GLN G 381 -17.96 -21.85 -3.05
CA GLN G 381 -17.68 -21.97 -1.63
C GLN G 381 -16.36 -22.67 -1.35
N ILE G 382 -15.85 -23.43 -2.31
CA ILE G 382 -14.57 -24.13 -2.14
C ILE G 382 -13.46 -23.18 -2.59
N ALA G 383 -13.03 -22.32 -1.66
CA ALA G 383 -11.99 -21.33 -1.92
C ALA G 383 -11.54 -20.78 -0.59
N PRO G 384 -10.33 -20.21 -0.51
CA PRO G 384 -9.88 -19.62 0.75
C PRO G 384 -10.75 -18.44 1.16
N GLY G 385 -11.19 -18.47 2.41
CA GLY G 385 -11.99 -17.39 2.97
C GLY G 385 -13.31 -17.14 2.27
N GLN G 386 -14.16 -18.15 2.23
CA GLN G 386 -15.50 -18.02 1.65
C GLN G 386 -16.55 -18.46 2.66
N THR G 387 -17.77 -17.97 2.44
CA THR G 387 -18.88 -18.20 3.36
C THR G 387 -19.94 -19.06 2.69
N GLY G 388 -20.34 -20.12 3.37
CA GLY G 388 -21.41 -20.99 2.88
C GLY G 388 -21.54 -22.20 3.77
N ASN G 389 -22.59 -22.98 3.51
CA ASN G 389 -22.79 -24.21 4.27
C ASN G 389 -21.66 -25.19 4.04
N ILE G 390 -21.27 -25.39 2.78
CA ILE G 390 -20.21 -26.35 2.45
C ILE G 390 -18.89 -25.91 3.06
N ALA G 391 -18.57 -24.61 2.93
CA ALA G 391 -17.32 -24.10 3.48
C ALA G 391 -17.30 -24.18 5.00
N ASP G 392 -18.41 -23.84 5.65
CA ASP G 392 -18.41 -23.74 7.10
C ASP G 392 -18.48 -25.11 7.76
N TYR G 393 -19.34 -26.00 7.27
CA TYR G 393 -19.64 -27.25 7.97
C TYR G 393 -19.17 -28.50 7.26
N ASN G 394 -18.72 -28.42 6.00
CA ASN G 394 -18.33 -29.61 5.26
C ASN G 394 -16.85 -29.63 4.91
N TYR G 395 -16.35 -28.63 4.19
CA TYR G 395 -14.97 -28.59 3.75
C TYR G 395 -14.46 -27.16 3.83
N LYS G 396 -13.37 -26.96 4.58
CA LYS G 396 -12.82 -25.63 4.80
C LYS G 396 -11.42 -25.56 4.23
N LEU G 397 -11.19 -24.56 3.38
CA LEU G 397 -9.86 -24.29 2.84
C LEU G 397 -9.18 -23.24 3.69
N PRO G 398 -7.99 -23.48 4.22
CA PRO G 398 -7.30 -22.46 5.03
C PRO G 398 -7.01 -21.23 4.20
N ASP G 399 -6.95 -20.08 4.89
CA ASP G 399 -6.68 -18.82 4.20
C ASP G 399 -5.30 -18.83 3.55
N ASP G 400 -4.30 -19.39 4.23
CA ASP G 400 -2.96 -19.54 3.66
C ASP G 400 -2.88 -20.82 2.84
N PHE G 401 -3.70 -20.88 1.80
CA PHE G 401 -3.82 -22.06 0.95
C PHE G 401 -2.96 -21.91 -0.29
N THR G 402 -2.00 -22.81 -0.45
CA THR G 402 -1.26 -22.97 -1.68
C THR G 402 -1.75 -24.24 -2.34
N GLY G 403 -2.37 -24.11 -3.51
CA GLY G 403 -2.90 -25.27 -4.18
C GLY G 403 -4.00 -24.87 -5.16
N CYS G 404 -4.53 -25.89 -5.82
CA CYS G 404 -5.48 -25.69 -6.91
C CYS G 404 -6.77 -26.42 -6.62
N VAL G 405 -7.88 -25.89 -7.13
CA VAL G 405 -9.18 -26.52 -7.03
C VAL G 405 -9.67 -26.82 -8.45
N ILE G 406 -9.98 -28.09 -8.71
CA ILE G 406 -10.52 -28.53 -9.98
C ILE G 406 -11.97 -28.93 -9.75
N ALA G 407 -12.88 -28.31 -10.48
CA ALA G 407 -14.29 -28.65 -10.36
C ALA G 407 -14.88 -28.86 -11.75
N TRP G 408 -15.52 -30.01 -11.95
CA TRP G 408 -16.11 -30.29 -13.25
C TRP G 408 -17.48 -30.92 -13.08
N ASN G 409 -18.35 -30.69 -14.05
CA ASN G 409 -19.72 -31.19 -13.98
C ASN G 409 -19.73 -32.71 -14.08
N SER G 410 -20.45 -33.36 -13.16
CA SER G 410 -20.58 -34.81 -13.13
C SER G 410 -22.05 -35.22 -13.17
N ASN G 411 -22.86 -34.50 -13.93
CA ASN G 411 -24.27 -34.85 -14.06
C ASN G 411 -24.44 -36.23 -14.65
N LYS G 412 -23.52 -36.64 -15.53
CA LYS G 412 -23.65 -37.92 -16.21
C LYS G 412 -23.46 -39.09 -15.25
N LEU G 413 -22.49 -38.99 -14.35
CA LEU G 413 -22.15 -40.10 -13.46
C LEU G 413 -22.73 -39.97 -12.06
N ASP G 414 -23.24 -38.80 -11.68
CA ASP G 414 -23.68 -38.57 -10.31
C ASP G 414 -25.15 -38.19 -10.20
N SER G 415 -25.91 -38.21 -11.28
CA SER G 415 -27.32 -37.83 -11.26
C SER G 415 -28.17 -39.03 -11.66
N LYS G 416 -29.27 -39.22 -10.95
CA LYS G 416 -30.24 -40.26 -11.27
C LYS G 416 -31.59 -39.61 -11.52
N VAL G 417 -32.33 -40.17 -12.48
CA VAL G 417 -33.65 -39.63 -12.82
C VAL G 417 -34.59 -39.73 -11.63
N SER G 418 -34.60 -40.88 -10.95
CA SER G 418 -35.33 -41.00 -9.71
C SER G 418 -34.68 -40.17 -8.60
N GLY G 419 -33.36 -40.08 -8.62
CA GLY G 419 -32.63 -39.27 -7.66
C GLY G 419 -31.43 -40.00 -7.07
N ASN G 420 -30.35 -39.24 -6.83
CA ASN G 420 -29.13 -39.78 -6.24
C ASN G 420 -29.04 -39.30 -4.80
N TYR G 421 -29.30 -40.19 -3.86
CA TYR G 421 -29.29 -39.87 -2.44
C TYR G 421 -28.02 -40.31 -1.73
N ASN G 422 -27.03 -40.84 -2.46
CA ASN G 422 -25.81 -41.31 -1.83
C ASN G 422 -25.00 -40.15 -1.26
N TYR G 423 -24.98 -39.02 -1.96
CA TYR G 423 -24.14 -37.89 -1.58
C TYR G 423 -24.83 -37.07 -0.49
N LEU G 424 -24.16 -36.93 0.65
CA LEU G 424 -24.69 -36.25 1.82
C LEU G 424 -23.85 -35.02 2.12
N TYR G 425 -24.49 -33.91 2.44
CA TYR G 425 -23.80 -32.71 2.90
C TYR G 425 -24.29 -32.37 4.29
N ARG G 426 -23.37 -32.00 5.18
CA ARG G 426 -23.77 -31.54 6.50
C ARG G 426 -24.31 -30.12 6.43
N LEU G 427 -25.49 -29.92 7.01
CA LEU G 427 -26.15 -28.62 6.97
C LEU G 427 -26.12 -27.89 8.31
N PHE G 428 -25.95 -28.60 9.42
CA PHE G 428 -25.99 -28.00 10.75
C PHE G 428 -24.89 -28.59 11.60
N ARG G 429 -24.16 -27.72 12.31
CA ARG G 429 -23.10 -28.14 13.21
C ARG G 429 -23.00 -27.16 14.36
N LYS G 430 -22.41 -27.61 15.47
CA LYS G 430 -22.25 -26.75 16.63
C LYS G 430 -21.37 -25.54 16.32
N SER G 431 -20.26 -25.76 15.61
CA SER G 431 -19.32 -24.70 15.31
C SER G 431 -18.77 -24.90 13.91
N ASN G 432 -18.20 -23.81 13.36
CA ASN G 432 -17.57 -23.89 12.06
C ASN G 432 -16.37 -24.83 12.09
N LEU G 433 -16.17 -25.55 11.00
CA LEU G 433 -15.03 -26.47 10.91
C LEU G 433 -13.73 -25.70 10.84
N LYS G 434 -12.70 -26.25 11.48
CA LYS G 434 -11.35 -25.77 11.27
C LYS G 434 -10.85 -26.25 9.91
N PRO G 435 -9.88 -25.56 9.33
CA PRO G 435 -9.42 -25.93 7.98
C PRO G 435 -8.87 -27.35 7.93
N PHE G 436 -9.18 -28.04 6.83
CA PHE G 436 -8.65 -29.37 6.54
C PHE G 436 -8.95 -30.38 7.65
N GLU G 437 -10.19 -30.34 8.15
CA GLU G 437 -10.67 -31.34 9.10
C GLU G 437 -11.93 -31.98 8.55
N ARG G 438 -11.97 -33.31 8.56
CA ARG G 438 -13.12 -34.06 8.07
C ARG G 438 -14.01 -34.42 9.25
N ASP G 439 -15.29 -34.03 9.17
CA ASP G 439 -16.26 -34.32 10.21
C ASP G 439 -17.24 -35.37 9.70
N ILE G 440 -17.30 -36.51 10.39
CA ILE G 440 -18.20 -37.59 10.03
C ILE G 440 -19.27 -37.79 11.11
N SER G 441 -19.59 -36.73 11.85
CA SER G 441 -20.57 -36.83 12.93
C SER G 441 -21.94 -37.19 12.39
N THR G 442 -22.57 -38.17 13.04
CA THR G 442 -23.94 -38.56 12.74
C THR G 442 -24.89 -38.27 13.90
N GLU G 443 -24.41 -37.66 14.97
CA GLU G 443 -25.24 -37.39 16.13
C GLU G 443 -26.27 -36.31 15.82
N ILE G 444 -27.47 -36.46 16.40
CA ILE G 444 -28.52 -35.47 16.22
C ILE G 444 -28.06 -34.15 16.82
N TYR G 445 -28.28 -33.06 16.07
CA TYR G 445 -27.91 -31.73 16.53
C TYR G 445 -28.88 -31.27 17.60
N GLN G 446 -28.38 -31.12 18.83
CA GLN G 446 -29.19 -30.66 19.95
C GLN G 446 -29.21 -29.13 19.94
N ALA G 447 -29.98 -28.58 19.01
CA ALA G 447 -30.09 -27.13 18.89
C ALA G 447 -30.72 -26.53 20.14
N GLY G 448 -31.78 -27.15 20.64
CA GLY G 448 -32.38 -26.68 21.88
C GLY G 448 -31.55 -27.06 23.10
N ASN G 449 -31.73 -26.29 24.17
CA ASN G 449 -31.04 -26.61 25.42
C ASN G 449 -31.48 -27.95 25.97
N LYS G 450 -32.77 -28.27 25.83
CA LYS G 450 -33.25 -29.59 26.23
C LYS G 450 -32.67 -30.65 25.29
N PRO G 451 -32.50 -31.88 25.78
CA PRO G 451 -31.80 -32.90 24.98
C PRO G 451 -32.53 -33.23 23.70
N CYS G 452 -31.75 -33.56 22.66
CA CYS G 452 -32.26 -34.07 21.38
C CYS G 452 -31.55 -35.40 21.11
N ASN G 453 -32.05 -36.48 21.71
CA ASN G 453 -31.48 -37.81 21.50
C ASN G 453 -32.33 -38.57 20.49
N GLY G 454 -32.19 -38.18 19.22
CA GLY G 454 -32.92 -38.83 18.16
C GLY G 454 -34.40 -38.52 18.12
N VAL G 455 -34.86 -37.53 18.90
CA VAL G 455 -36.29 -37.22 18.96
C VAL G 455 -36.78 -36.69 17.62
N ALA G 456 -35.96 -35.89 16.95
CA ALA G 456 -36.30 -35.28 15.67
C ALA G 456 -37.53 -34.37 15.78
N GLY G 457 -37.73 -33.76 16.95
CA GLY G 457 -38.76 -32.77 17.15
C GLY G 457 -38.29 -31.39 16.76
N PHE G 458 -39.04 -30.39 17.22
CA PHE G 458 -38.60 -29.02 17.02
C PHE G 458 -37.28 -28.79 17.75
N ASN G 459 -36.32 -28.18 17.04
CA ASN G 459 -34.94 -27.95 17.45
C ASN G 459 -34.15 -29.26 17.50
N CYS G 460 -34.70 -30.37 17.02
CA CYS G 460 -34.01 -31.65 16.97
C CYS G 460 -34.05 -32.16 15.54
N TYR G 461 -32.88 -32.36 14.93
CA TYR G 461 -32.83 -32.77 13.53
C TYR G 461 -31.50 -33.42 13.20
N PHE G 462 -31.52 -34.27 12.16
CA PHE G 462 -30.34 -34.97 11.71
C PHE G 462 -29.37 -33.98 11.04
N PRO G 463 -28.06 -34.14 11.23
CA PRO G 463 -27.13 -33.16 10.64
C PRO G 463 -26.94 -33.31 9.14
N LEU G 464 -26.82 -34.54 8.64
CA LEU G 464 -26.52 -34.78 7.23
C LEU G 464 -27.81 -34.80 6.41
N ARG G 465 -27.81 -34.08 5.29
CA ARG G 465 -28.93 -34.03 4.38
C ARG G 465 -28.48 -34.48 2.99
N SER G 466 -29.32 -35.28 2.34
CA SER G 466 -28.99 -35.79 1.02
C SER G 466 -29.14 -34.71 -0.04
N TYR G 467 -28.24 -34.73 -1.03
CA TYR G 467 -28.35 -33.79 -2.15
C TYR G 467 -29.55 -34.10 -3.02
N SER G 468 -29.81 -35.39 -3.27
CA SER G 468 -30.88 -35.82 -4.18
C SER G 468 -30.67 -35.26 -5.59
N PHE G 469 -29.48 -35.46 -6.13
CA PHE G 469 -29.18 -34.98 -7.47
C PHE G 469 -30.09 -35.63 -8.50
N ARG G 470 -30.58 -34.81 -9.43
CA ARG G 470 -31.34 -35.28 -10.57
C ARG G 470 -30.86 -34.57 -11.82
N PRO G 471 -30.84 -35.25 -12.96
CA PRO G 471 -30.46 -34.57 -14.21
C PRO G 471 -31.41 -33.46 -14.59
N THR G 472 -32.67 -33.53 -14.13
CA THR G 472 -33.63 -32.49 -14.43
C THR G 472 -33.27 -31.17 -13.77
N TYR G 473 -32.45 -31.20 -12.72
CA TYR G 473 -32.06 -29.99 -12.04
C TYR G 473 -31.24 -29.07 -12.95
N GLY G 474 -31.20 -27.79 -12.58
CA GLY G 474 -30.41 -26.84 -13.32
C GLY G 474 -28.93 -27.04 -13.11
N VAL G 475 -28.14 -26.34 -13.93
CA VAL G 475 -26.69 -26.49 -13.88
C VAL G 475 -26.15 -26.14 -12.51
N GLY G 476 -26.71 -25.11 -11.87
CA GLY G 476 -26.30 -24.76 -10.53
C GLY G 476 -26.56 -25.88 -9.53
N HIS G 477 -27.67 -26.59 -9.70
CA HIS G 477 -28.00 -27.70 -8.81
C HIS G 477 -27.47 -29.04 -9.29
N GLN G 478 -26.88 -29.10 -10.49
CA GLN G 478 -26.29 -30.34 -10.95
C GLN G 478 -25.03 -30.66 -10.16
N PRO G 479 -24.70 -31.94 -9.98
CA PRO G 479 -23.52 -32.31 -9.20
C PRO G 479 -22.23 -31.89 -9.89
N TYR G 480 -21.24 -31.52 -9.08
CA TYR G 480 -19.92 -31.15 -9.55
C TYR G 480 -18.91 -31.90 -8.70
N ARG G 481 -17.94 -32.53 -9.37
CA ARG G 481 -16.87 -33.25 -8.70
C ARG G 481 -15.70 -32.29 -8.52
N VAL G 482 -15.24 -32.17 -7.27
CA VAL G 482 -14.19 -31.23 -6.89
C VAL G 482 -13.01 -32.02 -6.33
N VAL G 483 -11.84 -31.80 -6.92
CA VAL G 483 -10.57 -32.30 -6.41
C VAL G 483 -9.72 -31.10 -6.03
N VAL G 484 -9.32 -31.03 -4.77
CA VAL G 484 -8.50 -29.95 -4.25
C VAL G 484 -7.10 -30.51 -4.06
N LEU G 485 -6.15 -30.00 -4.86
CA LEU G 485 -4.74 -30.37 -4.72
C LEU G 485 -4.08 -29.36 -3.81
N SER G 486 -3.69 -29.81 -2.61
CA SER G 486 -3.08 -28.97 -1.60
C SER G 486 -1.63 -29.39 -1.44
N PHE G 487 -0.72 -28.43 -1.61
CA PHE G 487 0.70 -28.71 -1.61
C PHE G 487 1.49 -27.56 -1.00
N GLU G 488 2.66 -27.90 -0.49
CA GLU G 488 3.57 -26.96 0.15
C GLU G 488 4.71 -26.65 -0.80
N LEU G 489 4.90 -25.37 -1.09
CA LEU G 489 6.03 -24.92 -1.91
C LEU G 489 7.24 -24.51 -1.08
N LEU G 490 7.12 -24.48 0.25
CA LEU G 490 8.28 -24.22 1.08
C LEU G 490 9.33 -25.30 0.83
N HIS G 491 10.55 -24.89 0.55
CA HIS G 491 11.56 -25.81 0.06
C HIS G 491 11.96 -26.81 1.15
N ALA G 492 12.02 -28.08 0.77
CA ALA G 492 12.28 -29.22 1.63
C ALA G 492 12.57 -30.39 0.70
N PRO G 493 12.91 -31.58 1.21
CA PRO G 493 12.97 -32.74 0.31
C PRO G 493 11.65 -32.91 -0.44
N ALA G 494 11.72 -32.86 -1.76
CA ALA G 494 10.54 -32.81 -2.61
C ALA G 494 10.24 -34.20 -3.14
N THR G 495 9.17 -34.80 -2.62
CA THR G 495 8.75 -36.11 -3.09
C THR G 495 8.07 -36.03 -4.46
N VAL G 496 7.36 -34.94 -4.71
CA VAL G 496 6.60 -34.76 -5.94
C VAL G 496 7.25 -33.65 -6.76
N CYS G 497 7.48 -33.93 -8.04
CA CYS G 497 8.11 -32.97 -8.93
C CYS G 497 7.47 -33.08 -10.31
N GLY G 498 7.59 -31.99 -11.09
CA GLY G 498 7.07 -31.96 -12.43
C GLY G 498 7.93 -32.72 -13.40
N PRO G 499 7.42 -32.95 -14.61
CA PRO G 499 8.18 -33.70 -15.63
C PRO G 499 9.26 -32.86 -16.31
N LYS G 500 10.35 -32.65 -15.60
CA LYS G 500 11.48 -31.88 -16.09
C LYS G 500 12.72 -32.75 -16.15
N LYS G 501 13.37 -32.78 -17.31
CA LYS G 501 14.60 -33.54 -17.46
C LYS G 501 15.76 -32.84 -16.74
N SER G 502 16.57 -33.63 -16.06
CA SER G 502 17.69 -33.12 -15.27
C SER G 502 18.96 -33.20 -16.10
N THR G 503 19.63 -32.07 -16.29
CA THR G 503 20.88 -32.03 -17.01
C THR G 503 22.04 -32.40 -16.10
N ASN G 504 23.24 -32.41 -16.67
CA ASN G 504 24.43 -32.72 -15.89
C ASN G 504 24.78 -31.57 -14.95
N LEU G 505 25.50 -31.91 -13.89
CA LEU G 505 25.90 -30.93 -12.88
C LEU G 505 27.27 -30.40 -13.21
N VAL G 506 27.36 -29.11 -13.52
CA VAL G 506 28.62 -28.45 -13.84
C VAL G 506 29.01 -27.57 -12.66
N LYS G 507 30.28 -27.66 -12.26
CA LYS G 507 30.79 -26.98 -11.09
C LYS G 507 31.91 -26.02 -11.48
N ASN G 508 32.09 -24.99 -10.64
CA ASN G 508 33.15 -23.97 -10.75
C ASN G 508 32.95 -23.04 -11.93
N LYS G 509 31.74 -22.96 -12.49
CA LYS G 509 31.47 -22.05 -13.60
C LYS G 509 30.19 -21.29 -13.32
N CYS G 510 30.08 -20.11 -13.92
CA CYS G 510 28.89 -19.28 -13.78
C CYS G 510 27.78 -19.82 -14.68
N VAL G 511 26.72 -20.34 -14.06
CA VAL G 511 25.64 -20.97 -14.79
C VAL G 511 24.31 -20.56 -14.15
N ASN G 512 23.25 -20.64 -14.94
CA ASN G 512 21.90 -20.67 -14.39
C ASN G 512 21.61 -22.07 -13.88
N PHE G 513 20.96 -22.17 -12.74
CA PHE G 513 20.68 -23.45 -12.11
C PHE G 513 19.23 -23.52 -11.68
N ASN G 514 18.68 -24.73 -11.74
CA ASN G 514 17.32 -25.02 -11.28
C ASN G 514 17.36 -26.28 -10.44
N PHE G 515 17.38 -26.11 -9.12
CA PHE G 515 17.45 -27.22 -8.17
C PHE G 515 16.08 -27.40 -7.53
N ASN G 516 15.34 -28.40 -8.02
CA ASN G 516 14.03 -28.76 -7.47
C ASN G 516 13.08 -27.56 -7.45
N GLY G 517 13.11 -26.77 -8.52
CA GLY G 517 12.28 -25.59 -8.62
C GLY G 517 12.92 -24.33 -8.09
N LEU G 518 14.07 -24.43 -7.44
CA LEU G 518 14.81 -23.27 -6.96
C LEU G 518 15.68 -22.76 -8.11
N LYS G 519 15.32 -21.61 -8.67
CA LYS G 519 16.00 -21.06 -9.83
C LYS G 519 16.93 -19.94 -9.40
N GLY G 520 18.13 -19.93 -9.98
CA GLY G 520 19.09 -18.89 -9.65
C GLY G 520 20.21 -18.84 -10.67
N THR G 521 21.11 -17.89 -10.46
CA THR G 521 22.32 -17.75 -11.27
C THR G 521 23.52 -17.66 -10.34
N GLY G 522 24.56 -18.44 -10.63
CA GLY G 522 25.73 -18.41 -9.78
C GLY G 522 26.72 -19.48 -10.15
N VAL G 523 27.70 -19.67 -9.26
CA VAL G 523 28.75 -20.66 -9.41
C VAL G 523 28.57 -21.68 -8.29
N LEU G 524 28.47 -22.95 -8.66
CA LEU G 524 28.36 -24.03 -7.72
C LEU G 524 29.73 -24.63 -7.46
N THR G 525 30.09 -24.75 -6.19
CA THR G 525 31.38 -25.32 -5.82
C THR G 525 31.18 -26.38 -4.76
N GLU G 526 32.11 -27.33 -4.69
CA GLU G 526 32.06 -28.30 -3.60
C GLU G 526 32.18 -27.59 -2.27
N SER G 527 31.26 -27.92 -1.36
CA SER G 527 31.11 -27.19 -0.11
C SER G 527 31.60 -28.02 1.05
N ASN G 528 32.36 -27.38 1.95
CA ASN G 528 32.82 -28.01 3.17
C ASN G 528 31.80 -27.91 4.30
N LYS G 529 30.64 -27.30 4.05
CA LYS G 529 29.62 -27.17 5.09
C LYS G 529 29.16 -28.54 5.57
N LYS G 530 29.05 -28.69 6.89
CA LYS G 530 28.65 -29.94 7.52
C LYS G 530 27.13 -29.98 7.67
N PHE G 531 26.45 -30.20 6.55
CA PHE G 531 25.00 -30.30 6.61
C PHE G 531 24.60 -31.56 7.34
N LEU G 532 23.43 -31.51 7.97
CA LEU G 532 22.81 -32.71 8.49
C LEU G 532 22.25 -33.52 7.31
N PRO G 533 22.23 -34.85 7.42
CA PRO G 533 21.75 -35.66 6.28
C PRO G 533 20.31 -35.37 5.87
N PHE G 534 19.54 -34.68 6.70
CA PHE G 534 18.17 -34.32 6.34
C PHE G 534 18.03 -32.81 6.08
N GLN G 535 19.13 -32.06 6.08
CA GLN G 535 19.11 -30.63 5.77
C GLN G 535 19.25 -30.46 4.27
N GLN G 536 18.16 -30.01 3.62
CA GLN G 536 18.15 -29.92 2.16
C GLN G 536 19.01 -28.77 1.66
N PHE G 537 18.92 -27.59 2.28
CA PHE G 537 19.56 -26.40 1.76
C PHE G 537 19.92 -25.46 2.89
N GLY G 538 20.73 -24.46 2.57
CA GLY G 538 21.13 -23.45 3.53
C GLY G 538 20.84 -22.03 3.08
N ARG G 539 20.44 -21.17 4.01
CA ARG G 539 20.18 -19.76 3.72
C ARG G 539 21.20 -18.89 4.43
N ASP G 540 21.44 -17.71 3.85
CA ASP G 540 22.30 -16.71 4.47
C ASP G 540 21.46 -15.78 5.34
N ILE G 541 22.04 -14.65 5.75
CA ILE G 541 21.34 -13.72 6.65
C ILE G 541 20.08 -13.19 6.00
N ALA G 542 20.13 -12.84 4.72
CA ALA G 542 19.00 -12.25 4.03
C ALA G 542 17.97 -13.27 3.56
N ASP G 543 17.99 -14.48 4.12
CA ASP G 543 17.08 -15.57 3.73
C ASP G 543 17.20 -15.88 2.24
N THR G 544 18.44 -15.84 1.73
CA THR G 544 18.74 -16.20 0.36
C THR G 544 19.54 -17.49 0.36
N THR G 545 19.15 -18.44 -0.48
CA THR G 545 19.82 -19.73 -0.51
C THR G 545 21.27 -19.56 -0.94
N ASP G 546 22.18 -20.00 -0.07
CA ASP G 546 23.61 -19.97 -0.37
C ASP G 546 24.24 -21.35 -0.47
N ALA G 547 23.52 -22.41 -0.11
CA ALA G 547 24.02 -23.76 -0.31
C ALA G 547 22.83 -24.68 -0.54
N VAL G 548 23.04 -25.73 -1.31
CA VAL G 548 21.97 -26.62 -1.72
C VAL G 548 22.51 -28.05 -1.83
N ARG G 549 21.64 -29.02 -1.58
CA ARG G 549 21.98 -30.43 -1.72
C ARG G 549 21.43 -30.94 -3.04
N ASP G 550 22.30 -31.53 -3.86
CA ASP G 550 21.88 -31.99 -5.18
C ASP G 550 20.86 -33.12 -5.01
N PRO G 551 19.70 -33.03 -5.68
CA PRO G 551 18.66 -34.06 -5.46
C PRO G 551 19.09 -35.46 -5.83
N GLN G 552 19.90 -35.63 -6.87
CA GLN G 552 20.29 -36.97 -7.29
C GLN G 552 21.49 -37.48 -6.52
N THR G 553 22.58 -36.72 -6.53
CA THR G 553 23.84 -37.19 -5.96
C THR G 553 23.97 -36.93 -4.46
N LEU G 554 23.09 -36.11 -3.90
CA LEU G 554 23.16 -35.73 -2.48
C LEU G 554 24.53 -35.13 -2.14
N GLU G 555 25.07 -34.34 -3.07
CA GLU G 555 26.38 -33.70 -2.90
C GLU G 555 26.16 -32.23 -2.58
N ILE G 556 26.84 -31.75 -1.54
CA ILE G 556 26.53 -30.43 -1.01
C ILE G 556 27.27 -29.39 -1.83
N LEU G 557 26.57 -28.34 -2.26
CA LEU G 557 27.10 -27.36 -3.19
C LEU G 557 26.90 -25.96 -2.64
N ASP G 558 27.98 -25.18 -2.61
CA ASP G 558 27.90 -23.76 -2.30
C ASP G 558 27.57 -22.97 -3.55
N ILE G 559 26.70 -21.97 -3.39
CA ILE G 559 26.27 -21.09 -4.48
C ILE G 559 26.89 -19.73 -4.22
N THR G 560 27.79 -19.30 -5.09
CA THR G 560 28.37 -17.97 -4.99
C THR G 560 27.98 -17.16 -6.22
N PRO G 561 27.45 -15.95 -6.05
CA PRO G 561 27.03 -15.17 -7.21
C PRO G 561 28.20 -14.92 -8.15
N CYS G 562 27.89 -14.87 -9.44
CA CYS G 562 28.93 -14.73 -10.45
C CYS G 562 29.67 -13.41 -10.27
N SER G 563 30.92 -13.38 -10.70
CA SER G 563 31.80 -12.25 -10.43
C SER G 563 31.18 -10.95 -10.92
N PHE G 564 31.15 -9.95 -10.04
CA PHE G 564 30.52 -8.67 -10.34
C PHE G 564 31.27 -7.58 -9.61
N GLY G 565 31.16 -6.36 -10.13
CA GLY G 565 31.83 -5.24 -9.49
C GLY G 565 31.48 -3.94 -10.17
N GLY G 566 31.91 -2.85 -9.54
CA GLY G 566 31.67 -1.54 -10.10
C GLY G 566 32.73 -1.15 -11.10
N VAL G 567 32.32 -0.35 -12.10
CA VAL G 567 33.21 0.17 -13.12
C VAL G 567 33.14 1.68 -13.07
N SER G 568 34.30 2.32 -12.96
CA SER G 568 34.39 3.77 -12.95
C SER G 568 35.22 4.23 -14.14
N VAL G 569 34.77 5.28 -14.81
CA VAL G 569 35.45 5.79 -15.99
C VAL G 569 36.10 7.13 -15.64
N ILE G 570 37.43 7.15 -15.70
CA ILE G 570 38.21 8.37 -15.49
C ILE G 570 38.39 9.04 -16.84
N THR G 571 37.84 10.23 -16.99
CA THR G 571 37.95 10.98 -18.23
C THR G 571 38.56 12.34 -17.96
N PRO G 572 39.48 12.81 -18.82
CA PRO G 572 40.00 14.18 -18.67
C PRO G 572 39.02 15.25 -19.11
N GLY G 573 37.87 14.87 -19.65
CA GLY G 573 36.94 15.82 -20.23
C GLY G 573 36.87 15.66 -21.73
N THR G 574 35.64 15.57 -22.27
CA THR G 574 35.48 15.35 -23.71
C THR G 574 36.02 16.53 -24.52
N ASN G 575 36.06 17.72 -23.93
CA ASN G 575 36.70 18.85 -24.60
C ASN G 575 38.19 18.61 -24.77
N THR G 576 38.84 18.07 -23.73
CA THR G 576 40.28 17.85 -23.79
C THR G 576 40.62 16.67 -24.70
N SER G 577 39.93 15.54 -24.50
CA SER G 577 40.26 14.32 -25.22
C SER G 577 39.12 13.33 -25.10
N ASN G 578 39.15 12.31 -25.95
CA ASN G 578 38.23 11.18 -25.87
C ASN G 578 38.85 9.97 -25.19
N GLN G 579 40.10 10.09 -24.74
CA GLN G 579 40.75 9.00 -24.01
C GLN G 579 40.13 8.83 -22.64
N VAL G 580 40.07 7.59 -22.16
CA VAL G 580 39.54 7.27 -20.85
C VAL G 580 40.42 6.21 -20.19
N ALA G 581 40.25 6.08 -18.88
CA ALA G 581 40.79 4.98 -18.11
C ALA G 581 39.64 4.32 -17.37
N VAL G 582 39.79 3.04 -17.06
CA VAL G 582 38.73 2.27 -16.41
C VAL G 582 39.26 1.70 -15.10
N LEU G 583 38.58 2.02 -14.00
CA LEU G 583 38.87 1.42 -12.72
C LEU G 583 37.82 0.35 -12.44
N TYR G 584 38.27 -0.89 -12.33
CA TYR G 584 37.42 -1.98 -11.87
C TYR G 584 37.58 -2.06 -10.36
N GLN G 585 36.50 -1.78 -9.63
CA GLN G 585 36.59 -1.54 -8.20
C GLN G 585 36.56 -2.84 -7.41
N GLY G 586 37.45 -2.95 -6.42
CA GLY G 586 37.42 -4.04 -5.46
C GLY G 586 37.70 -5.41 -6.03
N VAL G 587 38.50 -5.49 -7.08
CA VAL G 587 38.92 -6.76 -7.67
C VAL G 587 40.39 -6.66 -8.01
N ASN G 588 41.12 -7.76 -7.90
CA ASN G 588 42.42 -7.80 -8.55
C ASN G 588 42.23 -8.02 -10.04
N CYS G 589 43.02 -7.28 -10.82
CA CYS G 589 42.95 -7.44 -12.27
C CYS G 589 43.76 -8.62 -12.78
N THR G 590 44.16 -9.53 -11.89
CA THR G 590 44.25 -10.93 -12.29
C THR G 590 42.87 -11.49 -12.62
N GLU G 591 41.82 -10.89 -12.05
CA GLU G 591 40.45 -11.38 -12.17
C GLU G 591 39.49 -10.38 -12.83
N VAL G 592 40.02 -9.40 -13.55
CA VAL G 592 39.19 -8.49 -14.35
C VAL G 592 38.52 -9.26 -15.49
N PRO G 593 37.33 -8.84 -15.94
CA PRO G 593 36.70 -9.44 -17.11
C PRO G 593 37.71 -9.79 -18.21
N VAL G 594 37.79 -11.08 -18.51
CA VAL G 594 38.62 -11.58 -19.61
C VAL G 594 37.69 -12.19 -20.65
N ALA G 595 36.46 -11.66 -20.71
CA ALA G 595 35.46 -12.19 -21.63
C ALA G 595 35.93 -12.05 -23.07
N ILE G 596 35.83 -13.14 -23.82
CA ILE G 596 36.21 -13.16 -25.23
C ILE G 596 35.01 -13.13 -26.15
N HIS G 597 33.80 -13.28 -25.61
CA HIS G 597 32.57 -13.24 -26.38
C HIS G 597 31.61 -12.25 -25.73
N ALA G 598 30.79 -11.59 -26.56
CA ALA G 598 29.90 -10.55 -26.06
C ALA G 598 28.90 -11.09 -25.05
N ASP G 599 28.58 -12.38 -25.13
CA ASP G 599 27.57 -12.94 -24.23
C ASP G 599 28.09 -13.12 -22.82
N GLN G 600 29.41 -13.29 -22.67
CA GLN G 600 29.95 -13.75 -21.39
C GLN G 600 29.88 -12.69 -20.30
N LEU G 601 29.87 -11.40 -20.65
CA LEU G 601 29.88 -10.37 -19.62
C LEU G 601 29.16 -9.12 -20.13
N THR G 602 28.56 -8.38 -19.18
CA THR G 602 27.53 -7.41 -19.55
C THR G 602 28.08 -6.20 -20.30
N PRO G 603 29.13 -5.52 -19.84
CA PRO G 603 29.73 -4.49 -20.70
C PRO G 603 30.32 -5.14 -21.95
N THR G 604 29.85 -4.71 -23.12
CA THR G 604 30.30 -5.26 -24.38
C THR G 604 31.59 -4.62 -24.87
N TRP G 605 32.11 -3.65 -24.13
CA TRP G 605 33.42 -3.05 -24.34
C TRP G 605 34.51 -3.82 -23.60
N ARG G 606 35.12 -4.74 -24.36
CA ARG G 606 36.27 -5.49 -23.85
C ARG G 606 37.60 -4.79 -24.11
N VAL G 607 37.63 -3.80 -25.00
CA VAL G 607 38.90 -3.24 -25.48
C VAL G 607 39.70 -2.57 -24.38
N TYR G 608 39.05 -2.14 -23.31
CA TYR G 608 39.71 -1.54 -22.16
C TYR G 608 39.87 -2.53 -21.01
N SER G 609 40.01 -3.82 -21.31
CA SER G 609 40.21 -4.86 -20.31
C SER G 609 41.51 -5.60 -20.60
N THR G 610 42.35 -5.74 -19.59
CA THR G 610 43.68 -6.36 -19.72
C THR G 610 44.48 -5.70 -20.83
N GLY G 611 44.48 -4.38 -20.83
CA GLY G 611 45.14 -3.60 -21.85
C GLY G 611 46.63 -3.45 -21.59
N SER G 612 47.25 -2.56 -22.38
CA SER G 612 48.68 -2.32 -22.24
C SER G 612 49.02 -1.66 -20.91
N ASN G 613 48.20 -0.70 -20.47
CA ASN G 613 48.44 0.02 -19.23
C ASN G 613 47.57 -0.58 -18.13
N VAL G 614 48.19 -1.32 -17.22
CA VAL G 614 47.49 -2.01 -16.13
C VAL G 614 48.23 -1.74 -14.84
N PHE G 615 47.52 -1.20 -13.85
CA PHE G 615 48.10 -0.88 -12.55
C PHE G 615 47.13 -1.30 -11.45
N GLN G 616 47.65 -1.94 -10.41
CA GLN G 616 46.81 -2.40 -9.31
C GLN G 616 46.80 -1.39 -8.17
N THR G 617 45.61 -0.96 -7.78
CA THR G 617 45.41 -0.08 -6.64
C THR G 617 44.55 -0.80 -5.60
N ARG G 618 44.51 -0.23 -4.39
CA ARG G 618 43.62 -0.78 -3.37
C ARG G 618 42.17 -0.42 -3.64
N ALA G 619 41.93 0.62 -4.44
CA ALA G 619 40.56 0.94 -4.85
C ALA G 619 40.06 -0.06 -5.90
N GLY G 620 40.98 -0.65 -6.64
CA GLY G 620 40.64 -1.52 -7.74
C GLY G 620 41.84 -1.60 -8.66
N CYS G 621 41.63 -2.16 -9.84
CA CYS G 621 42.70 -2.15 -10.84
C CYS G 621 42.32 -1.20 -11.96
N LEU G 622 43.28 -0.36 -12.34
CA LEU G 622 43.08 0.68 -13.34
C LEU G 622 43.74 0.26 -14.64
N ILE G 623 42.96 0.28 -15.72
CA ILE G 623 43.42 -0.08 -17.06
C ILE G 623 43.28 1.14 -17.95
N GLY G 624 44.36 1.49 -18.64
CA GLY G 624 44.37 2.63 -19.54
C GLY G 624 45.14 3.83 -19.03
N ALA G 625 45.68 3.77 -17.82
CA ALA G 625 46.50 4.85 -17.27
C ALA G 625 47.83 4.28 -16.82
N GLU G 626 48.91 4.96 -17.21
CA GLU G 626 50.26 4.51 -16.89
C GLU G 626 50.66 5.08 -15.53
N TYR G 627 51.08 4.20 -14.63
CA TYR G 627 51.57 4.65 -13.32
C TYR G 627 52.96 5.24 -13.46
N VAL G 628 53.16 6.43 -12.90
CA VAL G 628 54.44 7.11 -12.91
C VAL G 628 54.90 7.30 -11.48
N ASN G 629 56.21 7.13 -11.25
CA ASN G 629 56.76 7.27 -9.92
C ASN G 629 56.80 8.72 -9.43
N ASN G 630 56.59 9.68 -10.32
CA ASN G 630 56.47 11.08 -9.91
C ASN G 630 55.17 11.29 -9.14
N SER G 631 55.18 12.26 -8.24
CA SER G 631 54.02 12.60 -7.43
C SER G 631 53.58 14.02 -7.76
N TYR G 632 52.28 14.20 -7.98
CA TYR G 632 51.70 15.49 -8.33
C TYR G 632 50.51 15.77 -7.42
N GLU G 633 50.02 17.00 -7.48
CA GLU G 633 48.77 17.34 -6.81
C GLU G 633 47.63 16.59 -7.47
N CYS G 634 46.69 16.11 -6.65
CA CYS G 634 45.59 15.29 -7.16
C CYS G 634 44.76 16.07 -8.18
N ASP G 635 44.48 15.43 -9.30
CA ASP G 635 43.65 16.00 -10.35
C ASP G 635 42.30 15.27 -10.45
N ILE G 636 42.33 13.96 -10.63
CA ILE G 636 41.15 13.11 -10.59
C ILE G 636 41.37 12.08 -9.50
N PRO G 637 40.58 12.10 -8.42
CA PRO G 637 40.82 11.15 -7.33
C PRO G 637 40.39 9.74 -7.69
N ILE G 638 41.28 8.78 -7.47
CA ILE G 638 40.96 7.37 -7.64
C ILE G 638 40.81 6.67 -6.30
N GLY G 639 41.68 6.96 -5.35
CA GLY G 639 41.56 6.39 -4.03
C GLY G 639 42.81 5.70 -3.54
N ALA G 640 42.87 5.46 -2.23
CA ALA G 640 44.03 4.85 -1.58
C ALA G 640 45.32 5.61 -1.89
N GLY G 641 45.20 6.92 -2.07
CA GLY G 641 46.33 7.76 -2.37
C GLY G 641 46.69 7.88 -3.83
N ILE G 642 45.96 7.22 -4.73
CA ILE G 642 46.25 7.25 -6.16
C ILE G 642 45.28 8.21 -6.83
N CYS G 643 45.83 9.07 -7.68
CA CYS G 643 45.07 10.02 -8.48
C CYS G 643 45.48 9.87 -9.95
N ALA G 644 44.71 10.49 -10.84
CA ALA G 644 44.96 10.40 -12.27
C ALA G 644 44.92 11.80 -12.88
N SER G 645 45.74 11.99 -13.91
CA SER G 645 45.78 13.26 -14.61
C SER G 645 46.16 13.03 -16.07
N TYR G 646 45.68 13.94 -16.93
CA TYR G 646 45.97 13.88 -18.36
C TYR G 646 47.16 14.80 -18.63
N GLN G 647 48.35 14.22 -18.79
CA GLN G 647 49.58 14.99 -18.85
C GLN G 647 50.37 14.64 -20.10
N THR G 648 51.13 15.63 -20.59
CA THR G 648 51.99 15.40 -21.75
C THR G 648 53.26 14.68 -21.30
N GLN G 649 53.62 13.63 -22.04
CA GLN G 649 54.86 12.90 -21.79
C GLN G 649 55.17 11.95 -22.94
N ALA G 660 55.93 12.56 -27.27
CA ALA G 660 55.39 13.51 -26.31
C ALA G 660 53.87 13.57 -26.42
N SER G 661 53.25 12.44 -26.71
CA SER G 661 51.80 12.38 -26.79
C SER G 661 51.18 12.48 -25.41
N GLN G 662 50.19 13.35 -25.27
CA GLN G 662 49.57 13.56 -23.97
C GLN G 662 48.59 12.44 -23.66
N SER G 663 48.73 11.86 -22.46
CA SER G 663 47.97 10.67 -22.12
C SER G 663 47.60 10.69 -20.64
N ILE G 664 46.74 9.75 -20.26
CA ILE G 664 46.29 9.62 -18.89
C ILE G 664 47.34 8.86 -18.08
N ILE G 665 47.77 9.44 -16.98
CA ILE G 665 48.75 8.84 -16.07
C ILE G 665 48.12 8.72 -14.69
N ALA G 666 48.57 7.71 -13.95
CA ALA G 666 48.19 7.50 -12.57
C ALA G 666 49.41 7.70 -11.69
N TYR G 667 49.20 8.26 -10.50
CA TYR G 667 50.32 8.56 -9.63
C TYR G 667 49.86 8.54 -8.18
N THR G 668 50.83 8.48 -7.28
CA THR G 668 50.59 8.72 -5.87
C THR G 668 50.51 10.22 -5.65
N MET G 669 49.44 10.68 -5.00
CA MET G 669 49.22 12.11 -4.83
C MET G 669 50.30 12.71 -3.93
N SER G 670 50.69 13.93 -4.26
CA SER G 670 51.70 14.65 -3.50
C SER G 670 51.03 15.41 -2.35
N LEU G 671 51.46 15.14 -1.13
CA LEU G 671 50.88 15.82 0.03
C LEU G 671 51.31 17.28 0.07
N GLY G 672 52.50 17.59 -0.43
CA GLY G 672 52.95 18.96 -0.47
C GLY G 672 54.44 19.02 -0.74
N ALA G 673 54.99 20.22 -0.58
CA ALA G 673 56.41 20.46 -0.74
C ALA G 673 57.10 20.28 0.61
N GLU G 674 58.09 19.38 0.65
CA GLU G 674 58.78 19.10 1.89
C GLU G 674 59.59 20.30 2.35
N ASN G 675 59.64 20.51 3.66
CA ASN G 675 60.37 21.62 4.24
C ASN G 675 60.93 21.18 5.58
N SER G 676 62.04 21.79 5.97
CA SER G 676 62.67 21.52 7.26
C SER G 676 62.99 22.86 7.92
N VAL G 677 62.35 23.12 9.05
CA VAL G 677 62.56 24.38 9.76
C VAL G 677 63.88 24.31 10.51
N ALA G 678 64.68 25.38 10.37
CA ALA G 678 66.02 25.41 10.94
C ALA G 678 65.96 25.67 12.45
N TYR G 679 65.46 24.66 13.16
CA TYR G 679 65.34 24.77 14.61
C TYR G 679 66.69 24.77 15.27
N SER G 680 66.84 25.60 16.31
CA SER G 680 68.06 25.66 17.10
C SER G 680 67.70 26.16 18.50
N ASN G 681 68.65 25.99 19.43
CA ASN G 681 68.42 26.46 20.79
C ASN G 681 68.31 27.97 20.87
N ASN G 682 68.96 28.69 19.95
CA ASN G 682 69.12 30.14 20.06
C ASN G 682 68.93 30.85 18.73
N SER G 683 68.24 30.24 17.77
CA SER G 683 68.02 30.84 16.46
C SER G 683 66.55 31.23 16.33
N ILE G 684 66.31 32.46 15.89
CA ILE G 684 64.96 32.96 15.67
C ILE G 684 64.88 33.60 14.29
N ALA G 685 63.75 33.39 13.61
CA ALA G 685 63.50 34.00 12.32
C ALA G 685 62.51 35.15 12.53
N ILE G 686 62.92 36.34 12.15
CA ILE G 686 62.12 37.55 12.34
C ILE G 686 61.76 38.10 10.97
N PRO G 687 60.49 38.43 10.71
CA PRO G 687 60.13 39.00 9.41
C PRO G 687 60.68 40.41 9.26
N THR G 688 61.32 40.67 8.13
CA THR G 688 61.80 42.01 7.81
C THR G 688 60.87 42.76 6.88
N ASN G 689 59.79 42.15 6.42
CA ASN G 689 58.87 42.79 5.49
C ASN G 689 57.51 42.11 5.63
N PHE G 690 56.54 42.60 4.86
CA PHE G 690 55.20 42.04 4.94
C PHE G 690 54.53 42.13 3.56
N THR G 691 53.47 41.35 3.42
CA THR G 691 52.61 41.39 2.25
C THR G 691 51.17 41.57 2.72
N ILE G 692 50.46 42.50 2.08
CA ILE G 692 49.04 42.69 2.32
C ILE G 692 48.30 41.78 1.34
N SER G 693 47.74 40.68 1.84
CA SER G 693 47.14 39.66 1.01
C SER G 693 45.62 39.74 1.11
N VAL G 694 44.96 39.80 -0.04
CA VAL G 694 43.50 39.78 -0.09
C VAL G 694 43.08 38.46 -0.71
N THR G 695 42.31 37.68 0.04
CA THR G 695 41.79 36.41 -0.42
C THR G 695 40.27 36.44 -0.40
N THR G 696 39.65 35.49 -1.09
CA THR G 696 38.21 35.42 -1.16
C THR G 696 37.70 34.16 -0.47
N GLU G 697 36.64 34.32 0.30
CA GLU G 697 35.88 33.20 0.84
C GLU G 697 34.44 33.31 0.36
N ILE G 698 33.92 32.24 -0.22
CA ILE G 698 32.62 32.25 -0.87
C ILE G 698 31.70 31.33 -0.09
N LEU G 699 30.57 31.87 0.37
CA LEU G 699 29.67 31.13 1.24
C LEU G 699 28.24 31.22 0.70
N PRO G 700 27.59 30.09 0.41
CA PRO G 700 26.16 30.12 0.10
C PRO G 700 25.36 30.53 1.33
N VAL G 701 24.43 31.46 1.14
CA VAL G 701 23.58 31.91 2.24
C VAL G 701 22.12 31.51 2.05
N SER G 702 21.67 31.28 0.82
CA SER G 702 20.29 30.91 0.59
C SER G 702 20.21 30.02 -0.64
N MET G 703 19.12 29.26 -0.71
CA MET G 703 18.81 28.43 -1.85
C MET G 703 17.45 28.84 -2.39
N THR G 704 17.14 28.37 -3.59
CA THR G 704 15.89 28.79 -4.24
C THR G 704 14.69 28.30 -3.47
N LYS G 705 13.74 29.19 -3.23
CA LYS G 705 12.48 28.86 -2.58
C LYS G 705 11.56 28.24 -3.63
N THR G 706 11.14 27.01 -3.40
CA THR G 706 10.33 26.26 -4.36
C THR G 706 9.00 25.87 -3.72
N SER G 707 7.94 25.96 -4.53
CA SER G 707 6.62 25.50 -4.14
C SER G 707 6.18 24.42 -5.11
N VAL G 708 5.45 23.43 -4.61
CA VAL G 708 4.98 22.31 -5.41
C VAL G 708 3.46 22.24 -5.29
N ASP G 709 2.79 22.14 -6.44
CA ASP G 709 1.34 21.97 -6.48
C ASP G 709 1.06 20.47 -6.43
N CYS G 710 0.46 20.04 -5.32
CA CYS G 710 0.16 18.62 -5.10
C CYS G 710 -0.61 18.03 -6.28
N THR G 711 -1.83 18.50 -6.49
CA THR G 711 -2.70 17.89 -7.50
C THR G 711 -2.11 18.04 -8.90
N MET G 712 -1.65 19.23 -9.24
CA MET G 712 -1.17 19.47 -10.59
C MET G 712 0.05 18.62 -10.92
N TYR G 713 0.85 18.23 -9.92
CA TYR G 713 1.96 17.33 -10.19
C TYR G 713 1.51 15.88 -10.25
N ILE G 714 0.74 15.43 -9.26
CA ILE G 714 0.33 14.04 -9.24
C ILE G 714 -0.75 13.76 -10.29
N CYS G 715 -1.75 14.64 -10.37
CA CYS G 715 -2.89 14.47 -11.29
C CYS G 715 -3.04 15.77 -12.08
N GLY G 716 -2.32 15.87 -13.19
CA GLY G 716 -2.18 17.14 -13.87
C GLY G 716 -3.51 17.76 -14.26
N ASP G 717 -4.35 17.00 -14.96
CA ASP G 717 -5.66 17.47 -15.37
C ASP G 717 -6.75 16.44 -15.21
N SER G 718 -6.45 15.27 -14.65
CA SER G 718 -7.43 14.21 -14.46
C SER G 718 -8.22 14.49 -13.19
N THR G 719 -9.50 14.86 -13.35
CA THR G 719 -10.35 15.10 -12.20
C THR G 719 -10.57 13.81 -11.41
N GLU G 720 -10.67 12.68 -12.10
CA GLU G 720 -10.81 11.39 -11.43
C GLU G 720 -9.58 11.11 -10.57
N CYS G 721 -8.38 11.41 -11.09
CA CYS G 721 -7.18 11.22 -10.30
C CYS G 721 -7.17 12.14 -9.09
N SER G 722 -7.65 13.37 -9.24
CA SER G 722 -7.73 14.28 -8.09
C SER G 722 -8.66 13.73 -7.02
N ASN G 723 -9.82 13.22 -7.44
CA ASN G 723 -10.76 12.63 -6.49
C ASN G 723 -10.15 11.44 -5.78
N LEU G 724 -9.42 10.59 -6.52
CA LEU G 724 -8.76 9.46 -5.89
C LEU G 724 -7.66 9.91 -4.92
N LEU G 725 -6.92 10.95 -5.30
CA LEU G 725 -5.86 11.46 -4.45
C LEU G 725 -6.41 12.09 -3.17
N LEU G 726 -7.66 12.56 -3.20
CA LEU G 726 -8.27 13.13 -2.01
C LEU G 726 -8.26 12.14 -0.84
N GLN G 727 -8.35 10.84 -1.13
CA GLN G 727 -8.40 9.85 -0.05
C GLN G 727 -7.06 9.69 0.65
N TYR G 728 -5.95 9.98 -0.03
CA TYR G 728 -4.65 9.64 0.53
C TYR G 728 -4.34 10.44 1.79
N GLY G 729 -4.82 11.68 1.86
CA GLY G 729 -4.78 12.39 3.13
C GLY G 729 -3.98 13.67 3.18
N SER G 730 -3.30 13.90 4.30
CA SER G 730 -2.56 15.13 4.55
C SER G 730 -1.09 15.06 4.15
N PHE G 731 -0.76 14.20 3.18
CA PHE G 731 0.63 14.07 2.76
C PHE G 731 1.17 15.37 2.17
N CYS G 732 0.46 15.93 1.19
CA CYS G 732 1.02 17.10 0.52
C CYS G 732 0.66 18.39 1.24
N THR G 733 -0.26 18.33 2.20
CA THR G 733 -0.30 19.40 3.19
C THR G 733 1.02 19.45 3.96
N GLN G 734 1.54 18.28 4.33
CA GLN G 734 2.88 18.21 4.93
C GLN G 734 3.93 18.74 3.98
N LEU G 735 3.82 18.37 2.69
CA LEU G 735 4.82 18.83 1.72
C LEU G 735 4.81 20.35 1.58
N LYS G 736 3.62 20.94 1.47
CA LYS G 736 3.51 22.39 1.39
C LYS G 736 4.03 23.06 2.65
N ARG G 737 3.73 22.49 3.82
CA ARG G 737 4.22 23.05 5.07
C ARG G 737 5.74 23.02 5.14
N ALA G 738 6.34 21.90 4.73
CA ALA G 738 7.80 21.80 4.73
C ALA G 738 8.44 22.77 3.74
N LEU G 739 7.87 22.89 2.54
CA LEU G 739 8.45 23.80 1.55
C LEU G 739 8.30 25.26 1.99
N THR G 740 7.17 25.61 2.63
CA THR G 740 7.00 26.95 3.17
C THR G 740 8.02 27.22 4.28
N GLY G 741 8.26 26.23 5.14
CA GLY G 741 9.29 26.38 6.15
C GLY G 741 10.66 26.62 5.54
N ILE G 742 10.99 25.88 4.48
CA ILE G 742 12.28 26.07 3.81
C ILE G 742 12.38 27.47 3.21
N ALA G 743 11.30 27.96 2.58
CA ALA G 743 11.34 29.28 1.97
C ALA G 743 11.51 30.38 3.01
N VAL G 744 10.74 30.30 4.11
CA VAL G 744 10.89 31.27 5.18
C VAL G 744 12.30 31.19 5.77
N GLU G 745 12.85 29.98 5.85
CA GLU G 745 14.21 29.80 6.34
C GLU G 745 15.23 30.47 5.43
N GLN G 746 15.03 30.39 4.11
CA GLN G 746 15.95 31.07 3.19
C GLN G 746 15.90 32.58 3.37
N ASP G 747 14.69 33.12 3.51
CA ASP G 747 14.57 34.55 3.77
C ASP G 747 15.24 34.94 5.08
N LYS G 748 15.06 34.11 6.12
CA LYS G 748 15.72 34.35 7.40
C LYS G 748 17.23 34.28 7.27
N ASN G 749 17.73 33.34 6.48
CA ASN G 749 19.18 33.21 6.28
C ASN G 749 19.76 34.48 5.66
N THR G 750 19.13 34.98 4.60
CA THR G 750 19.60 36.22 3.99
C THR G 750 19.50 37.38 4.97
N GLN G 751 18.39 37.46 5.73
CA GLN G 751 18.22 38.51 6.72
C GLN G 751 19.34 38.48 7.75
N GLU G 752 19.70 37.29 8.22
CA GLU G 752 20.74 37.17 9.24
C GLU G 752 22.11 37.55 8.69
N VAL G 753 22.42 37.14 7.46
CA VAL G 753 23.74 37.43 6.92
C VAL G 753 23.90 38.92 6.61
N PHE G 754 22.91 39.51 5.95
CA PHE G 754 23.13 40.83 5.34
C PHE G 754 22.52 42.00 6.11
N ALA G 755 21.46 41.77 6.88
CA ALA G 755 20.74 42.87 7.52
C ALA G 755 21.18 43.09 8.97
N GLN G 756 22.45 42.81 9.28
CA GLN G 756 22.93 42.98 10.64
C GLN G 756 22.93 44.45 11.06
N VAL G 757 23.38 45.34 10.17
CA VAL G 757 23.49 46.76 10.51
C VAL G 757 22.13 47.43 10.31
N LYS G 758 21.71 48.22 11.30
CA LYS G 758 20.40 48.87 11.22
C LYS G 758 20.43 50.13 10.35
N GLN G 759 21.52 50.89 10.41
CA GLN G 759 21.63 52.14 9.65
C GLN G 759 22.32 51.89 8.33
N ILE G 760 21.80 52.52 7.28
CA ILE G 760 22.34 52.37 5.92
C ILE G 760 23.37 53.47 5.75
N TYR G 761 24.63 53.15 6.02
CA TYR G 761 25.69 54.14 5.91
C TYR G 761 26.07 54.37 4.45
N LYS G 762 26.44 55.61 4.15
CA LYS G 762 26.96 56.02 2.85
C LYS G 762 28.42 56.43 2.99
N THR G 763 29.19 56.16 1.94
CA THR G 763 30.56 56.62 1.88
C THR G 763 30.58 58.13 1.66
N PRO G 764 31.64 58.81 2.09
CA PRO G 764 31.73 60.24 1.86
C PRO G 764 31.78 60.54 0.37
N PRO G 765 31.29 61.72 -0.04
CA PRO G 765 31.32 62.04 -1.47
C PRO G 765 32.71 61.99 -2.08
N ILE G 766 33.73 62.38 -1.34
CA ILE G 766 35.11 62.31 -1.82
C ILE G 766 35.75 61.05 -1.27
N LYS G 767 36.31 60.24 -2.16
CA LYS G 767 36.91 58.95 -1.81
C LYS G 767 38.43 59.07 -1.92
N TYR G 768 39.10 59.33 -0.80
CA TYR G 768 40.55 59.32 -0.75
C TYR G 768 41.08 58.20 0.14
N PHE G 769 40.70 58.18 1.41
CA PHE G 769 41.02 57.08 2.33
C PHE G 769 42.52 56.81 2.43
N GLY G 770 43.33 57.85 2.35
CA GLY G 770 44.76 57.72 2.58
C GLY G 770 45.51 56.89 1.56
N GLY G 771 45.08 56.91 0.30
CA GLY G 771 45.73 56.14 -0.74
C GLY G 771 45.16 54.75 -0.96
N PHE G 772 44.21 54.32 -0.13
CA PHE G 772 43.56 53.03 -0.31
C PHE G 772 42.41 53.19 -1.30
N ASN G 773 42.36 52.32 -2.30
CA ASN G 773 41.42 52.42 -3.41
C ASN G 773 40.37 51.33 -3.27
N PHE G 774 39.13 51.74 -3.00
CA PHE G 774 38.03 50.81 -2.78
C PHE G 774 37.05 50.79 -3.95
N SER G 775 37.47 51.24 -5.12
CA SER G 775 36.55 51.38 -6.25
C SER G 775 35.96 50.04 -6.66
N GLN G 776 36.77 48.98 -6.65
CA GLN G 776 36.28 47.68 -7.10
C GLN G 776 35.26 47.09 -6.14
N ILE G 777 35.28 47.49 -4.86
CA ILE G 777 34.31 46.98 -3.90
C ILE G 777 33.20 47.97 -3.58
N LEU G 778 33.38 49.23 -3.92
CA LEU G 778 32.31 50.17 -3.61
C LEU G 778 31.30 50.22 -4.75
N PRO G 779 30.04 50.53 -4.45
CA PRO G 779 29.01 50.51 -5.50
C PRO G 779 29.33 51.49 -6.62
N ASP G 780 29.02 51.07 -7.85
CA ASP G 780 29.27 51.90 -9.02
C ASP G 780 27.98 52.58 -9.43
N PRO G 781 27.88 53.91 -9.30
CA PRO G 781 26.63 54.58 -9.67
C PRO G 781 26.26 54.46 -11.13
N SER G 782 27.26 54.27 -12.01
CA SER G 782 26.98 54.12 -13.43
C SER G 782 26.14 52.89 -13.70
N LYS G 783 26.43 51.79 -13.00
CA LYS G 783 25.64 50.58 -13.16
C LYS G 783 24.23 50.81 -12.63
N PRO G 784 23.19 50.48 -13.39
CA PRO G 784 21.82 50.62 -12.88
C PRO G 784 21.56 49.78 -11.64
N SER G 785 22.23 48.64 -11.51
CA SER G 785 22.08 47.81 -10.32
C SER G 785 22.77 48.40 -9.11
N LYS G 786 23.60 49.43 -9.29
CA LYS G 786 24.36 50.05 -8.21
C LYS G 786 25.27 49.04 -7.51
N ARG G 787 25.86 48.15 -8.30
CA ARG G 787 26.76 47.13 -7.80
C ARG G 787 28.21 47.54 -7.99
N SER G 788 29.07 46.99 -7.14
CA SER G 788 30.50 47.17 -7.32
C SER G 788 30.97 46.36 -8.53
N PRO G 789 32.12 46.73 -9.10
CA PRO G 789 32.66 45.92 -10.21
C PRO G 789 32.83 44.44 -9.85
N ILE G 790 33.31 44.16 -8.65
CA ILE G 790 33.46 42.77 -8.22
C ILE G 790 32.10 42.10 -8.08
N GLU G 791 31.12 42.80 -7.50
CA GLU G 791 29.79 42.23 -7.36
C GLU G 791 29.15 42.00 -8.72
N ASP G 792 29.35 42.93 -9.66
CA ASP G 792 28.83 42.75 -11.01
C ASP G 792 29.45 41.54 -11.68
N LEU G 793 30.76 41.36 -11.52
CA LEU G 793 31.42 40.18 -12.05
C LEU G 793 30.85 38.91 -11.43
N LEU G 794 30.67 38.90 -10.11
CA LEU G 794 30.16 37.71 -9.43
C LEU G 794 28.76 37.36 -9.92
N PHE G 795 27.92 38.38 -10.13
CA PHE G 795 26.58 38.12 -10.62
C PHE G 795 26.60 37.62 -12.05
N ASN G 796 27.53 38.12 -12.87
CA ASN G 796 27.65 37.61 -14.24
C ASN G 796 28.10 36.16 -14.26
N LYS G 797 29.06 35.79 -13.41
CA LYS G 797 29.63 34.45 -13.49
C LYS G 797 28.63 33.38 -13.03
N VAL G 798 27.89 33.64 -11.95
CA VAL G 798 26.93 32.68 -11.43
C VAL G 798 25.66 32.77 -12.26
N THR G 799 25.25 31.65 -12.83
CA THR G 799 24.08 31.61 -13.71
C THR G 799 23.04 30.63 -13.20
N ASP G 820 11.94 26.57 -22.54
CA ASP G 820 12.60 26.88 -21.27
C ASP G 820 12.26 25.79 -20.24
N LEU G 821 13.24 25.48 -19.39
CA LEU G 821 13.02 24.47 -18.37
C LEU G 821 12.06 24.95 -17.28
N ILE G 822 12.15 26.22 -16.88
CA ILE G 822 11.31 26.72 -15.80
C ILE G 822 9.85 26.72 -16.22
N CYS G 823 9.57 27.02 -17.49
CA CYS G 823 8.19 26.98 -17.97
C CYS G 823 7.63 25.55 -17.93
N ALA G 824 8.44 24.58 -18.35
CA ALA G 824 8.02 23.19 -18.28
C ALA G 824 7.78 22.75 -16.84
N GLN G 825 8.61 23.23 -15.90
CA GLN G 825 8.40 22.91 -14.50
C GLN G 825 7.14 23.57 -13.96
N LYS G 826 6.86 24.81 -14.39
CA LYS G 826 5.62 25.47 -14.02
C LYS G 826 4.42 24.67 -14.50
N PHE G 827 4.49 24.15 -15.73
CA PHE G 827 3.39 23.37 -16.28
C PHE G 827 3.16 22.06 -15.53
N LYS G 828 4.09 21.65 -14.67
CA LYS G 828 3.94 20.44 -13.88
C LYS G 828 3.71 20.74 -12.40
N GLY G 829 3.38 21.97 -12.05
CA GLY G 829 3.08 22.32 -10.68
C GLY G 829 4.26 22.74 -9.82
N LEU G 830 5.43 22.95 -10.41
CA LEU G 830 6.64 23.33 -9.68
C LEU G 830 6.94 24.79 -9.98
N THR G 831 6.95 25.62 -8.94
CA THR G 831 7.12 27.06 -9.09
C THR G 831 8.24 27.55 -8.19
N VAL G 832 8.84 28.67 -8.58
CA VAL G 832 9.91 29.31 -7.81
C VAL G 832 9.37 30.61 -7.23
N LEU G 833 9.44 30.74 -5.91
CA LEU G 833 9.05 31.92 -5.16
C LEU G 833 10.21 32.91 -5.12
N PRO G 834 9.96 34.18 -5.45
CA PRO G 834 11.03 35.17 -5.39
C PRO G 834 11.50 35.39 -3.97
N PRO G 835 12.79 35.62 -3.75
CA PRO G 835 13.28 35.95 -2.41
C PRO G 835 12.69 37.28 -1.94
N LEU G 836 12.52 37.41 -0.62
CA LEU G 836 11.94 38.62 -0.06
C LEU G 836 12.83 39.83 -0.33
N LEU G 837 14.13 39.68 -0.17
CA LEU G 837 15.07 40.76 -0.42
C LEU G 837 15.56 40.66 -1.87
N THR G 838 15.34 41.72 -2.64
CA THR G 838 15.87 41.75 -3.99
C THR G 838 17.38 41.89 -3.95
N ASP G 839 18.01 41.56 -5.08
CA ASP G 839 19.45 41.67 -5.19
C ASP G 839 19.91 43.11 -4.98
N GLU G 840 19.08 44.08 -5.36
CA GLU G 840 19.40 45.48 -5.11
C GLU G 840 19.44 45.77 -3.61
N MET G 841 18.50 45.21 -2.85
CA MET G 841 18.50 45.44 -1.41
C MET G 841 19.70 44.80 -0.74
N ILE G 842 20.08 43.59 -1.17
CA ILE G 842 21.26 42.94 -0.61
C ILE G 842 22.52 43.74 -0.97
N ALA G 843 22.56 44.29 -2.18
CA ALA G 843 23.67 45.15 -2.57
C ALA G 843 23.72 46.40 -1.71
N GLN G 844 22.55 46.98 -1.39
CA GLN G 844 22.51 48.12 -0.50
C GLN G 844 23.01 47.76 0.90
N TYR G 845 22.65 46.58 1.39
CA TYR G 845 23.14 46.13 2.68
C TYR G 845 24.66 46.00 2.68
N THR G 846 25.21 45.38 1.65
CA THR G 846 26.67 45.24 1.57
C THR G 846 27.34 46.59 1.42
N SER G 847 26.73 47.52 0.67
CA SER G 847 27.27 48.86 0.54
C SER G 847 27.29 49.59 1.88
N ALA G 848 26.22 49.44 2.66
CA ALA G 848 26.18 50.05 3.98
C ALA G 848 27.24 49.45 4.90
N LEU G 849 27.42 48.14 4.85
CA LEU G 849 28.47 47.51 5.64
C LEU G 849 29.85 48.00 5.24
N LEU G 850 30.10 48.13 3.93
CA LEU G 850 31.38 48.62 3.45
C LEU G 850 31.62 50.06 3.86
N ALA G 851 30.60 50.92 3.73
CA ALA G 851 30.74 52.31 4.14
C ALA G 851 31.02 52.41 5.64
N GLY G 852 30.30 51.64 6.44
CA GLY G 852 30.55 51.65 7.87
C GLY G 852 31.94 51.18 8.22
N THR G 853 32.41 50.11 7.58
CA THR G 853 33.75 49.62 7.85
C THR G 853 34.81 50.63 7.45
N ILE G 854 34.66 51.25 6.28
CA ILE G 854 35.67 52.17 5.77
C ILE G 854 35.71 53.46 6.58
N THR G 855 34.55 53.98 6.97
CA THR G 855 34.50 55.28 7.64
C THR G 855 34.57 55.20 9.15
N SER G 856 34.24 54.05 9.75
CA SER G 856 34.17 53.93 11.19
C SER G 856 34.99 52.77 11.74
N GLY G 857 35.50 51.88 10.90
CA GLY G 857 36.19 50.71 11.43
C GLY G 857 35.21 49.71 11.98
N TRP G 858 35.44 49.30 13.22
CA TRP G 858 34.58 48.34 13.89
C TRP G 858 33.57 48.98 14.83
N THR G 859 33.60 50.31 14.97
CA THR G 859 32.77 50.99 15.96
C THR G 859 31.30 50.88 15.61
N PHE G 860 30.94 50.94 14.33
CA PHE G 860 29.54 50.79 13.95
C PHE G 860 29.03 49.39 14.26
N GLY G 861 29.94 48.41 14.36
CA GLY G 861 29.53 47.07 14.71
C GLY G 861 29.17 46.93 16.18
N ALA G 862 29.80 47.72 17.04
CA ALA G 862 29.55 47.65 18.48
C ALA G 862 28.68 48.78 19.00
N GLY G 863 28.19 49.66 18.14
CA GLY G 863 27.38 50.78 18.58
C GLY G 863 27.34 51.90 17.56
N PRO G 864 27.34 53.15 18.05
CA PRO G 864 27.34 54.29 17.13
C PRO G 864 28.59 54.30 16.26
N ALA G 865 28.43 54.70 15.01
CA ALA G 865 29.53 54.76 14.07
C ALA G 865 30.40 55.98 14.39
N LEU G 866 31.67 55.73 14.69
CA LEU G 866 32.62 56.77 15.05
C LEU G 866 33.59 56.95 13.89
N GLN G 867 33.61 58.14 13.30
CA GLN G 867 34.48 58.38 12.17
C GLN G 867 35.94 58.32 12.60
N ILE G 868 36.78 57.77 11.72
CA ILE G 868 38.21 57.68 11.95
C ILE G 868 38.92 57.67 10.61
N PRO G 869 40.04 58.39 10.50
CA PRO G 869 40.83 58.32 9.28
C PRO G 869 41.25 56.89 8.98
N PHE G 870 41.09 56.49 7.73
CA PHE G 870 41.35 55.09 7.38
C PHE G 870 42.79 54.67 7.66
N PRO G 871 43.83 55.48 7.39
CA PRO G 871 45.18 55.08 7.84
C PRO G 871 45.25 54.81 9.34
N MET G 872 44.56 55.59 10.16
CA MET G 872 44.59 55.33 11.60
C MET G 872 43.83 54.05 11.94
N GLN G 873 42.73 53.78 11.26
CA GLN G 873 42.03 52.51 11.47
C GLN G 873 42.92 51.33 11.11
N MET G 874 43.66 51.45 10.00
CA MET G 874 44.55 50.37 9.59
C MET G 874 45.72 50.23 10.56
N ALA G 875 46.18 51.34 11.15
CA ALA G 875 47.19 51.25 12.19
C ALA G 875 46.66 50.58 13.44
N TYR G 876 45.39 50.83 13.78
CA TYR G 876 44.76 50.13 14.90
C TYR G 876 44.71 48.64 14.62
N ARG G 877 44.37 48.27 13.39
CA ARG G 877 44.33 46.87 13.01
C ARG G 877 45.72 46.25 13.03
N PHE G 878 46.75 47.04 12.71
CA PHE G 878 48.12 46.60 12.89
C PHE G 878 48.43 46.33 14.36
N ASN G 879 47.96 47.21 15.24
CA ASN G 879 48.11 46.95 16.67
C ASN G 879 47.41 45.66 17.06
N GLY G 880 46.26 45.38 16.44
CA GLY G 880 45.54 44.16 16.75
C GLY G 880 46.34 42.90 16.48
N ILE G 881 47.10 42.90 15.37
CA ILE G 881 47.88 41.72 14.99
C ILE G 881 49.27 41.71 15.59
N GLY G 882 49.60 42.68 16.46
CA GLY G 882 50.87 42.68 17.15
C GLY G 882 51.96 43.54 16.53
N VAL G 883 51.63 44.38 15.55
CA VAL G 883 52.60 45.25 14.90
C VAL G 883 52.33 46.68 15.32
N THR G 884 53.40 47.46 15.51
CA THR G 884 53.24 48.81 16.02
C THR G 884 52.70 49.75 14.94
N GLN G 885 52.17 50.89 15.38
CA GLN G 885 51.59 51.87 14.47
C GLN G 885 52.63 52.45 13.53
N ASN G 886 53.85 52.67 14.05
CA ASN G 886 54.91 53.27 13.24
C ASN G 886 55.21 52.44 12.00
N VAL G 887 55.01 51.12 12.08
CA VAL G 887 55.26 50.27 10.92
C VAL G 887 54.32 50.62 9.79
N LEU G 888 53.04 50.84 10.09
CA LEU G 888 52.10 51.22 9.05
C LEU G 888 52.32 52.64 8.59
N TYR G 889 52.51 53.57 9.53
CA TYR G 889 52.64 54.98 9.15
C TYR G 889 53.88 55.21 8.31
N GLU G 890 54.97 54.50 8.61
CA GLU G 890 56.20 54.64 7.84
C GLU G 890 56.08 53.98 6.48
N ASN G 891 55.26 52.94 6.36
CA ASN G 891 55.07 52.21 5.12
C ASN G 891 53.67 52.37 4.54
N GLN G 892 53.04 53.52 4.81
CA GLN G 892 51.63 53.70 4.44
C GLN G 892 51.44 53.60 2.93
N LYS G 893 52.30 54.24 2.15
CA LYS G 893 52.16 54.19 0.69
C LYS G 893 52.36 52.77 0.17
N LEU G 894 53.35 52.05 0.71
CA LEU G 894 53.59 50.68 0.27
C LEU G 894 52.41 49.77 0.62
N ILE G 895 51.86 49.91 1.83
CA ILE G 895 50.71 49.11 2.22
C ILE G 895 49.51 49.43 1.34
N ALA G 896 49.30 50.71 1.04
CA ALA G 896 48.19 51.09 0.16
C ALA G 896 48.36 50.50 -1.23
N ASN G 897 49.59 50.55 -1.77
CA ASN G 897 49.84 49.98 -3.09
C ASN G 897 49.62 48.47 -3.09
N GLN G 898 50.08 47.79 -2.03
CA GLN G 898 49.89 46.34 -1.95
C GLN G 898 48.41 45.98 -1.87
N PHE G 899 47.65 46.72 -1.06
CA PHE G 899 46.22 46.48 -0.96
C PHE G 899 45.54 46.71 -2.30
N ASN G 900 45.90 47.80 -2.99
CA ASN G 900 45.28 48.11 -4.28
C ASN G 900 45.60 47.02 -5.30
N SER G 901 46.84 46.56 -5.34
CA SER G 901 47.22 45.51 -6.29
C SER G 901 46.48 44.22 -5.99
N ALA G 902 46.36 43.85 -4.71
CA ALA G 902 45.65 42.63 -4.35
C ALA G 902 44.17 42.73 -4.73
N ILE G 903 43.56 43.89 -4.47
CA ILE G 903 42.16 44.09 -4.85
C ILE G 903 41.99 44.00 -6.35
N GLY G 904 42.94 44.56 -7.12
CA GLY G 904 42.89 44.41 -8.56
C GLY G 904 43.00 42.96 -9.01
N LYS G 905 43.88 42.20 -8.35
CA LYS G 905 44.01 40.78 -8.69
C LYS G 905 42.79 39.96 -8.30
N ILE G 906 41.98 40.44 -7.35
CA ILE G 906 40.81 39.68 -6.93
C ILE G 906 39.86 39.43 -8.09
N GLN G 907 39.56 40.48 -8.86
CA GLN G 907 38.63 40.34 -9.97
C GLN G 907 39.16 39.38 -11.02
N ASP G 908 40.45 39.50 -11.35
CA ASP G 908 41.06 38.61 -12.33
C ASP G 908 41.05 37.17 -11.85
N SER G 909 41.35 36.95 -10.57
CA SER G 909 41.35 35.59 -10.03
C SER G 909 39.95 34.99 -10.06
N LEU G 910 38.94 35.79 -9.72
CA LEU G 910 37.57 35.28 -9.79
C LEU G 910 37.15 34.96 -11.21
N SER G 911 37.51 35.82 -12.16
CA SER G 911 37.11 35.59 -13.55
C SER G 911 37.81 34.38 -14.14
N SER G 912 39.12 34.28 -13.91
CA SER G 912 39.92 33.25 -14.58
C SER G 912 39.51 31.84 -14.14
N THR G 913 39.26 31.66 -12.85
CA THR G 913 39.00 30.32 -12.31
C THR G 913 37.53 29.98 -12.46
N PRO G 914 37.17 29.00 -13.30
CA PRO G 914 35.74 28.63 -13.42
C PRO G 914 35.15 28.09 -12.14
N SER G 915 35.94 27.36 -11.34
CA SER G 915 35.43 26.67 -10.16
C SER G 915 35.41 27.55 -8.92
N ALA G 916 35.90 28.79 -9.01
CA ALA G 916 35.98 29.65 -7.83
C ALA G 916 34.60 29.86 -7.22
N LEU G 917 33.62 30.22 -8.03
CA LEU G 917 32.25 30.40 -7.58
C LEU G 917 31.45 29.10 -7.62
N GLY G 918 32.13 27.96 -7.74
CA GLY G 918 31.42 26.69 -7.86
C GLY G 918 30.49 26.43 -6.69
N LYS G 919 30.92 26.76 -5.48
CA LYS G 919 30.08 26.54 -4.30
C LYS G 919 28.73 27.24 -4.46
N LEU G 920 28.72 28.44 -5.05
CA LEU G 920 27.45 29.07 -5.37
C LEU G 920 26.76 28.35 -6.52
N GLN G 921 27.50 28.10 -7.61
CA GLN G 921 26.88 27.50 -8.79
C GLN G 921 26.28 26.14 -8.46
N ASP G 922 27.02 25.33 -7.70
CA ASP G 922 26.50 24.03 -7.29
C ASP G 922 25.12 24.17 -6.66
N VAL G 923 24.94 25.16 -5.80
CA VAL G 923 23.63 25.34 -5.16
C VAL G 923 22.55 25.49 -6.21
N VAL G 924 22.77 26.40 -7.17
CA VAL G 924 21.83 26.56 -8.26
C VAL G 924 21.62 25.24 -8.98
N ASN G 925 22.71 24.54 -9.29
CA ASN G 925 22.59 23.26 -9.96
C ASN G 925 21.80 22.27 -9.11
N HIS G 926 22.07 22.22 -7.80
CA HIS G 926 21.36 21.26 -6.97
C HIS G 926 19.86 21.55 -6.95
N ASN G 927 19.46 22.78 -7.25
CA ASN G 927 18.05 23.02 -7.48
C ASN G 927 17.61 22.40 -8.79
N ALA G 928 18.20 22.86 -9.89
CA ALA G 928 17.64 22.58 -11.21
C ALA G 928 17.53 21.09 -11.45
N GLN G 929 18.63 20.37 -11.26
CA GLN G 929 18.62 18.92 -11.43
C GLN G 929 17.48 18.30 -10.64
N ALA G 930 17.37 18.65 -9.35
CA ALA G 930 16.29 18.09 -8.54
C ALA G 930 14.94 18.35 -9.19
N LEU G 931 14.65 19.61 -9.52
CA LEU G 931 13.39 19.91 -10.17
C LEU G 931 13.29 19.15 -11.48
N ASN G 932 14.36 19.16 -12.27
CA ASN G 932 14.37 18.41 -13.51
C ASN G 932 14.07 16.94 -13.22
N THR G 933 14.77 16.36 -12.24
CA THR G 933 14.51 14.97 -11.89
C THR G 933 13.03 14.77 -11.59
N LEU G 934 12.46 15.67 -10.79
CA LEU G 934 11.07 15.51 -10.40
C LEU G 934 10.18 15.53 -11.63
N VAL G 935 10.43 16.46 -12.57
CA VAL G 935 9.65 16.49 -13.79
C VAL G 935 9.84 15.20 -14.57
N LYS G 936 11.09 14.74 -14.68
CA LYS G 936 11.34 13.51 -15.41
C LYS G 936 10.82 12.29 -14.68
N GLN G 937 10.42 12.43 -13.42
CA GLN G 937 9.78 11.34 -12.70
C GLN G 937 8.32 11.20 -13.07
N LEU G 938 7.79 12.12 -13.87
CA LEU G 938 6.39 12.05 -14.30
C LEU G 938 6.19 11.18 -15.52
N SER G 939 7.28 10.72 -16.15
CA SER G 939 7.21 9.82 -17.28
C SER G 939 7.45 8.37 -16.90
N SER G 940 7.47 8.07 -15.60
CA SER G 940 7.72 6.73 -15.11
C SER G 940 6.39 6.02 -14.89
N LYS G 941 6.26 4.81 -15.42
CA LYS G 941 5.02 4.06 -15.30
C LYS G 941 4.82 3.54 -13.88
N PHE G 942 5.91 3.26 -13.17
CA PHE G 942 5.86 2.70 -11.81
C PHE G 942 5.14 1.36 -11.79
N GLY G 943 5.27 0.59 -12.87
CA GLY G 943 4.59 -0.68 -12.98
C GLY G 943 3.21 -0.62 -13.62
N ALA G 944 2.71 0.57 -13.92
CA ALA G 944 1.42 0.71 -14.56
C ALA G 944 1.55 0.53 -16.07
N ILE G 945 0.40 0.37 -16.73
CA ILE G 945 0.40 0.18 -18.18
C ILE G 945 0.87 1.44 -18.89
N SER G 946 0.51 2.60 -18.36
CA SER G 946 0.90 3.88 -18.96
C SER G 946 1.23 4.86 -17.84
N SER G 947 2.04 5.86 -18.20
CA SER G 947 2.30 6.97 -17.29
C SER G 947 1.30 8.10 -17.46
N VAL G 948 0.41 8.01 -18.45
CA VAL G 948 -0.60 9.03 -18.69
C VAL G 948 -1.89 8.58 -18.00
N LEU G 949 -2.39 9.42 -17.09
CA LEU G 949 -3.60 9.10 -16.34
C LEU G 949 -4.82 9.01 -17.25
N ASN G 950 -4.93 9.96 -18.20
CA ASN G 950 -6.11 10.01 -19.06
C ASN G 950 -6.21 8.78 -19.94
N ASP G 951 -5.07 8.27 -20.43
CA ASP G 951 -5.09 7.05 -21.22
C ASP G 951 -5.60 5.87 -20.40
N ILE G 952 -5.13 5.75 -19.16
CA ILE G 952 -5.57 4.65 -18.30
C ILE G 952 -7.07 4.75 -18.06
N PHE G 953 -7.57 5.96 -17.78
CA PHE G 953 -9.00 6.12 -17.52
C PHE G 953 -9.82 5.85 -18.78
N SER G 954 -9.30 6.24 -19.94
CA SER G 954 -10.06 6.10 -21.19
C SER G 954 -10.11 4.66 -21.66
N ARG G 955 -9.06 3.89 -21.38
CA ARG G 955 -8.99 2.52 -21.88
C ARG G 955 -9.47 1.47 -20.90
N LEU G 956 -9.50 1.76 -19.60
CA LEU G 956 -9.79 0.76 -18.60
C LEU G 956 -11.02 1.13 -17.79
N ASP G 957 -11.76 0.11 -17.35
CA ASP G 957 -12.88 0.32 -16.46
C ASP G 957 -12.40 0.78 -15.09
N PRO G 958 -13.22 1.52 -14.35
CA PRO G 958 -12.77 2.11 -13.08
C PRO G 958 -12.19 1.09 -12.12
N PRO G 959 -12.78 -0.12 -11.98
CA PRO G 959 -12.12 -1.11 -11.10
C PRO G 959 -10.73 -1.49 -11.57
N GLU G 960 -10.56 -1.77 -12.86
CA GLU G 960 -9.24 -2.13 -13.37
C GLU G 960 -8.35 -0.90 -13.49
N ALA G 961 -8.94 0.26 -13.78
CA ALA G 961 -8.14 1.48 -13.90
C ALA G 961 -7.54 1.89 -12.56
N GLU G 962 -8.28 1.70 -11.47
CA GLU G 962 -7.84 2.22 -10.18
C GLU G 962 -6.55 1.56 -9.71
N VAL G 963 -6.29 0.32 -10.11
CA VAL G 963 -5.04 -0.34 -9.73
C VAL G 963 -3.84 0.39 -10.35
N GLN G 964 -3.93 0.65 -11.66
CA GLN G 964 -2.86 1.37 -12.35
C GLN G 964 -2.72 2.79 -11.83
N ILE G 965 -3.86 3.45 -11.57
CA ILE G 965 -3.83 4.81 -11.06
C ILE G 965 -3.21 4.85 -9.68
N ASP G 966 -3.48 3.82 -8.86
CA ASP G 966 -2.87 3.73 -7.54
C ASP G 966 -1.36 3.55 -7.66
N ARG G 967 -0.91 2.71 -8.60
CA ARG G 967 0.53 2.58 -8.81
C ARG G 967 1.17 3.91 -9.18
N LEU G 968 0.58 4.62 -10.14
CA LEU G 968 1.14 5.90 -10.56
C LEU G 968 1.12 6.92 -9.43
N ILE G 969 0.01 6.97 -8.68
CA ILE G 969 -0.13 7.93 -7.60
C ILE G 969 0.89 7.64 -6.50
N THR G 970 1.07 6.37 -6.14
CA THR G 970 2.05 6.01 -5.13
C THR G 970 3.47 6.37 -5.58
N GLY G 971 3.80 6.08 -6.84
CA GLY G 971 5.12 6.43 -7.32
C GLY G 971 5.39 7.93 -7.30
N ARG G 972 4.39 8.71 -7.73
CA ARG G 972 4.57 10.16 -7.74
C ARG G 972 4.59 10.74 -6.32
N LEU G 973 3.83 10.13 -5.41
CA LEU G 973 3.89 10.54 -4.01
C LEU G 973 5.27 10.28 -3.42
N GLN G 974 5.85 9.11 -3.74
CA GLN G 974 7.21 8.83 -3.29
C GLN G 974 8.21 9.80 -3.89
N SER G 975 8.05 10.15 -5.16
CA SER G 975 8.94 11.13 -5.77
C SER G 975 8.84 12.47 -5.06
N LEU G 976 7.63 12.92 -4.77
CA LEU G 976 7.45 14.20 -4.09
C LEU G 976 8.03 14.16 -2.67
N GLN G 977 7.81 13.06 -1.95
CA GLN G 977 8.35 12.93 -0.60
C GLN G 977 9.87 12.91 -0.61
N THR G 978 10.47 12.21 -1.57
CA THR G 978 11.92 12.20 -1.68
C THR G 978 12.45 13.59 -1.99
N TYR G 979 11.76 14.32 -2.88
CA TYR G 979 12.17 15.68 -3.19
C TYR G 979 12.13 16.56 -1.94
N VAL G 980 11.05 16.45 -1.16
CA VAL G 980 10.90 17.30 0.01
C VAL G 980 11.94 16.94 1.07
N THR G 981 12.22 15.65 1.26
CA THR G 981 13.24 15.24 2.22
C THR G 981 14.62 15.73 1.81
N GLN G 982 14.97 15.57 0.53
CA GLN G 982 16.25 16.08 0.04
C GLN G 982 16.33 17.59 0.21
N GLN G 983 15.22 18.29 -0.04
CA GLN G 983 15.19 19.73 0.13
C GLN G 983 15.40 20.12 1.58
N LEU G 984 14.82 19.37 2.51
CA LEU G 984 15.02 19.65 3.93
C LEU G 984 16.48 19.45 4.33
N ILE G 985 17.11 18.39 3.84
CA ILE G 985 18.52 18.15 4.17
C ILE G 985 19.40 19.24 3.58
N ARG G 986 19.17 19.60 2.33
CA ARG G 986 19.97 20.67 1.72
C ARG G 986 19.69 22.02 2.36
N ALA G 987 18.46 22.22 2.84
CA ALA G 987 18.13 23.46 3.56
C ALA G 987 18.86 23.53 4.88
N ALA G 988 18.99 22.40 5.57
CA ALA G 988 19.80 22.39 6.80
C ALA G 988 21.26 22.71 6.50
N GLU G 989 21.78 22.16 5.40
CA GLU G 989 23.16 22.49 5.02
C GLU G 989 23.31 23.98 4.69
N ILE G 990 22.34 24.54 3.97
CA ILE G 990 22.38 25.96 3.63
C ILE G 990 22.25 26.81 4.89
N ARG G 991 21.45 26.36 5.86
CA ARG G 991 21.35 27.08 7.13
C ARG G 991 22.67 27.08 7.87
N ALA G 992 23.37 25.95 7.88
CA ALA G 992 24.69 25.93 8.50
C ALA G 992 25.65 26.88 7.79
N SER G 993 25.63 26.87 6.45
CA SER G 993 26.49 27.78 5.70
C SER G 993 26.13 29.24 5.95
N ALA G 994 24.85 29.55 6.07
CA ALA G 994 24.42 30.92 6.32
C ALA G 994 24.74 31.36 7.74
N ASN G 995 24.68 30.44 8.70
CA ASN G 995 25.13 30.76 10.06
C ASN G 995 26.62 31.06 10.06
N LEU G 996 27.41 30.29 9.31
CA LEU G 996 28.83 30.58 9.18
C LEU G 996 29.05 31.94 8.53
N ALA G 997 28.27 32.26 7.49
CA ALA G 997 28.41 33.53 6.81
C ALA G 997 28.05 34.70 7.72
N ALA G 998 27.00 34.54 8.53
CA ALA G 998 26.62 35.58 9.48
C ALA G 998 27.69 35.77 10.56
N THR G 999 28.25 34.66 11.04
CA THR G 999 29.33 34.76 12.03
C THR G 999 30.54 35.46 11.43
N LYS G 1000 30.87 35.16 10.16
CA LYS G 1000 31.99 35.81 9.51
C LYS G 1000 31.70 37.29 9.24
N MET G 1001 30.45 37.62 8.94
CA MET G 1001 30.08 39.03 8.82
C MET G 1001 30.27 39.76 10.14
N SER G 1002 29.88 39.13 11.24
CA SER G 1002 30.04 39.77 12.54
C SER G 1002 31.51 39.92 12.92
N GLU G 1003 32.29 38.85 12.77
CA GLU G 1003 33.62 38.79 13.37
C GLU G 1003 34.74 39.20 12.43
N CYS G 1004 34.52 39.18 11.12
CA CYS G 1004 35.53 39.60 10.16
C CYS G 1004 35.26 40.96 9.55
N VAL G 1005 34.00 41.35 9.42
CA VAL G 1005 33.64 42.62 8.81
C VAL G 1005 33.38 43.69 9.86
N LEU G 1006 32.62 43.37 10.90
CA LEU G 1006 32.34 44.33 11.97
C LEU G 1006 33.39 44.30 13.07
N GLY G 1007 34.46 43.53 12.89
CA GLY G 1007 35.55 43.52 13.84
C GLY G 1007 36.78 42.90 13.24
N GLN G 1008 37.85 42.89 14.02
CA GLN G 1008 39.10 42.24 13.64
C GLN G 1008 39.24 40.98 14.47
N SER G 1009 39.29 39.83 13.81
CA SER G 1009 39.24 38.55 14.48
C SER G 1009 40.64 38.01 14.76
N LYS G 1010 40.83 37.48 15.97
CA LYS G 1010 42.07 36.83 16.35
C LYS G 1010 42.02 35.33 16.13
N ARG G 1011 40.87 34.80 15.68
CA ARG G 1011 40.74 33.39 15.40
C ARG G 1011 41.53 33.04 14.14
N VAL G 1012 42.35 31.99 14.23
CA VAL G 1012 43.28 31.65 13.16
C VAL G 1012 42.51 31.03 12.01
N ASP G 1013 42.71 31.55 10.80
CA ASP G 1013 42.13 31.11 9.55
C ASP G 1013 40.61 31.31 9.49
N PHE G 1014 40.02 32.03 10.43
CA PHE G 1014 38.60 32.33 10.32
C PHE G 1014 38.33 33.36 9.24
N CYS G 1015 39.20 34.34 9.09
CA CYS G 1015 39.01 35.44 8.16
C CYS G 1015 40.21 35.50 7.21
N GLY G 1016 40.52 34.36 6.61
CA GLY G 1016 41.59 34.28 5.62
C GLY G 1016 42.88 33.70 6.18
N LYS G 1017 43.84 33.54 5.28
CA LYS G 1017 45.13 32.95 5.62
C LYS G 1017 46.12 34.07 5.91
N GLY G 1018 46.56 34.14 7.16
CA GLY G 1018 47.45 35.18 7.62
C GLY G 1018 46.89 35.81 8.89
N TYR G 1019 47.48 36.93 9.28
CA TYR G 1019 46.99 37.69 10.43
C TYR G 1019 45.90 38.62 9.94
N HIS G 1020 44.67 38.38 10.37
CA HIS G 1020 43.53 39.10 9.82
C HIS G 1020 43.60 40.58 10.16
N LEU G 1021 43.53 41.41 9.13
CA LEU G 1021 43.42 42.85 9.30
C LEU G 1021 41.97 43.32 9.20
N MET G 1022 41.30 42.99 8.10
CA MET G 1022 39.93 43.46 7.90
C MET G 1022 39.29 42.62 6.81
N SER G 1023 37.99 42.78 6.63
CA SER G 1023 37.26 42.04 5.61
C SER G 1023 36.17 42.91 5.00
N PHE G 1024 35.87 42.62 3.74
CA PHE G 1024 34.88 43.35 2.96
C PHE G 1024 33.83 42.40 2.43
N PRO G 1025 32.55 42.65 2.68
CA PRO G 1025 31.50 41.77 2.12
C PRO G 1025 31.11 42.22 0.72
N GLN G 1026 30.79 41.23 -0.12
CA GLN G 1026 30.24 41.46 -1.45
C GLN G 1026 29.08 40.51 -1.66
N SER G 1027 27.93 41.05 -2.07
CA SER G 1027 26.79 40.20 -2.36
C SER G 1027 27.04 39.40 -3.63
N ALA G 1028 26.55 38.17 -3.66
CA ALA G 1028 26.67 37.28 -4.80
C ALA G 1028 25.37 36.50 -4.93
N PRO G 1029 25.06 35.99 -6.11
CA PRO G 1029 23.81 35.23 -6.27
C PRO G 1029 23.75 34.05 -5.30
N HIS G 1030 22.79 34.11 -4.39
CA HIS G 1030 22.56 33.10 -3.35
C HIS G 1030 23.70 33.01 -2.34
N GLY G 1031 24.51 34.05 -2.20
CA GLY G 1031 25.62 33.93 -1.26
C GLY G 1031 26.34 35.23 -1.04
N VAL G 1032 27.47 35.11 -0.33
CA VAL G 1032 28.30 36.25 0.02
C VAL G 1032 29.76 35.88 -0.21
N VAL G 1033 30.51 36.84 -0.72
CA VAL G 1033 31.96 36.70 -0.91
C VAL G 1033 32.65 37.67 0.04
N PHE G 1034 33.51 37.14 0.89
CA PHE G 1034 34.30 37.95 1.82
C PHE G 1034 35.69 38.13 1.26
N LEU G 1035 36.09 39.38 1.07
CA LEU G 1035 37.46 39.73 0.71
C LEU G 1035 38.21 39.97 2.01
N HIS G 1036 39.03 39.00 2.40
CA HIS G 1036 39.80 39.06 3.63
C HIS G 1036 41.15 39.70 3.34
N VAL G 1037 41.39 40.87 3.92
CA VAL G 1037 42.69 41.52 3.90
C VAL G 1037 43.45 41.10 5.15
N THR G 1038 44.60 40.46 4.94
CA THR G 1038 45.41 39.89 5.99
C THR G 1038 46.86 40.33 5.83
N TYR G 1039 47.59 40.26 6.94
CA TYR G 1039 48.99 40.63 7.01
C TYR G 1039 49.81 39.34 7.01
N VAL G 1040 50.65 39.17 6.00
CA VAL G 1040 51.48 37.97 5.87
C VAL G 1040 52.94 38.38 6.06
N PRO G 1041 53.64 37.83 7.05
CA PRO G 1041 55.07 38.15 7.18
C PRO G 1041 55.85 37.67 5.97
N ALA G 1042 56.95 38.37 5.67
CA ALA G 1042 57.73 38.05 4.48
C ALA G 1042 59.16 38.53 4.69
N GLN G 1043 60.06 37.98 3.87
CA GLN G 1043 61.49 38.30 3.91
C GLN G 1043 62.06 38.08 5.30
N GLU G 1044 61.87 36.87 5.81
CA GLU G 1044 62.37 36.50 7.13
C GLU G 1044 63.89 36.52 7.15
N LYS G 1045 64.46 36.81 8.31
CA LYS G 1045 65.90 36.80 8.49
C LYS G 1045 66.26 36.07 9.78
N ASN G 1046 67.39 35.36 9.75
CA ASN G 1046 67.89 34.66 10.92
C ASN G 1046 68.55 35.62 11.89
N PHE G 1047 68.40 35.33 13.19
CA PHE G 1047 69.08 36.09 14.24
C PHE G 1047 69.38 35.14 15.38
N THR G 1048 70.39 35.48 16.17
CA THR G 1048 70.65 34.74 17.40
C THR G 1048 69.75 35.28 18.50
N THR G 1049 69.16 34.38 19.28
CA THR G 1049 68.20 34.82 20.28
C THR G 1049 68.55 34.26 21.66
N ALA G 1050 68.15 35.00 22.69
CA ALA G 1050 68.34 34.61 24.07
C ALA G 1050 67.08 34.90 24.87
N PRO G 1051 66.74 34.03 25.82
CA PRO G 1051 65.55 34.28 26.65
C PRO G 1051 65.63 35.56 27.46
N ALA G 1052 66.82 35.91 27.97
CA ALA G 1052 66.96 37.05 28.85
C ALA G 1052 68.36 37.64 28.71
N ILE G 1053 68.53 38.83 29.24
CA ILE G 1053 69.82 39.52 29.26
C ILE G 1053 70.28 39.65 30.70
N CYS G 1054 71.51 39.24 30.97
CA CYS G 1054 72.07 39.32 32.33
C CYS G 1054 72.87 40.61 32.44
N HIS G 1055 72.33 41.58 33.18
CA HIS G 1055 73.01 42.84 33.40
C HIS G 1055 73.10 43.08 34.90
N ASP G 1056 74.27 43.49 35.37
CA ASP G 1056 74.61 43.53 36.79
C ASP G 1056 74.38 42.10 37.30
N GLY G 1057 73.63 41.90 38.38
CA GLY G 1057 73.28 40.56 38.81
C GLY G 1057 71.83 40.26 38.52
N LYS G 1058 71.24 40.98 37.57
CA LYS G 1058 69.81 40.94 37.31
C LYS G 1058 69.51 40.35 35.94
N ALA G 1059 68.37 39.67 35.85
CA ALA G 1059 67.87 39.12 34.60
C ALA G 1059 66.80 40.03 34.02
N HIS G 1060 66.97 40.42 32.76
CA HIS G 1060 66.05 41.32 32.08
C HIS G 1060 65.32 40.56 30.98
N PHE G 1061 64.01 40.74 30.90
CA PHE G 1061 63.17 40.11 29.91
C PHE G 1061 62.51 41.17 29.05
N PRO G 1062 62.30 40.88 27.76
CA PRO G 1062 61.70 41.89 26.88
C PRO G 1062 60.23 42.14 27.23
N ARG G 1063 59.87 43.42 27.33
CA ARG G 1063 58.51 43.77 27.75
C ARG G 1063 57.48 43.43 26.68
N GLU G 1064 57.76 43.79 25.43
CA GLU G 1064 56.81 43.48 24.36
C GLU G 1064 57.48 42.90 23.12
N GLY G 1065 58.70 42.39 23.24
CA GLY G 1065 59.40 41.86 22.08
C GLY G 1065 60.30 40.68 22.38
N VAL G 1066 61.36 40.54 21.60
CA VAL G 1066 62.35 39.49 21.79
C VAL G 1066 63.75 40.07 21.61
N PHE G 1067 64.72 39.45 22.28
CA PHE G 1067 66.12 39.81 22.13
C PHE G 1067 66.69 39.13 20.89
N VAL G 1068 67.30 39.91 20.01
CA VAL G 1068 67.89 39.40 18.78
C VAL G 1068 69.31 39.91 18.65
N SER G 1069 70.14 39.14 17.97
CA SER G 1069 71.54 39.45 17.75
C SER G 1069 71.87 39.25 16.28
N ASN G 1070 72.44 40.30 15.67
CA ASN G 1070 72.92 40.21 14.30
C ASN G 1070 74.27 39.50 14.21
N GLY G 1071 74.89 39.20 15.36
CA GLY G 1071 76.15 38.49 15.38
C GLY G 1071 77.11 39.07 16.39
N THR G 1072 77.05 40.39 16.59
CA THR G 1072 77.92 41.08 17.53
C THR G 1072 77.18 41.95 18.54
N HIS G 1073 75.99 42.43 18.22
CA HIS G 1073 75.25 43.34 19.08
C HIS G 1073 73.87 42.79 19.39
N TRP G 1074 73.34 43.16 20.55
CA TRP G 1074 72.05 42.68 21.02
C TRP G 1074 71.03 43.81 21.01
N PHE G 1075 69.86 43.54 20.45
CA PHE G 1075 68.77 44.49 20.34
C PHE G 1075 67.49 43.81 20.82
N VAL G 1076 66.46 44.62 21.02
CA VAL G 1076 65.11 44.13 21.31
C VAL G 1076 64.20 44.59 20.18
N THR G 1077 63.44 43.65 19.62
CA THR G 1077 62.59 43.95 18.48
C THR G 1077 61.21 43.37 18.69
N GLN G 1078 60.22 43.97 18.02
CA GLN G 1078 58.89 43.39 18.00
C GLN G 1078 58.92 42.07 17.24
N ARG G 1079 58.02 41.17 17.62
CA ARG G 1079 58.14 39.77 17.20
C ARG G 1079 57.75 39.58 15.74
N ASN G 1080 56.76 40.31 15.25
CA ASN G 1080 56.25 40.12 13.89
C ASN G 1080 56.89 41.04 12.86
N PHE G 1081 57.77 41.94 13.28
CA PHE G 1081 58.45 42.85 12.36
C PHE G 1081 59.82 43.17 12.92
N TYR G 1082 60.84 43.13 12.05
CA TYR G 1082 62.20 43.38 12.51
C TYR G 1082 62.43 44.88 12.62
N GLU G 1083 62.37 45.39 13.84
CA GLU G 1083 62.65 46.80 14.14
C GLU G 1083 63.59 46.82 15.35
N PRO G 1084 64.88 46.55 15.12
CA PRO G 1084 65.81 46.45 16.25
C PRO G 1084 65.92 47.75 17.02
N GLN G 1085 66.01 47.63 18.34
CA GLN G 1085 66.11 48.78 19.22
C GLN G 1085 67.09 48.47 20.34
N ILE G 1086 67.74 49.52 20.85
CA ILE G 1086 68.69 49.35 21.94
C ILE G 1086 67.97 48.80 23.17
N ILE G 1087 68.58 47.79 23.79
CA ILE G 1087 68.00 47.22 25.00
C ILE G 1087 68.14 48.22 26.14
N THR G 1088 67.02 48.70 26.65
CA THR G 1088 67.00 49.68 27.73
C THR G 1088 66.10 49.19 28.86
N THR G 1089 66.16 49.90 29.98
CA THR G 1089 65.29 49.57 31.10
C THR G 1089 63.83 49.85 30.79
N ASP G 1090 63.57 50.69 29.77
CA ASP G 1090 62.20 50.99 29.41
C ASP G 1090 61.54 49.84 28.65
N ASN G 1091 62.27 49.21 27.74
CA ASN G 1091 61.71 48.11 26.95
C ASN G 1091 61.97 46.74 27.56
N THR G 1092 62.55 46.67 28.75
CA THR G 1092 62.79 45.41 29.44
C THR G 1092 62.34 45.54 30.89
N PHE G 1093 62.05 44.39 31.50
CA PHE G 1093 61.67 44.33 32.90
C PHE G 1093 62.52 43.30 33.63
N VAL G 1094 62.81 43.59 34.90
CA VAL G 1094 63.75 42.82 35.70
C VAL G 1094 62.97 41.81 36.54
N SER G 1095 63.44 40.56 36.55
CA SER G 1095 62.83 39.52 37.37
C SER G 1095 63.91 38.51 37.77
N GLY G 1096 64.42 38.63 38.99
CA GLY G 1096 65.32 37.64 39.54
C GLY G 1096 66.77 37.84 39.13
N ASN G 1097 67.57 36.83 39.46
CA ASN G 1097 68.99 36.81 39.16
C ASN G 1097 69.25 36.04 37.87
N CYS G 1098 70.51 36.09 37.41
CA CYS G 1098 70.89 35.48 36.14
C CYS G 1098 70.97 33.96 36.21
N ASP G 1099 71.17 33.37 37.40
CA ASP G 1099 71.50 31.96 37.48
C ASP G 1099 70.35 31.07 37.04
N VAL G 1100 69.12 31.44 37.38
CA VAL G 1100 67.99 30.54 37.19
C VAL G 1100 67.69 30.32 35.71
N VAL G 1101 67.71 31.39 34.91
CA VAL G 1101 67.30 31.29 33.51
C VAL G 1101 68.34 30.52 32.71
N ILE G 1102 67.87 29.63 31.85
CA ILE G 1102 68.73 28.84 30.97
C ILE G 1102 68.82 29.54 29.62
N GLY G 1103 70.04 29.87 29.20
CA GLY G 1103 70.26 30.57 27.97
C GLY G 1103 70.47 32.06 28.11
N ILE G 1104 70.56 32.59 29.33
CA ILE G 1104 70.78 34.00 29.54
C ILE G 1104 72.18 34.39 29.08
N VAL G 1105 72.30 35.57 28.48
CA VAL G 1105 73.55 36.05 27.92
C VAL G 1105 73.90 37.39 28.54
N ASN G 1106 75.19 37.60 28.78
CA ASN G 1106 75.65 38.86 29.38
C ASN G 1106 75.47 39.99 28.36
N ASN G 1107 74.89 41.10 28.80
CA ASN G 1107 74.86 42.28 27.94
C ASN G 1107 74.56 43.50 28.80
N THR G 1108 74.77 44.68 28.22
CA THR G 1108 74.50 45.94 28.88
C THR G 1108 73.08 46.38 28.58
N VAL G 1109 72.35 46.73 29.63
CA VAL G 1109 71.00 47.29 29.50
C VAL G 1109 71.12 48.78 29.77
N TYR G 1110 70.99 49.58 28.71
CA TYR G 1110 71.17 51.02 28.82
C TYR G 1110 70.08 51.65 29.66
N ASP G 1111 70.48 52.52 30.58
CA ASP G 1111 69.54 53.25 31.43
C ASP G 1111 69.44 54.68 30.94
N PRO G 1112 68.30 55.11 30.40
CA PRO G 1112 68.21 56.48 29.84
C PRO G 1112 68.44 57.57 30.88
N LEU G 1113 68.07 57.33 32.14
CA LEU G 1113 68.12 58.39 33.14
C LEU G 1113 69.54 58.84 33.42
N GLN G 1114 70.48 57.89 33.51
CA GLN G 1114 71.83 58.23 33.97
C GLN G 1114 72.57 59.24 33.09
N PRO G 1115 72.57 59.13 31.74
CA PRO G 1115 73.27 60.17 30.96
C PRO G 1115 72.77 61.57 31.22
N GLU G 1116 71.47 61.75 31.41
CA GLU G 1116 70.92 63.06 31.73
C GLU G 1116 70.64 63.18 33.23
N ASP H 1 -59.34 -8.49 23.36
CA ASP H 1 -60.69 -8.69 23.89
C ASP H 1 -61.67 -7.69 23.29
N ILE H 2 -62.39 -8.12 22.25
CA ILE H 2 -63.37 -7.25 21.62
C ILE H 2 -64.47 -6.93 22.61
N GLN H 3 -64.80 -5.65 22.73
CA GLN H 3 -65.80 -5.19 23.69
C GLN H 3 -67.11 -4.92 22.97
N MET H 4 -68.20 -5.42 23.54
CA MET H 4 -69.54 -5.26 22.99
C MET H 4 -70.39 -4.40 23.91
N THR H 5 -71.00 -3.36 23.34
CA THR H 5 -71.96 -2.52 24.03
C THR H 5 -73.33 -2.73 23.41
N GLN H 6 -74.31 -3.08 24.24
CA GLN H 6 -75.64 -3.43 23.77
C GLN H 6 -76.62 -2.36 24.23
N SER H 7 -77.31 -1.74 23.28
CA SER H 7 -78.19 -0.62 23.54
C SER H 7 -79.58 -0.87 22.98
N PRO H 8 -80.64 -0.46 23.70
CA PRO H 8 -80.54 0.13 25.04
C PRO H 8 -80.43 -0.94 26.12
N SER H 9 -80.02 -0.56 27.33
CA SER H 9 -79.88 -1.55 28.39
C SER H 9 -81.21 -2.20 28.73
N THR H 10 -82.28 -1.41 28.79
CA THR H 10 -83.63 -1.92 28.96
C THR H 10 -84.56 -1.22 27.98
N LEU H 11 -85.49 -1.98 27.41
CA LEU H 11 -86.45 -1.46 26.45
C LEU H 11 -87.84 -1.95 26.81
N SER H 12 -88.83 -1.06 26.72
CA SER H 12 -90.22 -1.38 26.97
C SER H 12 -91.04 -1.06 25.73
N ALA H 13 -91.75 -2.07 25.21
CA ALA H 13 -92.56 -1.90 24.02
C ALA H 13 -93.83 -2.74 24.14
N SER H 14 -94.93 -2.20 23.61
CA SER H 14 -96.20 -2.90 23.65
C SER H 14 -96.17 -4.14 22.77
N VAL H 15 -96.99 -5.12 23.11
CA VAL H 15 -97.06 -6.36 22.33
C VAL H 15 -97.52 -6.05 20.91
N GLY H 16 -96.88 -6.70 19.94
CA GLY H 16 -97.17 -6.45 18.54
C GLY H 16 -96.31 -5.38 17.90
N ASP H 17 -95.49 -4.67 18.67
CA ASP H 17 -94.61 -3.65 18.13
C ASP H 17 -93.36 -4.28 17.53
N ARG H 18 -92.65 -3.50 16.72
CA ARG H 18 -91.36 -3.88 16.18
C ARG H 18 -90.26 -3.31 17.07
N VAL H 19 -89.37 -4.18 17.54
CA VAL H 19 -88.33 -3.81 18.49
C VAL H 19 -86.97 -4.01 17.83
N THR H 20 -86.07 -3.05 18.05
CA THR H 20 -84.70 -3.09 17.52
C THR H 20 -83.71 -2.96 18.66
N ILE H 21 -82.65 -3.76 18.59
CA ILE H 21 -81.58 -3.79 19.58
C ILE H 21 -80.25 -3.68 18.85
N THR H 22 -79.36 -2.81 19.34
CA THR H 22 -78.09 -2.55 18.68
C THR H 22 -76.95 -3.16 19.48
N CYS H 23 -76.08 -3.90 18.80
CA CYS H 23 -74.84 -4.43 19.38
C CYS H 23 -73.67 -3.77 18.66
N ARG H 24 -72.82 -3.08 19.43
CA ARG H 24 -71.71 -2.31 18.90
C ARG H 24 -70.40 -2.94 19.35
N ALA H 25 -69.46 -3.05 18.41
CA ALA H 25 -68.18 -3.71 18.63
C ALA H 25 -67.07 -2.69 18.79
N SER H 26 -66.11 -3.00 19.66
CA SER H 26 -64.93 -2.14 19.80
C SER H 26 -64.12 -2.13 18.51
N GLN H 27 -63.95 -3.29 17.89
CA GLN H 27 -63.30 -3.40 16.59
C GLN H 27 -64.18 -4.23 15.65
N SER H 28 -64.00 -4.02 14.36
CA SER H 28 -64.89 -4.61 13.37
C SER H 28 -64.76 -6.13 13.36
N ILE H 29 -65.92 -6.80 13.25
CA ILE H 29 -65.99 -8.24 13.09
C ILE H 29 -66.78 -8.53 11.81
N SER H 30 -66.31 -9.49 11.02
CA SER H 30 -66.88 -9.75 9.70
C SER H 30 -68.06 -10.70 9.84
N SER H 31 -69.19 -10.15 10.30
CA SER H 31 -70.45 -10.88 10.41
C SER H 31 -70.30 -12.14 11.26
N TRP H 32 -69.76 -11.98 12.46
CA TRP H 32 -69.51 -13.10 13.38
C TRP H 32 -70.18 -12.79 14.72
N LEU H 33 -71.45 -12.39 14.67
CA LEU H 33 -72.23 -12.11 15.87
C LEU H 33 -73.35 -13.11 16.01
N ALA H 34 -73.64 -13.51 17.25
CA ALA H 34 -74.72 -14.44 17.54
C ALA H 34 -75.67 -13.81 18.56
N TRP H 35 -76.97 -14.04 18.34
CA TRP H 35 -78.05 -13.53 19.16
C TRP H 35 -78.77 -14.67 19.86
N TYR H 36 -78.91 -14.55 21.19
CA TYR H 36 -79.49 -15.54 22.09
C TYR H 36 -80.69 -14.97 22.83
N GLN H 37 -81.72 -15.83 23.02
CA GLN H 37 -82.88 -15.56 23.86
C GLN H 37 -82.66 -16.21 25.23
N GLN H 38 -82.64 -15.41 26.28
CA GLN H 38 -82.61 -15.93 27.64
C GLN H 38 -83.86 -15.46 28.38
N LYS H 39 -84.78 -16.39 28.64
CA LYS H 39 -85.90 -16.11 29.51
C LYS H 39 -85.47 -16.19 30.97
N PRO H 40 -86.17 -15.50 31.87
CA PRO H 40 -85.75 -15.49 33.28
C PRO H 40 -85.70 -16.90 33.86
N GLY H 41 -84.57 -17.23 34.49
CA GLY H 41 -84.38 -18.55 35.04
C GLY H 41 -84.22 -19.65 34.01
N LYS H 42 -83.87 -19.31 32.78
CA LYS H 42 -83.76 -20.26 31.69
C LYS H 42 -82.39 -20.16 31.03
N ALA H 43 -82.11 -21.14 30.18
CA ALA H 43 -80.91 -21.26 29.36
C ALA H 43 -81.04 -20.41 28.10
N PRO H 44 -80.04 -19.60 27.78
CA PRO H 44 -80.08 -18.86 26.51
C PRO H 44 -80.16 -19.83 25.34
N LYS H 45 -81.04 -19.51 24.41
CA LYS H 45 -81.28 -20.31 23.22
C LYS H 45 -80.83 -19.52 21.99
N LEU H 46 -80.04 -20.15 21.13
CA LEU H 46 -79.57 -19.47 19.94
C LEU H 46 -80.72 -19.13 19.01
N LEU H 47 -80.88 -17.84 18.70
CA LEU H 47 -81.69 -17.42 17.58
C LEU H 47 -80.88 -17.29 16.31
N ILE H 48 -79.85 -16.45 16.33
CA ILE H 48 -79.24 -15.99 15.10
C ILE H 48 -77.73 -16.22 15.15
N TYR H 49 -77.19 -16.84 14.11
CA TYR H 49 -75.75 -17.03 13.96
C TYR H 49 -75.34 -16.45 12.62
N LYS H 50 -74.17 -15.82 12.58
CA LYS H 50 -73.61 -15.08 11.45
C LYS H 50 -74.38 -13.77 11.27
N ALA H 51 -75.27 -13.45 12.22
CA ALA H 51 -76.10 -12.24 12.25
C ALA H 51 -77.17 -12.21 11.15
N SER H 52 -77.18 -13.20 10.26
CA SER H 52 -78.20 -13.24 9.21
C SER H 52 -79.06 -14.49 9.32
N SER H 53 -78.43 -15.66 9.35
CA SER H 53 -79.16 -16.90 9.44
C SER H 53 -79.68 -17.12 10.86
N LEU H 54 -80.82 -17.82 10.96
CA LEU H 54 -81.46 -18.08 12.22
C LEU H 54 -81.47 -19.57 12.52
N GLU H 55 -81.42 -19.90 13.81
CA GLU H 55 -81.39 -21.29 14.23
C GLU H 55 -82.73 -21.97 14.00
N SER H 56 -82.68 -23.29 13.80
CA SER H 56 -83.90 -24.06 13.64
C SER H 56 -84.73 -24.02 14.92
N GLY H 57 -86.05 -24.00 14.76
CA GLY H 57 -86.96 -23.82 15.87
C GLY H 57 -87.21 -22.39 16.27
N VAL H 58 -86.68 -21.43 15.52
CA VAL H 58 -86.88 -20.01 15.78
C VAL H 58 -87.80 -19.47 14.69
N PRO H 59 -88.90 -18.80 15.05
CA PRO H 59 -89.82 -18.28 14.02
C PRO H 59 -89.20 -17.15 13.23
N SER H 60 -89.81 -16.90 12.07
CA SER H 60 -89.29 -15.88 11.15
C SER H 60 -89.46 -14.46 11.68
N ARG H 61 -90.26 -14.28 12.74
CA ARG H 61 -90.45 -12.94 13.28
C ARG H 61 -89.14 -12.36 13.80
N PHE H 62 -88.31 -13.18 14.44
CA PHE H 62 -86.99 -12.74 14.85
C PHE H 62 -86.10 -12.60 13.63
N SER H 63 -85.31 -11.52 13.57
CA SER H 63 -84.43 -11.29 12.44
C SER H 63 -83.20 -10.52 12.91
N GLY H 64 -82.14 -10.59 12.11
CA GLY H 64 -80.91 -9.90 12.43
C GLY H 64 -80.29 -9.31 11.18
N SER H 65 -79.45 -8.29 11.39
CA SER H 65 -78.80 -7.60 10.29
C SER H 65 -77.58 -6.88 10.84
N GLY H 66 -76.86 -6.22 9.94
CA GLY H 66 -75.69 -5.46 10.35
C GLY H 66 -74.39 -6.14 9.98
N SER H 67 -73.32 -5.38 10.09
CA SER H 67 -71.98 -5.87 9.75
C SER H 67 -70.96 -4.89 10.31
N GLY H 68 -69.75 -5.39 10.53
CA GLY H 68 -68.74 -4.55 11.12
C GLY H 68 -68.98 -4.36 12.61
N THR H 69 -68.79 -3.11 13.05
CA THR H 69 -69.00 -2.79 14.46
C THR H 69 -70.48 -2.81 14.83
N GLU H 70 -71.36 -2.38 13.93
CA GLU H 70 -72.78 -2.24 14.22
C GLU H 70 -73.57 -3.46 13.75
N PHE H 71 -74.39 -4.01 14.65
CA PHE H 71 -75.30 -5.09 14.36
C PHE H 71 -76.65 -4.78 14.98
N THR H 72 -77.72 -5.32 14.40
CA THR H 72 -79.07 -5.06 14.86
C THR H 72 -79.88 -6.35 14.93
N LEU H 73 -80.75 -6.41 15.93
CA LEU H 73 -81.69 -7.51 16.13
C LEU H 73 -83.09 -6.93 16.16
N THR H 74 -84.00 -7.48 15.36
CA THR H 74 -85.32 -6.88 15.18
C THR H 74 -86.41 -7.94 15.29
N ILE H 75 -87.47 -7.60 16.01
CA ILE H 75 -88.69 -8.41 16.07
C ILE H 75 -89.81 -7.60 15.45
N THR H 76 -90.43 -8.15 14.41
CA THR H 76 -91.49 -7.44 13.70
C THR H 76 -92.78 -7.40 14.52
N SER H 77 -93.16 -8.53 15.13
CA SER H 77 -94.37 -8.64 15.92
C SER H 77 -94.05 -9.36 17.21
N LEU H 78 -94.29 -8.70 18.34
CA LEU H 78 -93.94 -9.28 19.63
C LEU H 78 -94.96 -10.33 20.06
N GLN H 79 -94.49 -11.26 20.88
CA GLN H 79 -95.28 -12.33 21.46
C GLN H 79 -94.99 -12.40 22.95
N PRO H 80 -95.89 -12.99 23.75
CA PRO H 80 -95.64 -13.06 25.20
C PRO H 80 -94.32 -13.74 25.56
N ASP H 81 -93.94 -14.80 24.85
CA ASP H 81 -92.68 -15.47 25.13
C ASP H 81 -91.48 -14.67 24.60
N ASP H 82 -91.71 -13.77 23.65
CA ASP H 82 -90.61 -13.01 23.06
C ASP H 82 -89.95 -12.10 24.08
N PHE H 83 -90.73 -11.52 25.00
CA PHE H 83 -90.17 -10.60 25.98
C PHE H 83 -89.26 -11.33 26.96
N ALA H 84 -87.95 -11.11 26.82
CA ALA H 84 -86.96 -11.63 27.75
C ALA H 84 -85.60 -11.06 27.37
N THR H 85 -84.58 -11.47 28.11
CA THR H 85 -83.23 -10.95 27.89
C THR H 85 -82.68 -11.43 26.56
N TYR H 86 -81.92 -10.56 25.89
CA TYR H 86 -81.30 -10.86 24.61
C TYR H 86 -79.80 -10.61 24.71
N TYR H 87 -79.01 -11.53 24.14
CA TYR H 87 -77.56 -11.41 24.19
C TYR H 87 -76.95 -11.47 22.80
N CYS H 88 -75.89 -10.69 22.60
CA CYS H 88 -75.07 -10.71 21.40
C CYS H 88 -73.64 -11.04 21.79
N GLN H 89 -73.03 -12.00 21.07
CA GLN H 89 -71.65 -12.37 21.34
C GLN H 89 -70.88 -12.49 20.03
N GLN H 90 -69.68 -11.92 19.99
CA GLN H 90 -68.82 -12.08 18.83
C GLN H 90 -68.06 -13.40 18.91
N TYR H 91 -67.92 -14.06 17.77
CA TYR H 91 -67.03 -15.21 17.66
C TYR H 91 -66.04 -15.04 16.51
N ASP H 92 -65.70 -13.79 16.17
CA ASP H 92 -64.67 -13.53 15.17
C ASP H 92 -63.30 -13.96 15.67
N SER H 93 -62.97 -13.61 16.91
CA SER H 93 -61.68 -13.96 17.51
C SER H 93 -61.93 -14.50 18.91
N PHE H 94 -60.94 -15.22 19.43
CA PHE H 94 -61.11 -15.87 20.72
C PHE H 94 -61.15 -14.84 21.85
N SER H 95 -61.26 -15.35 23.08
CA SER H 95 -61.66 -14.54 24.23
C SER H 95 -63.04 -13.92 23.98
N TRP H 96 -64.00 -14.79 23.68
CA TRP H 96 -65.32 -14.34 23.27
C TRP H 96 -65.99 -13.51 24.35
N THR H 97 -66.67 -12.45 23.93
CA THR H 97 -67.29 -11.51 24.85
C THR H 97 -68.77 -11.38 24.53
N PHE H 98 -69.59 -11.35 25.58
CA PHE H 98 -71.03 -11.18 25.45
C PHE H 98 -71.43 -9.72 25.62
N GLY H 99 -72.65 -9.41 25.19
CA GLY H 99 -73.24 -8.13 25.51
C GLY H 99 -73.78 -8.11 26.93
N GLN H 100 -74.10 -6.90 27.39
CA GLN H 100 -74.63 -6.76 28.74
C GLN H 100 -76.03 -7.37 28.85
N GLY H 101 -76.82 -7.25 27.80
CA GLY H 101 -78.15 -7.83 27.79
C GLY H 101 -79.23 -6.76 27.82
N THR H 102 -80.33 -7.05 27.14
CA THR H 102 -81.47 -6.13 27.05
C THR H 102 -82.70 -6.83 27.61
N LYS H 103 -83.29 -6.24 28.65
CA LYS H 103 -84.50 -6.77 29.24
C LYS H 103 -85.71 -6.15 28.55
N LEU H 104 -86.59 -7.01 28.03
CA LEU H 104 -87.75 -6.57 27.27
C LEU H 104 -89.00 -6.65 28.13
N GLU H 105 -89.75 -5.55 28.18
CA GLU H 105 -90.99 -5.47 28.94
C GLU H 105 -92.11 -4.99 28.04
N ILE H 106 -93.34 -5.38 28.39
CA ILE H 106 -94.51 -4.95 27.66
C ILE H 106 -94.77 -3.46 27.88
N VAL I 1 -79.88 -34.66 21.65
CA VAL I 1 -78.87 -33.62 21.56
C VAL I 1 -78.99 -32.62 22.71
N GLN I 2 -78.62 -33.08 23.91
CA GLN I 2 -78.72 -32.25 25.11
C GLN I 2 -77.45 -32.39 25.93
N LEU I 3 -77.24 -31.41 26.81
CA LEU I 3 -76.15 -31.41 27.76
C LEU I 3 -76.74 -31.35 29.16
N VAL I 4 -76.53 -32.40 29.95
CA VAL I 4 -77.08 -32.49 31.29
C VAL I 4 -75.98 -32.11 32.27
N GLN I 5 -76.23 -31.08 33.07
CA GLN I 5 -75.26 -30.59 34.03
C GLN I 5 -75.51 -31.18 35.41
N SER I 6 -74.51 -31.06 36.28
CA SER I 6 -74.64 -31.51 37.64
C SER I 6 -75.62 -30.62 38.41
N GLY I 7 -76.21 -31.19 39.45
CA GLY I 7 -77.21 -30.47 40.22
C GLY I 7 -76.61 -29.26 40.92
N ALA I 8 -77.43 -28.22 41.07
CA ALA I 8 -76.99 -27.02 41.77
C ALA I 8 -76.68 -27.35 43.23
N GLU I 9 -75.57 -26.79 43.72
CA GLU I 9 -75.08 -27.11 45.05
C GLU I 9 -74.51 -25.87 45.71
N VAL I 10 -74.51 -25.88 47.04
CA VAL I 10 -74.04 -24.76 47.85
C VAL I 10 -72.85 -25.23 48.67
N LYS I 11 -71.76 -24.45 48.61
CA LYS I 11 -70.54 -24.82 49.32
C LYS I 11 -69.94 -23.58 49.99
N LYS I 12 -69.26 -23.83 51.11
CA LYS I 12 -68.60 -22.77 51.86
C LYS I 12 -67.28 -22.39 51.20
N PRO I 13 -66.74 -21.20 51.55
CA PRO I 13 -65.48 -20.77 50.92
C PRO I 13 -64.32 -21.70 51.23
N GLY I 14 -63.37 -21.76 50.29
CA GLY I 14 -62.17 -22.55 50.45
C GLY I 14 -62.29 -24.01 50.06
N GLU I 15 -63.46 -24.44 49.57
CA GLU I 15 -63.67 -25.83 49.24
C GLU I 15 -63.43 -26.05 47.74
N SER I 16 -63.17 -27.31 47.38
CA SER I 16 -62.97 -27.70 46.00
C SER I 16 -64.32 -27.95 45.34
N LEU I 17 -64.56 -27.29 44.22
CA LEU I 17 -65.84 -27.36 43.52
C LEU I 17 -65.66 -28.01 42.16
N LYS I 18 -66.45 -29.04 41.89
CA LYS I 18 -66.40 -29.72 40.59
C LYS I 18 -67.81 -29.81 40.02
N ILE I 19 -67.97 -29.38 38.78
CA ILE I 19 -69.25 -29.39 38.09
C ILE I 19 -69.13 -30.26 36.84
N SER I 20 -70.08 -31.16 36.66
CA SER I 20 -70.04 -32.18 35.61
C SER I 20 -71.10 -31.90 34.55
N CYS I 21 -70.72 -32.00 33.29
CA CYS I 21 -71.63 -31.90 32.16
C CYS I 21 -71.46 -33.11 31.25
N LYS I 22 -72.54 -33.85 31.03
CA LYS I 22 -72.52 -35.00 30.15
C LYS I 22 -73.39 -34.73 28.93
N GLY I 23 -72.84 -34.98 27.74
CA GLY I 23 -73.54 -34.74 26.50
C GLY I 23 -74.13 -36.03 25.95
N SER I 24 -75.39 -35.96 25.53
CA SER I 24 -76.09 -37.12 24.99
C SER I 24 -76.87 -36.72 23.76
N GLY I 25 -77.20 -37.71 22.94
CA GLY I 25 -78.05 -37.51 21.78
C GLY I 25 -77.33 -37.16 20.50
N TYR I 26 -76.02 -36.95 20.54
CA TYR I 26 -75.25 -36.69 19.33
C TYR I 26 -74.00 -37.55 19.33
N SER I 27 -73.68 -38.14 18.18
CA SER I 27 -72.49 -38.96 18.04
C SER I 27 -71.26 -38.09 17.87
N PHE I 28 -70.08 -38.72 17.98
CA PHE I 28 -68.80 -38.03 17.91
C PHE I 28 -68.71 -36.93 18.96
N THR I 29 -69.09 -37.26 20.20
CA THR I 29 -69.09 -36.28 21.27
C THR I 29 -67.68 -35.76 21.55
N SER I 30 -66.66 -36.61 21.38
CA SER I 30 -65.28 -36.18 21.65
C SER I 30 -64.80 -35.14 20.65
N TYR I 31 -65.47 -34.97 19.52
CA TYR I 31 -65.02 -34.08 18.47
C TYR I 31 -65.69 -32.70 18.52
N TYR I 32 -66.44 -32.42 19.58
CA TYR I 32 -67.11 -31.13 19.75
C TYR I 32 -66.46 -30.38 20.90
N TRP I 33 -66.11 -29.12 20.65
CA TRP I 33 -65.60 -28.27 21.73
C TRP I 33 -66.70 -28.04 22.75
N ILE I 34 -66.39 -28.29 24.03
CA ILE I 34 -67.35 -28.13 25.11
C ILE I 34 -66.79 -27.12 26.10
N GLY I 35 -67.59 -26.12 26.45
CA GLY I 35 -67.11 -25.01 27.27
C GLY I 35 -68.07 -24.68 28.38
N TRP I 36 -67.66 -23.70 29.18
CA TRP I 36 -68.44 -23.22 30.31
C TRP I 36 -68.62 -21.71 30.23
N VAL I 37 -69.81 -21.25 30.59
CA VAL I 37 -70.15 -19.83 30.61
C VAL I 37 -70.69 -19.50 32.00
N ARG I 38 -70.28 -18.36 32.54
CA ARG I 38 -70.69 -17.93 33.88
C ARG I 38 -71.71 -16.81 33.77
N GLN I 39 -72.80 -16.90 34.54
CA GLN I 39 -73.72 -15.79 34.70
C GLN I 39 -73.79 -15.43 36.19
N MET I 40 -73.29 -14.25 36.53
CA MET I 40 -73.46 -13.73 37.87
C MET I 40 -74.92 -13.37 38.09
N PRO I 41 -75.40 -13.42 39.34
CA PRO I 41 -76.77 -12.99 39.62
C PRO I 41 -76.97 -11.54 39.21
N GLY I 42 -77.90 -11.33 38.29
CA GLY I 42 -78.15 -10.00 37.76
C GLY I 42 -77.01 -9.43 36.94
N LYS I 43 -76.38 -10.26 36.10
CA LYS I 43 -75.27 -9.83 35.27
C LYS I 43 -75.34 -10.54 33.92
N GLY I 44 -74.54 -10.06 32.97
CA GLY I 44 -74.47 -10.70 31.67
C GLY I 44 -73.58 -11.93 31.67
N LEU I 45 -73.71 -12.72 30.60
CA LEU I 45 -72.92 -13.93 30.46
C LEU I 45 -71.45 -13.59 30.24
N GLU I 46 -70.57 -14.43 30.78
CA GLU I 46 -69.14 -14.32 30.58
C GLU I 46 -68.60 -15.68 30.15
N TRP I 47 -68.00 -15.73 28.96
CA TRP I 47 -67.38 -16.96 28.51
C TRP I 47 -66.14 -17.26 29.35
N MET I 48 -66.00 -18.52 29.75
CA MET I 48 -64.95 -18.93 30.68
C MET I 48 -63.88 -19.78 30.02
N GLY I 49 -64.26 -20.86 29.34
CA GLY I 49 -63.27 -21.68 28.67
C GLY I 49 -63.92 -22.78 27.87
N ILE I 50 -63.10 -23.44 27.06
CA ILE I 50 -63.53 -24.55 26.22
C ILE I 50 -62.46 -25.64 26.24
N VAL I 51 -62.89 -26.88 25.98
CA VAL I 51 -62.00 -28.03 25.91
C VAL I 51 -62.39 -28.90 24.72
N TYR I 52 -61.38 -29.50 24.09
CA TYR I 52 -61.59 -30.50 23.07
C TYR I 52 -61.47 -31.88 23.71
N PRO I 53 -62.55 -32.65 23.82
CA PRO I 53 -62.48 -33.92 24.58
C PRO I 53 -61.48 -34.91 24.04
N ASP I 54 -61.27 -34.94 22.72
CA ASP I 54 -60.38 -35.95 22.15
C ASP I 54 -58.94 -35.78 22.63
N ASP I 55 -58.42 -34.56 22.58
CA ASP I 55 -57.03 -34.30 22.93
C ASP I 55 -56.87 -33.49 24.21
N SER I 56 -57.96 -33.14 24.89
CA SER I 56 -57.95 -32.42 26.16
C SER I 56 -57.35 -31.03 26.05
N ASP I 57 -57.28 -30.47 24.84
CA ASP I 57 -56.79 -29.11 24.67
C ASP I 57 -57.76 -28.12 25.33
N THR I 58 -57.22 -27.14 26.02
CA THR I 58 -58.01 -26.19 26.79
C THR I 58 -57.71 -24.77 26.35
N ARG I 59 -58.75 -23.96 26.24
CA ARG I 59 -58.63 -22.53 25.97
C ARG I 59 -59.43 -21.78 27.02
N TYR I 60 -58.88 -20.66 27.51
CA TYR I 60 -59.48 -19.93 28.61
C TYR I 60 -59.59 -18.45 28.27
N SER I 61 -60.60 -17.81 28.85
CA SER I 61 -60.67 -16.36 28.83
C SER I 61 -59.56 -15.78 29.72
N PRO I 62 -59.04 -14.61 29.37
CA PRO I 62 -57.97 -14.02 30.19
C PRO I 62 -58.36 -13.81 31.65
N SER I 63 -59.61 -13.43 31.90
CA SER I 63 -60.04 -13.22 33.28
C SER I 63 -60.08 -14.52 34.06
N PHE I 64 -60.58 -15.59 33.44
CA PHE I 64 -60.78 -16.86 34.13
C PHE I 64 -59.61 -17.81 34.01
N GLN I 65 -58.58 -17.46 33.24
CA GLN I 65 -57.43 -18.34 33.08
C GLN I 65 -56.68 -18.46 34.41
N GLY I 66 -56.32 -19.70 34.75
CA GLY I 66 -55.68 -19.96 36.04
C GLY I 66 -56.66 -20.08 37.18
N GLN I 67 -57.64 -19.18 37.25
CA GLN I 67 -58.64 -19.25 38.30
C GLN I 67 -59.48 -20.52 38.19
N VAL I 68 -59.82 -20.93 36.97
CA VAL I 68 -60.59 -22.13 36.73
C VAL I 68 -59.69 -23.18 36.10
N THR I 69 -60.12 -24.44 36.17
CA THR I 69 -59.49 -25.51 35.40
C THR I 69 -60.59 -26.34 34.76
N ILE I 70 -60.60 -26.40 33.43
CA ILE I 70 -61.65 -27.09 32.69
C ILE I 70 -61.02 -28.33 32.05
N SER I 71 -61.64 -29.48 32.27
CA SER I 71 -61.10 -30.76 31.83
C SER I 71 -62.18 -31.53 31.09
N ALA I 72 -61.75 -32.51 30.31
CA ALA I 72 -62.67 -33.34 29.53
C ALA I 72 -62.34 -34.81 29.71
N ASP I 73 -63.32 -35.57 30.19
CA ASP I 73 -63.25 -37.03 30.23
C ASP I 73 -63.94 -37.53 28.96
N LYS I 74 -63.15 -37.87 27.95
CA LYS I 74 -63.71 -38.31 26.68
C LYS I 74 -64.34 -39.69 26.80
N SER I 75 -63.89 -40.51 27.76
CA SER I 75 -64.41 -41.86 27.89
C SER I 75 -65.90 -41.87 28.20
N ILE I 76 -66.34 -40.99 29.11
CA ILE I 76 -67.75 -40.91 29.49
C ILE I 76 -68.43 -39.68 28.91
N SER I 77 -67.83 -39.04 27.90
CA SER I 77 -68.43 -37.90 27.20
C SER I 77 -68.80 -36.79 28.17
N THR I 78 -67.87 -36.44 29.05
CA THR I 78 -68.16 -35.51 30.13
C THR I 78 -67.10 -34.40 30.15
N ALA I 79 -67.51 -33.23 30.62
CA ALA I 79 -66.61 -32.11 30.84
C ALA I 79 -66.79 -31.60 32.26
N TYR I 80 -65.67 -31.28 32.91
CA TYR I 80 -65.67 -30.87 34.30
C TYR I 80 -65.11 -29.47 34.44
N LEU I 81 -65.82 -28.65 35.19
CA LEU I 81 -65.36 -27.32 35.58
C LEU I 81 -64.92 -27.41 37.04
N GLN I 82 -63.63 -27.17 37.29
CA GLN I 82 -63.04 -27.34 38.61
C GLN I 82 -62.57 -25.97 39.12
N TRP I 83 -63.07 -25.59 40.28
CA TRP I 83 -62.68 -24.35 40.96
C TRP I 83 -62.01 -24.70 42.28
N SER I 84 -60.89 -24.04 42.56
CA SER I 84 -60.24 -24.09 43.85
C SER I 84 -60.33 -22.73 44.52
N SER I 85 -60.35 -22.75 45.85
CA SER I 85 -60.49 -21.55 46.67
C SER I 85 -61.78 -20.80 46.34
N LEU I 86 -62.90 -21.46 46.64
CA LEU I 86 -64.21 -20.84 46.46
C LEU I 86 -64.32 -19.57 47.29
N LYS I 87 -64.90 -18.53 46.70
CA LYS I 87 -65.03 -17.24 47.37
C LYS I 87 -66.40 -16.66 47.08
N ALA I 88 -66.69 -15.50 47.67
CA ALA I 88 -67.98 -14.85 47.47
C ALA I 88 -68.19 -14.44 46.02
N SER I 89 -67.12 -13.96 45.37
CA SER I 89 -67.21 -13.65 43.94
C SER I 89 -67.52 -14.90 43.14
N ASP I 90 -67.22 -16.08 43.69
CA ASP I 90 -67.49 -17.35 43.03
C ASP I 90 -68.91 -17.81 43.33
N THR I 91 -69.85 -16.91 43.07
CA THR I 91 -71.27 -17.16 43.28
C THR I 91 -72.01 -16.78 42.00
N ALA I 92 -72.45 -17.77 41.25
CA ALA I 92 -73.04 -17.55 39.94
C ALA I 92 -73.64 -18.86 39.47
N MET I 93 -74.39 -18.79 38.37
CA MET I 93 -74.97 -19.98 37.78
C MET I 93 -74.28 -20.24 36.44
N TYR I 94 -73.85 -21.48 36.24
CA TYR I 94 -72.93 -21.83 35.17
C TYR I 94 -73.63 -22.68 34.12
N TYR I 95 -73.29 -22.44 32.86
CA TYR I 95 -73.83 -23.16 31.72
C TYR I 95 -72.74 -24.01 31.08
N CYS I 96 -73.04 -25.28 30.86
CA CYS I 96 -72.27 -26.09 29.93
C CYS I 96 -72.78 -25.85 28.52
N VAL I 97 -71.87 -25.55 27.59
CA VAL I 97 -72.23 -25.13 26.24
C VAL I 97 -71.43 -25.94 25.24
N ARG I 98 -71.99 -26.14 24.05
CA ARG I 98 -71.34 -26.89 22.99
C ARG I 98 -71.04 -25.98 21.81
N HIS I 99 -69.89 -26.20 21.18
CA HIS I 99 -69.47 -25.48 19.98
C HIS I 99 -69.62 -26.35 18.75
N PRO I 100 -70.14 -25.79 17.65
CA PRO I 100 -69.96 -26.45 16.35
C PRO I 100 -68.52 -26.32 15.88
N GLY I 101 -68.17 -27.14 14.91
CA GLY I 101 -66.83 -27.14 14.35
C GLY I 101 -66.62 -26.01 13.37
N GLY I 102 -65.48 -26.07 12.69
CA GLY I 102 -65.17 -25.08 11.68
C GLY I 102 -65.11 -23.68 12.25
N GLY I 103 -65.58 -22.72 11.46
CA GLY I 103 -65.55 -21.32 11.85
C GLY I 103 -66.73 -20.83 12.65
N ASP I 104 -67.69 -21.69 12.94
CA ASP I 104 -68.86 -21.32 13.74
C ASP I 104 -68.53 -21.56 15.21
N TRP I 105 -68.33 -20.48 15.95
CA TRP I 105 -67.93 -20.54 17.36
C TRP I 105 -68.97 -19.95 18.29
N TYR I 106 -70.25 -19.99 17.90
CA TYR I 106 -71.31 -19.73 18.84
C TYR I 106 -71.61 -20.99 19.65
N PHE I 107 -72.47 -20.84 20.66
CA PHE I 107 -72.87 -21.96 21.51
C PHE I 107 -74.23 -22.45 21.05
N ASP I 108 -74.24 -23.50 20.20
CA ASP I 108 -75.49 -24.01 19.66
C ASP I 108 -76.32 -24.71 20.73
N LEU I 109 -75.68 -25.45 21.63
CA LEU I 109 -76.37 -26.18 22.69
C LEU I 109 -75.98 -25.62 24.05
N TRP I 110 -76.98 -25.42 24.89
CA TRP I 110 -76.79 -24.91 26.25
C TRP I 110 -77.37 -25.92 27.24
N GLY I 111 -76.67 -26.13 28.35
CA GLY I 111 -77.20 -26.96 29.41
C GLY I 111 -78.28 -26.24 30.21
N ARG I 112 -78.95 -27.02 31.06
CA ARG I 112 -80.02 -26.46 31.89
C ARG I 112 -79.47 -25.44 32.88
N GLY I 113 -78.29 -25.71 33.45
CA GLY I 113 -77.67 -24.76 34.36
C GLY I 113 -77.28 -25.37 35.70
N THR I 114 -76.28 -24.76 36.36
CA THR I 114 -75.80 -25.24 37.67
C THR I 114 -75.51 -24.01 38.52
N LEU I 115 -76.45 -23.68 39.42
CA LEU I 115 -76.22 -22.60 40.37
C LEU I 115 -75.23 -23.02 41.43
N VAL I 116 -74.27 -22.14 41.72
CA VAL I 116 -73.31 -22.34 42.80
C VAL I 116 -73.27 -21.06 43.60
N THR I 117 -73.59 -21.14 44.89
CA THR I 117 -73.61 -20.00 45.79
C THR I 117 -72.66 -20.27 46.94
N VAL I 118 -71.79 -19.30 47.21
CA VAL I 118 -70.80 -19.45 48.27
C VAL I 118 -71.15 -18.54 49.45
C1 NAG J . 54.37 40.89 54.26
C2 NAG J . 54.90 40.27 55.55
C3 NAG J . 56.02 41.13 56.13
C4 NAG J . 57.10 41.37 55.08
C5 NAG J . 56.48 41.98 53.83
C6 NAG J . 57.46 42.16 52.70
C7 NAG J . 53.21 38.91 56.71
C8 NAG J . 52.15 38.90 57.77
N2 NAG J . 53.84 40.08 56.53
O3 NAG J . 56.58 40.48 57.27
O4 NAG J . 58.10 42.25 55.61
O5 NAG J . 55.45 41.11 53.34
O6 NAG J . 57.96 40.92 52.23
O7 NAG J . 53.51 37.91 56.06
C1 NAG J . 59.39 41.62 55.53
C2 NAG J . 60.46 42.69 55.74
C3 NAG J . 61.85 42.06 55.69
C4 NAG J . 61.95 40.90 56.67
C5 NAG J . 60.81 39.91 56.44
C6 NAG J . 60.76 38.80 57.46
C7 NAG J . 59.86 44.96 55.04
C8 NAG J . 59.82 45.93 53.89
N2 NAG J . 60.35 43.75 54.75
O3 NAG J . 62.83 43.04 56.00
O4 NAG J . 63.19 40.23 56.51
O5 NAG J . 59.54 40.58 56.51
O6 NAG J . 59.84 37.78 57.08
O7 NAG J . 59.46 45.26 56.16
C1 NAG K . 54.21 23.59 42.31
C2 NAG K . 55.22 23.61 43.47
C3 NAG K . 56.33 22.59 43.23
C4 NAG K . 55.74 21.22 42.94
C5 NAG K . 54.73 21.31 41.80
C6 NAG K . 54.02 20.00 41.52
C7 NAG K . 55.47 25.74 44.67
C8 NAG K . 56.15 27.07 44.68
N2 NAG K . 55.77 24.94 43.64
O3 NAG K . 57.18 22.54 44.36
O4 NAG K . 56.79 20.32 42.58
O5 NAG K . 53.72 22.27 42.14
O6 NAG K . 53.29 20.06 40.30
O7 NAG K . 54.70 25.39 45.56
C1 NAG K . 56.79 19.15 43.44
C2 NAG K . 57.73 18.13 42.83
C3 NAG K . 57.80 16.88 43.72
C4 NAG K . 58.16 17.27 45.14
C5 NAG K . 57.19 18.33 45.66
C6 NAG K . 57.55 18.84 47.04
C7 NAG K . 57.85 18.34 40.39
C8 NAG K . 57.31 17.86 39.08
N2 NAG K . 57.32 17.77 41.49
O3 NAG K . 58.77 15.98 43.19
O4 NAG K . 58.08 16.12 45.99
O5 NAG K . 57.21 19.46 44.79
O6 NAG K . 58.15 20.13 46.98
O7 NAG K . 58.72 19.20 40.46
C1 NAG L . 60.82 10.74 26.23
C2 NAG L . 62.24 10.34 26.66
C3 NAG L . 62.49 8.86 26.41
C4 NAG L . 61.41 8.01 27.05
C5 NAG L . 60.04 8.47 26.56
C6 NAG L . 58.89 7.75 27.21
C7 NAG L . 64.17 11.86 26.63
C8 NAG L . 65.11 12.64 25.77
N2 NAG L . 63.23 11.16 25.99
O3 NAG L . 63.76 8.50 26.92
O4 NAG L . 61.60 6.64 26.71
O5 NAG L . 59.87 9.87 26.87
O6 NAG L . 57.68 8.51 27.14
O7 NAG L . 64.25 11.86 27.86
C1 NAG L . 61.71 5.87 27.94
C2 NAG L . 61.43 4.41 27.59
C3 NAG L . 61.58 3.55 28.85
C4 NAG L . 62.94 3.77 29.51
C5 NAG L . 63.16 5.27 29.75
C6 NAG L . 64.55 5.57 30.28
C7 NAG L . 59.87 4.34 25.71
C8 NAG L . 58.45 4.14 25.28
N2 NAG L . 60.11 4.24 27.02
O3 NAG L . 61.44 2.17 28.50
O4 NAG L . 63.00 3.08 30.75
O5 NAG L . 63.02 5.99 28.52
O6 NAG L . 65.41 6.05 29.26
O7 NAG L . 60.77 4.56 24.90
C1 NAG M . 75.20 44.66 14.32
C2 NAG M . 76.35 44.84 13.32
C3 NAG M . 77.31 45.92 13.79
C4 NAG M . 76.55 47.22 14.07
C5 NAG M . 75.44 46.95 15.07
C6 NAG M . 74.57 48.17 15.35
C7 NAG M . 76.77 42.74 12.12
C8 NAG M . 77.59 41.49 12.06
N2 NAG M . 77.05 43.58 13.11
O3 NAG M . 78.30 46.14 12.80
O4 NAG M . 77.44 48.22 14.56
O5 NAG M . 74.56 45.94 14.56
O6 NAG M . 73.92 48.63 14.17
O7 NAG M . 75.89 42.98 11.29
C1 NAG M . 77.42 49.33 13.64
C2 NAG M . 77.90 50.59 14.38
C3 NAG M . 77.92 51.78 13.42
C4 NAG M . 78.73 51.45 12.18
C5 NAG M . 78.24 50.16 11.54
C6 NAG M . 79.10 49.71 10.37
C7 NAG M . 77.46 50.64 16.79
C8 NAG M . 76.48 51.00 17.86
N2 NAG M . 77.07 50.87 15.53
O3 NAG M . 78.47 52.91 14.07
O4 NAG M . 78.63 52.50 11.23
O5 NAG M . 78.27 49.09 12.50
O6 NAG M . 79.40 48.32 10.44
O7 NAG M . 78.57 50.17 17.04
C1 NAG N . 59.15 45.04 1.10
C2 NAG N . 60.41 45.79 0.65
C3 NAG N . 60.06 46.82 -0.44
C4 NAG N . 59.30 46.16 -1.57
C5 NAG N . 58.07 45.43 -1.02
C6 NAG N . 57.30 44.67 -2.07
C7 NAG N . 62.15 45.94 2.36
C8 NAG N . 62.68 46.75 3.51
N2 NAG N . 61.06 46.44 1.77
O3 NAG N . 61.25 47.40 -0.93
O4 NAG N . 58.90 47.13 -2.53
O5 NAG N . 58.49 44.47 -0.04
O6 NAG N . 56.19 43.99 -1.50
O7 NAG N . 62.68 44.91 2.00
C1 NAG N . 59.45 46.79 -3.82
C2 NAG N . 58.65 47.53 -4.88
C3 NAG N . 59.22 47.21 -6.27
C4 NAG N . 60.71 47.52 -6.31
C5 NAG N . 61.43 46.81 -5.17
C6 NAG N . 62.90 47.16 -5.08
C7 NAG N . 56.31 47.98 -4.29
C8 NAG N . 54.91 47.45 -4.30
N2 NAG N . 57.24 47.18 -4.82
O3 NAG N . 58.53 47.99 -7.24
O4 NAG N . 61.26 47.10 -7.56
O5 NAG N . 60.84 47.16 -3.91
O6 NAG N . 63.08 48.37 -4.35
O7 NAG N . 56.60 49.08 -3.82
C1 NAG O . 41.16 52.60 -8.36
C2 NAG O . 41.72 53.83 -9.09
C3 NAG O . 41.05 53.98 -10.45
C4 NAG O . 41.18 52.70 -11.26
C5 NAG O . 40.63 51.53 -10.44
C6 NAG O . 40.82 50.18 -11.12
C7 NAG O . 42.53 55.86 -7.98
C8 NAG O . 42.14 57.05 -7.15
N2 NAG O . 41.53 55.03 -8.29
O3 NAG O . 41.66 55.06 -11.16
O4 NAG O . 40.45 52.81 -12.48
O5 NAG O . 41.32 51.45 -9.19
O6 NAG O . 40.59 49.11 -10.23
O7 NAG O . 43.68 55.66 -8.33
C1 NAG O . 41.36 52.65 -13.59
C2 NAG O . 40.57 52.12 -14.78
C3 NAG O . 41.49 51.98 -15.99
C4 NAG O . 42.21 53.28 -16.28
C5 NAG O . 42.92 53.77 -15.02
C6 NAG O . 43.55 55.14 -15.20
C7 NAG O . 38.67 50.76 -14.02
C8 NAG O . 38.17 49.37 -13.75
N2 NAG O . 39.93 50.85 -14.47
O3 NAG O . 40.72 51.59 -17.12
O4 NAG O . 43.17 53.09 -17.30
O5 NAG O . 41.99 53.90 -13.94
O6 NAG O . 42.65 56.17 -14.83
O7 NAG O . 37.97 51.75 -13.85
C1 NAG P . -9.40 -40.12 -17.31
C2 NAG P . -7.98 -40.19 -16.84
C3 NAG P . -7.04 -40.21 -18.05
C4 NAG P . -7.55 -41.09 -19.20
C5 NAG P . -9.07 -41.29 -19.27
C6 NAG P . -9.47 -42.58 -19.95
C7 NAG P . -7.70 -37.80 -16.26
C8 NAG P . -7.32 -36.84 -15.19
N2 NAG P . -7.64 -39.10 -15.94
O3 NAG P . -5.75 -40.64 -17.64
O4 NAG P . -7.20 -40.44 -20.41
O5 NAG P . -9.72 -41.27 -17.99
O6 NAG P . -8.38 -43.49 -19.98
O7 NAG P . -8.04 -37.42 -17.39
C1 NAG P . -6.16 -41.06 -21.18
C2 NAG P . -6.57 -40.94 -22.65
C3 NAG P . -5.47 -41.50 -23.55
C4 NAG P . -4.14 -40.84 -23.25
C5 NAG P . -3.82 -40.97 -21.76
C6 NAG P . -2.58 -40.22 -21.36
C7 NAG P . -8.90 -40.99 -23.42
C8 NAG P . -10.12 -41.83 -23.61
N2 NAG P . -7.84 -41.61 -22.90
O3 NAG P . -5.83 -41.28 -24.91
O4 NAG P . -3.10 -41.46 -24.00
O5 NAG P . -4.91 -40.42 -20.98
O6 NAG P . -2.82 -38.83 -21.26
O7 NAG P . -8.87 -39.80 -23.72
C1 NAG Q . 41.32 72.99 25.10
C2 NAG Q . 40.52 74.26 25.39
C3 NAG Q . 41.38 75.28 26.11
C4 NAG Q . 41.99 74.66 27.36
C5 NAG Q . 42.75 73.39 26.98
C6 NAG Q . 43.31 72.65 28.19
C7 NAG Q . 38.76 74.56 23.69
C8 NAG Q . 38.38 75.23 22.41
N2 NAG Q . 39.99 74.83 24.15
O3 NAG Q . 40.58 76.41 26.48
O4 NAG Q . 42.87 75.60 28.00
O5 NAG Q . 41.87 72.48 26.32
O6 NAG Q . 42.27 72.14 29.00
O7 NAG Q . 38.00 73.81 24.28
C1 NAG Q . 42.41 75.83 29.34
C2 NAG Q . 43.58 76.40 30.15
C3 NAG Q . 43.13 76.69 31.59
C4 NAG Q . 41.90 77.58 31.59
C5 NAG Q . 40.80 76.97 30.71
C6 NAG Q . 39.59 77.86 30.58
C7 NAG Q . 45.71 75.60 29.25
C8 NAG Q . 46.81 74.59 29.37
N2 NAG Q . 44.71 75.50 30.14
O3 NAG Q . 44.20 77.32 32.29
O4 NAG Q . 41.41 77.72 32.92
O5 NAG Q . 41.30 76.74 29.39
O6 NAG Q . 38.75 77.45 29.51
O7 NAG Q . 45.71 76.45 28.37
C1 NAG R . 26.68 59.79 31.20
C2 NAG R . 26.75 61.18 31.85
C3 NAG R . 26.04 61.17 33.20
C4 NAG R . 24.62 60.64 33.05
C5 NAG R . 24.64 59.27 32.38
C6 NAG R . 23.27 58.72 32.12
C7 NAG R . 28.68 62.54 31.20
C8 NAG R . 30.11 62.87 31.48
N2 NAG R . 28.12 61.61 31.98
O3 NAG R . 26.02 62.49 33.73
O4 NAG R . 23.99 60.55 34.32
O5 NAG R . 25.31 59.36 31.12
O6 NAG R . 23.33 57.48 31.41
O7 NAG R . 28.05 63.09 30.30
C1 NAG R . 22.96 61.57 34.36
C2 NAG R . 21.83 61.10 35.27
C3 NAG R . 20.75 62.18 35.34
C4 NAG R . 21.35 63.52 35.75
C5 NAG R . 22.52 63.88 34.84
C6 NAG R . 23.26 65.12 35.29
C7 NAG R . 21.57 58.67 35.37
C8 NAG R . 20.90 57.46 34.78
N2 NAG R . 21.27 59.84 34.82
O3 NAG R . 19.74 61.79 36.28
O4 NAG R . 20.36 64.54 35.68
O5 NAG R . 23.48 62.82 34.82
O6 NAG R . 24.31 64.81 36.18
O7 NAG R . 22.35 58.58 36.32
C1 NAG S . 17.13 44.58 43.83
C2 NAG S . 16.88 45.45 45.07
C3 NAG S . 15.54 45.10 45.70
C4 NAG S . 14.43 45.16 44.66
C5 NAG S . 14.78 44.26 43.48
C6 NAG S . 13.78 44.32 42.36
C7 NAG S . 18.56 46.33 46.63
C8 NAG S . 19.64 45.99 47.60
N2 NAG S . 17.95 45.30 46.03
O3 NAG S . 15.26 46.01 46.76
O4 NAG S . 13.19 44.76 45.23
O5 NAG S . 16.03 44.68 42.93
O6 NAG S . 14.19 43.53 41.25
O7 NAG S . 18.24 47.49 46.39
C1 NAG S . 12.25 45.85 45.11
C2 NAG S . 10.83 45.27 45.11
C3 NAG S . 9.81 46.40 45.01
C4 NAG S . 10.05 47.44 46.09
C5 NAG S . 11.50 47.92 46.05
C6 NAG S . 11.85 48.87 47.17
C7 NAG S . 10.90 43.01 44.16
C8 NAG S . 10.66 42.17 42.95
N2 NAG S . 10.65 44.32 44.03
O3 NAG S . 8.49 45.86 45.15
O4 NAG S . 9.18 48.56 45.89
O5 NAG S . 12.39 46.80 46.16
O6 NAG S . 12.40 48.17 48.28
O7 NAG S . 11.30 42.52 45.22
C1 NAG T . -24.67 -9.86 -38.77
C2 NAG T . -24.77 -8.33 -38.68
C3 NAG T . -25.64 -7.93 -37.50
C4 NAG T . -26.99 -8.63 -37.56
C5 NAG T . -26.81 -10.14 -37.75
C6 NAG T . -28.11 -10.87 -38.01
C7 NAG T . -22.60 -7.87 -37.57
C8 NAG T . -21.30 -7.12 -37.69
N2 NAG T . -23.45 -7.72 -38.59
O3 NAG T . -25.83 -6.52 -37.52
O4 NAG T . -27.69 -8.43 -36.34
O5 NAG T . -25.97 -10.41 -38.89
O6 NAG T . -28.68 -10.49 -39.25
O7 NAG T . -22.86 -8.57 -36.60
C1 NAG T . -28.76 -7.49 -36.50
C2 NAG T . -29.72 -7.70 -35.33
C3 NAG T . -30.85 -6.67 -35.39
C4 NAG T . -30.28 -5.26 -35.48
C5 NAG T . -29.31 -5.16 -36.64
C6 NAG T . -28.62 -3.82 -36.72
C7 NAG T . -29.92 -9.96 -34.40
C8 NAG T . -30.57 -11.31 -34.55
N2 NAG T . -30.26 -9.05 -35.33
O3 NAG T . -31.67 -6.80 -34.22
O4 NAG T . -31.34 -4.32 -35.67
O5 NAG T . -28.27 -6.15 -36.50
O6 NAG T . -27.40 -3.83 -35.99
O7 NAG T . -29.14 -9.71 -33.50
C1 NAG U . 55.94 72.73 11.94
C2 NAG U . 57.40 72.45 11.57
C3 NAG U . 57.75 73.15 10.26
C4 NAG U . 56.75 72.79 9.17
C5 NAG U . 55.31 73.01 9.66
C6 NAG U . 54.27 72.53 8.67
C7 NAG U . 59.33 72.12 13.05
C8 NAG U . 59.53 70.81 12.36
N2 NAG U . 58.30 72.87 12.63
O3 NAG U . 59.06 72.79 9.85
O4 NAG U . 56.97 73.60 8.02
O5 NAG U . 55.09 72.29 10.88
O6 NAG U . 54.85 71.87 7.57
O7 NAG U . 60.08 72.51 13.95
C1 NAG V . 42.21 65.35 2.45
C2 NAG V . 43.28 64.67 1.57
C3 NAG V . 43.11 65.10 0.11
C4 NAG V . 41.66 64.92 -0.35
C5 NAG V . 40.71 65.60 0.63
C6 NAG V . 39.25 65.39 0.29
C7 NAG V . 45.73 64.45 1.58
C8 NAG V . 47.01 64.92 2.20
N2 NAG V . 44.61 65.01 2.05
O3 NAG V . 43.97 64.33 -0.73
O4 NAG V . 41.47 65.47 -1.64
O5 NAG V . 40.92 65.05 1.94
O6 NAG V . 38.67 64.40 1.12
O7 NAG V . 45.72 63.60 0.69
C1 NAG W . 30.91 65.82 13.63
C2 NAG W . 29.54 65.71 14.28
C3 NAG W . 28.47 65.37 13.25
C4 NAG W . 28.51 66.36 12.09
C5 NAG W . 29.92 66.42 11.50
C6 NAG W . 30.07 67.46 10.42
C7 NAG W . 29.39 65.03 16.63
C8 NAG W . 29.43 63.87 17.59
N2 NAG W . 29.55 64.72 15.35
O3 NAG W . 27.19 65.40 13.85
O4 NAG W . 27.59 65.97 11.07
O5 NAG W . 30.85 66.77 12.53
O6 NAG W . 30.38 68.73 10.95
O7 NAG W . 29.24 66.18 17.02
C1 NAG X . 0.73 40.84 -18.18
C2 NAG X . 2.21 41.23 -18.19
C3 NAG X . 2.41 42.55 -18.93
C4 NAG X . 1.80 42.46 -20.33
C5 NAG X . 0.34 42.04 -20.24
C6 NAG X . -0.30 41.82 -21.59
C7 NAG X . 3.99 40.94 -16.53
C8 NAG X . 4.37 41.09 -15.09
N2 NAG X . 2.75 41.31 -16.84
O3 NAG X . 3.80 42.84 -19.02
O4 NAG X . 1.88 43.73 -20.97
O5 NAG X . 0.24 40.80 -19.53
O6 NAG X . 0.01 40.54 -22.12
O7 NAG X . 4.76 40.49 -17.36
C1 NAG Y . 44.03 57.57 55.14
C2 NAG Y . 44.30 59.06 54.90
C3 NAG Y . 43.33 59.91 55.74
C4 NAG Y . 41.89 59.49 55.49
C5 NAG Y . 41.74 57.98 55.66
C6 NAG Y . 40.36 57.48 55.29
C7 NAG Y . 46.44 60.19 54.47
C8 NAG Y . 45.80 60.75 53.23
N2 NAG Y . 45.68 59.39 55.22
O3 NAG Y . 43.50 61.28 55.41
O4 NAG Y . 41.04 60.15 56.42
O5 NAG Y . 42.67 57.28 54.81
O6 NAG Y . 39.58 58.49 54.69
O7 NAG Y . 47.60 60.45 54.78
C1 NAG Z . 31.22 44.47 52.98
C2 NAG Z . 30.11 45.42 52.53
C3 NAG Z . 28.86 45.23 53.40
C4 NAG Z . 28.46 43.76 53.45
C5 NAG Z . 29.65 42.89 53.86
C6 NAG Z . 29.36 41.42 53.80
C7 NAG Z . 29.88 47.83 52.07
C8 NAG Z . 30.51 49.18 52.23
N2 NAG Z . 30.56 46.80 52.59
O3 NAG Z . 27.78 45.99 52.89
O4 NAG Z . 27.42 43.58 54.40
O5 NAG Z . 30.74 43.12 52.96
O6 NAG Z . 29.85 40.84 52.59
O7 NAG Z . 28.80 47.68 51.52
C1 NAG AA . 40.02 32.18 52.12
C2 NAG AA . 40.32 30.68 52.09
C3 NAG AA . 39.02 29.88 52.19
C4 NAG AA . 38.24 30.30 53.42
C5 NAG AA . 38.00 31.80 53.39
C6 NAG AA . 37.31 32.33 54.63
C7 NAG AA . 42.36 30.07 50.87
C8 NAG AA . 42.94 29.71 49.53
N2 NAG AA . 41.04 30.32 50.88
O3 NAG AA . 39.34 28.48 52.27
O4 NAG AA . 36.98 29.63 53.46
O5 NAG AA . 39.25 32.49 53.30
O6 NAG AA . 38.24 32.73 55.62
O7 NAG AA . 43.04 30.12 51.88
C1 NAG BA . -1.30 6.52 42.08
C2 NAG BA . -0.97 8.01 42.20
C3 NAG BA . -1.16 8.53 43.63
C4 NAG BA . -2.47 8.01 44.22
C5 NAG BA . -2.53 6.50 44.05
C6 NAG BA . -3.76 5.90 44.72
C7 NAG BA . 0.69 8.99 40.76
C8 NAG BA . 1.54 10.19 41.04
N2 NAG BA . 0.40 8.23 41.81
O3 NAG BA . -1.17 9.96 43.63
O4 NAG BA . -2.55 8.39 45.60
O5 NAG BA . -2.56 6.22 42.66
O6 NAG BA . -4.86 6.79 44.56
O7 NAG BA . 0.27 8.72 39.65
C1 NAG CA . -34.90 -0.51 27.81
C2 NAG CA . -35.16 0.98 27.60
C3 NAG CA . -35.00 1.76 28.89
C4 NAG CA . -35.78 1.10 30.02
C5 NAG CA . -35.39 -0.37 30.12
C6 NAG CA . -36.18 -1.07 31.22
C7 NAG CA . -34.63 1.90 25.41
C8 NAG CA . -33.82 1.36 24.27
N2 NAG CA . -34.24 1.53 26.62
O3 NAG CA . -35.43 3.10 28.66
O4 NAG CA . -35.52 1.75 31.27
O5 NAG CA . -35.67 -1.00 28.90
O6 NAG CA . -36.26 -2.47 30.93
O7 NAG CA . -35.59 2.63 25.21
C1 NAG DA . 79.14 36.02 31.54
C2 NAG DA . 79.35 36.17 33.05
C3 NAG DA . 80.30 35.07 33.55
C4 NAG DA . 79.80 33.69 33.11
C5 NAG DA . 79.52 33.66 31.61
C6 NAG DA . 78.88 32.37 31.15
C7 NAG DA . 79.46 38.18 34.45
C8 NAG DA . 78.37 37.56 35.28
N2 NAG DA . 79.87 37.48 33.39
O3 NAG DA . 80.44 35.12 34.96
O4 NAG DA . 80.77 32.71 33.43
O5 NAG DA . 78.61 34.72 31.26
O6 NAG DA . 78.20 31.73 32.22
O7 NAG DA . 79.93 39.29 34.71
C1 NAG EA . 71.62 22.82 21.75
C2 NAG EA . 71.27 21.99 22.99
C3 NAG EA . 71.93 20.61 22.90
C4 NAG EA . 71.63 19.95 21.56
C5 NAG EA . 71.97 20.89 20.41
C6 NAG EA . 71.58 20.34 19.05
C7 NAG EA . 71.31 22.29 25.43
C8 NAG EA . 71.82 23.13 26.56
N2 NAG EA . 71.67 22.68 24.20
O3 NAG EA . 71.48 19.79 23.96
O4 NAG EA . 72.39 18.75 21.42
O5 NAG EA . 71.24 22.11 20.57
O6 NAG EA . 70.39 20.94 18.56
O7 NAG EA . 70.61 21.31 25.62
C1 NAG FA . 68.61 30.30 8.68
C2 NAG FA . 67.93 30.44 7.32
C3 NAG FA . 67.57 29.06 6.77
C4 NAG FA . 68.78 28.15 6.75
C5 NAG FA . 69.41 28.10 8.14
C6 NAG FA . 70.70 27.30 8.17
C7 NAG FA . 66.73 32.55 6.99
C8 NAG FA . 65.43 33.26 7.16
N2 NAG FA . 66.75 31.29 7.41
O3 NAG FA . 67.04 29.21 5.45
O4 NAG FA . 68.41 26.83 6.35
O5 NAG FA . 69.74 29.42 8.57
O6 NAG FA . 71.84 28.14 7.97
O7 NAG FA . 67.71 33.10 6.50
C1 NAG GA . 45.75 -10.55 -6.78
C2 NAG GA . 46.02 -10.54 -5.28
C3 NAG GA . 46.41 -11.94 -4.82
C4 NAG GA . 45.40 -12.97 -5.29
C5 NAG GA . 45.13 -12.83 -6.78
C6 NAG GA . 44.03 -13.74 -7.29
C7 NAG GA . 46.84 -8.49 -4.20
C8 NAG GA . 48.03 -7.61 -3.96
N2 NAG GA . 47.06 -9.57 -4.95
O3 NAG GA . 46.52 -11.96 -3.41
O4 NAG GA . 45.88 -14.28 -5.03
O5 NAG GA . 44.72 -11.48 -7.09
O6 NAG GA . 43.16 -14.14 -6.24
O7 NAG GA . 45.73 -8.23 -3.74
C1 NAG HA . 12.08 -20.54 -38.04
C2 NAG HA . 11.72 -21.50 -36.90
C3 NAG HA . 12.98 -22.16 -36.35
C4 NAG HA . 13.76 -22.83 -37.48
C5 NAG HA . 14.05 -21.81 -38.58
C6 NAG HA . 14.73 -22.42 -39.78
C7 NAG HA . 9.69 -20.82 -35.69
C8 NAG HA . 9.14 -20.03 -34.53
N2 NAG HA . 11.02 -20.78 -35.83
O3 NAG HA . 12.60 -23.14 -35.39
O4 NAG HA . 15.00 -23.34 -36.98
O5 NAG HA . 12.82 -21.25 -39.04
O6 NAG HA . 13.78 -22.76 -40.79
O7 NAG HA . 8.97 -21.44 -36.46
C1 NAG IA . -0.75 -24.53 -51.70
C2 NAG IA . -1.98 -25.12 -51.02
C3 NAG IA . -2.25 -26.53 -51.54
C4 NAG IA . -2.35 -26.51 -53.06
C5 NAG IA . -1.11 -25.85 -53.67
C6 NAG IA . -1.19 -25.70 -55.17
C7 NAG IA . -2.72 -24.60 -48.73
C8 NAG IA . -2.41 -24.70 -47.27
N2 NAG IA . -1.83 -25.13 -49.57
O3 NAG IA . -3.47 -27.02 -50.98
O4 NAG IA . -2.46 -27.84 -53.55
O5 NAG IA . -0.94 -24.54 -53.12
O6 NAG IA . -2.54 -25.54 -55.59
O7 NAG IA . -3.75 -24.06 -49.14
C1 NAG JA . 35.87 -7.00 -40.04
C2 NAG JA . 37.11 -6.73 -39.20
C3 NAG JA . 38.37 -7.11 -39.96
C4 NAG JA . 38.28 -8.55 -40.45
C5 NAG JA . 36.99 -8.77 -41.24
C6 NAG JA . 36.77 -10.20 -41.64
C7 NAG JA . 36.81 -4.92 -37.56
C8 NAG JA . 36.94 -3.45 -37.30
N2 NAG JA . 37.17 -5.33 -38.78
O3 NAG JA . 39.51 -6.96 -39.12
O4 NAG JA . 39.39 -8.85 -41.28
O5 NAG JA . 35.86 -8.38 -40.45
O6 NAG JA . 35.81 -10.83 -40.83
O7 NAG JA . 36.41 -5.70 -36.70
#